data_8X50
#
_entry.id   8X50
#
_cell.length_a   1.00
_cell.length_b   1.00
_cell.length_c   1.00
_cell.angle_alpha   90.00
_cell.angle_beta   90.00
_cell.angle_gamma   90.00
#
_symmetry.space_group_name_H-M   'P 1'
#
loop_
_entity.id
_entity.type
_entity.pdbx_description
1 polymer 'Spike glycoprotein'
2 branched beta-D-mannopyranose-(1-4)-2-acetamido-2-deoxy-beta-D-glucopyranose
3 non-polymer 2-acetamido-2-deoxy-beta-D-glucopyranose
#
_entity_poly.entity_id   1
_entity_poly.type   'polypeptide(L)'
_entity_poly.pdbx_seq_one_letter_code
;ATMFVFLVLLPLVSSQCVMPLFNLITTTQSYTNSFTRGVYYPDKVFRSSVLHLTQDLFLPFFSNVTWFHAISGTNGTKRF
DNPVLPFNDGVYFASTEKSNIIRGWIFGTTLDSKTQSLLIVNNATNVFIKVCEFQFCNDPFLDVYHKNNKSWMESESGVY
SSANNCTFEYVSQPFLMDLEGKQGNFKNLREFVFKNIDGYFKIYSKHTPIIGRDFPQGFSALEPLVDLPIGINITRFQTL
LALNRSYLTPGDSSSGWTAGAADYYVGYLQPRTFLLKYNENGTITDAVDCALDPLSETKCTLKSFTVEKGIYQTSNFRVQ
PTESIVRFPNVTNLCPFHEVFNATRFASVYAWNRTRISNCVADYSVLYNFAPFFAFKCYGVSPTKLNDLCFTNVYADSFV
IKGNEVSQIAPGQTGNIADYNYKLPDDFTGCVIAWNSNKLDSKHSGNYDYWYRLFRKSKLKPFERDISTEIYQAGNKPCK
GVKGPNCYFPLQSYGFRPTYGVGHQPYRVVVLSFELLHAPATVCGPKKSTNLVKNKCVNFNFNGLTGTGVLTKSNKKFLP
FQQFGRDIVDTTDAVRDPQTLEILDITPCSFGGVSVITPGTNTSNQVAVLYQGVNCTEVSVAIHADQLTPTWRVYSTGSN
VFQTRAGCLIGAEYVNNSYECDIPIGAGICASYQTQTKSRRAAASVASQSIIAYTMSLGAENSVAYSNNSIAIPTNFTIS
VTTEILPVSMTKTSVDCTMYICGDSTECSNLLLQYGSFCTQLKRALTGIAVEQDKNTQEVFAQVKQIYKTPPIKYFGGFN
FSQILPDPSKPSKRSPIEDLLFNKVTLADAGFIKQYGDCLGDIAARDLICAQKFNGLTVLPPLLTDEMIAQYTSALLAGT
ITSGWTFGAGPALQIPFPMQMAYRFNGIGVTQNVLYENQKLIANQFNSAIGKIQDSLFSTPSALGKLQDVVNHNAQALNT
LVKQLSSKFGAISSVLNDILSRLDPPEAEVQIDRLITGRLQSLQTYVTQQLIRAAEIRASANLAATKMSECVLGQSKRVD
FCGKGYHLMSFPQSAPHGVVFLHVTYVPAQEKNFTTAPAICHDGKAHFPREGVFVSNGTHWFVTQRNFYEPQIITTDNTF
VSGNCDVVIGIVNNTVYDPLQLELDSFKEELDKYFKNHTSPDVDLGDISGINASVVNIQKEIDRLNEVAKNLNESLIDLQ
ELGKYEQ
;
_entity_poly.pdbx_strand_id   A,B,C
#
loop_
_chem_comp.id
_chem_comp.type
_chem_comp.name
_chem_comp.formula
BMA D-saccharide, beta linking beta-D-mannopyranose 'C6 H12 O6'
NAG D-saccharide, beta linking 2-acetamido-2-deoxy-beta-D-glucopyranose 'C8 H15 N O6'
#
# COMPACT_ATOMS: atom_id res chain seq x y z
N THR A 26 -12.30 9.82 -65.52
CA THR A 26 -10.93 9.71 -65.03
C THR A 26 -10.75 10.46 -63.71
N THR A 27 -9.58 10.34 -63.12
CA THR A 27 -9.29 11.00 -61.85
C THR A 27 -7.79 11.16 -61.69
N THR A 28 -7.41 12.06 -60.79
CA THR A 28 -6.02 12.33 -60.47
C THR A 28 -5.68 11.78 -59.08
N GLN A 29 -4.39 11.51 -58.88
CA GLN A 29 -3.89 10.94 -57.62
C GLN A 29 -2.97 11.93 -56.93
N SER A 30 -3.36 13.20 -56.91
CA SER A 30 -2.57 14.22 -56.24
C SER A 30 -2.56 13.98 -54.73
N TYR A 31 -1.46 14.38 -54.10
CA TYR A 31 -1.28 14.22 -52.65
C TYR A 31 -1.14 15.58 -52.00
N THR A 32 -1.88 15.79 -50.92
CA THR A 32 -1.86 17.05 -50.18
C THR A 32 -1.74 16.76 -48.69
N ASN A 33 -1.60 17.82 -47.92
CA ASN A 33 -1.42 17.73 -46.47
C ASN A 33 -2.73 18.06 -45.76
N SER A 34 -3.11 17.20 -44.82
CA SER A 34 -4.39 17.35 -44.14
C SER A 34 -4.39 18.49 -43.13
N PHE A 35 -3.22 18.95 -42.71
CA PHE A 35 -3.08 20.04 -41.74
C PHE A 35 -3.80 19.60 -40.46
N THR A 36 -4.47 20.53 -39.77
CA THR A 36 -5.32 20.16 -38.64
C THR A 36 -6.77 20.10 -39.12
N ARG A 37 -7.34 18.90 -39.14
CA ARG A 37 -8.67 18.67 -39.67
C ARG A 37 -9.08 17.24 -39.38
N GLY A 38 -10.39 17.03 -39.23
CA GLY A 38 -10.92 15.69 -39.05
C GLY A 38 -11.06 15.29 -37.60
N VAL A 39 -11.62 16.16 -36.78
CA VAL A 39 -11.79 15.92 -35.35
C VAL A 39 -13.27 15.88 -35.05
N TYR A 40 -13.72 14.76 -34.48
CA TYR A 40 -15.13 14.55 -34.13
C TYR A 40 -15.26 14.35 -32.64
N TYR A 41 -16.50 14.43 -32.16
CA TYR A 41 -16.77 14.17 -30.76
C TYR A 41 -16.68 12.67 -30.50
N PRO A 42 -15.77 12.21 -29.66
CA PRO A 42 -15.69 10.76 -29.39
C PRO A 42 -16.95 10.23 -28.75
N ASP A 43 -17.63 11.02 -27.92
CA ASP A 43 -18.82 10.59 -27.21
C ASP A 43 -19.87 11.70 -27.33
N LYS A 44 -20.92 11.59 -26.53
CA LYS A 44 -22.00 12.55 -26.50
C LYS A 44 -22.16 13.12 -25.09
N VAL A 45 -21.05 13.37 -24.41
CA VAL A 45 -21.06 13.79 -23.02
C VAL A 45 -20.62 15.24 -22.95
N PHE A 46 -21.46 16.08 -22.35
CA PHE A 46 -21.20 17.50 -22.29
C PHE A 46 -20.00 17.79 -21.38
N ARG A 47 -19.17 18.72 -21.81
CA ARG A 47 -18.01 19.14 -21.06
C ARG A 47 -17.79 20.63 -21.28
N SER A 48 -17.36 21.33 -20.24
CA SER A 48 -17.14 22.77 -20.35
C SER A 48 -15.87 23.14 -19.59
N SER A 49 -15.08 24.03 -20.19
CA SER A 49 -13.86 24.54 -19.58
C SER A 49 -12.94 23.41 -19.15
N VAL A 50 -12.87 22.37 -19.96
CA VAL A 50 -12.09 21.18 -19.64
C VAL A 50 -11.20 20.84 -20.82
N LEU A 51 -10.18 20.03 -20.54
CA LEU A 51 -9.18 19.68 -21.53
C LEU A 51 -9.18 18.17 -21.77
N HIS A 52 -10.36 17.59 -21.97
CA HIS A 52 -10.50 16.14 -22.01
C HIS A 52 -9.57 15.49 -23.01
N LEU A 53 -8.98 14.37 -22.61
CA LEU A 53 -8.07 13.59 -23.44
C LEU A 53 -8.70 12.23 -23.74
N THR A 54 -8.52 11.77 -24.98
CA THR A 54 -9.06 10.49 -25.40
C THR A 54 -8.05 9.75 -26.28
N GLN A 55 -8.15 8.43 -26.25
CA GLN A 55 -7.38 7.54 -27.13
C GLN A 55 -8.36 6.77 -27.99
N ASP A 56 -8.36 7.05 -29.29
CA ASP A 56 -9.26 6.39 -30.21
C ASP A 56 -8.87 6.73 -31.64
N LEU A 57 -9.69 6.28 -32.57
CA LEU A 57 -9.36 6.40 -33.98
C LEU A 57 -9.55 7.83 -34.46
N PHE A 58 -8.44 8.47 -34.86
CA PHE A 58 -8.45 9.85 -35.32
C PHE A 58 -7.60 9.99 -36.56
N LEU A 59 -7.90 11.03 -37.34
CA LEU A 59 -7.05 11.42 -38.44
C LEU A 59 -5.85 12.20 -37.90
N PRO A 60 -4.62 11.79 -38.20
CA PRO A 60 -3.46 12.48 -37.63
C PRO A 60 -3.37 13.91 -38.14
N PHE A 61 -2.83 14.78 -37.29
CA PHE A 61 -2.59 16.16 -37.71
C PHE A 61 -1.48 16.21 -38.74
N PHE A 62 -1.67 17.04 -39.77
CA PHE A 62 -0.74 17.13 -40.89
C PHE A 62 -0.51 15.78 -41.54
N SER A 63 -1.50 14.89 -41.49
CA SER A 63 -1.42 13.64 -42.22
C SER A 63 -1.63 13.92 -43.71
N ASN A 64 -1.56 12.88 -44.53
CA ASN A 64 -1.60 13.04 -45.98
C ASN A 64 -2.94 12.56 -46.51
N VAL A 65 -3.68 13.47 -47.12
CA VAL A 65 -4.95 13.18 -47.77
C VAL A 65 -4.70 13.16 -49.28
N THR A 66 -5.18 12.11 -49.94
CA THR A 66 -4.97 11.97 -51.38
C THR A 66 -6.06 12.71 -52.12
N TRP A 67 -5.68 13.74 -52.87
CA TRP A 67 -6.62 14.60 -53.57
C TRP A 67 -6.86 14.07 -54.97
N PHE A 68 -8.12 14.02 -55.37
CA PHE A 68 -8.52 13.46 -56.65
C PHE A 68 -9.25 14.52 -57.48
N HIS A 69 -9.77 14.08 -58.62
CA HIS A 69 -10.62 14.88 -59.49
C HIS A 69 -11.69 13.96 -60.06
N ALA A 70 -12.56 14.52 -60.89
CA ALA A 70 -13.68 13.76 -61.44
C ALA A 70 -14.11 14.38 -62.76
N ILE A 71 -14.03 13.59 -63.83
CA ILE A 71 -14.43 14.05 -65.15
C ILE A 71 -15.40 13.07 -65.79
N ASP A 81 -11.28 5.47 -63.27
CA ASP A 81 -12.68 5.85 -63.17
C ASP A 81 -13.32 5.30 -61.89
N ASN A 82 -13.34 6.12 -60.85
CA ASN A 82 -13.91 5.77 -59.55
C ASN A 82 -13.24 4.52 -59.01
N PRO A 83 -11.98 4.62 -58.58
CA PRO A 83 -11.27 3.43 -58.11
C PRO A 83 -11.79 2.94 -56.76
N VAL A 84 -11.56 1.66 -56.49
CA VAL A 84 -11.95 1.06 -55.22
C VAL A 84 -10.92 1.46 -54.17
N LEU A 85 -11.40 1.96 -53.02
CA LEU A 85 -10.46 2.33 -51.98
C LEU A 85 -10.53 1.35 -50.82
N PRO A 86 -9.39 0.91 -50.30
CA PRO A 86 -9.42 0.00 -49.15
C PRO A 86 -10.00 0.66 -47.92
N PHE A 87 -10.69 -0.12 -47.11
CA PHE A 87 -11.26 0.32 -45.84
C PHE A 87 -10.55 -0.40 -44.70
N ASN A 88 -10.07 0.38 -43.73
CA ASN A 88 -9.38 -0.18 -42.58
C ASN A 88 -9.39 0.85 -41.47
N ASP A 89 -9.92 0.48 -40.30
CA ASP A 89 -9.98 1.35 -39.14
C ASP A 89 -10.70 2.66 -39.45
N GLY A 90 -11.72 2.59 -40.30
CA GLY A 90 -12.47 3.77 -40.68
C GLY A 90 -11.80 4.55 -41.80
N VAL A 91 -12.54 5.51 -42.33
CA VAL A 91 -12.08 6.34 -43.44
C VAL A 91 -12.53 7.78 -43.21
N TYR A 92 -11.65 8.72 -43.52
CA TYR A 92 -11.95 10.15 -43.44
C TYR A 92 -12.30 10.66 -44.82
N PHE A 93 -13.36 11.47 -44.90
CA PHE A 93 -13.86 11.95 -46.18
C PHE A 93 -14.14 13.45 -46.12
N ALA A 94 -13.82 14.13 -47.22
CA ALA A 94 -14.10 15.55 -47.35
C ALA A 94 -14.34 15.86 -48.82
N SER A 95 -15.22 16.83 -49.08
CA SER A 95 -15.57 17.16 -50.45
C SER A 95 -15.95 18.63 -50.56
N THR A 96 -15.58 19.24 -51.69
CA THR A 96 -15.94 20.61 -52.02
C THR A 96 -16.60 20.60 -53.39
N GLU A 97 -17.87 21.00 -53.44
CA GLU A 97 -18.61 21.06 -54.68
C GLU A 97 -19.54 22.27 -54.67
N LYS A 98 -19.96 22.66 -55.87
CA LYS A 98 -20.85 23.83 -56.01
C LYS A 98 -22.23 23.53 -55.45
N SER A 99 -22.96 22.62 -56.09
CA SER A 99 -24.26 22.19 -55.58
C SER A 99 -24.27 20.71 -55.24
N ASN A 100 -23.99 19.83 -56.20
CA ASN A 100 -24.02 18.39 -55.96
C ASN A 100 -23.40 17.62 -57.12
N ILE A 101 -22.45 16.73 -56.82
CA ILE A 101 -21.94 15.82 -57.82
C ILE A 101 -21.81 14.41 -57.30
N ILE A 102 -21.94 14.26 -55.99
CA ILE A 102 -21.79 12.98 -55.29
C ILE A 102 -23.13 12.63 -54.66
N ARG A 103 -23.55 11.37 -54.84
CA ARG A 103 -24.83 10.91 -54.32
C ARG A 103 -24.69 10.02 -53.10
N GLY A 104 -23.67 9.18 -53.05
CA GLY A 104 -23.47 8.31 -51.92
C GLY A 104 -22.23 7.47 -52.06
N TRP A 105 -22.16 6.43 -51.23
CA TRP A 105 -21.00 5.54 -51.21
C TRP A 105 -21.49 4.11 -51.04
N ILE A 106 -20.68 3.16 -51.48
CA ILE A 106 -21.00 1.74 -51.33
C ILE A 106 -19.86 1.03 -50.63
N PHE A 107 -20.18 0.33 -49.54
CA PHE A 107 -19.18 -0.38 -48.75
C PHE A 107 -19.36 -1.89 -48.91
N GLY A 108 -18.60 -2.66 -48.12
CA GLY A 108 -18.74 -4.09 -48.07
C GLY A 108 -17.42 -4.80 -48.34
N THR A 109 -17.52 -6.07 -48.70
CA THR A 109 -16.37 -6.88 -49.07
C THR A 109 -16.66 -7.58 -50.39
N THR A 110 -15.76 -7.40 -51.35
CA THR A 110 -15.79 -8.02 -52.67
C THR A 110 -16.93 -7.50 -53.53
N LEU A 111 -17.80 -6.66 -52.96
CA LEU A 111 -18.83 -5.95 -53.72
C LEU A 111 -19.62 -6.87 -54.66
N ASP A 112 -19.96 -8.05 -54.16
CA ASP A 112 -20.65 -9.02 -55.00
C ASP A 112 -21.83 -9.64 -54.25
N SER A 113 -22.56 -10.54 -54.92
CA SER A 113 -23.67 -11.24 -54.27
C SER A 113 -23.20 -12.50 -53.57
N LYS A 114 -22.16 -12.35 -52.75
CA LYS A 114 -21.70 -13.39 -51.85
C LYS A 114 -21.41 -12.88 -50.45
N THR A 115 -21.08 -11.59 -50.29
CA THR A 115 -20.84 -10.99 -48.99
C THR A 115 -21.81 -9.82 -48.82
N GLN A 116 -22.43 -9.73 -47.64
CA GLN A 116 -23.32 -8.62 -47.37
C GLN A 116 -22.58 -7.29 -47.52
N SER A 117 -23.25 -6.33 -48.16
CA SER A 117 -22.60 -5.07 -48.48
C SER A 117 -23.39 -3.89 -47.95
N LEU A 118 -22.97 -2.67 -48.30
CA LEU A 118 -23.60 -1.45 -47.81
C LEU A 118 -23.71 -0.46 -48.96
N LEU A 119 -24.69 0.44 -48.83
CA LEU A 119 -24.90 1.50 -49.82
C LEU A 119 -25.54 2.69 -49.12
N ILE A 120 -24.91 3.86 -49.27
CA ILE A 120 -25.28 5.04 -48.50
C ILE A 120 -25.64 6.17 -49.46
N VAL A 121 -26.22 5.82 -50.62
CA VAL A 121 -26.58 6.85 -51.58
C VAL A 121 -27.75 7.68 -51.05
N ASN A 122 -27.82 8.93 -51.49
CA ASN A 122 -28.85 9.86 -51.04
C ASN A 122 -29.60 10.41 -52.25
N ASN A 123 -30.62 11.22 -51.96
CA ASN A 123 -31.29 12.02 -52.98
C ASN A 123 -31.71 13.34 -52.34
N ALA A 124 -32.59 14.07 -53.03
CA ALA A 124 -32.91 15.43 -52.63
C ALA A 124 -33.58 15.50 -51.26
N THR A 125 -34.23 14.42 -50.82
CA THR A 125 -35.05 14.49 -49.62
C THR A 125 -34.65 13.55 -48.49
N ASN A 126 -33.99 12.44 -48.77
CA ASN A 126 -33.71 11.47 -47.72
C ASN A 126 -32.56 10.56 -48.16
N VAL A 127 -32.36 9.48 -47.42
CA VAL A 127 -31.26 8.55 -47.67
C VAL A 127 -31.82 7.14 -47.76
N PHE A 128 -30.95 6.21 -48.16
CA PHE A 128 -31.34 4.84 -48.46
C PHE A 128 -30.41 3.85 -47.77
N ILE A 129 -30.17 4.07 -46.47
CA ILE A 129 -29.32 3.16 -45.71
C ILE A 129 -29.98 1.80 -45.58
N LYS A 130 -29.49 0.83 -46.34
CA LYS A 130 -29.99 -0.54 -46.28
C LYS A 130 -28.81 -1.49 -46.40
N VAL A 131 -28.88 -2.60 -45.67
CA VAL A 131 -27.86 -3.63 -45.69
C VAL A 131 -28.29 -4.67 -46.71
N CYS A 132 -27.46 -4.88 -47.74
CA CYS A 132 -27.87 -5.72 -48.85
C CYS A 132 -26.67 -6.53 -49.34
N GLU A 133 -26.96 -7.42 -50.30
CA GLU A 133 -25.92 -8.22 -50.94
C GLU A 133 -26.03 -8.06 -52.46
N PHE A 134 -26.10 -6.81 -52.91
CA PHE A 134 -26.24 -6.51 -54.33
C PHE A 134 -25.12 -7.16 -55.13
N GLN A 135 -25.39 -7.43 -56.40
CA GLN A 135 -24.42 -8.09 -57.26
C GLN A 135 -23.46 -7.09 -57.89
N PHE A 136 -24.00 -6.18 -58.71
CA PHE A 136 -23.20 -5.17 -59.41
C PHE A 136 -24.14 -4.24 -60.16
N CYS A 137 -23.62 -3.08 -60.51
CA CYS A 137 -24.28 -2.14 -61.40
C CYS A 137 -23.41 -1.72 -62.58
N ASN A 138 -22.10 -1.57 -62.35
CA ASN A 138 -21.14 -1.18 -63.38
C ASN A 138 -21.48 0.16 -64.03
N ASP A 139 -22.18 1.03 -63.30
CA ASP A 139 -22.60 2.31 -63.84
C ASP A 139 -22.72 3.36 -62.75
N GLY A 158 -31.23 3.57 -59.85
CA GLY A 158 -30.87 2.19 -60.13
C GLY A 158 -29.37 1.96 -60.12
N VAL A 159 -28.86 1.40 -59.02
CA VAL A 159 -27.44 1.16 -58.85
C VAL A 159 -27.15 -0.24 -58.33
N TYR A 160 -28.09 -1.17 -58.45
CA TYR A 160 -27.90 -2.52 -57.96
C TYR A 160 -28.84 -3.45 -58.72
N SER A 161 -28.55 -4.75 -58.64
CA SER A 161 -29.33 -5.74 -59.37
C SER A 161 -29.60 -7.01 -58.56
N SER A 162 -29.42 -6.96 -57.24
CA SER A 162 -29.67 -8.13 -56.41
C SER A 162 -30.14 -7.69 -55.04
N ALA A 163 -31.28 -8.23 -54.61
CA ALA A 163 -31.87 -7.87 -53.33
C ALA A 163 -32.33 -9.10 -52.55
N ASN A 164 -31.61 -10.22 -52.69
CA ASN A 164 -32.02 -11.48 -52.08
C ASN A 164 -31.98 -11.42 -50.55
N ASN A 165 -30.78 -11.44 -49.98
CA ASN A 165 -30.60 -11.35 -48.53
C ASN A 165 -30.29 -9.91 -48.13
N CYS A 166 -31.26 -9.03 -48.36
CA CYS A 166 -31.10 -7.59 -48.19
C CYS A 166 -32.23 -7.09 -47.30
N THR A 167 -31.94 -6.93 -46.01
CA THR A 167 -32.88 -6.42 -45.02
C THR A 167 -32.24 -5.26 -44.26
N PHE A 168 -32.85 -4.91 -43.14
CA PHE A 168 -32.36 -3.85 -42.26
C PHE A 168 -32.30 -2.51 -43.01
N GLU A 169 -33.45 -2.12 -43.55
CA GLU A 169 -33.56 -0.85 -44.24
C GLU A 169 -33.65 0.29 -43.24
N TYR A 170 -33.18 1.46 -43.65
CA TYR A 170 -33.20 2.64 -42.80
C TYR A 170 -33.36 3.88 -43.68
N VAL A 171 -34.20 4.80 -43.21
CA VAL A 171 -34.49 6.04 -43.91
C VAL A 171 -34.53 7.17 -42.89
N SER A 172 -33.88 8.29 -43.20
CA SER A 172 -33.88 9.45 -42.32
C SER A 172 -33.57 10.69 -43.15
N GLN A 173 -33.19 11.77 -42.47
CA GLN A 173 -32.91 13.02 -43.15
C GLN A 173 -31.68 12.90 -44.05
N PRO A 174 -31.55 13.74 -45.07
CA PRO A 174 -30.37 13.67 -45.94
C PRO A 174 -29.12 14.13 -45.21
N PHE A 175 -27.97 13.84 -45.81
CA PHE A 175 -26.69 14.20 -45.23
C PHE A 175 -26.04 15.41 -45.88
N LEU A 176 -26.58 15.89 -47.00
CA LEU A 176 -25.97 17.01 -47.72
C LEU A 176 -26.89 18.23 -47.66
N MET A 177 -26.56 19.17 -46.78
CA MET A 177 -27.18 20.48 -46.76
C MET A 177 -26.42 21.38 -47.73
N ASP A 178 -27.16 22.14 -48.53
CA ASP A 178 -26.58 23.10 -49.46
C ASP A 178 -27.30 24.42 -49.31
N LEU A 179 -26.55 25.45 -48.92
CA LEU A 179 -27.10 26.78 -48.71
C LEU A 179 -26.24 27.79 -49.46
N GLU A 180 -26.87 28.84 -49.97
CA GLU A 180 -26.18 29.88 -50.74
C GLU A 180 -26.78 31.24 -50.43
N GLY A 181 -25.92 32.24 -50.35
CA GLY A 181 -26.35 33.62 -50.16
C GLY A 181 -26.54 34.35 -51.46
N LYS A 182 -27.44 33.84 -52.30
CA LYS A 182 -27.71 34.38 -53.63
C LYS A 182 -26.46 34.34 -54.51
N GLN A 183 -25.60 33.35 -54.30
CA GLN A 183 -24.37 33.20 -55.05
C GLN A 183 -23.83 31.80 -54.85
N GLY A 184 -23.15 31.29 -55.87
CA GLY A 184 -22.56 29.98 -55.83
C GLY A 184 -21.21 29.89 -55.15
N ASN A 185 -20.64 31.02 -54.72
CA ASN A 185 -19.32 30.99 -54.08
C ASN A 185 -19.37 30.35 -52.71
N PHE A 186 -20.56 30.23 -52.10
CA PHE A 186 -20.73 29.50 -50.84
C PHE A 186 -20.90 28.01 -51.15
N LYS A 187 -19.93 27.48 -51.89
CA LYS A 187 -19.84 26.04 -52.12
C LYS A 187 -19.36 25.38 -50.83
N ASN A 188 -20.29 24.84 -50.04
CA ASN A 188 -19.93 24.32 -48.72
C ASN A 188 -19.10 23.04 -48.82
N LEU A 189 -18.28 22.80 -47.81
CA LEU A 189 -17.61 21.52 -47.63
C LEU A 189 -18.49 20.65 -46.75
N ARG A 190 -18.60 19.37 -47.10
CA ARG A 190 -19.35 18.41 -46.33
C ARG A 190 -18.39 17.36 -45.79
N GLU A 191 -18.01 17.52 -44.53
CA GLU A 191 -17.01 16.69 -43.87
C GLU A 191 -17.65 15.36 -43.47
N PHE A 192 -16.92 14.26 -43.67
CA PHE A 192 -17.44 12.95 -43.29
C PHE A 192 -16.34 12.06 -42.76
N VAL A 193 -16.66 11.32 -41.69
CA VAL A 193 -15.81 10.26 -41.18
C VAL A 193 -16.69 9.09 -40.80
N PHE A 194 -16.21 7.88 -41.02
CA PHE A 194 -16.95 6.67 -40.72
C PHE A 194 -16.04 5.69 -39.99
N LYS A 195 -16.66 4.85 -39.16
CA LYS A 195 -15.93 3.78 -38.49
C LYS A 195 -16.92 2.68 -38.13
N ASN A 196 -16.40 1.48 -37.94
CA ASN A 196 -17.19 0.29 -37.69
C ASN A 196 -16.67 -0.46 -36.49
N ILE A 197 -16.43 0.26 -35.40
CA ILE A 197 -15.96 -0.36 -34.17
C ILE A 197 -17.07 -1.24 -33.61
N ASP A 198 -16.75 -2.52 -33.40
CA ASP A 198 -17.70 -3.54 -32.94
C ASP A 198 -19.06 -3.40 -33.62
N GLY A 199 -19.02 -3.32 -34.95
CA GLY A 199 -20.24 -3.00 -35.69
C GLY A 199 -20.59 -1.55 -35.45
N TYR A 200 -21.86 -1.31 -35.12
CA TYR A 200 -22.32 -0.01 -34.64
C TYR A 200 -21.80 1.13 -35.51
N PHE A 201 -22.25 1.13 -36.75
CA PHE A 201 -21.70 2.05 -37.75
C PHE A 201 -21.83 3.50 -37.29
N LYS A 202 -20.74 4.25 -37.42
CA LYS A 202 -20.63 5.63 -36.96
C LYS A 202 -20.46 6.54 -38.15
N ILE A 203 -21.22 7.64 -38.18
CA ILE A 203 -21.11 8.66 -39.21
C ILE A 203 -21.14 10.03 -38.55
N TYR A 204 -20.20 10.89 -38.91
CA TYR A 204 -20.12 12.24 -38.40
C TYR A 204 -20.02 13.21 -39.58
N SER A 205 -20.75 14.32 -39.51
CA SER A 205 -20.78 15.28 -40.60
C SER A 205 -20.76 16.70 -40.05
N LYS A 206 -20.34 17.63 -40.90
CA LYS A 206 -20.31 19.05 -40.57
C LYS A 206 -20.15 19.82 -41.87
N HIS A 207 -20.92 20.89 -42.03
CA HIS A 207 -20.94 21.64 -43.29
C HIS A 207 -20.45 23.07 -43.05
N THR A 208 -19.34 23.40 -43.69
CA THR A 208 -18.73 24.73 -43.67
C THR A 208 -18.70 25.31 -45.08
N PRO A 209 -19.15 26.55 -45.26
CA PRO A 209 -19.16 27.16 -46.59
C PRO A 209 -17.78 27.38 -47.21
N ILE A 210 -16.71 27.13 -46.46
CA ILE A 210 -15.32 27.22 -46.92
C ILE A 210 -14.97 28.68 -47.22
N ILE A 211 -13.69 28.94 -47.43
CA ILE A 211 -13.15 30.24 -47.81
C ILE A 211 -12.56 30.08 -49.20
N GLY A 212 -11.93 31.14 -49.71
CA GLY A 212 -11.41 31.11 -51.07
C GLY A 212 -10.59 29.87 -51.39
N ARG A 213 -9.95 29.28 -50.37
CA ARG A 213 -9.19 28.06 -50.58
C ARG A 213 -10.07 26.82 -50.51
N ASP A 214 -9.49 25.63 -50.72
CA ASP A 214 -10.27 24.41 -50.76
C ASP A 214 -10.22 23.66 -49.43
N PHE A 215 -9.00 23.32 -48.98
CA PHE A 215 -8.84 22.59 -47.73
C PHE A 215 -8.27 23.54 -46.68
N PRO A 216 -9.07 23.93 -45.69
CA PRO A 216 -8.64 24.98 -44.76
C PRO A 216 -7.83 24.48 -43.58
N GLN A 217 -7.44 25.39 -42.69
CA GLN A 217 -6.73 25.05 -41.46
C GLN A 217 -7.57 25.41 -40.25
N GLY A 218 -8.59 26.25 -40.45
CA GLY A 218 -9.41 26.68 -39.33
C GLY A 218 -10.20 25.52 -38.75
N PHE A 219 -10.22 25.44 -37.42
CA PHE A 219 -10.76 24.27 -36.75
C PHE A 219 -12.23 24.14 -37.03
N SER A 220 -12.68 22.90 -37.17
CA SER A 220 -14.09 22.61 -37.46
C SER A 220 -14.43 21.29 -36.80
N ALA A 221 -15.33 21.33 -35.83
CA ALA A 221 -15.74 20.11 -35.16
C ALA A 221 -16.56 19.24 -36.09
N LEU A 222 -16.69 17.97 -35.73
CA LEU A 222 -17.44 17.00 -36.51
C LEU A 222 -18.48 16.38 -35.60
N GLU A 223 -19.76 16.49 -35.99
CA GLU A 223 -20.83 16.07 -35.12
C GLU A 223 -21.50 14.80 -35.63
N PRO A 224 -21.91 13.92 -34.71
CA PRO A 224 -22.55 12.66 -35.14
C PRO A 224 -23.95 12.91 -35.69
N LEU A 225 -24.39 12.01 -36.55
CA LEU A 225 -25.75 12.02 -37.07
C LEU A 225 -26.53 10.77 -36.71
N VAL A 226 -26.02 9.58 -37.04
CA VAL A 226 -26.76 8.35 -36.88
C VAL A 226 -25.84 7.27 -36.32
N ASP A 227 -26.46 6.25 -35.72
CA ASP A 227 -25.75 5.11 -35.17
C ASP A 227 -26.65 3.90 -35.29
N LEU A 228 -26.21 2.88 -36.01
CA LEU A 228 -27.03 1.68 -36.16
C LEU A 228 -26.14 0.45 -36.28
N PRO A 229 -26.63 -0.70 -35.82
CA PRO A 229 -25.79 -1.92 -35.80
C PRO A 229 -25.69 -2.62 -37.16
N ILE A 230 -24.75 -2.20 -38.00
CA ILE A 230 -24.53 -2.88 -39.26
C ILE A 230 -24.02 -4.30 -39.03
N GLY A 231 -22.86 -4.43 -38.39
CA GLY A 231 -22.31 -5.74 -38.08
C GLY A 231 -21.94 -6.59 -39.28
N ILE A 232 -21.33 -6.00 -40.30
CA ILE A 232 -20.90 -6.74 -41.49
C ILE A 232 -19.45 -6.39 -41.78
N ASN A 233 -18.79 -7.26 -42.55
CA ASN A 233 -17.40 -7.03 -42.94
C ASN A 233 -17.31 -5.81 -43.84
N ILE A 234 -16.40 -4.90 -43.52
CA ILE A 234 -16.21 -3.66 -44.26
C ILE A 234 -14.71 -3.52 -44.51
N THR A 235 -14.25 -3.91 -45.70
CA THR A 235 -12.85 -3.78 -46.07
C THR A 235 -12.64 -2.98 -47.35
N ARG A 236 -13.69 -2.74 -48.13
CA ARG A 236 -13.58 -2.03 -49.40
C ARG A 236 -14.58 -0.89 -49.42
N PHE A 237 -14.21 0.16 -50.15
CA PHE A 237 -14.89 1.44 -50.08
C PHE A 237 -14.95 2.01 -51.49
N GLN A 238 -16.13 2.44 -51.91
CA GLN A 238 -16.32 3.02 -53.22
C GLN A 238 -17.31 4.18 -53.13
N THR A 239 -17.23 5.08 -54.12
CA THR A 239 -18.01 6.30 -54.14
C THR A 239 -19.00 6.27 -55.30
N LEU A 240 -20.06 7.07 -55.17
CA LEU A 240 -21.05 7.24 -56.23
C LEU A 240 -21.03 8.68 -56.72
N LEU A 241 -21.42 8.86 -57.97
CA LEU A 241 -21.39 10.16 -58.62
C LEU A 241 -22.81 10.58 -59.00
N ALA A 242 -22.92 11.69 -59.74
CA ALA A 242 -24.21 12.19 -60.19
C ALA A 242 -24.22 12.39 -61.70
N LEU A 243 -25.24 13.05 -62.23
CA LEU A 243 -25.36 13.32 -63.65
C LEU A 243 -25.28 14.82 -63.92
N ASN A 244 -24.56 15.18 -64.98
CA ASN A 244 -24.40 16.58 -65.36
C ASN A 244 -24.40 16.69 -66.88
N ARG A 245 -24.83 17.85 -67.37
CA ARG A 245 -24.93 18.10 -68.80
C ARG A 245 -24.25 19.40 -69.18
N ALA A 262 -11.13 18.00 -57.38
CA ALA A 262 -11.51 19.20 -56.65
C ALA A 262 -12.44 18.86 -55.50
N ASP A 263 -12.52 17.57 -55.19
CA ASP A 263 -13.40 17.08 -54.15
C ASP A 263 -13.01 15.63 -53.83
N TYR A 264 -13.79 14.99 -52.96
CA TYR A 264 -13.66 13.61 -52.53
C TYR A 264 -12.28 13.43 -51.89
N TYR A 265 -11.85 14.40 -51.09
CA TYR A 265 -10.70 14.25 -50.22
C TYR A 265 -10.90 13.06 -49.29
N VAL A 266 -10.00 12.09 -49.34
CA VAL A 266 -10.14 10.86 -48.58
C VAL A 266 -8.93 10.68 -47.67
N GLY A 267 -9.20 10.44 -46.39
CA GLY A 267 -8.14 10.19 -45.42
C GLY A 267 -8.42 8.92 -44.63
N TYR A 268 -7.42 8.52 -43.85
CA TYR A 268 -7.49 7.30 -43.07
C TYR A 268 -7.18 7.60 -41.61
N LEU A 269 -7.68 6.76 -40.72
CA LEU A 269 -7.54 6.98 -39.28
C LEU A 269 -6.69 5.89 -38.65
N GLN A 270 -5.91 6.28 -37.66
CA GLN A 270 -5.13 5.38 -36.82
C GLN A 270 -5.41 5.70 -35.37
N PRO A 271 -5.32 4.71 -34.48
CA PRO A 271 -5.55 4.97 -33.06
C PRO A 271 -4.43 5.83 -32.49
N ARG A 272 -4.76 7.07 -32.14
CA ARG A 272 -3.81 8.00 -31.54
C ARG A 272 -4.43 8.60 -30.29
N THR A 273 -3.58 9.20 -29.47
CA THR A 273 -4.00 9.93 -28.28
C THR A 273 -4.16 11.40 -28.65
N PHE A 274 -5.28 11.99 -28.25
CA PHE A 274 -5.56 13.39 -28.56
C PHE A 274 -5.99 14.14 -27.31
N LEU A 275 -5.66 15.43 -27.28
CA LEU A 275 -6.12 16.35 -26.24
C LEU A 275 -6.99 17.38 -26.92
N LEU A 276 -8.18 17.61 -26.37
CA LEU A 276 -9.16 18.50 -26.96
C LEU A 276 -9.59 19.56 -25.95
N LYS A 277 -9.62 20.81 -26.39
CA LYS A 277 -10.05 21.91 -25.55
C LYS A 277 -11.54 22.12 -25.74
N TYR A 278 -12.32 21.81 -24.72
CA TYR A 278 -13.77 21.94 -24.78
C TYR A 278 -14.19 23.36 -24.44
N ASN A 279 -15.03 23.93 -25.29
CA ASN A 279 -15.52 25.28 -25.08
C ASN A 279 -16.45 25.31 -23.87
N GLU A 280 -16.61 26.52 -23.31
CA GLU A 280 -17.54 26.70 -22.20
C GLU A 280 -18.95 26.32 -22.62
N ASN A 281 -19.29 26.53 -23.88
CA ASN A 281 -20.59 26.13 -24.41
C ASN A 281 -20.67 24.64 -24.69
N GLY A 282 -19.55 23.92 -24.55
CA GLY A 282 -19.51 22.50 -24.84
C GLY A 282 -18.94 22.14 -26.19
N THR A 283 -18.72 23.10 -27.07
CA THR A 283 -18.14 22.82 -28.37
C THR A 283 -16.63 22.63 -28.26
N ILE A 284 -15.99 22.40 -29.40
CA ILE A 284 -14.56 22.15 -29.46
C ILE A 284 -13.90 23.32 -30.18
N THR A 285 -12.93 23.95 -29.53
CA THR A 285 -12.25 25.12 -30.07
C THR A 285 -10.85 24.81 -30.59
N ASP A 286 -10.09 23.96 -29.90
CA ASP A 286 -8.75 23.62 -30.33
C ASP A 286 -8.43 22.21 -29.86
N ALA A 287 -7.68 21.49 -30.68
CA ALA A 287 -7.23 20.14 -30.35
C ALA A 287 -5.77 20.00 -30.75
N VAL A 288 -5.06 19.12 -30.05
CA VAL A 288 -3.63 18.92 -30.28
C VAL A 288 -3.34 17.42 -30.27
N ASP A 289 -2.59 16.97 -31.28
CA ASP A 289 -2.12 15.59 -31.31
C ASP A 289 -0.97 15.41 -30.32
N CYS A 290 -0.88 14.21 -29.76
CA CYS A 290 0.20 13.87 -28.84
C CYS A 290 1.32 13.10 -29.51
N ALA A 291 1.28 12.95 -30.83
CA ALA A 291 2.31 12.23 -31.56
C ALA A 291 2.73 13.01 -32.79
N LEU A 292 2.87 14.33 -32.64
CA LEU A 292 3.24 15.20 -33.75
C LEU A 292 4.59 15.85 -33.54
N ASP A 293 4.77 16.57 -32.45
CA ASP A 293 5.97 17.34 -32.20
C ASP A 293 6.29 17.29 -30.71
N PRO A 294 7.54 17.58 -30.32
CA PRO A 294 7.87 17.56 -28.89
C PRO A 294 7.00 18.46 -28.04
N LEU A 295 6.70 19.68 -28.49
CA LEU A 295 5.90 20.57 -27.66
C LEU A 295 4.47 20.06 -27.55
N SER A 296 3.93 19.51 -28.64
CA SER A 296 2.60 18.91 -28.56
C SER A 296 2.56 17.72 -27.61
N GLU A 297 3.60 16.88 -27.66
CA GLU A 297 3.66 15.73 -26.78
C GLU A 297 3.76 16.16 -25.32
N THR A 298 4.57 17.18 -25.04
CA THR A 298 4.65 17.70 -23.67
C THR A 298 3.32 18.27 -23.23
N LYS A 299 2.67 19.03 -24.11
CA LYS A 299 1.35 19.57 -23.79
C LYS A 299 0.37 18.46 -23.46
N CYS A 300 0.48 17.33 -24.16
CA CYS A 300 -0.36 16.18 -23.85
C CYS A 300 -0.02 15.61 -22.48
N THR A 301 1.25 15.36 -22.21
CA THR A 301 1.66 14.73 -20.96
C THR A 301 1.52 15.63 -19.75
N LEU A 302 1.30 16.93 -19.94
CA LEU A 302 1.17 17.91 -18.89
C LEU A 302 -0.14 18.66 -19.06
N LYS A 303 -1.23 17.88 -19.15
CA LYS A 303 -2.45 18.25 -19.86
C LYS A 303 -2.86 19.69 -19.62
N SER A 304 -2.78 20.48 -20.69
CA SER A 304 -2.95 21.93 -20.67
C SER A 304 -2.84 22.44 -22.10
N PHE A 305 -2.93 23.75 -22.29
CA PHE A 305 -2.56 24.34 -23.58
C PHE A 305 -1.43 25.34 -23.48
N THR A 306 -1.02 25.74 -22.28
CA THR A 306 0.14 26.60 -22.09
C THR A 306 1.19 25.81 -21.32
N VAL A 307 2.38 25.71 -21.89
CA VAL A 307 3.50 25.01 -21.26
C VAL A 307 4.49 26.06 -20.78
N GLU A 308 4.70 26.12 -19.47
CA GLU A 308 5.62 27.08 -18.91
C GLU A 308 7.06 26.69 -19.23
N LYS A 309 7.96 27.66 -19.11
CA LYS A 309 9.37 27.42 -19.35
C LYS A 309 9.89 26.36 -18.40
N GLY A 310 10.63 25.40 -18.95
CA GLY A 310 11.21 24.34 -18.15
C GLY A 310 11.42 23.10 -18.99
N ILE A 311 11.94 22.07 -18.32
CA ILE A 311 12.20 20.77 -18.93
C ILE A 311 11.27 19.76 -18.30
N TYR A 312 10.62 18.94 -19.12
CA TYR A 312 9.62 18.00 -18.65
C TYR A 312 9.98 16.59 -19.11
N GLN A 313 9.98 15.66 -18.16
CA GLN A 313 10.15 14.25 -18.48
C GLN A 313 8.81 13.71 -18.96
N THR A 314 8.76 13.25 -20.20
CA THR A 314 7.49 12.87 -20.81
C THR A 314 7.39 11.36 -21.07
N SER A 315 8.32 10.78 -21.82
CA SER A 315 8.16 9.40 -22.25
C SER A 315 9.54 8.78 -22.40
N ASN A 316 9.59 7.63 -23.08
CA ASN A 316 10.84 6.94 -23.36
C ASN A 316 10.94 6.67 -24.84
N PHE A 317 12.17 6.51 -25.32
CA PHE A 317 12.42 6.15 -26.71
C PHE A 317 13.00 4.74 -26.76
N ARG A 318 12.62 4.00 -27.80
CA ARG A 318 13.14 2.66 -28.04
C ARG A 318 13.41 2.50 -29.52
N VAL A 319 14.42 1.70 -29.86
CA VAL A 319 14.72 1.38 -31.24
C VAL A 319 13.97 0.10 -31.61
N GLN A 320 13.07 0.20 -32.56
CA GLN A 320 12.32 -0.98 -32.98
C GLN A 320 13.25 -1.93 -33.72
N PRO A 321 13.07 -3.24 -33.55
CA PRO A 321 13.89 -4.20 -34.29
C PRO A 321 13.66 -4.08 -35.78
N THR A 322 14.75 -4.21 -36.54
CA THR A 322 14.65 -4.12 -38.00
C THR A 322 14.17 -5.44 -38.59
N GLU A 323 14.90 -6.51 -38.36
CA GLU A 323 14.57 -7.83 -38.89
C GLU A 323 14.01 -8.71 -37.77
N SER A 324 13.69 -9.95 -38.13
CA SER A 324 13.21 -10.94 -37.17
C SER A 324 13.94 -12.25 -37.47
N ILE A 325 14.86 -12.62 -36.59
CA ILE A 325 15.72 -13.80 -36.78
C ILE A 325 15.26 -14.90 -35.86
N VAL A 326 15.07 -16.10 -36.42
CA VAL A 326 14.70 -17.28 -35.64
C VAL A 326 15.72 -18.38 -35.93
N ARG A 327 16.14 -19.06 -34.87
CA ARG A 327 17.13 -20.14 -34.97
C ARG A 327 16.62 -21.33 -34.19
N PHE A 328 16.48 -22.46 -34.86
CA PHE A 328 15.95 -23.69 -34.30
C PHE A 328 16.87 -24.86 -34.58
N PRO A 329 16.67 -26.01 -33.88
CA PRO A 329 17.53 -27.18 -34.10
C PRO A 329 17.85 -27.50 -35.55
N ASN A 330 19.05 -28.05 -35.76
CA ASN A 330 19.56 -28.30 -37.11
C ASN A 330 18.72 -29.30 -37.90
N VAL A 331 18.14 -30.29 -37.23
CA VAL A 331 17.45 -31.37 -37.92
C VAL A 331 16.05 -30.92 -38.30
N THR A 332 15.44 -31.65 -39.24
CA THR A 332 14.09 -31.40 -39.70
C THR A 332 13.32 -32.71 -39.81
N ASN A 333 13.50 -33.58 -38.83
CA ASN A 333 12.81 -34.87 -38.81
C ASN A 333 11.39 -34.71 -38.32
N LEU A 334 10.45 -35.41 -38.98
CA LEU A 334 9.07 -35.41 -38.53
C LEU A 334 8.88 -36.40 -37.38
N CYS A 335 8.04 -36.00 -36.41
CA CYS A 335 7.81 -36.83 -35.24
C CYS A 335 6.98 -38.06 -35.60
N PRO A 336 7.14 -39.14 -34.82
CA PRO A 336 6.41 -40.37 -35.13
C PRO A 336 4.97 -40.36 -34.64
N PHE A 337 4.46 -39.15 -34.35
CA PHE A 337 3.07 -38.95 -33.92
C PHE A 337 2.10 -39.77 -34.77
N HIS A 338 2.36 -39.80 -36.08
CA HIS A 338 1.62 -40.68 -36.98
C HIS A 338 1.53 -42.09 -36.43
N GLU A 339 2.69 -42.70 -36.13
CA GLU A 339 2.71 -44.06 -35.62
C GLU A 339 1.94 -44.17 -34.32
N VAL A 340 2.05 -43.15 -33.46
CA VAL A 340 1.37 -43.19 -32.17
C VAL A 340 -0.14 -43.21 -32.36
N PHE A 341 -0.62 -42.58 -33.44
CA PHE A 341 -2.07 -42.47 -33.62
C PHE A 341 -2.72 -43.71 -34.22
N ASN A 342 -2.14 -44.34 -35.23
CA ASN A 342 -2.74 -45.56 -35.77
C ASN A 342 -2.07 -46.83 -35.31
N ALA A 343 -1.69 -46.92 -34.04
CA ALA A 343 -1.53 -48.24 -33.44
C ALA A 343 -2.89 -48.92 -33.37
N THR A 344 -2.89 -50.23 -33.57
CA THR A 344 -4.13 -51.00 -33.55
C THR A 344 -4.45 -51.62 -32.20
N ARG A 345 -3.60 -51.44 -31.19
CA ARG A 345 -3.75 -52.14 -29.92
C ARG A 345 -3.48 -51.19 -28.76
N PHE A 346 -4.15 -50.03 -28.74
CA PHE A 346 -4.07 -49.13 -27.61
C PHE A 346 -4.31 -49.85 -26.29
N ALA A 347 -3.33 -49.78 -25.39
CA ALA A 347 -3.39 -50.51 -24.14
C ALA A 347 -4.48 -49.97 -23.24
N SER A 348 -4.90 -50.79 -22.29
CA SER A 348 -5.92 -50.39 -21.35
C SER A 348 -5.36 -49.41 -20.32
N VAL A 349 -6.27 -48.76 -19.59
CA VAL A 349 -5.88 -47.68 -18.71
C VAL A 349 -5.07 -48.21 -17.53
N TYR A 350 -5.36 -49.43 -17.06
CA TYR A 350 -4.67 -49.95 -15.88
C TYR A 350 -3.18 -50.11 -16.13
N ALA A 351 -2.78 -50.36 -17.38
CA ALA A 351 -1.38 -50.39 -17.78
C ALA A 351 -1.24 -49.41 -18.94
N TRP A 352 -1.07 -48.14 -18.61
CA TRP A 352 -1.02 -47.07 -19.61
C TRP A 352 0.36 -47.09 -20.25
N ASN A 353 0.42 -47.56 -21.49
CA ASN A 353 1.70 -47.67 -22.18
C ASN A 353 2.31 -46.29 -22.40
N ARG A 354 3.60 -46.17 -22.11
CA ARG A 354 4.32 -44.92 -22.26
C ARG A 354 5.05 -44.87 -23.60
N THR A 355 5.49 -43.69 -23.98
CA THR A 355 6.27 -43.50 -25.21
C THR A 355 7.24 -42.35 -25.00
N ARG A 356 8.15 -42.15 -25.94
CA ARG A 356 9.04 -41.00 -25.85
C ARG A 356 9.20 -40.32 -27.20
N ILE A 357 8.93 -39.03 -27.25
CA ILE A 357 9.02 -38.24 -28.47
C ILE A 357 10.18 -37.28 -28.28
N SER A 358 11.24 -37.46 -29.08
CA SER A 358 12.41 -36.59 -29.00
C SER A 358 13.11 -36.56 -30.34
N ASN A 359 13.91 -35.51 -30.54
CA ASN A 359 14.72 -35.33 -31.74
C ASN A 359 13.88 -35.40 -33.00
N CYS A 360 12.85 -34.56 -33.04
CA CYS A 360 11.95 -34.50 -34.17
C CYS A 360 11.24 -33.16 -34.16
N VAL A 361 10.61 -32.83 -35.29
CA VAL A 361 9.87 -31.59 -35.46
C VAL A 361 8.40 -31.89 -35.27
N ALA A 362 7.80 -31.29 -34.23
CA ALA A 362 6.41 -31.55 -33.88
C ALA A 362 5.51 -30.67 -34.75
N ASP A 363 4.81 -31.29 -35.69
CA ASP A 363 3.81 -30.61 -36.50
C ASP A 363 2.46 -31.21 -36.14
N TYR A 364 1.60 -30.42 -35.51
CA TYR A 364 0.32 -30.91 -35.02
C TYR A 364 -0.78 -30.90 -36.08
N SER A 365 -0.46 -30.44 -37.29
CA SER A 365 -1.44 -30.54 -38.37
C SER A 365 -1.78 -31.99 -38.67
N VAL A 366 -0.81 -32.89 -38.55
CA VAL A 366 -1.10 -34.31 -38.71
C VAL A 366 -2.01 -34.79 -37.58
N LEU A 367 -1.84 -34.26 -36.37
CA LEU A 367 -2.75 -34.58 -35.28
C LEU A 367 -4.16 -34.13 -35.59
N TYR A 368 -4.30 -32.92 -36.15
CA TYR A 368 -5.62 -32.44 -36.56
C TYR A 368 -6.20 -33.33 -37.65
N ASN A 369 -5.38 -33.75 -38.60
CA ASN A 369 -5.85 -34.58 -39.70
C ASN A 369 -6.38 -35.91 -39.19
N PHE A 370 -5.59 -36.59 -38.35
CA PHE A 370 -5.98 -37.92 -37.87
C PHE A 370 -6.83 -37.81 -36.61
N ALA A 371 -7.87 -36.98 -36.65
CA ALA A 371 -8.66 -36.75 -35.45
C ALA A 371 -10.02 -36.15 -35.74
N PRO A 372 -11.08 -36.95 -35.83
CA PRO A 372 -12.42 -36.40 -35.67
C PRO A 372 -12.61 -35.94 -34.23
N PHE A 373 -12.05 -34.76 -33.93
CA PHE A 373 -11.87 -34.34 -32.54
C PHE A 373 -13.19 -34.29 -31.79
N PHE A 374 -13.15 -34.74 -30.54
CA PHE A 374 -14.31 -34.65 -29.65
C PHE A 374 -13.92 -33.91 -28.38
N ALA A 375 -12.67 -34.07 -27.94
CA ALA A 375 -12.18 -33.42 -26.72
C ALA A 375 -10.72 -33.03 -26.94
N PHE A 376 -10.48 -31.73 -27.06
CA PHE A 376 -9.14 -31.18 -27.24
C PHE A 376 -8.87 -30.08 -26.23
N LYS A 377 -9.24 -30.30 -24.97
CA LYS A 377 -9.10 -29.29 -23.94
C LYS A 377 -7.63 -29.18 -23.54
N CYS A 378 -6.99 -28.08 -23.89
CA CYS A 378 -5.60 -27.87 -23.55
C CYS A 378 -5.44 -26.87 -22.41
N TYR A 379 -4.69 -27.28 -21.38
CA TYR A 379 -4.63 -26.57 -20.11
C TYR A 379 -3.39 -25.70 -20.00
N GLY A 380 -2.20 -26.29 -20.06
CA GLY A 380 -0.98 -25.52 -19.89
C GLY A 380 -0.55 -24.76 -21.13
N VAL A 381 -1.29 -24.90 -22.23
CA VAL A 381 -0.91 -24.28 -23.49
C VAL A 381 -2.16 -24.09 -24.34
N SER A 382 -2.10 -23.15 -25.26
CA SER A 382 -3.20 -22.89 -26.18
C SER A 382 -3.14 -23.86 -27.35
N PRO A 383 -4.20 -24.63 -27.61
CA PRO A 383 -4.14 -25.61 -28.71
C PRO A 383 -3.92 -24.98 -30.07
N THR A 384 -4.39 -23.75 -30.28
CA THR A 384 -4.21 -23.09 -31.57
C THR A 384 -2.72 -22.81 -31.81
N LYS A 385 -2.02 -22.33 -30.80
CA LYS A 385 -0.61 -21.95 -30.93
C LYS A 385 0.31 -23.03 -30.38
N LEU A 386 0.54 -24.07 -31.17
CA LEU A 386 1.42 -25.16 -30.77
C LEU A 386 2.73 -25.20 -31.55
N ASN A 387 2.69 -24.84 -32.83
CA ASN A 387 3.86 -24.95 -33.70
C ASN A 387 4.90 -23.86 -33.44
N ASP A 388 4.58 -22.88 -32.60
CA ASP A 388 5.50 -21.80 -32.28
C ASP A 388 6.22 -22.04 -30.96
N LEU A 389 6.40 -23.30 -30.58
CA LEU A 389 6.94 -23.65 -29.27
C LEU A 389 8.09 -24.65 -29.41
N CYS A 390 8.95 -24.66 -28.40
CA CYS A 390 10.05 -25.61 -28.30
C CYS A 390 9.93 -26.35 -26.97
N PHE A 391 9.92 -27.67 -27.02
CA PHE A 391 9.75 -28.50 -25.84
C PHE A 391 11.00 -29.36 -25.60
N THR A 392 11.34 -29.52 -24.32
CA THR A 392 12.48 -30.35 -23.97
C THR A 392 12.20 -31.82 -24.26
N ASN A 393 11.22 -32.39 -23.55
CA ASN A 393 10.79 -33.76 -23.78
C ASN A 393 9.27 -33.79 -23.89
N VAL A 394 8.77 -34.65 -24.76
CA VAL A 394 7.35 -34.75 -25.05
C VAL A 394 6.92 -36.20 -24.79
N TYR A 395 5.87 -36.37 -24.01
CA TYR A 395 5.38 -37.70 -23.65
C TYR A 395 3.98 -37.90 -24.21
N ALA A 396 3.73 -39.09 -24.75
CA ALA A 396 2.46 -39.45 -25.35
C ALA A 396 1.97 -40.73 -24.69
N ASP A 397 0.99 -40.61 -23.80
CA ASP A 397 0.41 -41.76 -23.12
C ASP A 397 -0.93 -42.07 -23.76
N SER A 398 -1.09 -43.31 -24.23
CA SER A 398 -2.24 -43.71 -25.03
C SER A 398 -3.05 -44.77 -24.29
N PHE A 399 -4.37 -44.65 -24.35
CA PHE A 399 -5.28 -45.55 -23.65
C PHE A 399 -6.70 -45.30 -24.14
N VAL A 400 -7.43 -46.38 -24.40
CA VAL A 400 -8.83 -46.32 -24.83
C VAL A 400 -9.73 -46.52 -23.61
N ILE A 401 -10.76 -45.70 -23.50
CA ILE A 401 -11.56 -45.62 -22.28
C ILE A 401 -13.01 -45.33 -22.70
N LYS A 402 -13.90 -45.24 -21.70
CA LYS A 402 -15.31 -44.89 -21.92
C LYS A 402 -15.46 -43.41 -22.29
N GLY A 403 -16.71 -42.95 -22.35
CA GLY A 403 -16.95 -41.57 -22.76
C GLY A 403 -16.88 -40.59 -21.60
N ASN A 404 -17.62 -40.87 -20.53
CA ASN A 404 -17.61 -39.98 -19.37
C ASN A 404 -16.23 -39.89 -18.72
N GLU A 405 -15.48 -40.99 -18.75
CA GLU A 405 -14.13 -40.94 -18.22
C GLU A 405 -13.22 -39.99 -18.99
N VAL A 406 -13.59 -39.61 -20.22
CA VAL A 406 -12.84 -38.57 -20.92
C VAL A 406 -12.91 -37.27 -20.15
N SER A 407 -14.11 -36.90 -19.70
CA SER A 407 -14.23 -35.74 -18.82
C SER A 407 -13.64 -36.03 -17.45
N GLN A 408 -13.59 -37.30 -17.04
CA GLN A 408 -12.92 -37.65 -15.80
C GLN A 408 -11.43 -37.32 -15.85
N ILE A 409 -10.83 -37.41 -17.03
CA ILE A 409 -9.39 -37.15 -17.19
C ILE A 409 -9.16 -35.64 -17.24
N ALA A 410 -8.60 -35.09 -16.16
CA ALA A 410 -8.22 -33.70 -16.04
C ALA A 410 -7.40 -33.54 -14.77
N PRO A 411 -6.50 -32.57 -14.68
CA PRO A 411 -5.68 -32.44 -13.47
C PRO A 411 -6.53 -32.13 -12.25
N GLY A 412 -6.16 -32.71 -11.12
CA GLY A 412 -6.89 -32.51 -9.88
C GLY A 412 -8.32 -32.99 -9.94
N GLN A 413 -8.56 -34.13 -10.58
CA GLN A 413 -9.89 -34.72 -10.71
C GLN A 413 -9.99 -35.96 -9.83
N THR A 414 -11.11 -36.66 -9.97
CA THR A 414 -11.37 -37.85 -9.17
C THR A 414 -12.20 -38.83 -9.98
N GLY A 415 -12.23 -40.07 -9.51
CA GLY A 415 -12.99 -41.12 -10.15
C GLY A 415 -12.34 -42.49 -10.02
N ASN A 416 -13.05 -43.55 -10.39
CA ASN A 416 -12.49 -44.89 -10.31
C ASN A 416 -11.26 -45.03 -11.20
N ILE A 417 -11.20 -44.28 -12.29
CA ILE A 417 -10.04 -44.27 -13.16
C ILE A 417 -9.03 -43.21 -12.73
N ALA A 418 -9.53 -42.05 -12.30
CA ALA A 418 -8.64 -40.95 -11.94
C ALA A 418 -7.91 -41.19 -10.62
N ASP A 419 -8.41 -42.07 -9.76
CA ASP A 419 -7.80 -42.33 -8.46
C ASP A 419 -6.96 -43.59 -8.42
N TYR A 420 -7.30 -44.60 -9.21
CA TYR A 420 -6.60 -45.88 -9.17
C TYR A 420 -6.03 -46.34 -10.50
N ASN A 421 -6.28 -45.62 -11.59
CA ASN A 421 -5.81 -46.05 -12.90
C ASN A 421 -4.88 -45.04 -13.55
N TYR A 422 -5.23 -43.76 -13.57
CA TYR A 422 -4.38 -42.75 -14.19
C TYR A 422 -4.73 -41.39 -13.61
N LYS A 423 -3.83 -40.83 -12.81
CA LYS A 423 -4.00 -39.51 -12.22
C LYS A 423 -3.04 -38.55 -12.90
N LEU A 424 -3.55 -37.42 -13.38
CA LEU A 424 -2.70 -36.42 -14.01
C LEU A 424 -2.05 -35.55 -12.95
N PRO A 425 -0.90 -34.94 -13.25
CA PRO A 425 -0.27 -34.03 -12.29
C PRO A 425 -1.14 -32.80 -12.07
N ASP A 426 -1.06 -32.26 -10.86
CA ASP A 426 -1.80 -31.03 -10.55
C ASP A 426 -1.35 -29.89 -11.43
N ASP A 427 -0.03 -29.75 -11.63
CA ASP A 427 0.53 -28.76 -12.54
C ASP A 427 0.79 -29.36 -13.92
N PHE A 428 -0.26 -29.86 -14.55
CA PHE A 428 -0.12 -30.54 -15.82
C PHE A 428 0.11 -29.52 -16.94
N THR A 429 1.24 -29.67 -17.63
CA THR A 429 1.61 -28.81 -18.76
C THR A 429 1.45 -29.64 -20.03
N GLY A 430 0.25 -29.61 -20.58
CA GLY A 430 -0.07 -30.42 -21.74
C GLY A 430 -1.57 -30.48 -21.92
N CYS A 431 -2.02 -31.49 -22.67
CA CYS A 431 -3.44 -31.71 -22.81
C CYS A 431 -3.79 -33.10 -23.32
N VAL A 432 -5.09 -33.34 -23.43
CA VAL A 432 -5.67 -34.63 -23.72
C VAL A 432 -6.39 -34.56 -25.06
N ILE A 433 -6.24 -35.62 -25.86
CA ILE A 433 -6.91 -35.72 -27.16
C ILE A 433 -7.82 -36.93 -27.12
N ALA A 434 -9.09 -36.74 -27.44
CA ALA A 434 -10.07 -37.80 -27.39
C ALA A 434 -10.90 -37.80 -28.66
N TRP A 435 -10.83 -38.90 -29.41
CA TRP A 435 -11.63 -39.11 -30.60
C TRP A 435 -12.28 -40.49 -30.53
N ASN A 436 -13.51 -40.58 -31.02
CA ASN A 436 -14.25 -41.83 -30.92
C ASN A 436 -13.70 -42.87 -31.87
N SER A 437 -13.57 -44.10 -31.39
CA SER A 437 -13.09 -45.23 -32.19
C SER A 437 -13.98 -46.43 -31.89
N ASN A 438 -15.07 -46.56 -32.64
CA ASN A 438 -15.97 -47.70 -32.52
C ASN A 438 -15.79 -48.72 -33.64
N LYS A 439 -14.79 -48.54 -34.50
CA LYS A 439 -14.55 -49.45 -35.60
C LYS A 439 -13.31 -50.32 -35.40
N LEU A 440 -12.44 -49.96 -34.46
CA LEU A 440 -11.25 -50.76 -34.15
C LEU A 440 -11.30 -51.42 -32.78
N ASP A 441 -12.16 -50.95 -31.88
CA ASP A 441 -12.27 -51.49 -30.53
C ASP A 441 -13.63 -52.12 -30.28
N SER A 442 -14.30 -52.51 -31.36
CA SER A 442 -15.60 -53.15 -31.24
C SER A 442 -15.74 -54.19 -32.33
N LYS A 443 -16.43 -55.27 -32.01
CA LYS A 443 -16.62 -56.38 -32.94
C LYS A 443 -17.89 -57.12 -32.56
N HIS A 444 -18.40 -57.90 -33.51
CA HIS A 444 -19.56 -58.72 -33.23
C HIS A 444 -19.21 -59.82 -32.24
N SER A 445 -20.22 -60.26 -31.49
CA SER A 445 -20.16 -61.27 -30.43
C SER A 445 -19.45 -60.78 -29.17
N GLY A 446 -18.98 -59.54 -29.14
CA GLY A 446 -18.41 -58.98 -27.94
C GLY A 446 -16.89 -58.95 -28.00
N ASN A 447 -16.32 -58.08 -27.16
CA ASN A 447 -14.87 -57.95 -27.04
C ASN A 447 -14.56 -57.52 -25.62
N TYR A 448 -13.97 -58.43 -24.84
CA TYR A 448 -13.68 -58.18 -23.42
C TYR A 448 -12.17 -58.07 -23.18
N ASP A 449 -11.41 -57.72 -24.22
CA ASP A 449 -9.96 -57.70 -24.11
C ASP A 449 -9.49 -56.63 -23.13
N TYR A 450 -10.16 -55.47 -23.12
CA TYR A 450 -9.69 -54.35 -22.32
C TYR A 450 -10.03 -54.56 -20.85
N TRP A 451 -9.33 -53.81 -20.00
CA TRP A 451 -9.39 -54.01 -18.56
C TRP A 451 -9.27 -52.66 -17.86
N TYR A 452 -9.56 -52.66 -16.56
CA TYR A 452 -9.38 -51.47 -15.72
C TYR A 452 -9.49 -51.88 -14.27
N ARG A 453 -8.76 -51.18 -13.42
CA ARG A 453 -8.68 -51.49 -12.00
C ARG A 453 -9.60 -50.57 -11.21
N LEU A 454 -10.49 -51.16 -10.43
CA LEU A 454 -11.31 -50.42 -9.46
C LEU A 454 -10.81 -50.61 -8.05
N PHE A 455 -9.85 -51.50 -7.82
CA PHE A 455 -9.47 -51.94 -6.48
C PHE A 455 -7.97 -51.74 -6.31
N ARG A 456 -7.59 -50.62 -5.71
CA ARG A 456 -6.21 -50.30 -5.42
C ARG A 456 -6.09 -49.88 -3.97
N LYS A 457 -5.05 -50.39 -3.29
CA LYS A 457 -4.90 -50.13 -1.86
C LYS A 457 -4.73 -48.66 -1.54
N SER A 458 -4.33 -47.84 -2.51
CA SER A 458 -4.13 -46.42 -2.26
C SER A 458 -4.43 -45.66 -3.55
N LYS A 459 -4.54 -44.34 -3.42
CA LYS A 459 -4.70 -43.48 -4.59
C LYS A 459 -3.45 -43.54 -5.46
N LEU A 460 -3.65 -43.49 -6.77
CA LEU A 460 -2.53 -43.49 -7.71
C LEU A 460 -1.96 -42.08 -7.79
N LYS A 461 -0.71 -41.92 -7.37
CA LYS A 461 -0.06 -40.64 -7.49
C LYS A 461 0.16 -40.32 -8.97
N PRO A 462 0.28 -39.04 -9.32
CA PRO A 462 0.42 -38.68 -10.74
C PRO A 462 1.62 -39.35 -11.39
N PHE A 463 1.41 -39.79 -12.62
CA PHE A 463 2.43 -40.47 -13.43
C PHE A 463 3.03 -41.66 -12.67
N GLU A 464 2.16 -42.62 -12.35
CA GLU A 464 2.60 -43.87 -11.74
C GLU A 464 1.66 -44.99 -12.16
N ARG A 465 2.26 -46.05 -12.69
CA ARG A 465 1.53 -47.22 -13.14
C ARG A 465 1.58 -48.29 -12.06
N ASP A 466 0.44 -48.93 -11.82
CA ASP A 466 0.35 -49.94 -10.77
C ASP A 466 -0.04 -51.29 -11.34
N ILE A 467 0.60 -51.69 -12.44
CA ILE A 467 0.31 -52.97 -13.08
C ILE A 467 0.65 -54.10 -12.11
N SER A 468 -0.37 -54.81 -11.65
CA SER A 468 -0.22 -55.89 -10.69
C SER A 468 -1.51 -56.70 -10.66
N THR A 469 -1.43 -57.89 -10.06
CA THR A 469 -2.58 -58.78 -9.92
C THR A 469 -2.61 -59.27 -8.47
N GLU A 470 -3.29 -58.52 -7.61
CA GLU A 470 -3.46 -58.89 -6.21
C GLU A 470 -4.89 -58.60 -5.79
N ILE A 471 -5.53 -59.58 -5.14
CA ILE A 471 -6.91 -59.42 -4.71
C ILE A 471 -6.97 -58.43 -3.55
N TYR A 472 -7.87 -57.46 -3.66
CA TYR A 472 -8.04 -56.48 -2.60
C TYR A 472 -8.59 -57.15 -1.35
N GLN A 473 -8.01 -56.82 -0.19
CA GLN A 473 -8.49 -57.33 1.08
C GLN A 473 -9.73 -56.56 1.52
N ALA A 474 -10.71 -57.30 2.04
CA ALA A 474 -11.89 -56.72 2.64
C ALA A 474 -12.04 -57.28 4.05
N GLY A 475 -12.28 -56.39 5.02
CA GLY A 475 -12.28 -56.78 6.41
C GLY A 475 -10.87 -57.07 6.90
N ASN A 476 -10.61 -58.32 7.30
CA ASN A 476 -9.28 -58.71 7.73
C ASN A 476 -8.86 -60.06 7.18
N LYS A 477 -9.61 -60.61 6.23
CA LYS A 477 -9.32 -61.95 5.75
C LYS A 477 -8.15 -61.91 4.76
N PRO A 478 -7.07 -62.64 5.04
CA PRO A 478 -5.99 -62.77 4.07
C PRO A 478 -6.26 -63.91 3.10
N CYS A 479 -7.41 -63.86 2.43
CA CYS A 479 -7.84 -64.92 1.54
C CYS A 479 -7.10 -64.85 0.22
N LYS A 480 -5.78 -64.95 0.27
CA LYS A 480 -4.97 -64.95 -0.94
C LYS A 480 -5.18 -66.25 -1.72
N GLY A 481 -5.21 -66.13 -3.04
CA GLY A 481 -5.53 -67.26 -3.89
C GLY A 481 -6.99 -67.65 -3.78
N VAL A 482 -7.81 -66.74 -3.24
CA VAL A 482 -9.24 -66.98 -3.08
C VAL A 482 -9.97 -65.72 -3.54
N LYS A 483 -11.04 -65.92 -4.29
CA LYS A 483 -11.81 -64.81 -4.84
C LYS A 483 -13.27 -65.01 -4.46
N GLY A 484 -14.15 -64.15 -4.98
CA GLY A 484 -15.56 -64.23 -4.70
C GLY A 484 -16.01 -63.14 -3.76
N PRO A 485 -16.96 -63.45 -2.88
CA PRO A 485 -17.37 -62.48 -1.87
C PRO A 485 -16.28 -62.28 -0.83
N ASN A 486 -16.13 -61.03 -0.39
CA ASN A 486 -15.16 -60.64 0.63
C ASN A 486 -13.72 -60.77 0.11
N CYS A 487 -13.57 -61.24 -1.12
CA CYS A 487 -12.26 -61.38 -1.79
C CYS A 487 -12.48 -60.99 -3.25
N TYR A 488 -12.26 -59.73 -3.56
CA TYR A 488 -12.59 -59.18 -4.87
C TYR A 488 -11.33 -59.08 -5.73
N PHE A 489 -11.45 -59.54 -6.98
CA PHE A 489 -10.36 -59.39 -7.93
C PHE A 489 -10.14 -57.90 -8.22
N PRO A 490 -8.88 -57.47 -8.37
CA PRO A 490 -8.63 -56.02 -8.47
C PRO A 490 -9.25 -55.37 -9.70
N LEU A 491 -9.11 -55.97 -10.87
CA LEU A 491 -9.43 -55.30 -12.13
C LEU A 491 -10.57 -56.00 -12.86
N GLN A 492 -11.40 -55.21 -13.53
CA GLN A 492 -12.55 -55.71 -14.27
C GLN A 492 -12.36 -55.42 -15.76
N SER A 493 -13.37 -55.79 -16.55
CA SER A 493 -13.28 -55.75 -18.01
C SER A 493 -14.12 -54.62 -18.60
N TYR A 494 -13.51 -53.87 -19.52
CA TYR A 494 -14.24 -52.96 -20.41
C TYR A 494 -14.78 -53.72 -21.61
N GLY A 495 -15.89 -54.41 -21.38
CA GLY A 495 -16.58 -55.10 -22.46
C GLY A 495 -17.03 -54.12 -23.52
N PHE A 496 -16.59 -54.34 -24.76
CA PHE A 496 -16.86 -53.41 -25.84
C PHE A 496 -17.55 -54.12 -26.99
N ARG A 497 -18.67 -53.57 -27.43
CA ARG A 497 -19.43 -54.01 -28.59
C ARG A 497 -19.81 -52.76 -29.38
N PRO A 498 -20.14 -52.91 -30.66
CA PRO A 498 -20.47 -51.73 -31.46
C PRO A 498 -21.78 -51.05 -31.07
N THR A 499 -22.41 -51.50 -29.98
CA THR A 499 -23.71 -50.97 -29.55
C THR A 499 -23.64 -50.53 -28.10
N TYR A 500 -23.58 -49.22 -27.88
CA TYR A 500 -23.65 -48.62 -26.55
C TYR A 500 -24.28 -47.25 -26.68
N GLY A 501 -24.28 -46.51 -25.57
CA GLY A 501 -24.65 -45.10 -25.58
C GLY A 501 -23.47 -44.23 -25.94
N VAL A 502 -23.74 -42.92 -26.02
CA VAL A 502 -22.71 -41.97 -26.41
C VAL A 502 -21.56 -41.99 -25.41
N GLY A 503 -21.89 -41.99 -24.11
CA GLY A 503 -20.87 -42.02 -23.08
C GLY A 503 -20.34 -43.40 -22.76
N HIS A 504 -20.75 -44.43 -23.52
CA HIS A 504 -20.35 -45.80 -23.24
C HIS A 504 -19.66 -46.46 -24.44
N GLN A 505 -19.23 -45.65 -25.42
CA GLN A 505 -18.51 -46.14 -26.58
C GLN A 505 -17.01 -46.21 -26.30
N PRO A 506 -16.28 -47.04 -27.04
CA PRO A 506 -14.80 -47.12 -26.87
C PRO A 506 -14.07 -45.89 -27.41
N TYR A 507 -14.05 -44.82 -26.60
CA TYR A 507 -13.35 -43.61 -26.99
C TYR A 507 -11.84 -43.86 -27.01
N ARG A 508 -11.18 -43.29 -28.02
CA ARG A 508 -9.73 -43.38 -28.16
C ARG A 508 -9.10 -42.10 -27.61
N VAL A 509 -8.24 -42.24 -26.61
CA VAL A 509 -7.69 -41.11 -25.88
C VAL A 509 -6.17 -41.22 -25.83
N VAL A 510 -5.50 -40.12 -26.15
CA VAL A 510 -4.06 -39.99 -25.98
C VAL A 510 -3.80 -38.66 -25.27
N VAL A 511 -2.95 -38.68 -24.26
CA VAL A 511 -2.63 -37.48 -23.47
C VAL A 511 -1.17 -37.11 -23.73
N LEU A 512 -0.93 -35.80 -23.86
CA LEU A 512 0.40 -35.29 -24.19
C LEU A 512 0.95 -34.51 -23.01
N SER A 513 2.16 -34.86 -22.60
CA SER A 513 2.85 -34.18 -21.51
C SER A 513 4.03 -33.40 -22.07
N PHE A 514 4.09 -32.10 -21.76
CA PHE A 514 5.16 -31.24 -22.20
C PHE A 514 5.97 -30.74 -21.01
N GLU A 515 7.12 -30.16 -21.30
CA GLU A 515 8.02 -29.58 -20.30
C GLU A 515 8.49 -28.22 -20.82
N LEU A 516 7.80 -27.15 -20.42
CA LEU A 516 8.16 -25.80 -20.81
C LEU A 516 8.95 -25.16 -19.68
N LEU A 517 10.26 -25.41 -19.67
CA LEU A 517 11.18 -24.82 -18.70
C LEU A 517 12.50 -24.55 -19.38
N HIS A 518 13.43 -23.95 -18.64
CA HIS A 518 14.72 -23.53 -19.19
C HIS A 518 15.61 -24.75 -19.34
N ALA A 519 15.75 -25.22 -20.58
CA ALA A 519 16.55 -26.39 -20.91
C ALA A 519 16.77 -26.41 -22.41
N PRO A 520 17.80 -27.12 -22.89
CA PRO A 520 17.99 -27.23 -24.34
C PRO A 520 16.90 -28.09 -24.96
N ALA A 521 15.97 -27.44 -25.65
CA ALA A 521 14.83 -28.14 -26.22
C ALA A 521 15.26 -29.02 -27.39
N THR A 522 14.60 -30.16 -27.53
CA THR A 522 14.88 -31.09 -28.61
C THR A 522 13.72 -31.23 -29.59
N VAL A 523 12.54 -30.73 -29.27
CA VAL A 523 11.37 -30.81 -30.12
C VAL A 523 10.82 -29.40 -30.34
N CYS A 524 10.69 -29.01 -31.60
CA CYS A 524 10.21 -27.67 -31.93
C CYS A 524 9.31 -27.76 -33.15
N GLY A 525 8.54 -26.69 -33.38
CA GLY A 525 7.66 -26.60 -34.51
C GLY A 525 8.40 -26.27 -35.79
N PRO A 526 7.74 -26.47 -36.93
CA PRO A 526 8.41 -26.25 -38.22
C PRO A 526 8.59 -24.79 -38.57
N LYS A 527 9.81 -24.28 -38.44
CA LYS A 527 10.13 -22.90 -38.79
C LYS A 527 11.37 -22.89 -39.67
N LYS A 528 11.58 -21.76 -40.35
CA LYS A 528 12.74 -21.57 -41.20
C LYS A 528 13.82 -20.83 -40.41
N SER A 529 14.88 -21.54 -40.04
CA SER A 529 15.99 -20.94 -39.31
C SER A 529 16.72 -19.95 -40.20
N THR A 530 16.66 -18.67 -39.86
CA THR A 530 17.27 -17.63 -40.67
C THR A 530 18.76 -17.52 -40.36
N ASN A 531 19.36 -16.43 -40.85
CA ASN A 531 20.79 -16.19 -40.65
C ASN A 531 21.02 -15.54 -39.29
N LEU A 532 22.24 -15.05 -39.09
CA LEU A 532 22.62 -14.35 -37.86
C LEU A 532 23.08 -12.96 -38.21
N VAL A 533 22.54 -11.96 -37.52
CA VAL A 533 22.90 -10.56 -37.71
C VAL A 533 23.37 -10.02 -36.37
N LYS A 534 24.55 -9.42 -36.35
CA LYS A 534 25.12 -8.89 -35.14
C LYS A 534 25.18 -7.36 -35.19
N ASN A 535 25.33 -6.76 -34.02
CA ASN A 535 25.42 -5.31 -33.87
C ASN A 535 24.21 -4.60 -34.48
N LYS A 536 23.05 -5.24 -34.35
CA LYS A 536 21.81 -4.68 -34.90
C LYS A 536 20.64 -5.21 -34.08
N CYS A 537 19.73 -4.32 -33.72
CA CYS A 537 18.57 -4.70 -32.92
C CYS A 537 17.65 -5.57 -33.74
N VAL A 538 17.38 -6.78 -33.26
CA VAL A 538 16.58 -7.74 -34.00
C VAL A 538 15.90 -8.68 -33.01
N ASN A 539 14.64 -9.00 -33.26
CA ASN A 539 13.93 -10.00 -32.47
C ASN A 539 14.55 -11.37 -32.69
N PHE A 540 14.77 -12.10 -31.62
CA PHE A 540 15.33 -13.44 -31.70
C PHE A 540 14.38 -14.45 -31.09
N ASN A 541 14.39 -15.65 -31.66
CA ASN A 541 13.59 -16.78 -31.21
C ASN A 541 14.47 -17.98 -30.97
N PHE A 542 15.60 -17.74 -30.30
CA PHE A 542 16.62 -18.76 -30.09
C PHE A 542 16.02 -19.94 -29.34
N ASN A 543 15.76 -21.04 -30.07
CA ASN A 543 15.28 -22.27 -29.48
C ASN A 543 13.97 -22.05 -28.70
N GLY A 544 13.12 -21.17 -29.22
CA GLY A 544 11.87 -20.86 -28.57
C GLY A 544 11.94 -19.77 -27.52
N LEU A 545 13.10 -19.16 -27.32
CA LEU A 545 13.25 -18.07 -26.36
C LEU A 545 13.04 -16.76 -27.10
N THR A 546 11.80 -16.29 -27.10
CA THR A 546 11.44 -15.07 -27.80
C THR A 546 12.01 -13.86 -27.08
N GLY A 547 12.63 -12.97 -27.84
CA GLY A 547 13.13 -11.74 -27.26
C GLY A 547 13.73 -10.86 -28.33
N THR A 548 14.16 -9.67 -27.91
CA THR A 548 14.75 -8.70 -28.81
C THR A 548 16.00 -8.13 -28.18
N GLY A 549 16.93 -7.71 -29.02
CA GLY A 549 18.18 -7.16 -28.53
C GLY A 549 19.21 -7.15 -29.65
N VAL A 550 20.47 -6.99 -29.24
CA VAL A 550 21.61 -6.94 -30.15
C VAL A 550 22.51 -8.10 -29.83
N LEU A 551 22.90 -8.87 -30.85
CA LEU A 551 23.77 -10.02 -30.71
C LEU A 551 25.18 -9.66 -31.13
N THR A 552 26.14 -10.35 -30.53
CA THR A 552 27.55 -10.10 -30.83
C THR A 552 28.37 -11.29 -30.36
N LYS A 553 29.60 -11.35 -30.85
CA LYS A 553 30.54 -12.37 -30.40
C LYS A 553 30.91 -12.14 -28.94
N SER A 554 31.24 -13.22 -28.25
CA SER A 554 31.59 -13.16 -26.84
C SER A 554 32.83 -14.00 -26.58
N ASN A 555 33.55 -13.62 -25.53
CA ASN A 555 34.78 -14.29 -25.12
C ASN A 555 34.51 -15.00 -23.79
N LYS A 556 33.38 -15.67 -23.71
CA LYS A 556 33.03 -16.42 -22.52
C LYS A 556 33.77 -17.76 -22.51
N LYS A 557 33.63 -18.50 -21.41
CA LYS A 557 34.20 -19.84 -21.31
C LYS A 557 33.02 -20.80 -21.19
N PHE A 558 32.09 -20.62 -22.11
CA PHE A 558 30.83 -21.34 -22.12
C PHE A 558 31.10 -22.85 -22.13
N LEU A 559 30.74 -23.54 -21.05
CA LEU A 559 31.11 -24.94 -20.92
C LEU A 559 30.25 -25.84 -21.81
N PRO A 560 30.73 -27.06 -22.09
CA PRO A 560 30.00 -27.92 -23.05
C PRO A 560 28.57 -28.24 -22.66
N PHE A 561 28.30 -28.46 -21.37
CA PHE A 561 26.94 -28.77 -20.97
C PHE A 561 26.09 -27.51 -20.79
N GLN A 562 26.72 -26.34 -20.75
CA GLN A 562 26.00 -25.10 -20.56
C GLN A 562 25.15 -24.78 -21.77
N GLN A 563 23.97 -24.18 -21.52
CA GLN A 563 23.14 -23.74 -22.64
C GLN A 563 22.76 -22.27 -22.51
N PHE A 564 22.51 -21.80 -21.30
CA PHE A 564 21.97 -20.47 -21.08
C PHE A 564 22.93 -19.64 -20.25
N GLY A 565 22.63 -18.33 -20.16
CA GLY A 565 23.39 -17.44 -19.34
C GLY A 565 22.46 -16.57 -18.50
N ARG A 566 23.02 -15.98 -17.45
CA ARG A 566 22.21 -15.22 -16.51
C ARG A 566 23.12 -14.29 -15.72
N ASP A 567 22.48 -13.46 -14.90
CA ASP A 567 23.16 -12.58 -13.94
C ASP A 567 22.42 -12.70 -12.62
N ILE A 568 23.02 -12.15 -11.55
CA ILE A 568 22.39 -12.16 -10.24
C ILE A 568 20.98 -11.59 -10.25
N VAL A 569 20.60 -10.90 -11.33
CA VAL A 569 19.22 -10.50 -11.57
C VAL A 569 18.39 -11.64 -12.15
N ASP A 570 19.01 -12.73 -12.59
CA ASP A 570 18.33 -13.90 -13.13
C ASP A 570 17.50 -13.54 -14.36
N THR A 571 18.19 -13.01 -15.36
CA THR A 571 17.61 -12.77 -16.68
C THR A 571 18.56 -13.33 -17.73
N THR A 572 18.00 -13.76 -18.85
CA THR A 572 18.81 -14.33 -19.93
C THR A 572 19.79 -13.29 -20.45
N ASP A 573 21.07 -13.64 -20.45
CA ASP A 573 22.13 -12.74 -20.89
C ASP A 573 22.85 -13.23 -22.13
N ALA A 574 23.26 -14.50 -22.17
CA ALA A 574 23.94 -15.06 -23.33
C ALA A 574 23.35 -16.42 -23.63
N VAL A 575 23.07 -16.67 -24.90
CA VAL A 575 22.46 -17.92 -25.34
C VAL A 575 23.36 -18.56 -26.39
N ARG A 576 23.70 -19.82 -26.18
CA ARG A 576 24.52 -20.53 -27.15
C ARG A 576 23.77 -20.72 -28.46
N ASP A 577 24.50 -20.63 -29.56
CA ASP A 577 23.88 -20.83 -30.86
C ASP A 577 23.62 -22.31 -31.11
N PRO A 578 22.39 -22.70 -31.43
CA PRO A 578 22.14 -24.13 -31.72
C PRO A 578 22.89 -24.64 -32.94
N GLN A 579 23.12 -23.80 -33.95
CA GLN A 579 23.68 -24.26 -35.22
C GLN A 579 25.12 -23.81 -35.45
N THR A 580 25.62 -22.85 -34.68
CA THR A 580 27.03 -22.47 -34.79
C THR A 580 27.81 -22.68 -33.50
N LEU A 581 27.15 -22.94 -32.37
CA LEU A 581 27.82 -23.29 -31.12
C LEU A 581 28.75 -22.17 -30.66
N GLU A 582 28.21 -20.97 -30.56
CA GLU A 582 28.97 -19.80 -30.14
C GLU A 582 28.15 -18.99 -29.14
N ILE A 583 28.84 -18.05 -28.49
CA ILE A 583 28.25 -17.28 -27.40
C ILE A 583 27.81 -15.93 -27.95
N LEU A 584 26.55 -15.58 -27.74
CA LEU A 584 26.02 -14.30 -28.17
C LEU A 584 25.39 -13.59 -26.98
N ASP A 585 25.86 -12.38 -26.71
CA ASP A 585 25.28 -11.59 -25.64
C ASP A 585 23.94 -11.01 -26.06
N ILE A 586 23.09 -10.76 -25.06
CA ILE A 586 21.79 -10.15 -25.27
C ILE A 586 21.79 -8.80 -24.54
N THR A 587 21.31 -7.78 -25.21
CA THR A 587 21.38 -6.42 -24.72
C THR A 587 20.01 -5.77 -24.73
N PRO A 588 19.79 -4.74 -23.91
CA PRO A 588 18.58 -3.93 -24.06
C PRO A 588 18.56 -3.29 -25.44
N CYS A 589 17.35 -3.10 -25.96
CA CYS A 589 17.22 -2.65 -27.34
C CYS A 589 17.88 -1.29 -27.50
N SER A 590 17.27 -0.24 -26.94
CA SER A 590 17.95 1.03 -26.72
C SER A 590 17.44 1.82 -25.52
N PHE A 591 16.97 1.15 -24.45
CA PHE A 591 16.24 1.79 -23.35
C PHE A 591 16.79 3.16 -23.03
N GLY A 592 15.91 4.15 -23.04
CA GLY A 592 16.24 5.48 -22.56
C GLY A 592 15.01 6.23 -22.12
N GLY A 593 15.08 7.56 -22.21
CA GLY A 593 13.99 8.41 -21.76
C GLY A 593 14.12 9.80 -22.33
N VAL A 594 13.02 10.32 -22.86
CA VAL A 594 13.03 11.57 -23.61
C VAL A 594 12.61 12.70 -22.67
N SER A 595 13.26 13.83 -22.82
CA SER A 595 12.90 15.05 -22.12
C SER A 595 12.96 16.21 -23.08
N VAL A 596 12.06 17.17 -22.91
CA VAL A 596 11.94 18.30 -23.82
C VAL A 596 12.26 19.57 -23.07
N ILE A 597 13.20 20.35 -23.58
CA ILE A 597 13.50 21.68 -23.07
C ILE A 597 12.81 22.69 -23.95
N THR A 598 12.04 23.58 -23.34
CA THR A 598 11.32 24.61 -24.08
C THR A 598 11.00 25.76 -23.15
N PRO A 599 11.06 26.99 -23.64
CA PRO A 599 10.54 28.13 -22.87
C PRO A 599 9.02 28.14 -22.94
N GLY A 600 8.44 29.14 -22.28
CA GLY A 600 6.99 29.25 -22.29
C GLY A 600 6.45 29.41 -23.71
N THR A 601 5.36 28.69 -23.99
CA THR A 601 4.73 28.80 -25.31
C THR A 601 4.30 30.22 -25.62
N ASN A 602 3.98 31.02 -24.59
CA ASN A 602 3.65 32.42 -24.79
C ASN A 602 4.84 33.21 -25.35
N THR A 603 6.06 32.68 -25.25
CA THR A 603 7.25 33.34 -25.76
C THR A 603 7.66 32.79 -27.13
N SER A 604 7.76 31.48 -27.26
CA SER A 604 8.21 30.89 -28.51
C SER A 604 7.68 29.46 -28.62
N ASN A 605 7.85 28.88 -29.79
CA ASN A 605 7.37 27.53 -30.07
C ASN A 605 8.49 26.55 -30.36
N GLN A 606 9.75 26.97 -30.24
CA GLN A 606 10.86 26.07 -30.48
C GLN A 606 11.08 25.17 -29.26
N VAL A 607 11.67 24.00 -29.51
CA VAL A 607 11.90 23.01 -28.47
C VAL A 607 13.29 22.41 -28.61
N ALA A 608 13.80 21.90 -27.50
CA ALA A 608 15.06 21.18 -27.45
C ALA A 608 14.80 19.80 -26.85
N VAL A 609 15.30 18.77 -27.53
CA VAL A 609 14.98 17.39 -27.19
C VAL A 609 16.20 16.75 -26.55
N LEU A 610 15.96 15.93 -25.52
CA LEU A 610 17.01 15.23 -24.81
C LEU A 610 16.74 13.74 -24.90
N TYR A 611 17.79 12.97 -25.18
CA TYR A 611 17.76 11.52 -25.12
C TYR A 611 18.69 11.09 -23.99
N GLN A 612 18.11 10.68 -22.88
CA GLN A 612 18.87 10.46 -21.66
C GLN A 612 19.68 9.17 -21.71
N GLY A 613 20.90 9.21 -21.19
CA GLY A 613 21.69 8.02 -20.99
C GLY A 613 22.00 7.25 -22.25
N VAL A 614 22.23 7.95 -23.37
CA VAL A 614 22.47 7.30 -24.64
C VAL A 614 23.37 8.19 -25.50
N ASN A 615 24.37 7.58 -26.13
CA ASN A 615 25.15 8.27 -27.14
C ASN A 615 24.31 8.50 -28.39
N CYS A 616 24.27 9.75 -28.85
CA CYS A 616 23.50 10.04 -30.06
C CYS A 616 24.28 9.80 -31.33
N THR A 617 25.41 9.10 -31.25
CA THR A 617 25.92 8.44 -32.45
C THR A 617 25.04 7.25 -32.80
N GLU A 618 24.26 6.76 -31.83
CA GLU A 618 23.38 5.62 -32.06
C GLU A 618 22.00 6.07 -32.51
N VAL A 619 21.44 7.10 -31.86
CA VAL A 619 20.10 7.54 -32.27
C VAL A 619 20.17 8.21 -33.63
N SER A 620 21.28 8.84 -33.96
CA SER A 620 21.41 9.51 -35.26
C SER A 620 21.30 8.50 -36.40
N VAL A 621 22.04 7.39 -36.31
CA VAL A 621 21.89 6.34 -37.32
C VAL A 621 20.53 5.67 -37.18
N ALA A 622 20.02 5.54 -35.96
CA ALA A 622 18.68 5.01 -35.77
C ALA A 622 17.64 5.94 -36.38
N ILE A 623 17.82 7.26 -36.21
CA ILE A 623 16.92 8.22 -36.83
C ILE A 623 17.00 8.10 -38.35
N HIS A 624 18.21 7.98 -38.88
CA HIS A 624 18.38 7.82 -40.31
C HIS A 624 17.80 6.50 -40.81
N ALA A 625 17.76 5.49 -39.93
CA ALA A 625 17.16 4.21 -40.27
C ALA A 625 15.67 4.16 -40.00
N ASP A 626 15.10 5.22 -39.41
CA ASP A 626 13.67 5.31 -39.13
C ASP A 626 13.17 4.12 -38.31
N GLN A 627 13.94 3.74 -37.30
CA GLN A 627 13.59 2.64 -36.42
C GLN A 627 13.32 3.10 -35.00
N LEU A 628 13.17 4.40 -34.77
CA LEU A 628 12.92 4.92 -33.43
C LEU A 628 11.43 4.88 -33.11
N THR A 629 11.11 4.42 -31.90
CA THR A 629 9.72 4.43 -31.45
C THR A 629 9.10 5.82 -31.43
N PRO A 630 9.80 6.88 -31.00
CA PRO A 630 9.24 8.22 -31.17
C PRO A 630 8.92 8.51 -32.62
N THR A 631 7.76 9.11 -32.86
CA THR A 631 7.35 9.47 -34.21
C THR A 631 7.80 10.86 -34.59
N TRP A 632 7.68 11.83 -33.69
CA TRP A 632 8.16 13.17 -33.96
C TRP A 632 9.66 13.15 -34.25
N ARG A 633 10.06 13.83 -35.30
CA ARG A 633 11.47 13.91 -35.68
C ARG A 633 11.91 15.36 -35.60
N VAL A 634 12.60 15.70 -34.52
CA VAL A 634 13.15 17.04 -34.37
C VAL A 634 14.23 17.25 -35.42
N TYR A 635 14.34 18.50 -35.90
CA TYR A 635 15.29 18.80 -36.96
C TYR A 635 16.72 18.66 -36.46
N SER A 636 17.57 18.09 -37.31
CA SER A 636 18.99 17.92 -37.02
C SER A 636 19.78 18.65 -38.11
N THR A 637 20.23 19.86 -37.81
CA THR A 637 20.95 20.69 -38.76
C THR A 637 22.47 20.53 -38.66
N GLY A 638 22.95 19.63 -37.82
CA GLY A 638 24.37 19.43 -37.60
C GLY A 638 24.93 20.23 -36.45
N SER A 639 24.59 21.51 -36.38
CA SER A 639 25.00 22.35 -35.26
C SER A 639 24.22 22.06 -33.99
N ASN A 640 23.05 21.44 -34.09
CA ASN A 640 22.18 21.18 -32.95
C ASN A 640 22.47 19.79 -32.43
N VAL A 641 23.72 19.56 -32.04
CA VAL A 641 24.15 18.29 -31.47
C VAL A 641 25.16 18.59 -30.39
N PHE A 642 24.99 17.98 -29.21
CA PHE A 642 25.91 18.21 -28.10
C PHE A 642 25.86 17.00 -27.18
N GLN A 643 26.94 16.24 -27.14
CA GLN A 643 27.01 15.03 -26.32
C GLN A 643 27.31 15.44 -24.88
N THR A 644 26.33 15.30 -24.01
CA THR A 644 26.49 15.63 -22.61
C THR A 644 26.89 14.40 -21.80
N ARG A 645 27.15 14.61 -20.51
CA ARG A 645 27.31 13.51 -19.58
C ARG A 645 25.98 12.95 -19.11
N ALA A 646 24.89 13.67 -19.38
CA ALA A 646 23.54 13.26 -19.00
C ALA A 646 22.76 12.73 -20.18
N GLY A 647 23.44 12.21 -21.19
CA GLY A 647 22.80 11.87 -22.45
C GLY A 647 23.36 12.75 -23.53
N CYS A 648 22.50 13.33 -24.37
CA CYS A 648 22.95 14.36 -25.29
C CYS A 648 21.76 15.16 -25.75
N LEU A 649 22.02 16.37 -26.26
CA LEU A 649 20.98 17.32 -26.60
C LEU A 649 20.86 17.47 -28.11
N ILE A 650 19.64 17.39 -28.60
CA ILE A 650 19.34 17.56 -30.01
C ILE A 650 18.40 18.76 -30.16
N GLY A 651 18.76 19.69 -31.03
CA GLY A 651 17.93 20.86 -31.27
C GLY A 651 18.40 22.14 -30.62
N ALA A 652 19.51 22.11 -29.90
CA ALA A 652 20.06 23.29 -29.24
C ALA A 652 21.53 23.45 -29.62
N GLU A 653 22.00 24.69 -29.58
CA GLU A 653 23.39 24.98 -29.95
C GLU A 653 24.21 25.24 -28.70
N TYR A 654 25.40 24.63 -28.64
CA TYR A 654 26.26 24.76 -27.48
C TYR A 654 27.07 26.04 -27.57
N VAL A 655 26.91 26.92 -26.57
CA VAL A 655 27.63 28.18 -26.49
C VAL A 655 28.58 28.12 -25.31
N ASN A 656 29.84 28.50 -25.53
CA ASN A 656 30.86 28.37 -24.49
C ASN A 656 30.74 29.43 -23.39
N ASN A 657 29.87 30.42 -23.57
CA ASN A 657 29.67 31.40 -22.51
C ASN A 657 29.04 30.73 -21.28
N SER A 658 29.09 31.44 -20.17
CA SER A 658 28.58 30.92 -18.91
C SER A 658 27.55 31.90 -18.35
N TYR A 659 26.35 31.41 -18.07
CA TYR A 659 25.28 32.21 -17.52
C TYR A 659 24.65 31.48 -16.34
N GLU A 660 23.82 32.20 -15.59
CA GLU A 660 23.12 31.59 -14.47
C GLU A 660 22.05 30.64 -14.99
N CYS A 661 21.89 29.51 -14.29
CA CYS A 661 21.05 28.43 -14.80
C CYS A 661 19.60 28.86 -14.95
N ASP A 662 19.10 28.80 -16.18
CA ASP A 662 17.69 29.07 -16.46
C ASP A 662 16.86 27.80 -16.47
N ILE A 663 17.20 26.84 -17.31
CA ILE A 663 16.52 25.54 -17.32
C ILE A 663 17.56 24.46 -17.07
N PRO A 664 17.53 23.81 -15.91
CA PRO A 664 18.53 22.77 -15.60
C PRO A 664 18.35 21.55 -16.49
N ILE A 665 19.46 21.09 -17.07
CA ILE A 665 19.47 19.86 -17.84
C ILE A 665 20.10 18.72 -17.07
N GLY A 666 21.28 18.94 -16.52
CA GLY A 666 22.04 17.90 -15.87
C GLY A 666 23.51 17.97 -16.24
N ALA A 667 24.37 17.45 -15.38
CA ALA A 667 25.81 17.49 -15.59
C ALA A 667 26.31 18.92 -15.77
N GLY A 668 25.72 19.84 -14.99
CA GLY A 668 26.16 21.21 -15.00
C GLY A 668 25.88 21.98 -16.27
N ILE A 669 24.83 21.61 -17.01
CA ILE A 669 24.48 22.26 -18.26
C ILE A 669 23.06 22.76 -18.16
N CYS A 670 22.85 24.02 -18.54
CA CYS A 670 21.51 24.61 -18.58
C CYS A 670 21.30 25.29 -19.92
N ALA A 671 20.10 25.14 -20.46
CA ALA A 671 19.71 25.76 -21.71
C ALA A 671 18.79 26.93 -21.45
N SER A 672 18.86 27.94 -22.31
CA SER A 672 18.07 29.14 -22.14
C SER A 672 17.73 29.74 -23.50
N TYR A 673 16.69 30.55 -23.51
CA TYR A 673 16.25 31.25 -24.71
C TYR A 673 16.87 32.64 -24.70
N GLN A 674 17.98 32.80 -25.41
CA GLN A 674 18.69 34.07 -25.47
C GLN A 674 18.73 34.55 -26.91
N THR A 675 18.83 35.87 -27.08
CA THR A 675 18.82 36.45 -28.41
C THR A 675 20.09 36.05 -29.17
N GLN A 676 20.03 36.20 -30.48
CA GLN A 676 21.13 35.84 -31.34
C GLN A 676 22.16 36.96 -31.41
N SER A 688 16.53 35.87 -34.70
CA SER A 688 17.15 36.59 -33.59
C SER A 688 17.00 35.81 -32.29
N GLN A 689 16.09 34.84 -32.29
CA GLN A 689 15.78 34.05 -31.11
C GLN A 689 15.99 32.57 -31.41
N SER A 690 16.60 31.87 -30.46
CA SER A 690 16.86 30.45 -30.59
C SER A 690 17.18 29.89 -29.21
N ILE A 691 17.37 28.58 -29.16
CA ILE A 691 17.63 27.86 -27.90
C ILE A 691 19.09 27.48 -27.87
N ILE A 692 19.78 27.87 -26.79
CA ILE A 692 21.19 27.59 -26.63
C ILE A 692 21.44 26.94 -25.29
N ALA A 693 22.49 26.13 -25.23
CA ALA A 693 22.92 25.45 -24.01
C ALA A 693 24.31 25.90 -23.64
N TYR A 694 24.57 25.96 -22.34
CA TYR A 694 25.84 26.50 -21.85
C TYR A 694 26.21 25.84 -20.54
N THR A 695 27.48 26.00 -20.17
CA THR A 695 28.01 25.40 -18.97
C THR A 695 27.58 26.20 -17.74
N MET A 696 27.67 25.57 -16.58
CA MET A 696 27.39 26.24 -15.32
C MET A 696 28.22 27.51 -15.15
N SER A 697 27.55 28.56 -14.67
CA SER A 697 28.23 29.76 -14.19
C SER A 697 27.87 29.89 -12.71
N LEU A 698 28.80 29.47 -11.85
CA LEU A 698 28.51 29.47 -10.42
C LEU A 698 28.36 30.87 -9.85
N GLY A 699 28.73 31.89 -10.61
CA GLY A 699 28.58 33.26 -10.16
C GLY A 699 29.71 34.12 -10.70
N ALA A 700 29.67 35.39 -10.32
CA ALA A 700 30.71 36.31 -10.72
C ALA A 700 32.03 35.93 -10.06
N GLU A 701 33.09 35.87 -10.86
CA GLU A 701 34.41 35.56 -10.34
C GLU A 701 34.92 36.74 -9.54
N ASN A 702 35.42 36.47 -8.34
CA ASN A 702 35.95 37.50 -7.46
C ASN A 702 37.18 36.98 -6.74
N SER A 703 38.08 37.89 -6.39
CA SER A 703 39.26 37.58 -5.61
C SER A 703 39.40 38.59 -4.50
N VAL A 704 39.78 38.12 -3.32
CA VAL A 704 39.97 38.99 -2.17
C VAL A 704 41.39 39.52 -2.17
N ALA A 705 41.62 40.60 -1.43
CA ALA A 705 42.91 41.27 -1.36
C ALA A 705 43.63 40.99 -0.05
N TYR A 706 43.57 39.74 0.43
CA TYR A 706 44.18 39.39 1.70
C TYR A 706 45.67 39.72 1.71
N SER A 707 46.13 40.28 2.82
CA SER A 707 47.53 40.64 2.99
C SER A 707 47.89 40.51 4.46
N ASN A 708 49.18 40.67 4.77
CA ASN A 708 49.63 40.54 6.14
C ASN A 708 48.99 41.59 7.04
N ASN A 709 48.91 42.83 6.55
CA ASN A 709 48.41 43.94 7.36
C ASN A 709 47.36 44.78 6.62
N SER A 710 46.53 44.14 5.81
CA SER A 710 45.44 44.83 5.12
C SER A 710 44.11 44.44 5.74
N ILE A 711 43.29 45.44 6.07
CA ILE A 711 41.97 45.22 6.63
C ILE A 711 40.97 46.09 5.89
N ALA A 712 39.78 45.56 5.69
CA ALA A 712 38.66 46.31 5.13
C ALA A 712 37.58 46.44 6.20
N ILE A 713 37.18 47.67 6.48
CA ILE A 713 36.12 47.93 7.44
C ILE A 713 35.09 48.87 6.81
N PRO A 714 33.81 48.54 6.85
CA PRO A 714 32.82 49.40 6.21
C PRO A 714 32.69 50.74 6.91
N THR A 715 32.62 51.80 6.12
CA THR A 715 32.38 53.14 6.63
C THR A 715 30.91 53.50 6.62
N ASN A 716 30.05 52.62 6.12
CA ASN A 716 28.63 52.90 6.00
C ASN A 716 27.88 51.58 6.08
N PHE A 717 26.56 51.67 6.08
CA PHE A 717 25.72 50.49 6.21
C PHE A 717 24.40 50.74 5.52
N THR A 718 23.69 49.67 5.23
CA THR A 718 22.37 49.73 4.64
C THR A 718 21.44 48.77 5.37
N ILE A 719 20.15 49.05 5.30
CA ILE A 719 19.13 48.23 5.95
C ILE A 719 18.29 47.58 4.85
N SER A 720 18.30 46.26 4.80
CA SER A 720 17.55 45.50 3.81
C SER A 720 16.50 44.67 4.53
N VAL A 721 15.34 44.54 3.90
CA VAL A 721 14.24 43.76 4.46
C VAL A 721 13.91 42.67 3.46
N THR A 722 14.32 41.44 3.77
CA THR A 722 14.01 40.29 2.94
C THR A 722 12.74 39.62 3.44
N THR A 723 12.30 38.61 2.70
CA THR A 723 11.09 37.87 3.04
C THR A 723 11.36 36.37 3.00
N GLU A 724 10.73 35.66 3.92
CA GLU A 724 10.82 34.21 3.99
C GLU A 724 9.44 33.64 4.18
N ILE A 725 9.10 32.62 3.39
CA ILE A 725 7.78 32.02 3.38
C ILE A 725 7.91 30.56 3.76
N LEU A 726 7.20 30.15 4.81
CA LEU A 726 7.23 28.77 5.27
C LEU A 726 5.80 28.28 5.40
N PRO A 727 5.43 27.22 4.68
CA PRO A 727 4.07 26.67 4.84
C PRO A 727 3.90 26.10 6.24
N VAL A 728 2.66 26.14 6.71
CA VAL A 728 2.37 25.70 8.08
C VAL A 728 1.47 24.47 8.08
N SER A 729 0.43 24.49 7.25
CA SER A 729 -0.54 23.39 7.26
C SER A 729 -1.13 23.25 5.86
N MET A 730 -1.96 22.23 5.71
CA MET A 730 -2.73 22.02 4.48
C MET A 730 -4.15 21.59 4.82
N THR A 731 -4.96 21.46 3.78
CA THR A 731 -6.37 21.15 3.97
C THR A 731 -6.54 19.81 4.66
N LYS A 732 -7.55 19.73 5.53
CA LYS A 732 -7.82 18.52 6.30
C LYS A 732 -8.94 17.74 5.63
N THR A 733 -8.65 16.48 5.28
CA THR A 733 -9.60 15.62 4.60
C THR A 733 -10.04 14.49 5.51
N SER A 734 -11.24 13.98 5.29
CA SER A 734 -11.82 12.92 6.12
C SER A 734 -12.50 11.88 5.23
N VAL A 735 -11.76 11.37 4.25
CA VAL A 735 -12.24 10.36 3.32
C VAL A 735 -12.92 9.23 4.07
N ASP A 736 -14.07 8.79 3.58
CA ASP A 736 -14.80 7.68 4.16
C ASP A 736 -14.82 6.53 3.16
N CYS A 737 -13.97 5.53 3.42
CA CYS A 737 -13.79 4.42 2.49
C CYS A 737 -15.11 3.71 2.20
N THR A 738 -15.97 3.60 3.22
CA THR A 738 -17.19 2.79 3.09
C THR A 738 -17.94 3.11 1.82
N MET A 739 -18.46 4.33 1.72
CA MET A 739 -19.20 4.69 0.52
C MET A 739 -18.35 5.41 -0.51
N TYR A 740 -17.07 5.67 -0.21
CA TYR A 740 -16.16 6.03 -1.30
C TYR A 740 -15.99 4.88 -2.25
N ILE A 741 -15.84 3.67 -1.73
CA ILE A 741 -15.65 2.49 -2.54
C ILE A 741 -16.98 1.85 -2.93
N CYS A 742 -17.90 1.70 -1.97
CA CYS A 742 -19.20 1.11 -2.24
C CYS A 742 -20.26 2.20 -2.12
N GLY A 743 -20.50 2.90 -3.22
CA GLY A 743 -21.59 3.85 -3.26
C GLY A 743 -22.91 3.15 -3.03
N ASP A 744 -23.51 3.39 -1.86
CA ASP A 744 -24.83 2.93 -1.44
C ASP A 744 -25.20 1.55 -1.98
N SER A 745 -24.28 0.60 -1.87
CA SER A 745 -24.50 -0.77 -2.31
C SER A 745 -24.37 -1.69 -1.11
N THR A 746 -25.49 -2.30 -0.70
CA THR A 746 -25.49 -3.14 0.49
C THR A 746 -24.58 -4.35 0.32
N GLU A 747 -24.64 -4.99 -0.84
CA GLU A 747 -23.80 -6.16 -1.09
C GLU A 747 -22.32 -5.78 -1.13
N CYS A 748 -22.01 -4.62 -1.72
CA CYS A 748 -20.63 -4.17 -1.71
C CYS A 748 -20.15 -3.90 -0.29
N SER A 749 -21.01 -3.32 0.54
CA SER A 749 -20.65 -3.12 1.94
C SER A 749 -20.40 -4.46 2.64
N ASN A 750 -21.25 -5.45 2.35
CA ASN A 750 -21.05 -6.77 2.93
C ASN A 750 -19.72 -7.36 2.50
N LEU A 751 -19.37 -7.23 1.22
CA LEU A 751 -18.08 -7.71 0.75
C LEU A 751 -16.93 -6.98 1.43
N LEU A 752 -17.06 -5.67 1.60
CA LEU A 752 -16.02 -4.90 2.28
C LEU A 752 -15.87 -5.35 3.72
N LEU A 753 -16.97 -5.77 4.36
CA LEU A 753 -16.90 -6.24 5.73
C LEU A 753 -15.98 -7.44 5.89
N GLN A 754 -15.75 -8.19 4.82
CA GLN A 754 -14.86 -9.34 4.88
C GLN A 754 -13.39 -8.96 4.92
N TYR A 755 -13.07 -7.69 4.71
CA TYR A 755 -11.68 -7.23 4.72
C TYR A 755 -11.23 -6.71 6.07
N GLY A 756 -11.98 -7.01 7.13
CA GLY A 756 -11.55 -6.65 8.46
C GLY A 756 -11.55 -5.14 8.67
N SER A 757 -10.74 -4.72 9.64
CA SER A 757 -10.64 -3.31 9.99
C SER A 757 -9.64 -2.60 9.11
N PHE A 758 -9.75 -2.81 7.80
CA PHE A 758 -8.87 -2.13 6.86
C PHE A 758 -9.35 -0.72 6.54
N CYS A 759 -10.45 -0.30 7.16
CA CYS A 759 -11.01 1.04 7.00
C CYS A 759 -10.80 1.92 8.23
N THR A 760 -10.95 1.33 9.41
CA THR A 760 -10.69 2.08 10.65
C THR A 760 -9.28 2.64 10.66
N GLN A 761 -8.32 1.90 10.10
CA GLN A 761 -6.96 2.40 10.03
C GLN A 761 -6.90 3.69 9.22
N LEU A 762 -7.55 3.71 8.07
CA LEU A 762 -7.52 4.89 7.22
C LEU A 762 -8.20 6.08 7.90
N LYS A 763 -9.37 5.83 8.51
CA LYS A 763 -10.08 6.93 9.17
C LYS A 763 -9.25 7.49 10.30
N ARG A 764 -8.65 6.61 11.11
CA ARG A 764 -7.83 7.08 12.23
C ARG A 764 -6.61 7.83 11.75
N ALA A 765 -5.97 7.36 10.67
CA ALA A 765 -4.80 8.06 10.15
C ALA A 765 -5.17 9.44 9.67
N LEU A 766 -6.29 9.57 8.95
CA LEU A 766 -6.68 10.88 8.43
C LEU A 766 -7.04 11.84 9.56
N THR A 767 -7.79 11.37 10.56
CA THR A 767 -8.12 12.25 11.66
C THR A 767 -6.89 12.64 12.46
N GLY A 768 -5.91 11.72 12.57
CA GLY A 768 -4.66 12.08 13.21
C GLY A 768 -3.91 13.14 12.44
N ILE A 769 -3.89 13.02 11.11
CA ILE A 769 -3.22 14.04 10.30
C ILE A 769 -3.86 15.40 10.51
N ALA A 770 -5.20 15.44 10.52
CA ALA A 770 -5.88 16.70 10.79
C ALA A 770 -5.48 17.26 12.15
N VAL A 771 -5.40 16.40 13.16
CA VAL A 771 -5.04 16.85 14.50
C VAL A 771 -3.63 17.43 14.52
N GLU A 772 -2.67 16.73 13.89
CA GLU A 772 -1.32 17.28 13.85
C GLU A 772 -1.25 18.60 13.11
N GLN A 773 -2.05 18.77 12.05
CA GLN A 773 -2.00 20.05 11.34
C GLN A 773 -2.54 21.19 12.21
N ASP A 774 -3.63 20.92 12.93
CA ASP A 774 -4.15 21.93 13.86
C ASP A 774 -3.11 22.25 14.92
N LYS A 775 -2.45 21.23 15.45
CA LYS A 775 -1.39 21.46 16.43
C LYS A 775 -0.25 22.26 15.84
N ASN A 776 0.08 22.01 14.57
CA ASN A 776 1.16 22.74 13.93
C ASN A 776 0.86 24.23 13.88
N THR A 777 -0.34 24.59 13.41
CA THR A 777 -0.67 26.01 13.34
C THR A 777 -0.73 26.62 14.74
N GLN A 778 -1.25 25.87 15.72
CA GLN A 778 -1.32 26.38 17.07
C GLN A 778 0.08 26.67 17.64
N GLU A 779 1.02 25.73 17.45
CA GLU A 779 2.37 25.94 17.93
C GLU A 779 3.02 27.13 17.23
N VAL A 780 2.84 27.23 15.92
CA VAL A 780 3.61 28.21 15.16
C VAL A 780 3.04 29.61 15.35
N PHE A 781 1.81 29.71 15.83
CA PHE A 781 1.26 31.05 16.00
C PHE A 781 0.93 31.42 17.45
N ALA A 782 0.13 30.61 18.13
CA ALA A 782 -0.30 30.95 19.47
C ALA A 782 0.86 30.84 20.46
N GLN A 783 1.79 31.79 20.41
CA GLN A 783 2.95 31.76 21.28
C GLN A 783 2.81 32.67 22.50
N VAL A 784 2.02 33.74 22.41
CA VAL A 784 1.83 34.66 23.51
C VAL A 784 0.41 34.50 24.03
N LYS A 785 0.29 34.39 25.35
CA LYS A 785 -1.01 34.14 25.96
C LYS A 785 -1.88 35.40 25.97
N GLN A 786 -1.26 36.57 26.02
CA GLN A 786 -1.99 37.83 26.07
C GLN A 786 -2.04 38.44 24.68
N ILE A 787 -3.24 38.87 24.27
CA ILE A 787 -3.40 39.56 22.99
C ILE A 787 -3.19 41.06 23.23
N TYR A 788 -2.24 41.64 22.51
CA TYR A 788 -1.92 43.04 22.66
C TYR A 788 -2.43 43.83 21.46
N LYS A 789 -2.58 45.14 21.65
CA LYS A 789 -2.97 46.02 20.57
C LYS A 789 -2.05 47.23 20.55
N THR A 790 -1.78 47.74 19.35
CA THR A 790 -0.93 48.88 19.19
C THR A 790 -1.59 50.13 19.77
N PRO A 791 -0.80 51.05 20.31
CA PRO A 791 -1.35 52.34 20.75
C PRO A 791 -2.03 53.05 19.60
N PRO A 792 -3.06 53.86 19.89
CA PRO A 792 -3.78 54.53 18.79
C PRO A 792 -2.89 55.40 17.93
N ILE A 793 -1.91 56.07 18.51
CA ILE A 793 -0.99 56.90 17.76
C ILE A 793 0.12 56.03 17.22
N LYS A 794 0.51 56.28 15.97
CA LYS A 794 1.55 55.49 15.31
C LYS A 794 2.66 56.43 14.86
N TYR A 795 3.54 56.79 15.80
CA TYR A 795 4.77 57.51 15.50
C TYR A 795 5.87 56.86 16.33
N PHE A 796 6.54 55.88 15.72
CA PHE A 796 7.60 55.13 16.41
C PHE A 796 8.96 55.64 15.94
N GLY A 797 9.25 56.87 16.35
CA GLY A 797 10.53 57.48 16.03
C GLY A 797 10.80 57.64 14.55
N GLY A 798 9.80 58.01 13.77
CA GLY A 798 9.94 58.19 12.34
C GLY A 798 9.72 56.93 11.54
N PHE A 799 9.74 55.76 12.17
CA PHE A 799 9.50 54.53 11.46
C PHE A 799 8.03 54.40 11.07
N ASN A 800 7.79 53.78 9.93
CA ASN A 800 6.45 53.67 9.35
C ASN A 800 6.06 52.19 9.36
N PHE A 801 4.91 51.89 9.97
CA PHE A 801 4.44 50.51 10.08
C PHE A 801 3.04 50.31 9.51
N SER A 802 2.50 51.28 8.78
CA SER A 802 1.17 51.12 8.22
C SER A 802 1.09 49.95 7.26
N GLN A 803 2.18 49.62 6.59
CA GLN A 803 2.19 48.51 5.64
C GLN A 803 2.04 47.16 6.30
N ILE A 804 2.33 47.05 7.60
CA ILE A 804 2.23 45.78 8.30
C ILE A 804 1.17 45.79 9.40
N LEU A 805 0.81 46.94 9.94
CA LEU A 805 -0.23 46.99 10.94
C LEU A 805 -1.59 46.68 10.32
N PRO A 806 -2.53 46.16 11.10
CA PRO A 806 -3.87 45.89 10.58
C PRO A 806 -4.56 47.18 10.16
N ASP A 807 -5.39 47.07 9.13
CA ASP A 807 -6.09 48.24 8.60
C ASP A 807 -7.48 48.30 9.20
N PRO A 808 -7.78 49.29 10.04
CA PRO A 808 -9.14 49.39 10.59
C PRO A 808 -10.21 49.58 9.54
N SER A 809 -9.91 50.28 8.44
CA SER A 809 -10.88 50.45 7.38
C SER A 809 -11.27 49.13 6.75
N LYS A 810 -10.30 48.25 6.55
CA LYS A 810 -10.59 46.94 5.99
C LYS A 810 -11.41 46.13 6.99
N PRO A 811 -12.56 45.58 6.57
CA PRO A 811 -13.40 44.84 7.53
C PRO A 811 -12.74 43.59 8.08
N SER A 812 -11.77 43.01 7.37
CA SER A 812 -11.08 41.83 7.87
C SER A 812 -9.94 42.16 8.81
N LYS A 813 -9.57 43.44 8.93
CA LYS A 813 -8.50 43.88 9.82
C LYS A 813 -7.18 43.18 9.50
N ARG A 814 -6.70 43.41 8.29
CA ARG A 814 -5.50 42.76 7.79
C ARG A 814 -4.51 43.80 7.30
N SER A 815 -3.24 43.42 7.27
CA SER A 815 -2.22 44.31 6.75
C SER A 815 -2.34 44.43 5.23
N PRO A 816 -1.88 45.54 4.66
CA PRO A 816 -1.85 45.63 3.19
C PRO A 816 -1.05 44.51 2.54
N ILE A 817 0.07 44.13 3.15
CA ILE A 817 0.84 42.99 2.66
C ILE A 817 0.02 41.71 2.78
N GLU A 818 -0.69 41.57 3.91
CA GLU A 818 -1.54 40.40 4.11
C GLU A 818 -2.59 40.29 3.02
N ASP A 819 -3.12 41.43 2.57
CA ASP A 819 -4.07 41.43 1.47
C ASP A 819 -3.44 40.87 0.20
N LEU A 820 -2.20 41.28 -0.10
CA LEU A 820 -1.52 40.75 -1.27
C LEU A 820 -1.30 39.26 -1.16
N LEU A 821 -0.92 38.78 0.03
CA LEU A 821 -0.74 37.34 0.21
C LEU A 821 -2.05 36.60 0.01
N PHE A 822 -3.15 37.14 0.54
CA PHE A 822 -4.43 36.45 0.40
C PHE A 822 -4.93 36.48 -1.04
N ASN A 823 -4.61 37.53 -1.78
CA ASN A 823 -5.10 37.64 -3.15
C ASN A 823 -4.24 36.91 -4.16
N LYS A 824 -2.95 36.71 -3.88
CA LYS A 824 -2.06 36.02 -4.78
C LYS A 824 -2.09 34.51 -4.60
N VAL A 825 -2.92 34.00 -3.70
CA VAL A 825 -3.08 32.57 -3.50
C VAL A 825 -4.53 32.21 -3.78
N THR A 826 -4.74 31.21 -4.65
CA THR A 826 -6.06 30.77 -5.05
C THR A 826 -6.28 29.35 -4.54
N LEU A 827 -7.33 29.15 -3.76
CA LEU A 827 -7.64 27.84 -3.20
C LEU A 827 -8.79 27.22 -3.99
N ALA A 828 -8.54 26.03 -4.55
CA ALA A 828 -9.60 25.30 -5.23
C ALA A 828 -10.70 24.90 -4.26
N ASP A 829 -10.32 24.40 -3.08
CA ASP A 829 -11.26 23.96 -2.06
C ASP A 829 -11.09 24.82 -0.82
N ALA A 830 -12.00 25.79 -0.64
CA ALA A 830 -11.95 26.64 0.54
C ALA A 830 -12.28 25.86 1.81
N GLY A 831 -13.22 24.94 1.73
CA GLY A 831 -13.64 24.15 2.89
C GLY A 831 -14.84 24.69 3.65
N PHE A 832 -14.75 25.94 4.11
CA PHE A 832 -15.84 26.59 4.83
C PHE A 832 -16.85 27.19 3.87
N ILE A 833 -17.38 26.37 2.96
CA ILE A 833 -18.24 26.84 1.90
C ILE A 833 -19.68 26.36 2.05
N LYS A 834 -19.90 25.19 2.64
CA LYS A 834 -21.23 24.58 2.68
C LYS A 834 -21.81 24.50 1.27
N GLN A 835 -21.00 24.03 0.33
CA GLN A 835 -21.33 24.11 -1.09
C GLN A 835 -22.54 23.27 -1.48
N TYR A 836 -22.97 22.35 -0.61
CA TYR A 836 -24.20 21.63 -0.90
C TYR A 836 -25.37 22.60 -0.99
N GLY A 837 -26.19 22.43 -2.03
CA GLY A 837 -27.28 23.33 -2.33
C GLY A 837 -27.08 24.12 -3.62
N ASP A 838 -25.84 24.30 -4.06
CA ASP A 838 -25.56 24.95 -5.32
C ASP A 838 -24.95 24.01 -6.36
N CYS A 839 -24.59 22.79 -5.98
CA CYS A 839 -24.14 21.81 -6.98
C CYS A 839 -25.27 21.48 -7.95
N LEU A 840 -26.49 21.36 -7.44
CA LEU A 840 -27.65 21.23 -8.32
C LEU A 840 -27.86 22.50 -9.16
N GLY A 841 -27.48 23.64 -8.60
CA GLY A 841 -27.56 24.93 -9.28
C GLY A 841 -26.30 25.36 -9.99
N ASP A 842 -25.39 24.42 -10.29
CA ASP A 842 -24.14 24.77 -10.96
C ASP A 842 -24.35 25.26 -12.38
N ILE A 843 -25.51 24.95 -12.99
CA ILE A 843 -25.83 25.31 -14.36
C ILE A 843 -24.81 24.68 -15.32
N ALA A 844 -23.56 25.11 -15.23
CA ALA A 844 -22.50 24.55 -16.05
C ALA A 844 -22.05 23.22 -15.45
N ALA A 845 -20.97 22.67 -15.98
CA ALA A 845 -20.41 21.43 -15.44
C ALA A 845 -19.95 21.67 -14.00
N ARG A 846 -20.31 20.76 -13.11
CA ARG A 846 -19.99 20.90 -11.71
C ARG A 846 -18.48 20.86 -11.50
N ASP A 847 -18.02 21.58 -10.48
CA ASP A 847 -16.60 21.83 -10.29
C ASP A 847 -15.96 20.72 -9.46
N LEU A 848 -14.70 20.96 -9.08
CA LEU A 848 -13.95 19.95 -8.35
C LEU A 848 -14.61 19.61 -7.03
N ILE A 849 -15.13 20.62 -6.32
CA ILE A 849 -15.65 20.38 -4.97
C ILE A 849 -16.93 19.55 -5.02
N CYS A 850 -17.83 19.89 -5.94
CA CYS A 850 -19.03 19.06 -6.11
C CYS A 850 -18.66 17.66 -6.54
N ALA A 851 -17.64 17.54 -7.41
CA ALA A 851 -17.17 16.22 -7.81
C ALA A 851 -16.70 15.40 -6.61
N GLN A 852 -15.92 16.02 -5.72
CA GLN A 852 -15.48 15.34 -4.51
C GLN A 852 -16.65 14.95 -3.63
N LYS A 853 -17.61 15.86 -3.47
CA LYS A 853 -18.79 15.56 -2.66
C LYS A 853 -19.57 14.38 -3.24
N PHE A 854 -19.48 14.17 -4.56
CA PHE A 854 -20.23 13.09 -5.18
C PHE A 854 -19.80 11.72 -4.68
N ASN A 855 -18.50 11.50 -4.48
CA ASN A 855 -17.98 10.16 -4.29
C ASN A 855 -17.19 10.05 -3.00
N GLY A 856 -17.76 10.52 -1.91
CA GLY A 856 -17.23 10.23 -0.59
C GLY A 856 -15.88 10.83 -0.26
N LEU A 857 -15.72 12.11 -0.56
CA LEU A 857 -14.52 12.84 -0.20
C LEU A 857 -14.91 14.26 0.17
N THR A 858 -14.61 14.64 1.41
CA THR A 858 -14.96 15.96 1.92
C THR A 858 -13.74 16.60 2.58
N VAL A 859 -13.79 17.93 2.70
CA VAL A 859 -12.72 18.69 3.33
C VAL A 859 -13.23 19.24 4.65
N LEU A 860 -12.45 19.04 5.72
CA LEU A 860 -12.81 19.51 7.05
C LEU A 860 -12.20 20.88 7.28
N PRO A 861 -12.99 21.92 7.56
CA PRO A 861 -12.42 23.26 7.70
C PRO A 861 -11.54 23.34 8.93
N PRO A 862 -10.51 24.19 8.91
CA PRO A 862 -9.60 24.30 10.04
C PRO A 862 -10.27 24.95 11.25
N LEU A 863 -9.73 24.65 12.42
CA LEU A 863 -10.26 25.24 13.65
C LEU A 863 -9.99 26.73 13.71
N LEU A 864 -8.74 27.13 13.49
CA LEU A 864 -8.35 28.54 13.56
C LEU A 864 -8.66 29.20 12.21
N THR A 865 -9.72 29.99 12.17
CA THR A 865 -10.14 30.67 10.96
C THR A 865 -9.09 31.68 10.54
N ASP A 866 -9.01 31.93 9.23
CA ASP A 866 -8.09 32.92 8.67
C ASP A 866 -8.29 34.30 9.28
N GLU A 867 -9.37 34.47 10.03
CA GLU A 867 -9.59 35.77 10.67
C GLU A 867 -8.76 35.94 11.94
N MET A 868 -9.06 35.18 13.01
CA MET A 868 -8.44 35.47 14.29
C MET A 868 -6.95 35.18 14.27
N ILE A 869 -6.50 34.38 13.31
CA ILE A 869 -5.07 34.16 13.15
C ILE A 869 -4.36 35.47 12.84
N ALA A 870 -4.97 36.31 12.00
CA ALA A 870 -4.43 37.64 11.77
C ALA A 870 -4.42 38.45 13.06
N GLN A 871 -5.37 38.20 13.94
CA GLN A 871 -5.34 38.84 15.26
C GLN A 871 -4.13 38.38 16.06
N TYR A 872 -3.79 37.09 15.96
CA TYR A 872 -2.58 36.60 16.62
C TYR A 872 -1.32 37.27 16.07
N THR A 873 -1.23 37.35 14.74
CA THR A 873 -0.07 38.03 14.15
C THR A 873 -0.03 39.50 14.55
N SER A 874 -1.19 40.14 14.62
CA SER A 874 -1.24 41.53 15.04
C SER A 874 -0.76 41.69 16.47
N ALA A 875 -1.18 40.80 17.36
CA ALA A 875 -0.73 40.86 18.74
C ALA A 875 0.78 40.67 18.82
N LEU A 876 1.31 39.70 18.09
CA LEU A 876 2.75 39.47 18.09
C LEU A 876 3.50 40.69 17.58
N LEU A 877 3.01 41.29 16.48
CA LEU A 877 3.68 42.45 15.91
C LEU A 877 3.64 43.63 16.86
N ALA A 878 2.49 43.85 17.51
CA ALA A 878 2.40 44.95 18.47
C ALA A 878 3.30 44.72 19.67
N GLY A 879 3.48 43.46 20.09
CA GLY A 879 4.39 43.19 21.18
C GLY A 879 5.83 43.48 20.87
N THR A 880 6.27 43.22 19.65
CA THR A 880 7.68 43.30 19.29
C THR A 880 8.14 44.69 18.91
N ILE A 881 7.22 45.64 18.75
CA ILE A 881 7.60 47.01 18.44
C ILE A 881 7.32 47.99 19.57
N THR A 882 6.52 47.61 20.57
CA THR A 882 6.27 48.47 21.70
C THR A 882 6.93 47.97 22.99
N SER A 883 7.46 46.75 22.99
CA SER A 883 8.05 46.18 24.19
C SER A 883 9.36 45.45 23.92
N GLY A 884 9.95 45.63 22.73
CA GLY A 884 11.16 44.90 22.41
C GLY A 884 10.91 43.40 22.41
N TRP A 885 11.76 42.68 23.14
CA TRP A 885 11.61 41.24 23.30
C TRP A 885 11.34 40.85 24.74
N THR A 886 10.95 41.79 25.59
CA THR A 886 10.69 41.45 26.98
C THR A 886 9.44 40.59 27.12
N PHE A 887 8.41 40.86 26.32
CA PHE A 887 7.15 40.15 26.48
C PHE A 887 7.24 38.68 26.13
N GLY A 888 8.30 38.25 25.45
CA GLY A 888 8.44 36.84 25.15
C GLY A 888 9.05 36.00 26.25
N ALA A 889 9.66 36.65 27.25
CA ALA A 889 10.24 35.95 28.38
C ALA A 889 9.44 36.17 29.67
N GLY A 890 8.87 37.36 29.85
CA GLY A 890 8.07 37.64 31.02
C GLY A 890 7.00 38.67 30.73
N PRO A 891 6.69 39.50 31.72
CA PRO A 891 5.70 40.55 31.51
C PRO A 891 6.14 41.52 30.43
N ALA A 892 5.18 42.07 29.70
CA ALA A 892 5.46 43.00 28.62
C ALA A 892 5.91 44.33 29.21
N LEU A 893 7.15 44.71 28.96
CA LEU A 893 7.71 45.96 29.45
C LEU A 893 7.93 46.90 28.27
N GLN A 894 7.30 48.06 28.30
CA GLN A 894 7.35 48.97 27.16
C GLN A 894 8.73 49.58 27.03
N ILE A 895 9.25 49.58 25.81
CA ILE A 895 10.52 50.22 25.48
C ILE A 895 10.30 51.00 24.19
N PRO A 896 10.63 52.30 24.16
CA PRO A 896 10.42 53.06 22.93
C PRO A 896 11.28 52.52 21.79
N PHE A 897 10.72 52.60 20.59
CA PHE A 897 11.37 52.01 19.42
C PHE A 897 12.79 52.53 19.18
N PRO A 898 13.12 53.81 19.38
CA PRO A 898 14.52 54.24 19.21
C PRO A 898 15.52 53.44 20.00
N MET A 899 15.41 53.40 21.34
CA MET A 899 16.42 52.66 22.08
C MET A 899 16.22 51.15 21.94
N GLN A 900 15.04 50.71 21.50
CA GLN A 900 14.96 49.31 21.11
C GLN A 900 15.90 49.02 19.94
N MET A 901 15.88 49.86 18.91
CA MET A 901 16.84 49.72 17.83
C MET A 901 18.28 49.90 18.33
N ALA A 902 18.46 50.79 19.30
CA ALA A 902 19.79 50.92 19.88
C ALA A 902 20.27 49.59 20.45
N TYR A 903 19.39 48.88 21.12
CA TYR A 903 19.78 47.62 21.73
C TYR A 903 19.99 46.53 20.69
N ARG A 904 19.19 46.54 19.64
CA ARG A 904 19.39 45.59 18.54
C ARG A 904 20.71 45.84 17.84
N PHE A 905 21.12 47.11 17.75
CA PHE A 905 22.46 47.44 17.25
C PHE A 905 23.53 46.96 18.22
N ASN A 906 23.28 47.13 19.51
CA ASN A 906 24.27 46.73 20.51
C ASN A 906 24.43 45.22 20.56
N GLY A 907 23.38 44.46 20.25
CA GLY A 907 23.46 43.02 20.30
C GLY A 907 24.20 42.39 19.13
N ILE A 908 24.52 43.17 18.09
CA ILE A 908 25.26 42.65 16.96
C ILE A 908 26.73 43.07 16.98
N GLY A 909 27.04 44.14 17.70
CA GLY A 909 28.42 44.57 17.83
C GLY A 909 28.71 46.00 17.40
N VAL A 910 27.68 46.83 17.21
CA VAL A 910 27.87 48.25 16.93
C VAL A 910 27.19 49.04 18.04
N THR A 911 27.87 50.10 18.50
CA THR A 911 27.34 50.90 19.60
C THR A 911 26.13 51.72 19.15
N GLN A 912 25.30 52.08 20.13
CA GLN A 912 24.05 52.76 19.84
C GLN A 912 24.28 54.18 19.32
N ASN A 913 25.50 54.69 19.45
CA ASN A 913 25.77 56.06 19.04
C ASN A 913 25.50 56.25 17.55
N VAL A 914 25.88 55.28 16.72
CA VAL A 914 25.70 55.46 15.28
C VAL A 914 24.22 55.55 14.94
N LEU A 915 23.39 54.75 15.60
CA LEU A 915 21.95 54.85 15.39
C LEU A 915 21.44 56.21 15.85
N TYR A 916 21.88 56.68 17.00
CA TYR A 916 21.41 57.98 17.45
C TYR A 916 21.90 59.13 16.59
N GLU A 917 22.96 58.95 15.81
CA GLU A 917 23.32 59.96 14.83
C GLU A 917 22.53 59.84 13.54
N ASN A 918 22.36 58.64 13.02
CA ASN A 918 21.77 58.43 11.69
C ASN A 918 20.37 57.86 11.80
N GLN A 919 19.64 58.26 12.85
CA GLN A 919 18.24 57.85 13.00
C GLN A 919 17.42 58.17 11.76
N LYS A 920 17.54 59.39 11.24
CA LYS A 920 16.75 59.76 10.06
C LYS A 920 17.10 58.88 8.87
N LEU A 921 18.40 58.65 8.65
CA LEU A 921 18.81 57.85 7.51
C LEU A 921 18.33 56.41 7.62
N ILE A 922 18.44 55.81 8.81
CA ILE A 922 18.01 54.43 8.95
C ILE A 922 16.50 54.32 8.82
N ALA A 923 15.76 55.31 9.36
CA ALA A 923 14.31 55.30 9.20
C ALA A 923 13.93 55.38 7.72
N ASN A 924 14.58 56.26 6.97
CA ASN A 924 14.28 56.37 5.55
C ASN A 924 14.63 55.09 4.81
N GLN A 925 15.76 54.49 5.14
CA GLN A 925 16.15 53.23 4.49
C GLN A 925 15.14 52.14 4.78
N PHE A 926 14.70 52.03 6.04
CA PHE A 926 13.74 51.00 6.40
C PHE A 926 12.42 51.22 5.68
N ASN A 927 11.97 52.47 5.61
CA ASN A 927 10.74 52.78 4.90
C ASN A 927 10.87 52.42 3.42
N SER A 928 12.01 52.73 2.81
CA SER A 928 12.21 52.42 1.40
C SER A 928 12.19 50.91 1.18
N ALA A 929 12.84 50.15 2.06
CA ALA A 929 12.83 48.70 1.92
C ALA A 929 11.42 48.14 2.07
N ILE A 930 10.67 48.65 3.04
CA ILE A 930 9.29 48.19 3.23
C ILE A 930 8.47 48.48 1.99
N GLY A 931 8.60 49.68 1.43
CA GLY A 931 7.85 50.00 0.23
C GLY A 931 8.25 49.12 -0.94
N LYS A 932 9.54 48.86 -1.10
CA LYS A 932 10.01 48.06 -2.23
C LYS A 932 9.58 46.61 -2.14
N ILE A 933 9.47 46.06 -0.93
CA ILE A 933 9.11 44.65 -0.83
C ILE A 933 7.68 44.42 -1.29
N GLN A 934 6.81 45.41 -1.10
CA GLN A 934 5.44 45.30 -1.60
C GLN A 934 5.43 45.17 -3.12
N ASP A 935 6.22 46.01 -3.79
CA ASP A 935 6.32 45.92 -5.24
C ASP A 935 6.98 44.62 -5.67
N SER A 936 7.93 44.12 -4.87
CA SER A 936 8.57 42.85 -5.19
C SER A 936 7.56 41.71 -5.16
N LEU A 937 6.69 41.69 -4.15
CA LEU A 937 5.66 40.65 -4.09
C LEU A 937 4.58 40.87 -5.15
N PHE A 938 4.30 42.13 -5.51
CA PHE A 938 3.27 42.40 -6.50
C PHE A 938 3.72 41.98 -7.90
N SER A 939 4.94 42.35 -8.28
CA SER A 939 5.42 42.18 -9.65
C SER A 939 6.01 40.80 -9.92
N THR A 940 6.31 40.02 -8.88
CA THR A 940 6.88 38.70 -9.08
C THR A 940 5.83 37.78 -9.72
N PRO A 941 6.27 36.84 -10.57
CA PRO A 941 5.33 35.86 -11.12
C PRO A 941 4.77 34.96 -10.04
N SER A 942 5.65 34.35 -9.25
CA SER A 942 5.22 33.52 -8.13
C SER A 942 6.36 33.46 -7.12
N ALA A 943 6.28 34.33 -6.10
CA ALA A 943 7.18 34.23 -4.96
C ALA A 943 6.58 33.43 -3.82
N LEU A 944 5.26 33.29 -3.79
CA LEU A 944 4.58 32.48 -2.80
C LEU A 944 4.49 31.04 -3.29
N GLY A 945 5.45 30.67 -4.15
CA GLY A 945 5.39 29.39 -4.82
C GLY A 945 5.34 28.19 -3.90
N LYS A 946 5.82 28.31 -2.68
CA LYS A 946 5.80 27.17 -1.76
C LYS A 946 4.38 26.85 -1.33
N LEU A 947 3.63 27.86 -0.89
CA LEU A 947 2.24 27.63 -0.50
C LEU A 947 1.40 27.18 -1.69
N GLN A 948 1.63 27.80 -2.85
CA GLN A 948 0.91 27.41 -4.05
C GLN A 948 1.23 25.97 -4.44
N ASP A 949 2.48 25.57 -4.29
CA ASP A 949 2.87 24.19 -4.58
C ASP A 949 2.20 23.22 -3.62
N VAL A 950 2.12 23.58 -2.34
CA VAL A 950 1.44 22.71 -1.38
C VAL A 950 -0.03 22.54 -1.78
N VAL A 951 -0.69 23.65 -2.09
CA VAL A 951 -2.11 23.59 -2.45
C VAL A 951 -2.29 22.77 -3.73
N ASN A 952 -1.41 23.00 -4.72
CA ASN A 952 -1.52 22.30 -5.99
C ASN A 952 -1.29 20.81 -5.83
N HIS A 953 -0.31 20.42 -5.00
CA HIS A 953 -0.06 19.01 -4.77
C HIS A 953 -1.26 18.35 -4.10
N ASN A 954 -1.84 19.03 -3.10
CA ASN A 954 -3.00 18.47 -2.43
C ASN A 954 -4.15 18.30 -3.41
N ALA A 955 -4.40 19.33 -4.24
CA ALA A 955 -5.49 19.26 -5.19
C ALA A 955 -5.24 18.17 -6.24
N GLN A 956 -3.99 18.01 -6.68
CA GLN A 956 -3.68 17.00 -7.67
C GLN A 956 -3.88 15.60 -7.10
N ALA A 957 -3.45 15.38 -5.86
CA ALA A 957 -3.70 14.09 -5.22
C ALA A 957 -5.18 13.82 -5.09
N LEU A 958 -5.95 14.83 -4.70
CA LEU A 958 -7.39 14.67 -4.59
C LEU A 958 -8.00 14.31 -5.95
N ASN A 959 -7.56 15.01 -7.00
CA ASN A 959 -8.11 14.78 -8.32
C ASN A 959 -7.79 13.39 -8.84
N THR A 960 -6.56 12.93 -8.63
CA THR A 960 -6.23 11.59 -9.11
C THR A 960 -6.97 10.53 -8.30
N LEU A 961 -7.16 10.76 -7.00
CA LEU A 961 -7.96 9.83 -6.21
C LEU A 961 -9.38 9.74 -6.75
N VAL A 962 -9.99 10.89 -7.05
CA VAL A 962 -11.34 10.89 -7.61
C VAL A 962 -11.36 10.17 -8.95
N LYS A 963 -10.38 10.46 -9.81
CA LYS A 963 -10.35 9.86 -11.14
C LYS A 963 -10.13 8.36 -11.09
N GLN A 964 -9.53 7.84 -10.02
CA GLN A 964 -9.27 6.41 -9.95
C GLN A 964 -10.54 5.56 -9.94
N LEU A 965 -11.69 6.14 -9.65
CA LEU A 965 -12.94 5.40 -9.74
C LEU A 965 -13.37 5.15 -11.18
N SER A 966 -12.70 5.74 -12.16
CA SER A 966 -13.02 5.57 -13.57
C SER A 966 -12.30 4.38 -14.20
N SER A 967 -11.57 3.60 -13.40
CA SER A 967 -10.80 2.49 -13.91
C SER A 967 -11.51 1.18 -13.62
N LYS A 968 -11.71 0.37 -14.67
CA LYS A 968 -12.36 -0.92 -14.50
C LYS A 968 -11.53 -1.87 -13.64
N PHE A 969 -10.24 -1.60 -13.48
CA PHE A 969 -9.33 -2.41 -12.67
C PHE A 969 -9.28 -3.85 -13.14
N GLY A 970 -9.66 -4.12 -14.38
CA GLY A 970 -9.68 -5.48 -14.88
C GLY A 970 -11.02 -6.18 -14.79
N ALA A 971 -12.09 -5.45 -14.51
CA ALA A 971 -13.43 -6.03 -14.45
C ALA A 971 -14.23 -5.61 -15.67
N ILE A 972 -15.51 -5.98 -15.66
CA ILE A 972 -16.37 -5.72 -16.81
C ILE A 972 -16.57 -4.22 -17.00
N SER A 973 -16.85 -3.50 -15.92
CA SER A 973 -17.10 -2.08 -16.02
C SER A 973 -16.67 -1.39 -14.73
N SER A 974 -16.51 -0.07 -14.82
CA SER A 974 -16.08 0.75 -13.70
C SER A 974 -17.25 1.26 -12.87
N VAL A 975 -18.47 0.88 -13.21
CA VAL A 975 -19.66 1.32 -12.49
C VAL A 975 -20.18 0.14 -11.65
N LEU A 976 -20.03 0.26 -10.33
CA LEU A 976 -20.47 -0.80 -9.44
C LEU A 976 -21.97 -1.03 -9.57
N ASN A 977 -22.74 0.05 -9.61
CA ASN A 977 -24.19 -0.08 -9.74
C ASN A 977 -24.58 -0.73 -11.06
N ASP A 978 -23.87 -0.43 -12.15
CA ASP A 978 -24.12 -1.09 -13.42
C ASP A 978 -23.83 -2.58 -13.32
N ILE A 979 -22.70 -2.95 -12.72
CA ILE A 979 -22.37 -4.36 -12.57
C ILE A 979 -23.43 -5.07 -11.74
N LEU A 980 -23.87 -4.44 -10.66
CA LEU A 980 -24.88 -5.03 -9.79
C LEU A 980 -26.18 -5.28 -10.56
N SER A 981 -26.65 -4.28 -11.29
CA SER A 981 -27.93 -4.37 -11.98
C SER A 981 -27.87 -5.22 -13.23
N ARG A 982 -26.68 -5.64 -13.68
CA ARG A 982 -26.54 -6.37 -14.93
C ARG A 982 -26.28 -7.86 -14.74
N LEU A 983 -25.50 -8.26 -13.74
CA LEU A 983 -25.14 -9.64 -13.54
C LEU A 983 -25.68 -10.15 -12.20
N ASP A 984 -25.71 -11.48 -12.08
CA ASP A 984 -26.15 -12.12 -10.86
C ASP A 984 -25.12 -11.93 -9.75
N PRO A 985 -25.55 -12.07 -8.48
CA PRO A 985 -24.63 -11.89 -7.35
C PRO A 985 -23.40 -12.77 -7.44
N PRO A 986 -23.54 -14.10 -7.59
CA PRO A 986 -22.35 -14.96 -7.47
C PRO A 986 -21.38 -14.89 -8.64
N GLU A 987 -21.72 -14.16 -9.70
CA GLU A 987 -20.79 -13.96 -10.79
C GLU A 987 -20.23 -12.54 -10.78
N ALA A 988 -21.07 -11.56 -10.46
CA ALA A 988 -20.58 -10.20 -10.27
C ALA A 988 -19.75 -10.08 -9.01
N GLU A 989 -19.75 -11.13 -8.17
CA GLU A 989 -18.93 -11.10 -6.97
C GLU A 989 -17.45 -10.95 -7.29
N VAL A 990 -16.96 -11.69 -8.28
CA VAL A 990 -15.55 -11.58 -8.65
C VAL A 990 -15.23 -10.18 -9.13
N GLN A 991 -16.11 -9.61 -9.96
CA GLN A 991 -15.87 -8.27 -10.49
C GLN A 991 -15.88 -7.23 -9.39
N ILE A 992 -16.84 -7.31 -8.46
CA ILE A 992 -16.88 -6.31 -7.40
C ILE A 992 -15.71 -6.50 -6.44
N ASP A 993 -15.26 -7.74 -6.24
CA ASP A 993 -14.06 -7.95 -5.44
C ASP A 993 -12.84 -7.33 -6.13
N ARG A 994 -12.76 -7.45 -7.45
CA ARG A 994 -11.69 -6.80 -8.19
C ARG A 994 -11.76 -5.29 -8.01
N LEU A 995 -12.97 -4.72 -8.08
CA LEU A 995 -13.14 -3.30 -7.87
C LEU A 995 -12.71 -2.89 -6.47
N ILE A 996 -13.04 -3.71 -5.46
CA ILE A 996 -12.63 -3.41 -4.09
C ILE A 996 -11.11 -3.42 -3.99
N THR A 997 -10.48 -4.47 -4.52
CA THR A 997 -9.02 -4.56 -4.45
C THR A 997 -8.34 -3.40 -5.17
N GLY A 998 -8.91 -2.90 -6.25
CA GLY A 998 -8.34 -1.76 -6.92
C GLY A 998 -8.55 -0.47 -6.15
N ARG A 999 -9.80 -0.19 -5.78
CA ARG A 999 -10.13 1.09 -5.16
C ARG A 999 -9.49 1.24 -3.79
N LEU A 1000 -9.54 0.18 -2.97
CA LEU A 1000 -8.94 0.27 -1.65
C LEU A 1000 -7.43 0.47 -1.74
N GLN A 1001 -6.78 -0.22 -2.67
CA GLN A 1001 -5.34 -0.05 -2.81
C GLN A 1001 -5.00 1.35 -3.28
N SER A 1002 -5.81 1.92 -4.17
CA SER A 1002 -5.61 3.30 -4.58
C SER A 1002 -5.76 4.24 -3.40
N LEU A 1003 -6.78 4.01 -2.56
CA LEU A 1003 -6.95 4.82 -1.37
C LEU A 1003 -5.76 4.67 -0.43
N GLN A 1004 -5.17 3.47 -0.39
CA GLN A 1004 -3.97 3.25 0.42
C GLN A 1004 -2.82 4.10 -0.07
N THR A 1005 -2.61 4.15 -1.39
CA THR A 1005 -1.56 5.01 -1.93
C THR A 1005 -1.83 6.46 -1.58
N TYR A 1006 -3.07 6.90 -1.72
CA TYR A 1006 -3.39 8.28 -1.38
C TYR A 1006 -3.09 8.57 0.08
N VAL A 1007 -3.48 7.66 0.98
CA VAL A 1007 -3.28 7.89 2.40
C VAL A 1007 -1.80 7.93 2.73
N THR A 1008 -1.02 7.02 2.16
CA THR A 1008 0.42 7.01 2.44
C THR A 1008 1.08 8.29 1.94
N GLN A 1009 0.74 8.72 0.73
CA GLN A 1009 1.32 9.96 0.21
C GLN A 1009 0.92 11.15 1.09
N GLN A 1010 -0.33 11.17 1.54
CA GLN A 1010 -0.76 12.22 2.45
C GLN A 1010 0.04 12.19 3.75
N LEU A 1011 0.35 10.98 4.24
CA LEU A 1011 1.17 10.87 5.43
C LEU A 1011 2.56 11.46 5.21
N ILE A 1012 3.17 11.18 4.07
CA ILE A 1012 4.49 11.73 3.78
C ILE A 1012 4.43 13.26 3.73
N ARG A 1013 3.42 13.79 3.04
CA ARG A 1013 3.28 15.23 2.94
C ARG A 1013 3.04 15.85 4.31
N ALA A 1014 2.26 15.17 5.15
CA ALA A 1014 2.01 15.65 6.50
C ALA A 1014 3.29 15.68 7.33
N ALA A 1015 4.13 14.65 7.22
CA ALA A 1015 5.39 14.67 7.94
C ALA A 1015 6.28 15.82 7.46
N GLU A 1016 6.33 16.04 6.15
CA GLU A 1016 7.14 17.12 5.61
C GLU A 1016 6.66 18.47 6.11
N ILE A 1017 5.34 18.70 6.07
CA ILE A 1017 4.82 19.99 6.48
C ILE A 1017 4.96 20.15 8.00
N ARG A 1018 4.91 19.05 8.74
CA ARG A 1018 5.16 19.12 10.18
C ARG A 1018 6.58 19.57 10.46
N ALA A 1019 7.56 19.01 9.74
CA ALA A 1019 8.92 19.46 9.92
C ALA A 1019 9.06 20.94 9.55
N SER A 1020 8.44 21.35 8.46
CA SER A 1020 8.50 22.76 8.06
C SER A 1020 7.84 23.66 9.10
N ALA A 1021 6.74 23.21 9.70
CA ALA A 1021 6.06 24.01 10.70
C ALA A 1021 6.86 24.11 11.99
N ASN A 1022 7.56 23.03 12.37
CA ASN A 1022 8.45 23.12 13.51
C ASN A 1022 9.56 24.12 13.24
N LEU A 1023 10.13 24.09 12.03
CA LEU A 1023 11.15 25.06 11.66
C LEU A 1023 10.59 26.48 11.73
N ALA A 1024 9.38 26.68 11.22
CA ALA A 1024 8.76 28.00 11.26
C ALA A 1024 8.53 28.45 12.69
N ALA A 1025 8.08 27.54 13.56
CA ALA A 1025 7.84 27.91 14.95
C ALA A 1025 9.12 28.34 15.65
N THR A 1026 10.20 27.57 15.48
CA THR A 1026 11.43 27.96 16.15
C THR A 1026 12.02 29.23 15.54
N LYS A 1027 11.87 29.40 14.22
CA LYS A 1027 12.33 30.63 13.57
C LYS A 1027 11.58 31.83 14.12
N MET A 1028 10.26 31.71 14.28
CA MET A 1028 9.48 32.82 14.84
C MET A 1028 9.90 33.10 16.26
N SER A 1029 10.05 32.04 17.07
CA SER A 1029 10.41 32.21 18.47
C SER A 1029 11.77 32.87 18.62
N GLU A 1030 12.71 32.59 17.72
CA GLU A 1030 14.04 33.17 17.85
C GLU A 1030 14.12 34.55 17.22
N CYS A 1031 13.86 34.64 15.91
CA CYS A 1031 14.03 35.91 15.22
C CYS A 1031 12.99 36.95 15.66
N VAL A 1032 11.72 36.56 15.75
CA VAL A 1032 10.69 37.55 16.02
C VAL A 1032 10.71 37.98 17.47
N LEU A 1033 10.92 37.02 18.39
CA LEU A 1033 10.89 37.34 19.80
C LEU A 1033 12.28 37.62 20.36
N GLY A 1034 13.04 38.49 19.69
CA GLY A 1034 14.38 38.77 20.15
C GLY A 1034 15.42 38.70 19.05
N GLN A 1035 16.69 38.82 19.41
CA GLN A 1035 17.78 38.86 18.45
C GLN A 1035 18.48 37.51 18.39
N SER A 1036 18.69 37.00 17.18
CA SER A 1036 19.30 35.70 16.96
C SER A 1036 20.74 35.89 16.53
N LYS A 1037 21.65 35.15 17.17
CA LYS A 1037 23.06 35.26 16.87
C LYS A 1037 23.53 34.30 15.78
N ARG A 1038 22.68 33.38 15.35
CA ARG A 1038 23.10 32.43 14.32
C ARG A 1038 22.95 33.06 12.94
N VAL A 1039 24.02 32.95 12.14
CA VAL A 1039 24.07 33.67 10.87
C VAL A 1039 23.15 33.02 9.84
N ASP A 1040 22.52 33.86 9.02
CA ASP A 1040 21.75 33.46 7.85
C ASP A 1040 20.46 32.77 8.26
N PHE A 1041 20.28 32.52 9.55
CA PHE A 1041 19.06 31.88 10.01
C PHE A 1041 17.86 32.80 9.83
N CYS A 1042 17.97 34.04 10.28
CA CYS A 1042 16.93 35.03 10.09
C CYS A 1042 17.26 35.95 8.92
N GLY A 1043 17.32 35.35 7.74
CA GLY A 1043 17.63 36.10 6.53
C GLY A 1043 19.12 36.35 6.39
N LYS A 1044 19.49 36.82 5.20
CA LYS A 1044 20.89 37.05 4.88
C LYS A 1044 21.35 38.38 5.48
N GLY A 1045 22.51 38.36 6.12
CA GLY A 1045 23.04 39.54 6.78
C GLY A 1045 22.91 39.47 8.28
N TYR A 1046 23.40 40.51 8.93
CA TYR A 1046 23.33 40.61 10.39
C TYR A 1046 21.90 40.93 10.79
N HIS A 1047 21.25 39.99 11.46
CA HIS A 1047 19.83 40.12 11.74
C HIS A 1047 19.55 41.12 12.86
N LEU A 1048 18.45 41.86 12.72
CA LEU A 1048 17.99 42.76 13.77
C LEU A 1048 16.66 42.32 14.34
N MET A 1049 15.63 42.18 13.51
CA MET A 1049 14.30 41.78 13.97
C MET A 1049 13.55 41.19 12.79
N SER A 1050 12.42 40.56 13.10
CA SER A 1050 11.55 40.02 12.08
C SER A 1050 10.11 40.35 12.43
N PHE A 1051 9.28 40.44 11.39
CA PHE A 1051 7.86 40.78 11.54
C PHE A 1051 7.03 39.66 10.94
N PRO A 1052 6.11 39.07 11.69
CA PRO A 1052 5.32 37.97 11.15
C PRO A 1052 4.08 38.46 10.41
N GLN A 1053 3.72 37.70 9.37
CA GLN A 1053 2.51 37.98 8.59
C GLN A 1053 1.83 36.66 8.26
N SER A 1054 0.51 36.63 8.42
CA SER A 1054 -0.26 35.43 8.15
C SER A 1054 -0.45 35.23 6.65
N ALA A 1055 -0.47 33.98 6.23
CA ALA A 1055 -0.63 33.58 4.85
C ALA A 1055 -1.61 32.42 4.80
N PRO A 1056 -2.23 32.18 3.64
CA PRO A 1056 -3.10 31.00 3.51
C PRO A 1056 -2.32 29.72 3.76
N HIS A 1057 -2.67 29.03 4.84
CA HIS A 1057 -2.03 27.76 5.22
C HIS A 1057 -0.53 27.94 5.45
N GLY A 1058 -0.10 29.13 5.85
CA GLY A 1058 1.32 29.36 6.04
C GLY A 1058 1.57 30.71 6.67
N VAL A 1059 2.86 31.04 6.78
CA VAL A 1059 3.30 32.28 7.39
C VAL A 1059 4.32 32.94 6.47
N VAL A 1060 4.41 34.27 6.56
CA VAL A 1060 5.38 35.04 5.78
C VAL A 1060 6.16 35.91 6.76
N PHE A 1061 7.48 35.87 6.66
CA PHE A 1061 8.35 36.57 7.58
C PHE A 1061 8.96 37.79 6.91
N LEU A 1062 9.21 38.82 7.71
CA LEU A 1062 9.85 40.05 7.25
C LEU A 1062 11.13 40.25 8.06
N HIS A 1063 12.21 39.62 7.63
CA HIS A 1063 13.49 39.80 8.30
C HIS A 1063 14.02 41.20 8.05
N VAL A 1064 14.38 41.89 9.12
CA VAL A 1064 15.05 43.18 9.04
C VAL A 1064 16.48 42.97 9.50
N THR A 1065 17.42 43.13 8.58
CA THR A 1065 18.81 42.79 8.83
C THR A 1065 19.71 43.98 8.56
N TYR A 1066 20.86 44.00 9.23
CA TYR A 1066 21.86 45.03 9.06
C TYR A 1066 22.90 44.52 8.06
N VAL A 1067 23.12 45.28 6.99
CA VAL A 1067 24.07 44.91 5.94
C VAL A 1067 25.09 46.04 5.82
N PRO A 1068 26.39 45.75 5.86
CA PRO A 1068 27.38 46.82 5.73
C PRO A 1068 27.38 47.45 4.35
N ALA A 1069 28.29 48.39 4.11
CA ALA A 1069 28.33 49.13 2.86
C ALA A 1069 29.78 49.44 2.53
N GLN A 1070 30.00 50.43 1.67
CA GLN A 1070 31.31 50.81 1.16
C GLN A 1070 32.38 50.74 2.26
N GLU A 1071 33.48 50.07 1.93
CA GLU A 1071 34.60 49.88 2.84
C GLU A 1071 35.88 50.31 2.15
N LYS A 1072 36.90 50.59 2.95
CA LYS A 1072 38.19 51.01 2.41
C LYS A 1072 39.32 50.28 3.09
N ASN A 1073 40.40 50.07 2.33
CA ASN A 1073 41.59 49.39 2.82
C ASN A 1073 42.48 50.38 3.58
N PHE A 1074 42.71 50.14 4.87
CA PHE A 1074 43.54 51.12 5.56
C PHE A 1074 44.89 50.58 6.04
N THR A 1075 44.87 49.76 7.08
CA THR A 1075 46.04 49.13 7.68
C THR A 1075 45.57 48.37 8.90
N THR A 1076 46.32 47.39 9.39
CA THR A 1076 45.98 46.77 10.65
C THR A 1076 47.24 46.28 11.33
N ALA A 1077 47.23 46.34 12.67
CA ALA A 1077 48.32 45.85 13.49
C ALA A 1077 47.73 45.00 14.61
N PRO A 1078 48.32 43.84 14.88
CA PRO A 1078 47.80 42.99 15.96
C PRO A 1078 47.79 43.67 17.32
N ALA A 1079 48.76 44.53 17.59
CA ALA A 1079 48.84 45.22 18.87
C ALA A 1079 49.65 46.49 18.66
N ILE A 1080 49.66 47.33 19.69
CA ILE A 1080 50.40 48.57 19.69
C ILE A 1080 51.36 48.57 20.87
N CYS A 1081 52.65 48.76 20.59
CA CYS A 1081 53.69 48.70 21.61
C CYS A 1081 54.11 50.12 21.97
N HIS A 1082 53.66 50.59 23.14
CA HIS A 1082 54.04 51.93 23.57
C HIS A 1082 55.41 51.94 24.22
N ASP A 1083 55.55 51.21 25.33
CA ASP A 1083 56.82 51.19 26.09
C ASP A 1083 57.06 49.76 26.55
N GLY A 1084 57.69 48.96 25.69
CA GLY A 1084 58.02 47.59 26.01
C GLY A 1084 56.83 46.72 26.38
N LYS A 1085 55.62 47.24 26.17
CA LYS A 1085 54.39 46.55 26.54
C LYS A 1085 53.40 46.61 25.39
N ALA A 1086 52.76 45.49 25.13
CA ALA A 1086 51.80 45.37 24.03
C ALA A 1086 50.43 45.84 24.49
N HIS A 1087 49.74 46.57 23.63
CA HIS A 1087 48.40 47.05 23.89
C HIS A 1087 47.44 46.47 22.86
N PHE A 1088 46.34 45.90 23.33
CA PHE A 1088 45.34 45.32 22.46
C PHE A 1088 44.03 46.07 22.65
N PRO A 1089 43.22 46.20 21.59
CA PRO A 1089 41.95 46.91 21.74
C PRO A 1089 41.02 46.17 22.68
N ARG A 1090 40.32 46.92 23.52
CA ARG A 1090 39.33 46.31 24.39
C ARG A 1090 38.22 45.66 23.57
N GLU A 1091 37.77 46.35 22.53
CA GLU A 1091 36.91 45.75 21.51
C GLU A 1091 37.09 46.55 20.24
N GLY A 1092 37.10 45.87 19.10
CA GLY A 1092 37.32 46.52 17.83
C GLY A 1092 38.71 46.24 17.30
N VAL A 1093 39.14 47.12 16.39
CA VAL A 1093 40.37 46.91 15.63
C VAL A 1093 41.25 48.13 15.78
N PHE A 1094 42.56 47.89 15.87
CA PHE A 1094 43.56 48.94 15.70
C PHE A 1094 43.72 49.22 14.21
N VAL A 1095 43.17 50.35 13.73
CA VAL A 1095 43.27 50.71 12.33
C VAL A 1095 44.11 51.96 12.20
N SER A 1096 44.76 52.10 11.05
CA SER A 1096 45.62 53.24 10.77
C SER A 1096 45.11 53.96 9.52
N ASN A 1097 44.95 55.28 9.63
CA ASN A 1097 44.71 56.10 8.46
C ASN A 1097 45.76 55.87 7.39
N GLY A 1098 47.00 55.67 7.82
CA GLY A 1098 48.16 55.67 6.96
C GLY A 1098 49.29 56.41 7.63
N THR A 1099 48.95 57.28 8.59
CA THR A 1099 49.95 58.04 9.34
C THR A 1099 49.75 57.92 10.84
N HIS A 1100 48.49 57.92 11.28
CA HIS A 1100 48.16 57.89 12.71
C HIS A 1100 47.30 56.66 12.98
N TRP A 1101 47.72 55.85 13.93
CA TRP A 1101 46.91 54.70 14.32
C TRP A 1101 45.66 55.15 15.07
N PHE A 1102 44.67 54.27 15.11
CA PHE A 1102 43.38 54.58 15.70
C PHE A 1102 42.70 53.28 16.16
N VAL A 1103 41.69 53.44 16.99
CA VAL A 1103 40.84 52.34 17.40
C VAL A 1103 39.43 52.61 16.91
N THR A 1104 38.73 51.55 16.51
CA THR A 1104 37.38 51.67 16.01
C THR A 1104 36.69 50.32 16.18
N GLN A 1105 35.35 50.34 16.09
CA GLN A 1105 34.55 49.14 16.34
C GLN A 1105 34.62 48.20 15.14
N ARG A 1106 33.76 47.18 15.13
CA ARG A 1106 33.94 46.10 14.16
C ARG A 1106 33.21 46.36 12.84
N ASN A 1107 31.87 46.39 12.86
CA ASN A 1107 31.09 46.44 11.63
C ASN A 1107 30.80 47.85 11.14
N PHE A 1108 31.39 48.86 11.76
CA PHE A 1108 31.25 50.24 11.30
C PHE A 1108 32.52 51.01 11.59
N TYR A 1109 32.78 52.04 10.80
CA TYR A 1109 34.02 52.81 10.93
C TYR A 1109 33.80 54.03 11.79
N GLU A 1110 34.42 54.05 12.96
CA GLU A 1110 34.39 55.19 13.87
C GLU A 1110 35.77 55.37 14.46
N PRO A 1111 36.67 56.04 13.75
CA PRO A 1111 38.04 56.20 14.25
C PRO A 1111 38.05 56.93 15.59
N GLN A 1112 38.94 56.49 16.48
CA GLN A 1112 38.99 57.01 17.84
C GLN A 1112 40.44 57.03 18.32
N ILE A 1113 40.76 58.06 19.11
CA ILE A 1113 42.13 58.21 19.61
C ILE A 1113 42.42 57.11 20.62
N ILE A 1114 43.62 56.53 20.52
CA ILE A 1114 44.02 55.46 21.42
C ILE A 1114 44.20 56.02 22.82
N THR A 1115 43.47 55.46 23.79
CA THR A 1115 43.56 55.88 25.17
C THR A 1115 43.70 54.66 26.06
N THR A 1116 44.09 54.91 27.32
CA THR A 1116 44.34 53.81 28.25
C THR A 1116 43.09 53.00 28.55
N ASP A 1117 41.89 53.53 28.28
CA ASP A 1117 40.67 52.79 28.52
C ASP A 1117 40.19 52.03 27.28
N ASN A 1118 40.51 52.54 26.08
CA ASN A 1118 40.20 51.82 24.86
C ASN A 1118 41.06 50.59 24.65
N THR A 1119 42.16 50.46 25.39
CA THR A 1119 43.05 49.32 25.28
C THR A 1119 43.39 48.78 26.65
N PHE A 1120 43.72 47.50 26.69
CA PHE A 1120 44.20 46.84 27.88
C PHE A 1120 45.60 46.30 27.61
N VAL A 1121 46.49 46.44 28.59
CA VAL A 1121 47.91 46.15 28.41
C VAL A 1121 48.22 44.82 29.07
N SER A 1122 48.87 43.93 28.31
CA SER A 1122 49.38 42.67 28.83
C SER A 1122 50.39 42.10 27.85
N GLY A 1123 51.65 42.01 28.26
CA GLY A 1123 52.67 41.48 27.37
C GLY A 1123 54.01 42.11 27.66
N ASN A 1124 54.94 41.86 26.73
CA ASN A 1124 56.30 42.35 26.88
C ASN A 1124 56.88 42.86 25.56
N CYS A 1125 56.04 43.04 24.54
CA CYS A 1125 56.44 43.59 23.25
C CYS A 1125 57.50 42.73 22.56
N ASP A 1126 57.54 41.43 22.84
CA ASP A 1126 58.56 40.58 22.26
C ASP A 1126 58.05 39.23 21.78
N VAL A 1127 56.79 38.88 22.03
CA VAL A 1127 56.29 37.56 21.68
C VAL A 1127 55.30 37.69 20.53
N VAL A 1128 54.66 38.85 20.41
CA VAL A 1128 53.68 39.09 19.36
C VAL A 1128 54.42 39.40 18.07
N ILE A 1129 53.91 38.89 16.96
CA ILE A 1129 54.50 39.14 15.66
C ILE A 1129 53.72 40.24 14.95
N GLY A 1130 54.42 41.04 14.16
CA GLY A 1130 53.79 42.08 13.39
C GLY A 1130 53.37 43.31 14.16
N ILE A 1131 53.81 43.46 15.41
CA ILE A 1131 53.43 44.64 16.18
C ILE A 1131 54.04 45.88 15.57
N VAL A 1132 53.49 47.04 15.92
CA VAL A 1132 53.91 48.31 15.37
C VAL A 1132 54.26 49.26 16.51
N ASN A 1133 55.09 50.25 16.21
CA ASN A 1133 55.50 51.22 17.21
C ASN A 1133 54.61 52.46 17.15
N ASN A 1134 54.10 52.87 18.30
CA ASN A 1134 53.33 54.10 18.41
C ASN A 1134 53.24 54.48 19.88
N THR A 1135 52.48 55.53 20.15
CA THR A 1135 52.26 56.03 21.50
C THR A 1135 50.79 55.89 21.86
N VAL A 1136 50.53 55.44 23.10
CA VAL A 1136 49.18 55.38 23.64
C VAL A 1136 49.04 56.48 24.67
N TYR A 1137 47.86 57.08 24.72
CA TYR A 1137 47.59 58.21 25.60
C TYR A 1137 46.80 57.76 26.82
N ASP A 1138 46.86 58.57 27.87
CA ASP A 1138 46.10 58.33 29.08
C ASP A 1138 45.59 59.63 29.65
N PRO A 1139 44.29 59.75 29.95
CA PRO A 1139 43.75 60.97 30.55
C PRO A 1139 44.21 61.23 31.98
N LEU A 1140 44.89 60.28 32.62
CA LEU A 1140 45.22 60.37 34.04
C LEU A 1140 46.48 61.18 34.31
N GLN A 1141 47.51 61.04 33.46
CA GLN A 1141 48.74 61.80 33.69
C GLN A 1141 48.53 63.28 33.44
N LEU A 1142 47.61 63.61 32.52
CA LEU A 1142 47.32 65.01 32.24
C LEU A 1142 46.77 65.71 33.48
N GLU A 1143 45.88 65.04 34.20
CA GLU A 1143 45.33 65.59 35.44
C GLU A 1143 46.05 64.99 36.64
N THR B 26 -60.45 -12.69 28.36
CA THR B 26 -60.02 -11.47 27.70
C THR B 26 -58.64 -11.03 28.18
N THR B 27 -58.08 -10.02 27.52
CA THR B 27 -56.75 -9.54 27.87
C THR B 27 -56.61 -8.08 27.49
N THR B 28 -55.65 -7.40 28.12
CA THR B 28 -55.34 -6.02 27.83
C THR B 28 -54.18 -5.93 26.85
N GLN B 29 -53.93 -4.71 26.37
CA GLN B 29 -52.88 -4.43 25.40
C GLN B 29 -52.11 -3.18 25.82
N SER B 30 -51.74 -3.13 27.09
CA SER B 30 -50.97 -2.00 27.61
C SER B 30 -49.57 -1.99 27.00
N TYR B 31 -48.99 -0.81 26.94
CA TYR B 31 -47.66 -0.60 26.36
C TYR B 31 -46.67 -0.17 27.44
N THR B 32 -45.46 -0.70 27.36
CA THR B 32 -44.39 -0.36 28.28
C THR B 32 -43.10 -0.19 27.49
N ASN B 33 -42.03 0.20 28.19
CA ASN B 33 -40.72 0.42 27.59
C ASN B 33 -39.84 -0.80 27.82
N SER B 34 -39.08 -1.18 26.79
CA SER B 34 -38.29 -2.40 26.86
C SER B 34 -37.06 -2.24 27.75
N PHE B 35 -36.67 -1.00 28.07
CA PHE B 35 -35.51 -0.75 28.91
C PHE B 35 -34.27 -1.41 28.33
N THR B 36 -33.34 -1.84 29.17
CA THR B 36 -32.19 -2.63 28.74
C THR B 36 -32.45 -4.10 29.07
N ARG B 37 -32.74 -4.89 28.05
CA ARG B 37 -33.09 -6.29 28.23
C ARG B 37 -33.12 -6.96 26.87
N GLY B 38 -32.91 -8.28 26.86
CA GLY B 38 -33.00 -9.05 25.63
C GLY B 38 -31.66 -9.33 25.00
N VAL B 39 -30.65 -9.58 25.83
CA VAL B 39 -29.29 -9.84 25.37
C VAL B 39 -28.94 -11.27 25.79
N TYR B 40 -28.45 -12.05 24.83
CA TYR B 40 -28.15 -13.46 25.04
C TYR B 40 -26.70 -13.76 24.66
N TYR B 41 -26.38 -15.06 24.63
CA TYR B 41 -25.11 -15.55 24.12
C TYR B 41 -25.28 -15.98 22.67
N PRO B 42 -24.90 -15.13 21.70
CA PRO B 42 -25.06 -15.51 20.29
C PRO B 42 -24.28 -16.75 19.88
N ASP B 43 -23.12 -16.97 20.49
CA ASP B 43 -22.20 -18.03 20.08
C ASP B 43 -21.91 -18.93 21.29
N LYS B 44 -20.93 -19.82 21.11
CA LYS B 44 -20.62 -20.82 22.12
C LYS B 44 -19.15 -20.76 22.51
N VAL B 45 -18.56 -19.58 22.53
CA VAL B 45 -17.13 -19.42 22.77
C VAL B 45 -16.93 -18.62 24.05
N PHE B 46 -16.10 -19.14 24.94
CA PHE B 46 -15.88 -18.52 26.24
C PHE B 46 -14.99 -17.29 26.09
N ARG B 47 -15.26 -16.27 26.90
CA ARG B 47 -14.46 -15.06 26.92
C ARG B 47 -14.36 -14.55 28.34
N SER B 48 -13.41 -13.63 28.55
CA SER B 48 -13.26 -13.01 29.85
C SER B 48 -12.49 -11.71 29.66
N SER B 49 -12.95 -10.66 30.35
CA SER B 49 -12.33 -9.34 30.27
C SER B 49 -12.26 -8.86 28.81
N VAL B 50 -13.31 -9.15 28.06
CA VAL B 50 -13.36 -8.81 26.65
C VAL B 50 -14.50 -7.83 26.42
N LEU B 51 -14.43 -7.13 25.29
CA LEU B 51 -15.44 -6.18 24.87
C LEU B 51 -15.92 -6.52 23.46
N HIS B 52 -16.29 -7.78 23.27
CA HIS B 52 -16.62 -8.27 21.95
C HIS B 52 -17.83 -7.55 21.37
N LEU B 53 -17.78 -7.32 20.06
CA LEU B 53 -18.87 -6.71 19.31
C LEU B 53 -19.42 -7.73 18.34
N THR B 54 -20.75 -7.77 18.21
CA THR B 54 -21.41 -8.71 17.32
C THR B 54 -22.63 -8.05 16.69
N GLN B 55 -23.06 -8.63 15.56
CA GLN B 55 -24.21 -8.15 14.81
C GLN B 55 -25.18 -9.30 14.61
N ASP B 56 -26.37 -9.19 15.21
CA ASP B 56 -27.39 -10.22 15.10
C ASP B 56 -28.69 -9.62 15.60
N LEU B 57 -29.80 -10.29 15.25
CA LEU B 57 -31.12 -9.87 15.66
C LEU B 57 -31.21 -9.79 17.18
N PHE B 58 -31.22 -8.57 17.73
CA PHE B 58 -31.40 -8.36 19.16
C PHE B 58 -32.61 -7.50 19.43
N LEU B 59 -33.07 -7.55 20.67
CA LEU B 59 -34.12 -6.66 21.14
C LEU B 59 -33.55 -5.29 21.42
N PRO B 60 -34.02 -4.23 20.77
CA PRO B 60 -33.42 -2.91 20.98
C PRO B 60 -33.63 -2.42 22.40
N PHE B 61 -32.64 -1.71 22.93
CA PHE B 61 -32.76 -1.13 24.25
C PHE B 61 -33.76 0.01 24.22
N PHE B 62 -34.61 0.05 25.25
CA PHE B 62 -35.67 1.06 25.35
C PHE B 62 -36.57 1.04 24.12
N SER B 63 -36.77 -0.15 23.57
CA SER B 63 -37.74 -0.35 22.49
C SER B 63 -39.12 -0.51 23.11
N ASN B 64 -40.07 -0.97 22.29
CA ASN B 64 -41.45 -1.02 22.76
C ASN B 64 -41.89 -2.46 22.96
N VAL B 65 -42.37 -2.77 24.16
CA VAL B 65 -42.84 -4.10 24.52
C VAL B 65 -44.30 -3.99 24.91
N THR B 66 -45.13 -4.83 24.32
CA THR B 66 -46.57 -4.83 24.59
C THR B 66 -46.85 -5.74 25.77
N TRP B 67 -47.54 -5.20 26.78
CA TRP B 67 -47.87 -5.94 27.99
C TRP B 67 -49.34 -6.33 27.95
N PHE B 68 -49.62 -7.62 28.14
CA PHE B 68 -50.98 -8.13 28.11
C PHE B 68 -51.37 -8.67 29.48
N HIS B 69 -52.63 -9.08 29.59
CA HIS B 69 -53.15 -9.69 30.80
C HIS B 69 -53.81 -11.02 30.47
N ALA B 70 -54.51 -11.61 31.44
CA ALA B 70 -55.20 -12.87 31.21
C ALA B 70 -56.36 -13.00 32.18
N ILE B 71 -57.44 -13.62 31.71
CA ILE B 71 -58.61 -13.89 32.53
C ILE B 71 -59.50 -14.93 31.85
N ASP B 81 -59.69 -12.50 22.97
CA ASP B 81 -59.03 -13.63 23.59
C ASP B 81 -57.85 -14.12 22.76
N ASN B 82 -56.74 -14.43 23.45
CA ASN B 82 -55.47 -14.94 22.94
C ASN B 82 -55.16 -14.46 21.52
N PRO B 83 -55.05 -13.15 21.31
CA PRO B 83 -54.82 -12.63 19.95
C PRO B 83 -53.49 -13.14 19.39
N VAL B 84 -53.49 -13.41 18.10
CA VAL B 84 -52.35 -14.01 17.42
C VAL B 84 -51.45 -12.88 16.92
N LEU B 85 -50.33 -12.66 17.61
CA LEU B 85 -49.40 -11.61 17.25
C LEU B 85 -48.48 -12.07 16.11
N PRO B 86 -48.14 -11.16 15.20
CA PRO B 86 -47.22 -11.53 14.11
C PRO B 86 -45.82 -11.83 14.61
N PHE B 87 -45.16 -12.76 13.92
CA PHE B 87 -43.79 -13.15 14.22
C PHE B 87 -42.93 -12.76 13.02
N ASN B 88 -41.94 -11.91 13.25
CA ASN B 88 -41.05 -11.48 12.19
C ASN B 88 -39.69 -11.17 12.78
N ASP B 89 -38.66 -11.82 12.26
CA ASP B 89 -37.28 -11.63 12.71
C ASP B 89 -37.15 -11.90 14.21
N GLY B 90 -37.95 -12.82 14.72
CA GLY B 90 -37.91 -13.20 16.12
C GLY B 90 -38.87 -12.38 16.96
N VAL B 91 -39.26 -12.98 18.09
CA VAL B 91 -40.14 -12.32 19.05
C VAL B 91 -39.61 -12.59 20.45
N TYR B 92 -39.45 -11.52 21.23
CA TYR B 92 -39.02 -11.62 22.60
C TYR B 92 -40.23 -11.92 23.49
N PHE B 93 -40.01 -12.68 24.55
CA PHE B 93 -41.09 -13.06 25.46
C PHE B 93 -40.61 -12.94 26.90
N ALA B 94 -41.55 -12.60 27.80
CA ALA B 94 -41.29 -12.60 29.22
C ALA B 94 -42.61 -12.79 29.96
N SER B 95 -42.52 -13.40 31.14
CA SER B 95 -43.69 -13.63 31.96
C SER B 95 -43.26 -13.94 33.39
N THR B 96 -43.84 -13.22 34.35
CA THR B 96 -43.62 -13.47 35.76
C THR B 96 -44.90 -14.05 36.36
N GLU B 97 -44.74 -15.04 37.23
CA GLU B 97 -45.88 -15.82 37.70
C GLU B 97 -45.60 -16.32 39.11
N LYS B 98 -46.67 -16.71 39.80
CA LYS B 98 -46.51 -17.27 41.15
C LYS B 98 -46.08 -18.74 41.08
N SER B 99 -46.95 -19.59 40.55
CA SER B 99 -46.59 -20.99 40.30
C SER B 99 -46.66 -21.34 38.82
N ASN B 100 -47.83 -21.20 38.18
CA ASN B 100 -47.98 -21.46 36.76
C ASN B 100 -49.35 -21.04 36.24
N ILE B 101 -49.37 -20.39 35.09
CA ILE B 101 -50.61 -20.10 34.38
C ILE B 101 -50.48 -20.29 32.89
N ILE B 102 -49.27 -20.59 32.43
CA ILE B 102 -48.93 -20.67 31.01
C ILE B 102 -48.39 -22.07 30.74
N ARG B 103 -48.68 -22.60 29.55
CA ARG B 103 -48.24 -23.95 29.21
C ARG B 103 -47.29 -24.00 28.03
N GLY B 104 -47.68 -23.45 26.88
CA GLY B 104 -46.88 -23.61 25.69
C GLY B 104 -47.16 -22.55 24.65
N TRP B 105 -46.54 -22.74 23.48
CA TRP B 105 -46.65 -21.80 22.37
C TRP B 105 -46.97 -22.56 21.10
N ILE B 106 -47.73 -21.90 20.22
CA ILE B 106 -47.97 -22.42 18.87
C ILE B 106 -47.59 -21.34 17.87
N PHE B 107 -46.99 -21.77 16.76
CA PHE B 107 -46.47 -20.86 15.76
C PHE B 107 -47.00 -21.28 14.38
N GLY B 108 -46.61 -20.55 13.35
CA GLY B 108 -46.88 -20.96 11.99
C GLY B 108 -47.85 -20.02 11.29
N THR B 109 -48.15 -20.39 10.05
CA THR B 109 -48.98 -19.58 9.16
C THR B 109 -50.34 -20.26 8.98
N THR B 110 -51.40 -19.50 9.25
CA THR B 110 -52.82 -19.86 9.13
C THR B 110 -53.24 -20.88 10.19
N LEU B 111 -52.29 -21.51 10.89
CA LEU B 111 -52.57 -22.35 12.03
C LEU B 111 -53.59 -23.46 11.74
N ASP B 112 -53.47 -24.12 10.59
CA ASP B 112 -54.39 -25.21 10.27
C ASP B 112 -53.63 -26.43 9.73
N SER B 113 -54.37 -27.46 9.33
CA SER B 113 -53.77 -28.67 8.79
C SER B 113 -53.43 -28.53 7.31
N LYS B 114 -52.64 -27.51 6.96
CA LYS B 114 -52.17 -27.34 5.59
C LYS B 114 -50.69 -26.97 5.51
N THR B 115 -50.14 -26.28 6.50
CA THR B 115 -48.73 -25.97 6.56
C THR B 115 -48.17 -26.46 7.88
N GLN B 116 -46.90 -26.86 7.86
CA GLN B 116 -46.25 -27.33 9.07
C GLN B 116 -46.20 -26.21 10.10
N SER B 117 -46.41 -26.57 11.37
CA SER B 117 -46.47 -25.61 12.45
C SER B 117 -45.69 -26.18 13.64
N LEU B 118 -45.82 -25.50 14.78
CA LEU B 118 -45.03 -25.83 15.95
C LEU B 118 -45.92 -25.80 17.18
N LEU B 119 -45.55 -26.60 18.18
CA LEU B 119 -46.33 -26.71 19.41
C LEU B 119 -45.38 -27.03 20.55
N ILE B 120 -45.36 -26.20 21.59
CA ILE B 120 -44.31 -26.23 22.59
C ILE B 120 -44.88 -26.42 24.00
N VAL B 121 -45.95 -27.19 24.14
CA VAL B 121 -46.62 -27.28 25.43
C VAL B 121 -45.68 -27.91 26.46
N ASN B 122 -45.61 -27.29 27.63
CA ASN B 122 -44.82 -27.78 28.74
C ASN B 122 -45.75 -28.39 29.80
N ASN B 123 -45.24 -29.38 30.53
CA ASN B 123 -46.02 -30.04 31.56
C ASN B 123 -45.16 -30.18 32.82
N ALA B 124 -45.66 -30.95 33.78
CA ALA B 124 -45.08 -30.95 35.12
C ALA B 124 -43.66 -31.52 35.14
N THR B 125 -43.31 -32.38 34.19
CA THR B 125 -42.02 -33.07 34.24
C THR B 125 -41.16 -32.87 33.00
N ASN B 126 -41.74 -32.75 31.81
CA ASN B 126 -40.96 -32.71 30.58
C ASN B 126 -41.57 -31.68 29.64
N VAL B 127 -41.17 -31.75 28.37
CA VAL B 127 -41.65 -30.86 27.34
C VAL B 127 -42.27 -31.70 26.22
N PHE B 128 -42.96 -31.03 25.31
CA PHE B 128 -43.66 -31.70 24.22
C PHE B 128 -43.46 -30.97 22.90
N ILE B 129 -42.25 -30.51 22.64
CA ILE B 129 -41.97 -29.82 21.38
C ILE B 129 -42.12 -30.79 20.24
N LYS B 130 -42.84 -30.39 19.19
CA LYS B 130 -43.05 -31.24 18.04
C LYS B 130 -43.36 -30.38 16.81
N VAL B 131 -42.68 -30.69 15.72
CA VAL B 131 -42.89 -30.03 14.44
C VAL B 131 -44.04 -30.77 13.76
N CYS B 132 -45.26 -30.29 14.00
CA CYS B 132 -46.46 -31.02 13.59
C CYS B 132 -47.31 -30.11 12.71
N GLU B 133 -48.30 -30.72 12.08
CA GLU B 133 -49.21 -30.03 11.18
C GLU B 133 -50.63 -30.16 11.70
N PHE B 134 -50.80 -29.91 13.00
CA PHE B 134 -52.08 -30.11 13.68
C PHE B 134 -53.21 -29.38 12.96
N GLN B 135 -54.42 -29.92 13.09
CA GLN B 135 -55.57 -29.39 12.37
C GLN B 135 -56.16 -28.18 13.07
N PHE B 136 -56.72 -28.37 14.27
CA PHE B 136 -57.35 -27.30 15.03
C PHE B 136 -57.76 -27.77 16.42
N CYS B 137 -57.70 -26.87 17.38
CA CYS B 137 -58.24 -27.12 18.72
C CYS B 137 -59.23 -26.06 19.17
N ASN B 138 -58.94 -24.78 18.88
CA ASN B 138 -59.80 -23.66 19.24
C ASN B 138 -60.07 -23.60 20.75
N ASP B 139 -59.09 -24.01 21.55
CA ASP B 139 -59.26 -24.04 23.00
C ASP B 139 -57.95 -23.72 23.71
N GLY B 158 -55.44 -32.37 25.24
CA GLY B 158 -56.20 -32.22 24.01
C GLY B 158 -56.05 -30.86 23.37
N VAL B 159 -54.94 -30.67 22.65
CA VAL B 159 -54.64 -29.40 22.01
C VAL B 159 -54.48 -29.55 20.49
N TYR B 160 -54.52 -30.77 19.96
CA TYR B 160 -54.37 -30.99 18.53
C TYR B 160 -55.37 -32.04 18.08
N SER B 161 -55.59 -32.08 16.76
CA SER B 161 -56.56 -33.02 16.19
C SER B 161 -56.06 -33.68 14.91
N SER B 162 -54.75 -33.66 14.65
CA SER B 162 -54.19 -34.29 13.46
C SER B 162 -52.69 -34.46 13.65
N ALA B 163 -52.18 -35.65 13.32
CA ALA B 163 -50.76 -35.92 13.44
C ALA B 163 -50.23 -36.66 12.21
N ASN B 164 -50.92 -36.52 11.07
CA ASN B 164 -50.54 -37.23 9.85
C ASN B 164 -49.15 -36.82 9.37
N ASN B 165 -48.98 -35.55 9.03
CA ASN B 165 -47.70 -35.04 8.53
C ASN B 165 -46.99 -34.30 9.67
N CYS B 166 -46.66 -35.05 10.72
CA CYS B 166 -46.04 -34.49 11.90
C CYS B 166 -44.86 -35.35 12.32
N THR B 167 -43.70 -34.71 12.47
CA THR B 167 -42.48 -35.41 12.86
C THR B 167 -41.74 -34.55 13.89
N PHE B 168 -40.49 -34.92 14.15
CA PHE B 168 -39.60 -34.19 15.05
C PHE B 168 -40.24 -34.05 16.43
N GLU B 169 -40.44 -35.19 17.08
CA GLU B 169 -40.86 -35.23 18.47
C GLU B 169 -39.63 -35.07 19.35
N TYR B 170 -39.66 -34.08 20.24
CA TYR B 170 -38.52 -33.79 21.09
C TYR B 170 -39.01 -33.59 22.51
N VAL B 171 -38.38 -34.29 23.45
CA VAL B 171 -38.74 -34.24 24.86
C VAL B 171 -37.47 -34.11 25.67
N SER B 172 -37.48 -33.23 26.67
CA SER B 172 -36.31 -33.03 27.53
C SER B 172 -36.77 -32.43 28.85
N GLN B 173 -35.81 -31.92 29.61
CA GLN B 173 -36.11 -31.28 30.89
C GLN B 173 -37.00 -30.07 30.67
N PRO B 174 -37.89 -29.78 31.62
CA PRO B 174 -38.79 -28.63 31.44
C PRO B 174 -38.02 -27.32 31.45
N PHE B 175 -38.47 -26.39 30.61
CA PHE B 175 -37.84 -25.07 30.56
C PHE B 175 -38.00 -24.32 31.87
N LEU B 176 -39.18 -24.38 32.48
CA LEU B 176 -39.48 -23.64 33.70
C LEU B 176 -39.11 -24.48 34.92
N MET B 177 -38.35 -23.89 35.84
CA MET B 177 -38.16 -24.43 37.17
C MET B 177 -38.52 -23.36 38.19
N ASP B 178 -39.20 -23.77 39.26
CA ASP B 178 -39.71 -22.84 40.26
C ASP B 178 -39.03 -23.09 41.59
N LEU B 179 -38.51 -22.03 42.21
CA LEU B 179 -37.94 -22.10 43.54
C LEU B 179 -38.63 -21.09 44.43
N GLU B 180 -39.07 -21.55 45.60
CA GLU B 180 -39.76 -20.68 46.55
C GLU B 180 -39.24 -20.96 47.95
N GLY B 181 -38.81 -19.90 48.62
CA GLY B 181 -38.33 -20.01 49.99
C GLY B 181 -39.47 -20.00 50.99
N LYS B 182 -40.36 -20.99 50.88
CA LYS B 182 -41.51 -21.17 51.76
C LYS B 182 -42.51 -20.01 51.67
N GLN B 183 -42.44 -19.22 50.60
CA GLN B 183 -43.41 -18.16 50.37
C GLN B 183 -43.42 -17.80 48.90
N GLY B 184 -44.61 -17.47 48.39
CA GLY B 184 -44.81 -17.20 46.99
C GLY B 184 -44.44 -15.82 46.52
N ASN B 185 -43.93 -14.95 47.40
CA ASN B 185 -43.54 -13.61 46.99
C ASN B 185 -42.40 -13.63 45.97
N PHE B 186 -41.57 -14.67 45.97
CA PHE B 186 -40.53 -14.81 44.95
C PHE B 186 -41.18 -15.24 43.63
N LYS B 187 -41.82 -14.27 42.99
CA LYS B 187 -42.43 -14.51 41.69
C LYS B 187 -41.36 -14.86 40.67
N ASN B 188 -41.38 -16.08 40.16
CA ASN B 188 -40.40 -16.51 39.18
C ASN B 188 -40.61 -15.78 37.87
N LEU B 189 -39.63 -14.98 37.47
CA LEU B 189 -39.69 -14.29 36.20
C LEU B 189 -38.91 -15.09 35.16
N ARG B 190 -39.59 -15.35 34.03
CA ARG B 190 -39.04 -16.21 32.99
C ARG B 190 -38.95 -15.42 31.70
N GLU B 191 -37.79 -15.41 31.08
CA GLU B 191 -37.52 -14.61 29.89
C GLU B 191 -37.19 -15.55 28.73
N PHE B 192 -37.96 -15.45 27.66
CA PHE B 192 -37.83 -16.34 26.51
C PHE B 192 -37.62 -15.53 25.24
N VAL B 193 -36.71 -15.99 24.38
CA VAL B 193 -36.43 -15.37 23.11
C VAL B 193 -36.33 -16.45 22.04
N PHE B 194 -36.99 -16.25 20.91
CA PHE B 194 -36.98 -17.21 19.82
C PHE B 194 -36.66 -16.52 18.51
N LYS B 195 -36.00 -17.26 17.61
CA LYS B 195 -35.68 -16.76 16.29
C LYS B 195 -35.56 -17.95 15.35
N ASN B 196 -35.69 -17.67 14.05
CA ASN B 196 -35.74 -18.70 13.02
C ASN B 196 -34.86 -18.34 11.83
N ILE B 197 -33.62 -17.93 12.11
CA ILE B 197 -32.67 -17.65 11.03
C ILE B 197 -32.22 -18.98 10.42
N ASP B 198 -32.31 -19.07 9.08
CA ASP B 198 -32.09 -20.29 8.30
C ASP B 198 -32.61 -21.53 9.03
N GLY B 199 -33.89 -21.54 9.36
CA GLY B 199 -34.42 -22.60 10.21
C GLY B 199 -33.78 -22.51 11.57
N TYR B 200 -33.26 -23.65 12.05
CA TYR B 200 -32.44 -23.72 13.26
C TYR B 200 -33.07 -22.94 14.41
N PHE B 201 -34.25 -23.38 14.81
CA PHE B 201 -34.98 -22.71 15.90
C PHE B 201 -34.13 -22.68 17.17
N LYS B 202 -34.10 -21.51 17.82
CA LYS B 202 -33.33 -21.32 19.03
C LYS B 202 -34.26 -20.83 20.14
N ILE B 203 -34.01 -21.30 21.36
CA ILE B 203 -34.81 -20.93 22.52
C ILE B 203 -33.87 -20.46 23.62
N TYR B 204 -34.21 -19.34 24.25
CA TYR B 204 -33.34 -18.68 25.21
C TYR B 204 -34.09 -18.49 26.52
N SER B 205 -33.42 -18.74 27.63
CA SER B 205 -34.11 -18.65 28.91
C SER B 205 -33.12 -18.35 30.03
N LYS B 206 -33.57 -17.50 30.96
CA LYS B 206 -32.91 -17.32 32.24
C LYS B 206 -33.95 -17.03 33.30
N HIS B 207 -34.08 -17.92 34.27
CA HIS B 207 -35.15 -17.87 35.24
C HIS B 207 -34.62 -17.46 36.60
N THR B 208 -35.25 -16.44 37.18
CA THR B 208 -34.84 -15.94 38.48
C THR B 208 -36.02 -15.29 39.19
N PRO B 209 -36.19 -15.55 40.48
CA PRO B 209 -37.17 -14.76 41.24
C PRO B 209 -36.71 -13.33 41.40
N ILE B 210 -36.80 -12.56 40.31
CA ILE B 210 -36.40 -11.16 40.29
C ILE B 210 -37.42 -10.38 41.11
N ILE B 211 -37.14 -9.09 41.34
CA ILE B 211 -37.85 -8.22 42.27
C ILE B 211 -39.35 -8.46 42.25
N GLY B 212 -39.90 -8.82 41.09
CA GLY B 212 -41.24 -9.33 41.00
C GLY B 212 -42.33 -8.31 40.78
N ARG B 213 -42.01 -7.02 40.81
CA ARG B 213 -43.03 -6.02 40.45
C ARG B 213 -43.50 -6.24 39.03
N ASP B 214 -42.58 -6.11 38.07
CA ASP B 214 -42.85 -6.25 36.65
C ASP B 214 -41.52 -6.36 35.92
N PHE B 215 -41.56 -6.21 34.60
CA PHE B 215 -40.39 -6.19 33.73
C PHE B 215 -39.35 -5.28 34.37
N PRO B 216 -38.24 -5.84 34.88
CA PRO B 216 -37.33 -5.07 35.73
C PRO B 216 -36.25 -4.33 34.95
N GLN B 217 -35.35 -3.66 35.67
CA GLN B 217 -34.33 -2.82 35.08
C GLN B 217 -32.96 -3.46 35.02
N GLY B 218 -32.57 -4.20 36.07
CA GLY B 218 -31.24 -4.77 36.16
C GLY B 218 -30.89 -5.70 35.01
N PHE B 219 -29.63 -5.65 34.56
CA PHE B 219 -29.23 -6.42 33.40
C PHE B 219 -29.31 -7.92 33.69
N SER B 220 -29.55 -8.69 32.63
CA SER B 220 -29.62 -10.14 32.73
C SER B 220 -29.32 -10.74 31.36
N ALA B 221 -28.29 -11.58 31.30
CA ALA B 221 -27.98 -12.33 30.09
C ALA B 221 -28.96 -13.48 29.91
N LEU B 222 -28.91 -14.15 28.77
CA LEU B 222 -29.83 -15.23 28.49
C LEU B 222 -29.06 -16.51 28.20
N GLU B 223 -29.44 -17.59 28.86
CA GLU B 223 -28.79 -18.88 28.68
C GLU B 223 -29.54 -19.67 27.62
N PRO B 224 -28.89 -20.12 26.55
CA PRO B 224 -29.57 -21.02 25.61
C PRO B 224 -29.94 -22.34 26.28
N LEU B 225 -31.04 -22.93 25.84
CA LEU B 225 -31.44 -24.26 26.29
C LEU B 225 -31.45 -25.27 25.16
N VAL B 226 -32.10 -24.97 24.04
CA VAL B 226 -32.20 -25.91 22.93
C VAL B 226 -31.95 -25.18 21.62
N ASP B 227 -31.11 -25.79 20.79
CA ASP B 227 -30.91 -25.33 19.41
C ASP B 227 -31.40 -26.47 18.51
N LEU B 228 -32.51 -26.23 17.80
CA LEU B 228 -33.14 -27.29 17.04
C LEU B 228 -33.41 -26.82 15.61
N PRO B 229 -32.94 -27.57 14.60
CA PRO B 229 -33.13 -27.15 13.20
C PRO B 229 -34.49 -27.52 12.64
N ILE B 230 -35.50 -26.69 12.85
CA ILE B 230 -36.84 -26.99 12.34
C ILE B 230 -36.87 -26.83 10.82
N GLY B 231 -36.54 -25.63 10.33
CA GLY B 231 -36.55 -25.38 8.90
C GLY B 231 -37.90 -25.43 8.25
N ILE B 232 -38.92 -24.81 8.84
CA ILE B 232 -40.25 -24.75 8.25
C ILE B 232 -40.68 -23.30 8.12
N ASN B 233 -41.86 -23.07 7.53
CA ASN B 233 -42.41 -21.73 7.36
C ASN B 233 -43.02 -21.27 8.67
N ILE B 234 -42.83 -20.00 9.01
CA ILE B 234 -43.24 -19.45 10.29
C ILE B 234 -43.66 -17.99 10.10
N THR B 235 -44.91 -17.69 10.48
CA THR B 235 -45.42 -16.34 10.28
C THR B 235 -46.22 -15.77 11.43
N ARG B 236 -46.92 -16.59 12.23
CA ARG B 236 -47.75 -16.07 13.31
C ARG B 236 -47.38 -16.75 14.62
N PHE B 237 -47.80 -16.13 15.72
CA PHE B 237 -47.39 -16.57 17.05
C PHE B 237 -48.59 -16.58 17.98
N GLN B 238 -48.64 -17.60 18.84
CA GLN B 238 -49.67 -17.70 19.87
C GLN B 238 -49.10 -18.57 21.00
N THR B 239 -49.67 -18.40 22.19
CA THR B 239 -49.22 -19.14 23.37
C THR B 239 -50.39 -19.82 24.07
N LEU B 240 -50.08 -20.91 24.77
CA LEU B 240 -51.07 -21.74 25.43
C LEU B 240 -51.04 -21.55 26.94
N LEU B 241 -52.22 -21.52 27.52
CA LEU B 241 -52.44 -21.15 28.92
C LEU B 241 -52.77 -22.40 29.74
N ALA B 242 -53.07 -22.20 31.03
CA ALA B 242 -53.33 -23.29 31.95
C ALA B 242 -54.72 -23.18 32.57
N LEU B 243 -55.03 -24.07 33.51
CA LEU B 243 -56.34 -24.12 34.16
C LEU B 243 -56.23 -23.60 35.58
N ASN B 244 -57.37 -23.12 36.10
CA ASN B 244 -57.44 -22.62 37.47
C ASN B 244 -58.85 -22.82 37.99
N ARG B 245 -58.97 -22.83 39.31
CA ARG B 245 -60.27 -22.94 39.97
C ARG B 245 -60.32 -22.06 41.21
N ALA B 262 -49.91 -9.20 33.92
CA ALA B 262 -49.01 -9.83 34.88
C ALA B 262 -47.99 -10.71 34.18
N ASP B 263 -48.13 -10.82 32.87
CA ASP B 263 -47.29 -11.68 32.04
C ASP B 263 -47.46 -11.23 30.60
N TYR B 264 -47.06 -12.08 29.65
CA TYR B 264 -47.32 -11.92 28.22
C TYR B 264 -46.45 -10.84 27.59
N TYR B 265 -45.39 -10.41 28.26
CA TYR B 265 -44.53 -9.36 27.74
C TYR B 265 -43.95 -9.79 26.41
N VAL B 266 -44.30 -9.07 25.34
CA VAL B 266 -43.94 -9.45 23.98
C VAL B 266 -43.11 -8.34 23.34
N GLY B 267 -41.93 -8.71 22.83
CA GLY B 267 -41.09 -7.77 22.14
C GLY B 267 -40.59 -8.37 20.84
N TYR B 268 -40.00 -7.51 20.00
CA TYR B 268 -39.58 -7.88 18.67
C TYR B 268 -38.09 -7.62 18.49
N LEU B 269 -37.43 -8.44 17.68
CA LEU B 269 -35.99 -8.33 17.49
C LEU B 269 -35.67 -7.74 16.12
N GLN B 270 -34.68 -6.85 16.10
CA GLN B 270 -34.23 -6.18 14.88
C GLN B 270 -32.74 -6.41 14.73
N PRO B 271 -32.22 -6.33 13.50
CA PRO B 271 -30.77 -6.46 13.29
C PRO B 271 -30.00 -5.25 13.79
N ARG B 272 -29.22 -5.42 14.86
CA ARG B 272 -28.45 -4.34 15.45
C ARG B 272 -27.06 -4.84 15.80
N THR B 273 -26.14 -3.90 15.97
CA THR B 273 -24.79 -4.17 16.44
C THR B 273 -24.70 -3.79 17.90
N PHE B 274 -24.14 -4.69 18.72
CA PHE B 274 -24.11 -4.50 20.16
C PHE B 274 -22.70 -4.71 20.70
N LEU B 275 -22.46 -4.17 21.88
CA LEU B 275 -21.28 -4.50 22.67
C LEU B 275 -21.73 -5.30 23.88
N LEU B 276 -20.90 -6.27 24.28
CA LEU B 276 -21.18 -7.10 25.44
C LEU B 276 -19.96 -7.15 26.33
N LYS B 277 -20.10 -6.67 27.56
CA LYS B 277 -19.02 -6.71 28.53
C LYS B 277 -19.01 -8.08 29.18
N TYR B 278 -17.88 -8.76 29.10
CA TYR B 278 -17.71 -10.10 29.64
C TYR B 278 -16.96 -10.04 30.96
N ASN B 279 -17.55 -10.60 32.00
CA ASN B 279 -16.88 -10.69 33.28
C ASN B 279 -15.74 -11.71 33.19
N GLU B 280 -14.77 -11.58 34.09
CA GLU B 280 -13.63 -12.49 34.08
C GLU B 280 -14.07 -13.92 34.33
N ASN B 281 -15.27 -14.12 34.88
CA ASN B 281 -15.87 -15.44 34.92
C ASN B 281 -16.63 -15.78 33.66
N GLY B 282 -16.80 -14.82 32.74
CA GLY B 282 -17.47 -15.06 31.49
C GLY B 282 -18.90 -14.55 31.40
N THR B 283 -19.49 -14.10 32.50
CA THR B 283 -20.84 -13.59 32.47
C THR B 283 -20.89 -12.22 31.80
N ILE B 284 -22.09 -11.85 31.36
CA ILE B 284 -22.32 -10.58 30.69
C ILE B 284 -22.85 -9.60 31.72
N THR B 285 -21.98 -8.73 32.23
CA THR B 285 -22.41 -7.77 33.24
C THR B 285 -23.23 -6.62 32.67
N ASP B 286 -22.91 -6.17 31.45
CA ASP B 286 -23.62 -5.04 30.87
C ASP B 286 -23.39 -5.06 29.37
N ALA B 287 -24.39 -4.60 28.63
CA ALA B 287 -24.32 -4.55 27.16
C ALA B 287 -24.82 -3.18 26.70
N VAL B 288 -24.31 -2.75 25.54
CA VAL B 288 -24.62 -1.44 24.98
C VAL B 288 -25.04 -1.59 23.53
N ASP B 289 -26.07 -0.86 23.14
CA ASP B 289 -26.46 -0.74 21.74
C ASP B 289 -25.50 0.18 21.00
N CYS B 290 -25.57 0.14 19.67
CA CYS B 290 -24.84 1.07 18.82
C CYS B 290 -25.76 1.91 17.95
N ALA B 291 -27.07 1.69 18.02
CA ALA B 291 -28.01 2.44 17.20
C ALA B 291 -29.14 3.02 18.03
N LEU B 292 -28.85 3.38 19.28
CA LEU B 292 -29.84 3.95 20.18
C LEU B 292 -29.54 5.42 20.49
N ASP B 293 -28.33 5.71 20.95
CA ASP B 293 -27.94 7.05 21.36
C ASP B 293 -26.62 7.42 20.71
N PRO B 294 -26.38 8.71 20.48
CA PRO B 294 -25.05 9.12 20.04
C PRO B 294 -23.94 8.67 20.99
N LEU B 295 -24.18 8.76 22.29
CA LEU B 295 -23.18 8.29 23.25
C LEU B 295 -22.93 6.80 23.08
N SER B 296 -24.00 6.03 22.87
CA SER B 296 -23.85 4.59 22.65
C SER B 296 -23.05 4.32 21.38
N GLU B 297 -23.31 5.10 20.33
CA GLU B 297 -22.56 4.92 19.09
C GLU B 297 -21.09 5.24 19.28
N THR B 298 -20.78 6.25 20.09
CA THR B 298 -19.38 6.54 20.40
C THR B 298 -18.74 5.37 21.14
N LYS B 299 -19.43 4.85 22.16
CA LYS B 299 -18.91 3.69 22.88
C LYS B 299 -18.74 2.50 21.96
N CYS B 300 -19.54 2.44 20.89
CA CYS B 300 -19.39 1.37 19.92
C CYS B 300 -18.13 1.57 19.08
N THR B 301 -18.04 2.70 18.37
CA THR B 301 -16.93 2.94 17.45
C THR B 301 -15.60 3.07 18.16
N LEU B 302 -15.58 3.31 19.46
CA LEU B 302 -14.34 3.45 20.21
C LEU B 302 -14.33 2.36 21.28
N LYS B 303 -14.58 1.13 20.85
CA LYS B 303 -15.18 0.09 21.68
C LYS B 303 -14.64 0.09 23.10
N SER B 304 -15.51 0.41 24.05
CA SER B 304 -15.16 0.58 25.45
C SER B 304 -16.42 0.91 26.23
N PHE B 305 -16.30 1.11 27.54
CA PHE B 305 -17.42 1.54 28.35
C PHE B 305 -17.17 2.88 29.02
N THR B 306 -15.97 3.43 28.90
CA THR B 306 -15.64 4.75 29.42
C THR B 306 -15.11 5.61 28.28
N VAL B 307 -15.73 6.76 28.07
CA VAL B 307 -15.33 7.69 27.01
C VAL B 307 -14.80 8.95 27.66
N GLU B 308 -13.57 9.32 27.33
CA GLU B 308 -12.97 10.52 27.86
C GLU B 308 -13.54 11.74 27.16
N LYS B 309 -13.37 12.90 27.81
CA LYS B 309 -13.82 14.14 27.22
C LYS B 309 -13.12 14.39 25.89
N GLY B 310 -13.88 14.73 24.87
CA GLY B 310 -13.32 14.99 23.57
C GLY B 310 -14.35 14.75 22.48
N ILE B 311 -13.90 14.94 21.25
CA ILE B 311 -14.73 14.79 20.06
C ILE B 311 -14.32 13.51 19.36
N TYR B 312 -15.30 12.75 18.88
CA TYR B 312 -15.05 11.52 18.16
C TYR B 312 -15.88 11.48 16.88
N GLN B 313 -15.23 11.11 15.78
CA GLN B 313 -15.90 10.92 14.50
C GLN B 313 -16.39 9.49 14.44
N THR B 314 -17.72 9.31 14.39
CA THR B 314 -18.31 7.98 14.50
C THR B 314 -18.68 7.39 13.14
N SER B 315 -19.57 8.05 12.42
CA SER B 315 -20.13 7.47 11.20
C SER B 315 -20.43 8.60 10.22
N ASN B 316 -21.24 8.31 9.21
CA ASN B 316 -21.70 9.30 8.26
C ASN B 316 -23.22 9.29 8.23
N PHE B 317 -23.81 10.41 7.86
CA PHE B 317 -25.24 10.53 7.71
C PHE B 317 -25.58 10.81 6.25
N ARG B 318 -26.53 10.05 5.71
CA ARG B 318 -27.00 10.22 4.35
C ARG B 318 -28.51 10.20 4.37
N VAL B 319 -29.14 11.15 3.68
CA VAL B 319 -30.60 11.12 3.59
C VAL B 319 -30.99 10.05 2.59
N GLN B 320 -31.70 9.04 3.04
CA GLN B 320 -32.19 8.03 2.13
C GLN B 320 -33.24 8.65 1.21
N PRO B 321 -33.16 8.44 -0.09
CA PRO B 321 -34.14 9.03 -1.00
C PRO B 321 -35.54 8.51 -0.71
N THR B 322 -36.52 9.41 -0.82
CA THR B 322 -37.90 9.05 -0.50
C THR B 322 -38.49 8.20 -1.61
N GLU B 323 -38.60 8.76 -2.81
CA GLU B 323 -39.21 8.09 -3.95
C GLU B 323 -38.12 7.75 -4.97
N SER B 324 -38.42 6.79 -5.83
CA SER B 324 -37.51 6.35 -6.88
C SER B 324 -38.19 6.53 -8.23
N ILE B 325 -37.55 7.28 -9.13
CA ILE B 325 -38.07 7.48 -10.47
C ILE B 325 -37.31 6.57 -11.43
N VAL B 326 -38.04 5.94 -12.35
CA VAL B 326 -37.46 5.24 -13.48
C VAL B 326 -37.91 5.95 -14.74
N ARG B 327 -36.95 6.44 -15.53
CA ARG B 327 -37.27 7.20 -16.73
C ARG B 327 -36.55 6.56 -17.91
N PHE B 328 -37.28 6.33 -18.99
CA PHE B 328 -36.77 5.74 -20.20
C PHE B 328 -37.28 6.51 -21.41
N PRO B 329 -36.61 6.39 -22.56
CA PRO B 329 -36.95 7.25 -23.70
C PRO B 329 -38.40 7.14 -24.13
N ASN B 330 -38.87 8.21 -24.76
CA ASN B 330 -40.25 8.34 -25.22
C ASN B 330 -40.57 7.37 -26.34
N VAL B 331 -39.59 6.56 -26.73
CA VAL B 331 -39.78 5.63 -27.84
C VAL B 331 -40.89 4.65 -27.52
N THR B 332 -41.81 4.47 -28.46
CA THR B 332 -42.84 3.45 -28.36
C THR B 332 -42.61 2.32 -29.35
N ASN B 333 -42.55 2.64 -30.64
CA ASN B 333 -42.18 1.71 -31.71
C ASN B 333 -42.84 0.35 -31.53
N LEU B 334 -44.18 0.36 -31.55
CA LEU B 334 -44.94 -0.85 -31.30
C LEU B 334 -44.66 -1.89 -32.38
N CYS B 335 -44.47 -3.13 -31.96
CA CYS B 335 -44.13 -4.21 -32.86
C CYS B 335 -45.33 -4.63 -33.70
N PRO B 336 -45.09 -5.36 -34.81
CA PRO B 336 -46.21 -5.82 -35.65
C PRO B 336 -46.97 -6.99 -35.06
N PHE B 337 -46.80 -7.24 -33.77
CA PHE B 337 -47.51 -8.30 -33.07
C PHE B 337 -49.01 -8.19 -33.30
N HIS B 338 -49.52 -6.96 -33.33
CA HIS B 338 -50.92 -6.75 -33.71
C HIS B 338 -51.20 -7.32 -35.09
N GLU B 339 -50.35 -7.00 -36.07
CA GLU B 339 -50.57 -7.44 -37.44
C GLU B 339 -50.45 -8.94 -37.59
N VAL B 340 -49.63 -9.61 -36.77
CA VAL B 340 -49.56 -11.06 -36.81
C VAL B 340 -50.67 -11.71 -35.98
N PHE B 341 -51.32 -10.96 -35.09
CA PHE B 341 -52.45 -11.46 -34.32
C PHE B 341 -53.80 -11.04 -34.87
N ASN B 342 -53.86 -9.97 -35.66
CA ASN B 342 -55.11 -9.48 -36.23
C ASN B 342 -55.31 -9.94 -37.67
N ALA B 343 -54.46 -10.84 -38.17
CA ALA B 343 -54.62 -11.36 -39.52
C ALA B 343 -55.87 -12.23 -39.60
N THR B 344 -56.34 -12.43 -40.85
CA THR B 344 -57.54 -13.21 -41.08
C THR B 344 -57.29 -14.51 -41.84
N ARG B 345 -56.06 -14.76 -42.29
CA ARG B 345 -55.74 -15.92 -43.11
C ARG B 345 -54.46 -16.59 -42.60
N PHE B 346 -54.42 -16.87 -41.30
CA PHE B 346 -53.31 -17.60 -40.71
C PHE B 346 -53.01 -18.86 -41.53
N ALA B 347 -51.77 -18.95 -42.01
CA ALA B 347 -51.38 -19.98 -42.94
C ALA B 347 -51.47 -21.36 -42.31
N SER B 348 -51.50 -22.38 -43.18
CA SER B 348 -51.57 -23.75 -42.72
C SER B 348 -50.22 -24.19 -42.15
N VAL B 349 -50.24 -25.30 -41.41
CA VAL B 349 -49.02 -25.78 -40.76
C VAL B 349 -48.00 -26.27 -41.78
N TYR B 350 -48.46 -26.86 -42.88
CA TYR B 350 -47.53 -27.34 -43.90
C TYR B 350 -46.72 -26.20 -44.51
N ALA B 351 -47.36 -25.04 -44.73
CA ALA B 351 -46.69 -23.85 -45.25
C ALA B 351 -46.83 -22.78 -44.16
N TRP B 352 -45.92 -22.81 -43.19
CA TRP B 352 -46.00 -21.92 -42.05
C TRP B 352 -45.33 -20.60 -42.39
N ASN B 353 -46.10 -19.52 -42.38
CA ASN B 353 -45.54 -18.21 -42.64
C ASN B 353 -44.63 -17.80 -41.49
N ARG B 354 -43.42 -17.37 -41.81
CA ARG B 354 -42.44 -16.94 -40.83
C ARG B 354 -42.24 -15.44 -40.99
N THR B 355 -42.63 -14.67 -39.97
CA THR B 355 -42.54 -13.22 -39.99
C THR B 355 -41.34 -12.77 -39.17
N ARG B 356 -40.55 -11.87 -39.73
CA ARG B 356 -39.37 -11.33 -39.09
C ARG B 356 -39.73 -10.04 -38.38
N ILE B 357 -39.41 -9.95 -37.09
CA ILE B 357 -39.74 -8.79 -36.27
C ILE B 357 -38.43 -8.17 -35.80
N SER B 358 -38.23 -6.90 -36.13
CA SER B 358 -37.02 -6.17 -35.75
C SER B 358 -37.36 -4.70 -35.59
N ASN B 359 -36.48 -4.00 -34.85
CA ASN B 359 -36.55 -2.55 -34.69
C ASN B 359 -37.90 -2.13 -34.09
N CYS B 360 -38.21 -2.69 -32.93
CA CYS B 360 -39.45 -2.35 -32.24
C CYS B 360 -39.31 -2.71 -30.78
N VAL B 361 -40.19 -2.12 -29.97
CA VAL B 361 -40.25 -2.40 -28.54
C VAL B 361 -41.30 -3.48 -28.33
N ALA B 362 -40.86 -4.63 -27.82
CA ALA B 362 -41.74 -5.81 -27.71
C ALA B 362 -42.52 -5.72 -26.41
N ASP B 363 -43.66 -5.04 -26.46
CA ASP B 363 -44.60 -5.03 -25.34
C ASP B 363 -45.54 -6.21 -25.50
N TYR B 364 -45.65 -7.02 -24.44
CA TYR B 364 -46.42 -8.26 -24.50
C TYR B 364 -47.86 -8.09 -24.06
N SER B 365 -48.22 -6.91 -23.52
CA SER B 365 -49.62 -6.65 -23.20
C SER B 365 -50.48 -6.66 -24.45
N VAL B 366 -49.90 -6.31 -25.61
CA VAL B 366 -50.67 -6.30 -26.85
C VAL B 366 -51.06 -7.72 -27.24
N LEU B 367 -50.21 -8.71 -26.99
CA LEU B 367 -50.63 -10.10 -27.20
C LEU B 367 -51.52 -10.58 -26.07
N TYR B 368 -51.30 -10.09 -24.84
CA TYR B 368 -52.13 -10.53 -23.72
C TYR B 368 -53.59 -10.16 -23.93
N ASN B 369 -53.84 -8.93 -24.40
CA ASN B 369 -55.22 -8.48 -24.51
C ASN B 369 -55.92 -9.02 -25.76
N PHE B 370 -55.16 -9.45 -26.78
CA PHE B 370 -55.77 -9.81 -28.05
C PHE B 370 -56.36 -11.21 -28.07
N ALA B 371 -55.80 -12.16 -27.33
CA ALA B 371 -56.26 -13.53 -27.48
C ALA B 371 -56.50 -14.21 -26.14
N PRO B 372 -57.67 -14.81 -25.94
CA PRO B 372 -57.88 -15.67 -24.77
C PRO B 372 -57.15 -16.99 -24.91
N PHE B 373 -55.88 -17.02 -24.49
CA PHE B 373 -55.01 -18.18 -24.71
C PHE B 373 -55.55 -19.46 -24.10
N PHE B 374 -55.03 -20.59 -24.58
CA PHE B 374 -55.22 -21.89 -23.95
C PHE B 374 -53.92 -22.64 -23.76
N ALA B 375 -52.81 -22.18 -24.33
CA ALA B 375 -51.51 -22.82 -24.14
C ALA B 375 -50.46 -21.73 -24.33
N PHE B 376 -49.89 -21.25 -23.23
CA PHE B 376 -48.89 -20.21 -23.22
C PHE B 376 -47.57 -20.75 -22.66
N LYS B 377 -47.25 -21.99 -23.00
CA LYS B 377 -46.07 -22.62 -22.43
C LYS B 377 -44.80 -21.98 -22.99
N CYS B 378 -43.89 -21.63 -22.08
CA CYS B 378 -42.63 -20.98 -22.40
C CYS B 378 -41.50 -21.91 -22.01
N TYR B 379 -40.47 -21.92 -22.84
CA TYR B 379 -39.34 -22.81 -22.59
C TYR B 379 -38.06 -22.06 -22.25
N GLY B 380 -37.58 -21.19 -23.14
CA GLY B 380 -36.32 -20.52 -22.91
C GLY B 380 -36.40 -19.37 -21.94
N VAL B 381 -37.58 -18.76 -21.83
CA VAL B 381 -37.78 -17.57 -21.00
C VAL B 381 -39.01 -17.76 -20.13
N SER B 382 -39.14 -16.91 -19.12
CA SER B 382 -40.29 -16.93 -18.23
C SER B 382 -41.44 -16.13 -18.84
N PRO B 383 -42.66 -16.67 -18.87
CA PRO B 383 -43.79 -15.89 -19.39
C PRO B 383 -44.02 -14.59 -18.63
N THR B 384 -43.79 -14.60 -17.31
CA THR B 384 -43.85 -13.35 -16.56
C THR B 384 -42.70 -12.42 -16.96
N LYS B 385 -41.52 -12.97 -17.19
CA LYS B 385 -40.34 -12.18 -17.51
C LYS B 385 -40.09 -12.18 -19.02
N LEU B 386 -40.87 -11.34 -19.71
CA LEU B 386 -40.66 -11.05 -21.12
C LEU B 386 -40.40 -9.58 -21.40
N ASN B 387 -40.84 -8.69 -20.52
CA ASN B 387 -40.76 -7.26 -20.73
C ASN B 387 -39.45 -6.65 -20.25
N ASP B 388 -38.54 -7.45 -19.69
CA ASP B 388 -37.27 -6.95 -19.17
C ASP B 388 -36.07 -7.53 -19.91
N LEU B 389 -36.30 -8.17 -21.06
CA LEU B 389 -35.23 -8.77 -21.83
C LEU B 389 -35.19 -8.18 -23.23
N CYS B 390 -33.99 -7.91 -23.71
CA CYS B 390 -33.78 -7.38 -25.05
C CYS B 390 -33.33 -8.51 -25.97
N PHE B 391 -34.04 -8.68 -27.08
CA PHE B 391 -33.82 -9.79 -27.99
C PHE B 391 -33.23 -9.28 -29.31
N THR B 392 -32.22 -9.98 -29.80
CA THR B 392 -31.59 -9.58 -31.06
C THR B 392 -32.58 -9.70 -32.22
N ASN B 393 -33.40 -10.74 -32.22
CA ASN B 393 -34.38 -10.92 -33.29
C ASN B 393 -35.46 -11.87 -32.79
N VAL B 394 -36.68 -11.65 -33.28
CA VAL B 394 -37.84 -12.42 -32.88
C VAL B 394 -38.54 -12.92 -34.13
N TYR B 395 -38.82 -14.23 -34.16
CA TYR B 395 -39.61 -14.84 -35.22
C TYR B 395 -41.00 -15.18 -34.69
N ALA B 396 -42.03 -14.83 -35.45
CA ALA B 396 -43.41 -15.16 -35.11
C ALA B 396 -43.95 -16.08 -36.19
N ASP B 397 -43.96 -17.39 -35.92
CA ASP B 397 -44.49 -18.37 -36.86
C ASP B 397 -45.92 -18.71 -36.47
N SER B 398 -46.87 -18.39 -37.34
CA SER B 398 -48.29 -18.52 -37.05
C SER B 398 -48.92 -19.55 -37.98
N PHE B 399 -49.66 -20.49 -37.40
CA PHE B 399 -50.38 -21.48 -38.18
C PHE B 399 -51.49 -22.08 -37.32
N VAL B 400 -52.70 -22.12 -37.86
CA VAL B 400 -53.83 -22.71 -37.15
C VAL B 400 -53.74 -24.23 -37.26
N ILE B 401 -54.01 -24.92 -36.16
CA ILE B 401 -53.85 -26.36 -36.06
C ILE B 401 -54.91 -26.92 -35.12
N LYS B 402 -55.01 -28.25 -35.08
CA LYS B 402 -56.02 -28.92 -34.28
C LYS B 402 -55.71 -28.77 -32.79
N GLY B 403 -56.58 -29.34 -31.95
CA GLY B 403 -56.44 -29.24 -30.52
C GLY B 403 -55.31 -30.05 -29.93
N ASN B 404 -55.31 -31.37 -30.18
CA ASN B 404 -54.23 -32.21 -29.67
C ASN B 404 -52.89 -31.82 -30.29
N GLU B 405 -52.92 -31.30 -31.51
CA GLU B 405 -51.68 -30.85 -32.15
C GLU B 405 -51.07 -29.65 -31.42
N VAL B 406 -51.85 -28.94 -30.60
CA VAL B 406 -51.27 -27.90 -29.75
C VAL B 406 -50.29 -28.52 -28.77
N SER B 407 -50.71 -29.60 -28.11
CA SER B 407 -49.79 -30.32 -27.22
C SER B 407 -48.71 -31.03 -28.01
N GLN B 408 -49.01 -31.41 -29.25
CA GLN B 408 -48.01 -32.06 -30.10
C GLN B 408 -46.83 -31.12 -30.37
N ILE B 409 -47.12 -29.85 -30.62
CA ILE B 409 -46.06 -28.89 -30.98
C ILE B 409 -45.31 -28.51 -29.69
N ALA B 410 -44.11 -29.06 -29.54
CA ALA B 410 -43.24 -28.78 -28.40
C ALA B 410 -41.86 -29.35 -28.68
N PRO B 411 -40.80 -28.81 -28.08
CA PRO B 411 -39.46 -29.36 -28.29
C PRO B 411 -39.38 -30.82 -27.87
N GLY B 412 -38.62 -31.60 -28.63
CA GLY B 412 -38.45 -33.02 -28.34
C GLY B 412 -39.74 -33.81 -28.41
N GLN B 413 -40.58 -33.52 -29.40
CA GLN B 413 -41.85 -34.19 -29.58
C GLN B 413 -41.85 -34.95 -30.90
N THR B 414 -42.95 -35.69 -31.13
CA THR B 414 -43.11 -36.48 -32.33
C THR B 414 -44.58 -36.48 -32.73
N GLY B 415 -44.84 -36.93 -33.96
CA GLY B 415 -46.20 -36.98 -34.47
C GLY B 415 -46.27 -36.63 -35.94
N ASN B 416 -47.45 -36.79 -36.55
CA ASN B 416 -47.60 -36.52 -37.98
C ASN B 416 -47.30 -35.08 -38.33
N ILE B 417 -47.51 -34.14 -37.41
CA ILE B 417 -47.16 -32.75 -37.59
C ILE B 417 -45.73 -32.47 -37.14
N ALA B 418 -45.33 -33.05 -36.00
CA ALA B 418 -44.01 -32.82 -35.45
C ALA B 418 -42.90 -33.44 -36.27
N ASP B 419 -43.22 -34.28 -37.25
CA ASP B 419 -42.22 -34.91 -38.09
C ASP B 419 -42.30 -34.50 -39.55
N TYR B 420 -43.48 -34.15 -40.05
CA TYR B 420 -43.65 -33.85 -41.47
C TYR B 420 -44.11 -32.43 -41.76
N ASN B 421 -44.59 -31.69 -40.76
CA ASN B 421 -45.12 -30.35 -40.99
C ASN B 421 -44.33 -29.28 -40.26
N TYR B 422 -44.00 -29.48 -38.98
CA TYR B 422 -43.20 -28.52 -38.23
C TYR B 422 -42.61 -29.22 -37.03
N LYS B 423 -41.30 -29.09 -36.84
CA LYS B 423 -40.60 -29.75 -35.74
C LYS B 423 -39.87 -28.68 -34.93
N LEU B 424 -40.21 -28.59 -33.65
CA LEU B 424 -39.61 -27.59 -32.77
C LEU B 424 -38.23 -28.03 -32.32
N PRO B 425 -37.21 -27.18 -32.41
CA PRO B 425 -35.88 -27.57 -31.93
C PRO B 425 -35.88 -27.82 -30.43
N ASP B 426 -35.01 -28.75 -30.01
CA ASP B 426 -34.89 -29.06 -28.60
C ASP B 426 -34.40 -27.86 -27.80
N ASP B 427 -33.45 -27.10 -28.36
CA ASP B 427 -32.97 -25.87 -27.72
C ASP B 427 -33.78 -24.69 -28.26
N PHE B 428 -35.07 -24.70 -27.91
CA PHE B 428 -35.99 -23.65 -28.31
C PHE B 428 -36.08 -22.61 -27.19
N THR B 429 -35.58 -21.42 -27.46
CA THR B 429 -35.62 -20.31 -26.52
C THR B 429 -36.77 -19.41 -26.95
N GLY B 430 -37.96 -19.71 -26.46
CA GLY B 430 -39.13 -18.93 -26.83
C GLY B 430 -40.39 -19.52 -26.26
N CYS B 431 -41.51 -18.89 -26.61
CA CYS B 431 -42.82 -19.27 -26.12
C CYS B 431 -43.77 -19.52 -27.28
N VAL B 432 -44.80 -20.32 -27.00
CA VAL B 432 -45.87 -20.59 -27.95
C VAL B 432 -47.18 -20.08 -27.36
N ILE B 433 -48.08 -19.66 -28.24
CA ILE B 433 -49.38 -19.13 -27.84
C ILE B 433 -50.46 -19.85 -28.65
N ALA B 434 -51.44 -20.41 -27.96
CA ALA B 434 -52.55 -21.11 -28.59
C ALA B 434 -53.86 -20.56 -28.07
N TRP B 435 -54.72 -20.10 -28.97
CA TRP B 435 -56.04 -19.62 -28.61
C TRP B 435 -57.05 -20.14 -29.62
N ASN B 436 -58.23 -20.52 -29.12
CA ASN B 436 -59.23 -21.20 -29.93
C ASN B 436 -59.89 -20.22 -30.87
N SER B 437 -59.93 -20.56 -32.16
CA SER B 437 -60.54 -19.72 -33.20
C SER B 437 -61.62 -20.54 -33.90
N ASN B 438 -62.82 -20.52 -33.35
CA ASN B 438 -63.97 -21.20 -33.93
C ASN B 438 -64.93 -20.26 -34.64
N LYS B 439 -64.55 -18.98 -34.80
CA LYS B 439 -65.39 -18.02 -35.49
C LYS B 439 -64.85 -17.62 -36.86
N LEU B 440 -63.53 -17.45 -36.98
CA LEU B 440 -62.92 -17.08 -38.25
C LEU B 440 -62.59 -18.27 -39.14
N ASP B 441 -62.49 -19.47 -38.55
CA ASP B 441 -62.17 -20.68 -39.30
C ASP B 441 -63.35 -21.64 -39.34
N SER B 442 -64.57 -21.11 -39.27
CA SER B 442 -65.75 -21.96 -39.27
C SER B 442 -66.95 -21.16 -39.75
N LYS B 443 -67.65 -21.71 -40.74
CA LYS B 443 -68.89 -21.15 -41.26
C LYS B 443 -69.83 -22.30 -41.57
N HIS B 444 -71.07 -21.96 -41.92
CA HIS B 444 -72.03 -22.97 -42.32
C HIS B 444 -71.61 -23.62 -43.62
N SER B 445 -72.10 -24.85 -43.84
CA SER B 445 -71.82 -25.71 -44.99
C SER B 445 -70.39 -26.23 -45.01
N GLY B 446 -69.61 -26.00 -43.95
CA GLY B 446 -68.27 -26.53 -43.85
C GLY B 446 -67.22 -25.63 -44.48
N ASN B 447 -65.97 -26.03 -44.29
CA ASN B 447 -64.82 -25.32 -44.83
C ASN B 447 -63.63 -26.26 -44.85
N TYR B 448 -62.99 -26.39 -46.02
CA TYR B 448 -61.84 -27.26 -46.22
C TYR B 448 -60.67 -26.47 -46.75
N ASP B 449 -60.47 -25.26 -46.23
CA ASP B 449 -59.45 -24.37 -46.77
C ASP B 449 -58.04 -24.83 -46.41
N TYR B 450 -57.83 -25.22 -45.15
CA TYR B 450 -56.48 -25.48 -44.67
C TYR B 450 -55.97 -26.84 -45.17
N TRP B 451 -54.65 -26.99 -45.13
CA TRP B 451 -53.98 -28.19 -45.60
C TRP B 451 -52.92 -28.60 -44.59
N TYR B 452 -52.55 -29.88 -44.62
CA TYR B 452 -51.46 -30.37 -43.80
C TYR B 452 -51.00 -31.72 -44.35
N ARG B 453 -49.72 -32.01 -44.11
CA ARG B 453 -49.04 -33.14 -44.73
C ARG B 453 -48.81 -34.22 -43.69
N LEU B 454 -49.46 -35.36 -43.88
CA LEU B 454 -49.18 -36.56 -43.11
C LEU B 454 -48.17 -37.48 -43.79
N PHE B 455 -47.74 -37.14 -45.00
CA PHE B 455 -46.88 -38.01 -45.81
C PHE B 455 -45.68 -37.21 -46.30
N ARG B 456 -44.52 -37.48 -45.71
CA ARG B 456 -43.26 -36.87 -46.12
C ARG B 456 -42.18 -37.94 -46.22
N LYS B 457 -41.26 -37.76 -47.16
CA LYS B 457 -40.22 -38.76 -47.40
C LYS B 457 -39.33 -38.99 -46.19
N SER B 458 -39.18 -38.00 -45.32
CA SER B 458 -38.34 -38.14 -44.13
C SER B 458 -38.89 -37.19 -43.06
N LYS B 459 -38.16 -37.04 -41.97
CA LYS B 459 -38.52 -36.09 -40.94
C LYS B 459 -38.17 -34.67 -41.41
N LEU B 460 -38.72 -33.69 -40.69
CA LEU B 460 -38.48 -32.29 -41.02
C LEU B 460 -37.37 -31.73 -40.12
N LYS B 461 -36.38 -31.11 -40.75
CA LYS B 461 -35.30 -30.49 -40.01
C LYS B 461 -35.81 -29.25 -39.28
N PRO B 462 -35.10 -28.79 -38.25
CA PRO B 462 -35.57 -27.61 -37.50
C PRO B 462 -35.77 -26.41 -38.39
N PHE B 463 -36.90 -25.73 -38.22
CA PHE B 463 -37.26 -24.52 -38.96
C PHE B 463 -37.07 -24.72 -40.46
N GLU B 464 -37.86 -25.66 -41.00
CA GLU B 464 -37.82 -25.99 -42.41
C GLU B 464 -39.24 -26.02 -42.96
N ARG B 465 -39.42 -25.44 -44.15
CA ARG B 465 -40.70 -25.49 -44.85
C ARG B 465 -40.56 -26.36 -46.09
N ASP B 466 -41.52 -27.25 -46.28
CA ASP B 466 -41.46 -28.27 -47.33
C ASP B 466 -42.70 -28.21 -48.20
N ILE B 467 -43.04 -27.01 -48.66
CA ILE B 467 -44.21 -26.82 -49.51
C ILE B 467 -43.95 -27.51 -50.85
N SER B 468 -44.59 -28.65 -51.07
CA SER B 468 -44.41 -29.40 -52.30
C SER B 468 -45.57 -30.39 -52.43
N THR B 469 -45.94 -30.68 -53.67
CA THR B 469 -46.99 -31.64 -53.99
C THR B 469 -46.35 -32.81 -54.73
N GLU B 470 -45.85 -33.78 -53.97
CA GLU B 470 -45.23 -34.99 -54.51
C GLU B 470 -45.92 -36.20 -53.89
N ILE B 471 -46.52 -37.04 -54.75
CA ILE B 471 -47.24 -38.20 -54.25
C ILE B 471 -46.25 -39.19 -53.65
N TYR B 472 -46.55 -39.67 -52.44
CA TYR B 472 -45.65 -40.58 -51.76
C TYR B 472 -45.58 -41.92 -52.48
N GLN B 473 -44.37 -42.44 -52.62
CA GLN B 473 -44.16 -43.74 -53.25
C GLN B 473 -44.49 -44.86 -52.27
N ALA B 474 -45.19 -45.88 -52.77
CA ALA B 474 -45.48 -47.09 -52.00
C ALA B 474 -45.00 -48.30 -52.80
N GLY B 475 -44.36 -49.23 -52.10
CA GLY B 475 -43.80 -50.38 -52.77
C GLY B 475 -42.61 -50.02 -53.64
N ASN B 476 -42.77 -50.18 -54.96
CA ASN B 476 -41.70 -49.82 -55.89
C ASN B 476 -42.22 -49.11 -57.13
N LYS B 477 -43.50 -48.73 -57.15
CA LYS B 477 -44.09 -48.03 -58.29
C LYS B 477 -43.66 -46.57 -58.30
N PRO B 478 -43.25 -46.03 -59.45
CA PRO B 478 -42.94 -44.59 -59.53
C PRO B 478 -44.20 -43.76 -59.72
N CYS B 479 -45.34 -44.36 -59.39
CA CYS B 479 -46.66 -43.82 -59.75
C CYS B 479 -46.83 -42.39 -59.26
N LYS B 480 -47.18 -41.50 -60.18
CA LYS B 480 -47.72 -40.19 -59.86
C LYS B 480 -49.04 -39.93 -60.58
N GLY B 481 -49.41 -40.77 -61.53
CA GLY B 481 -50.69 -40.66 -62.21
C GLY B 481 -51.80 -41.37 -61.47
N VAL B 482 -51.49 -42.52 -60.88
CA VAL B 482 -52.45 -43.20 -60.03
C VAL B 482 -52.73 -42.36 -58.79
N LYS B 483 -54.01 -42.21 -58.46
CA LYS B 483 -54.45 -41.33 -57.39
C LYS B 483 -54.90 -42.07 -56.13
N GLY B 484 -55.34 -43.32 -56.26
CA GLY B 484 -55.94 -44.01 -55.14
C GLY B 484 -54.97 -44.88 -54.37
N PRO B 485 -55.07 -46.19 -54.54
CA PRO B 485 -54.26 -47.11 -53.73
C PRO B 485 -52.78 -47.02 -54.08
N ASN B 486 -51.94 -47.17 -53.06
CA ASN B 486 -50.48 -47.21 -53.14
C ASN B 486 -49.88 -45.94 -53.77
N CYS B 487 -50.68 -44.91 -54.01
CA CYS B 487 -50.19 -43.63 -54.54
C CYS B 487 -51.07 -42.55 -53.94
N TYR B 488 -50.61 -41.94 -52.86
CA TYR B 488 -51.41 -41.02 -52.06
C TYR B 488 -50.91 -39.59 -52.22
N PHE B 489 -51.82 -38.63 -52.19
CA PHE B 489 -51.43 -37.23 -52.21
C PHE B 489 -50.69 -36.88 -50.92
N PRO B 490 -49.61 -36.10 -51.00
CA PRO B 490 -48.79 -35.85 -49.80
C PRO B 490 -49.52 -35.14 -48.68
N LEU B 491 -50.49 -34.28 -49.00
CA LEU B 491 -51.13 -33.43 -48.00
C LEU B 491 -52.63 -33.65 -47.99
N GLN B 492 -53.21 -33.64 -46.79
CA GLN B 492 -54.64 -33.76 -46.58
C GLN B 492 -55.19 -32.45 -46.03
N SER B 493 -56.50 -32.40 -45.82
CA SER B 493 -57.18 -31.17 -45.45
C SER B 493 -57.44 -31.10 -43.95
N TYR B 494 -57.70 -29.88 -43.49
CA TYR B 494 -58.08 -29.61 -42.11
C TYR B 494 -59.52 -29.16 -42.04
N GLY B 495 -60.40 -29.85 -42.78
CA GLY B 495 -61.80 -29.46 -42.89
C GLY B 495 -62.44 -29.07 -41.58
N PHE B 496 -62.79 -27.79 -41.45
CA PHE B 496 -63.23 -27.22 -40.19
C PHE B 496 -64.68 -26.77 -40.29
N ARG B 497 -65.45 -27.04 -39.25
CA ARG B 497 -66.85 -26.71 -39.15
C ARG B 497 -67.11 -26.17 -37.75
N PRO B 498 -68.17 -25.37 -37.58
CA PRO B 498 -68.44 -24.80 -36.24
C PRO B 498 -68.84 -25.82 -35.19
N THR B 499 -68.96 -27.09 -35.53
CA THR B 499 -69.45 -28.12 -34.60
C THR B 499 -68.51 -29.32 -34.61
N TYR B 500 -67.48 -29.28 -33.78
CA TYR B 500 -66.67 -30.45 -33.46
C TYR B 500 -66.49 -30.59 -31.96
N GLY B 501 -65.65 -31.53 -31.54
CA GLY B 501 -65.18 -31.54 -30.17
C GLY B 501 -64.05 -30.56 -29.97
N VAL B 502 -63.67 -30.36 -28.71
CA VAL B 502 -62.63 -29.40 -28.38
C VAL B 502 -61.31 -29.79 -29.04
N GLY B 503 -61.03 -31.10 -29.07
CA GLY B 503 -59.80 -31.58 -29.70
C GLY B 503 -59.76 -31.41 -31.21
N HIS B 504 -60.88 -31.04 -31.83
CA HIS B 504 -60.94 -30.82 -33.27
C HIS B 504 -61.24 -29.39 -33.64
N GLN B 505 -61.33 -28.48 -32.67
CA GLN B 505 -61.59 -27.08 -32.97
C GLN B 505 -60.37 -26.43 -33.64
N PRO B 506 -60.60 -25.43 -34.50
CA PRO B 506 -59.48 -24.74 -35.18
C PRO B 506 -58.71 -23.81 -34.24
N TYR B 507 -57.82 -24.40 -33.45
CA TYR B 507 -56.96 -23.63 -32.56
C TYR B 507 -56.02 -22.74 -33.37
N ARG B 508 -55.90 -21.49 -32.94
CA ARG B 508 -54.98 -20.54 -33.55
C ARG B 508 -53.69 -20.53 -32.73
N VAL B 509 -52.59 -20.97 -33.34
CA VAL B 509 -51.32 -21.13 -32.65
C VAL B 509 -50.32 -20.17 -33.28
N VAL B 510 -49.66 -19.38 -32.43
CA VAL B 510 -48.57 -18.51 -32.83
C VAL B 510 -47.39 -18.79 -31.91
N VAL B 511 -46.24 -19.09 -32.50
CA VAL B 511 -45.03 -19.42 -31.74
C VAL B 511 -44.00 -18.32 -31.96
N LEU B 512 -43.31 -17.96 -30.88
CA LEU B 512 -42.30 -16.91 -30.89
C LEU B 512 -40.94 -17.53 -30.64
N SER B 513 -39.99 -17.27 -31.53
CA SER B 513 -38.62 -17.72 -31.38
C SER B 513 -37.72 -16.50 -31.24
N PHE B 514 -36.93 -16.46 -30.18
CA PHE B 514 -36.00 -15.38 -29.92
C PHE B 514 -34.57 -15.85 -30.13
N GLU B 515 -33.67 -14.90 -30.30
CA GLU B 515 -32.25 -15.18 -30.42
C GLU B 515 -31.54 -14.39 -29.33
N LEU B 516 -31.45 -14.98 -28.14
CA LEU B 516 -30.81 -14.34 -26.99
C LEU B 516 -29.35 -14.74 -26.93
N LEU B 517 -28.59 -14.22 -27.90
CA LEU B 517 -27.17 -14.48 -28.03
C LEU B 517 -26.41 -13.16 -27.93
N HIS B 518 -25.08 -13.27 -27.90
CA HIS B 518 -24.21 -12.09 -27.88
C HIS B 518 -24.25 -11.44 -29.25
N ALA B 519 -25.13 -10.46 -29.40
CA ALA B 519 -25.34 -9.77 -30.67
C ALA B 519 -25.93 -8.41 -30.36
N PRO B 520 -25.84 -7.44 -31.28
CA PRO B 520 -26.42 -6.12 -31.02
C PRO B 520 -27.93 -6.23 -30.84
N ALA B 521 -28.41 -5.84 -29.66
CA ALA B 521 -29.82 -5.95 -29.36
C ALA B 521 -30.65 -5.09 -30.29
N THR B 522 -31.77 -5.64 -30.76
CA THR B 522 -32.63 -4.96 -31.70
C THR B 522 -34.07 -4.83 -31.20
N VAL B 523 -34.62 -5.86 -30.56
CA VAL B 523 -35.98 -5.84 -30.04
C VAL B 523 -35.92 -6.04 -28.54
N CYS B 524 -36.60 -5.16 -27.80
CA CYS B 524 -36.57 -5.23 -26.35
C CYS B 524 -37.94 -4.88 -25.79
N GLY B 525 -38.08 -5.03 -24.47
CA GLY B 525 -39.37 -4.92 -23.83
C GLY B 525 -39.80 -3.49 -23.61
N PRO B 526 -41.03 -3.33 -23.11
CA PRO B 526 -41.62 -1.99 -22.83
C PRO B 526 -41.14 -1.39 -21.51
N LYS B 527 -39.96 -0.76 -21.58
CA LYS B 527 -39.42 -0.08 -20.40
C LYS B 527 -40.40 0.99 -19.92
N LYS B 528 -40.56 1.07 -18.60
CA LYS B 528 -41.58 1.90 -17.98
C LYS B 528 -40.99 3.21 -17.52
N SER B 529 -41.70 4.31 -17.78
CA SER B 529 -41.29 5.64 -17.36
C SER B 529 -42.18 6.14 -16.23
N THR B 530 -41.67 7.12 -15.48
CA THR B 530 -42.36 7.64 -14.31
C THR B 530 -42.22 9.16 -14.31
N ASN B 531 -42.58 9.77 -13.18
CA ASN B 531 -42.55 11.23 -13.04
C ASN B 531 -41.12 11.70 -12.77
N LEU B 532 -40.99 12.97 -12.37
CA LEU B 532 -39.69 13.58 -12.11
C LEU B 532 -39.45 13.83 -10.62
N VAL B 533 -40.32 14.61 -9.99
CA VAL B 533 -40.18 14.99 -8.58
C VAL B 533 -38.82 15.64 -8.38
N LYS B 534 -38.74 16.94 -8.64
CA LYS B 534 -37.49 17.66 -8.54
C LYS B 534 -37.30 18.22 -7.12
N ASN B 535 -36.09 18.71 -6.87
CA ASN B 535 -35.72 19.28 -5.58
C ASN B 535 -35.98 18.29 -4.45
N LYS B 536 -35.63 17.03 -4.67
CA LYS B 536 -35.80 16.00 -3.67
C LYS B 536 -34.80 14.87 -3.93
N CYS B 537 -34.29 14.28 -2.85
CA CYS B 537 -33.44 13.11 -2.97
C CYS B 537 -34.25 11.96 -3.53
N VAL B 538 -33.92 11.53 -4.75
CA VAL B 538 -34.71 10.55 -5.47
C VAL B 538 -33.78 9.59 -6.19
N ASN B 539 -34.11 8.30 -6.15
CA ASN B 539 -33.37 7.30 -6.91
C ASN B 539 -33.79 7.40 -8.38
N PHE B 540 -32.84 7.71 -9.25
CA PHE B 540 -33.13 7.88 -10.67
C PHE B 540 -32.52 6.73 -11.46
N ASN B 541 -33.21 6.35 -12.53
CA ASN B 541 -32.79 5.29 -13.44
C ASN B 541 -32.90 5.77 -14.88
N PHE B 542 -32.35 6.96 -15.14
CA PHE B 542 -32.47 7.59 -16.45
C PHE B 542 -31.85 6.74 -17.54
N ASN B 543 -32.69 6.26 -18.46
CA ASN B 543 -32.30 5.53 -19.67
C ASN B 543 -31.16 4.53 -19.42
N GLY B 544 -31.20 3.86 -18.27
CA GLY B 544 -30.17 2.91 -17.91
C GLY B 544 -29.05 3.46 -17.05
N LEU B 545 -28.95 4.78 -16.90
CA LEU B 545 -27.99 5.39 -15.99
C LEU B 545 -28.66 5.53 -14.63
N THR B 546 -28.36 4.62 -13.72
CA THR B 546 -29.00 4.59 -12.42
C THR B 546 -28.10 5.21 -11.36
N GLY B 547 -28.70 5.99 -10.49
CA GLY B 547 -27.94 6.61 -9.42
C GLY B 547 -28.88 7.24 -8.41
N THR B 548 -28.29 8.01 -7.51
CA THR B 548 -29.03 8.68 -6.44
C THR B 548 -28.65 10.15 -6.40
N GLY B 549 -29.61 10.99 -6.07
CA GLY B 549 -29.31 12.39 -5.90
C GLY B 549 -30.56 13.25 -6.06
N VAL B 550 -30.32 14.55 -6.17
CA VAL B 550 -31.36 15.55 -6.31
C VAL B 550 -31.22 16.20 -7.66
N LEU B 551 -32.32 16.27 -8.41
CA LEU B 551 -32.32 16.81 -9.75
C LEU B 551 -33.24 18.03 -9.84
N THR B 552 -32.89 18.95 -10.71
CA THR B 552 -33.63 20.20 -10.87
C THR B 552 -33.32 20.78 -12.25
N LYS B 553 -33.91 21.93 -12.53
CA LYS B 553 -33.70 22.58 -13.81
C LYS B 553 -32.28 23.14 -13.90
N SER B 554 -31.77 23.20 -15.13
CA SER B 554 -30.43 23.71 -15.38
C SER B 554 -30.48 24.70 -16.54
N ASN B 555 -29.37 25.42 -16.71
CA ASN B 555 -29.18 26.33 -17.83
C ASN B 555 -27.96 25.92 -18.64
N LYS B 556 -27.84 24.62 -18.91
CA LYS B 556 -26.75 24.11 -19.72
C LYS B 556 -26.90 24.58 -21.16
N LYS B 557 -25.94 24.17 -21.99
CA LYS B 557 -25.95 24.45 -23.42
C LYS B 557 -25.79 23.16 -24.21
N PHE B 558 -26.58 22.15 -23.85
CA PHE B 558 -26.49 20.84 -24.49
C PHE B 558 -26.72 20.94 -25.98
N LEU B 559 -25.84 20.31 -26.75
CA LEU B 559 -26.06 20.18 -28.17
C LEU B 559 -27.13 19.11 -28.43
N PRO B 560 -27.82 19.19 -29.57
CA PRO B 560 -28.91 18.25 -29.82
C PRO B 560 -28.51 16.79 -29.76
N PHE B 561 -27.31 16.46 -30.24
CA PHE B 561 -26.87 15.08 -30.19
C PHE B 561 -26.46 14.65 -28.78
N GLN B 562 -26.23 15.60 -27.89
CA GLN B 562 -25.75 15.28 -26.56
C GLN B 562 -26.82 14.59 -25.73
N GLN B 563 -26.40 13.60 -24.96
CA GLN B 563 -27.31 12.84 -24.10
C GLN B 563 -26.93 12.89 -22.63
N PHE B 564 -25.65 12.72 -22.31
CA PHE B 564 -25.17 12.67 -20.94
C PHE B 564 -24.48 13.98 -20.57
N GLY B 565 -23.94 13.99 -19.35
CA GLY B 565 -23.11 15.10 -18.90
C GLY B 565 -22.10 14.59 -17.90
N ARG B 566 -21.03 15.36 -17.74
CA ARG B 566 -19.94 14.93 -16.87
C ARG B 566 -19.20 16.18 -16.40
N ASP B 567 -18.04 15.97 -15.79
CA ASP B 567 -17.18 17.04 -15.34
C ASP B 567 -15.74 16.65 -15.66
N ILE B 568 -14.79 17.37 -15.06
CA ILE B 568 -13.38 17.09 -15.32
C ILE B 568 -12.99 15.70 -14.79
N VAL B 569 -13.58 15.28 -13.69
CA VAL B 569 -13.18 14.03 -13.03
C VAL B 569 -13.99 12.84 -13.57
N ASP B 570 -14.77 13.04 -14.63
CA ASP B 570 -15.57 11.99 -15.23
C ASP B 570 -16.52 11.39 -14.19
N THR B 571 -17.45 12.23 -13.76
CA THR B 571 -18.57 11.82 -12.93
C THR B 571 -19.84 12.41 -13.51
N THR B 572 -20.86 11.57 -13.66
CA THR B 572 -22.09 11.99 -14.32
C THR B 572 -22.69 13.19 -13.61
N ASP B 573 -22.73 14.33 -14.31
CA ASP B 573 -23.20 15.58 -13.76
C ASP B 573 -24.62 15.93 -14.22
N ALA B 574 -24.85 15.99 -15.53
CA ALA B 574 -26.12 16.39 -16.08
C ALA B 574 -26.66 15.30 -16.99
N VAL B 575 -27.98 15.16 -17.03
CA VAL B 575 -28.64 14.18 -17.87
C VAL B 575 -29.78 14.87 -18.60
N ARG B 576 -29.97 14.50 -19.87
CA ARG B 576 -31.08 15.04 -20.64
C ARG B 576 -32.32 14.16 -20.45
N ASP B 577 -33.46 14.80 -20.24
CA ASP B 577 -34.69 14.04 -20.07
C ASP B 577 -35.08 13.43 -21.40
N PRO B 578 -35.20 12.10 -21.49
CA PRO B 578 -35.52 11.48 -22.79
C PRO B 578 -36.96 11.69 -23.23
N GLN B 579 -37.85 12.07 -22.32
CA GLN B 579 -39.26 12.28 -22.66
C GLN B 579 -39.68 13.72 -22.50
N THR B 580 -38.77 14.62 -22.13
CA THR B 580 -39.05 16.03 -21.98
C THR B 580 -38.05 16.91 -22.71
N LEU B 581 -36.84 16.41 -22.99
CA LEU B 581 -35.79 17.17 -23.67
C LEU B 581 -35.37 18.39 -22.86
N GLU B 582 -35.35 18.25 -21.55
CA GLU B 582 -34.83 19.26 -20.64
C GLU B 582 -33.56 18.75 -19.99
N ILE B 583 -32.85 19.65 -19.32
CA ILE B 583 -31.55 19.36 -18.74
C ILE B 583 -31.66 19.40 -17.23
N LEU B 584 -31.19 18.33 -16.58
CA LEU B 584 -31.26 18.21 -15.13
C LEU B 584 -29.86 17.94 -14.58
N ASP B 585 -29.58 18.49 -13.41
CA ASP B 585 -28.30 18.29 -12.75
C ASP B 585 -28.40 17.21 -11.69
N ILE B 586 -27.29 16.51 -11.48
CA ILE B 586 -27.20 15.45 -10.48
C ILE B 586 -26.34 15.94 -9.33
N THR B 587 -26.79 15.68 -8.12
CA THR B 587 -26.16 16.16 -6.90
C THR B 587 -25.96 15.01 -5.93
N PRO B 588 -24.97 15.09 -5.04
CA PRO B 588 -24.94 14.16 -3.91
C PRO B 588 -26.24 14.23 -3.13
N CYS B 589 -26.52 13.17 -2.38
CA CYS B 589 -27.81 13.11 -1.70
C CYS B 589 -27.84 14.04 -0.49
N SER B 590 -27.07 13.71 0.55
CA SER B 590 -26.91 14.64 1.67
C SER B 590 -25.54 14.52 2.33
N PHE B 591 -24.52 14.06 1.62
CA PHE B 591 -23.23 13.66 2.18
C PHE B 591 -22.76 14.58 3.30
N GLY B 592 -22.37 13.98 4.40
CA GLY B 592 -21.71 14.67 5.49
C GLY B 592 -21.15 13.64 6.44
N GLY B 593 -20.77 14.07 7.64
CA GLY B 593 -20.20 13.16 8.61
C GLY B 593 -20.55 13.55 10.03
N VAL B 594 -21.04 12.60 10.82
CA VAL B 594 -21.51 12.89 12.17
C VAL B 594 -20.36 12.73 13.15
N SER B 595 -20.12 13.76 13.94
CA SER B 595 -19.10 13.73 14.99
C SER B 595 -19.77 14.11 16.30
N VAL B 596 -19.45 13.37 17.36
CA VAL B 596 -20.06 13.58 18.67
C VAL B 596 -19.01 14.18 19.60
N ILE B 597 -19.38 15.29 20.24
CA ILE B 597 -18.56 15.89 21.28
C ILE B 597 -19.20 15.56 22.62
N THR B 598 -18.38 15.19 23.59
CA THR B 598 -18.89 14.78 24.88
C THR B 598 -17.84 14.94 25.97
N PRO B 599 -18.25 15.24 27.19
CA PRO B 599 -17.35 15.16 28.34
C PRO B 599 -17.23 13.70 28.78
N GLY B 600 -16.45 13.49 29.83
CA GLY B 600 -16.28 12.14 30.35
C GLY B 600 -17.61 11.55 30.81
N THR B 601 -17.82 10.28 30.48
CA THR B 601 -19.06 9.62 30.86
C THR B 601 -19.21 9.55 32.37
N ASN B 602 -18.11 9.39 33.10
CA ASN B 602 -18.17 9.44 34.56
C ASN B 602 -18.63 10.80 35.07
N THR B 603 -18.50 11.84 34.26
CA THR B 603 -19.00 13.17 34.63
C THR B 603 -20.47 13.34 34.29
N SER B 604 -20.84 13.07 33.04
CA SER B 604 -22.21 13.26 32.61
C SER B 604 -22.49 12.36 31.41
N ASN B 605 -23.79 12.16 31.15
CA ASN B 605 -24.23 11.38 30.00
C ASN B 605 -24.67 12.25 28.83
N GLN B 606 -24.77 13.56 29.01
CA GLN B 606 -25.23 14.43 27.94
C GLN B 606 -24.19 14.51 26.84
N VAL B 607 -24.67 14.48 25.58
CA VAL B 607 -23.80 14.51 24.41
C VAL B 607 -24.37 15.51 23.41
N ALA B 608 -23.52 15.93 22.48
CA ALA B 608 -23.92 16.84 21.42
C ALA B 608 -23.46 16.27 20.08
N VAL B 609 -24.27 16.51 19.05
CA VAL B 609 -24.05 15.92 17.72
C VAL B 609 -23.64 17.02 16.75
N LEU B 610 -22.57 16.77 16.01
CA LEU B 610 -22.14 17.65 14.93
C LEU B 610 -22.44 16.98 13.60
N TYR B 611 -23.11 17.71 12.72
CA TYR B 611 -23.26 17.30 11.33
C TYR B 611 -22.31 18.13 10.48
N GLN B 612 -21.27 17.49 9.98
CA GLN B 612 -20.16 18.21 9.37
C GLN B 612 -20.55 18.77 8.00
N GLY B 613 -20.33 20.07 7.82
CA GLY B 613 -20.44 20.70 6.52
C GLY B 613 -21.78 20.54 5.82
N VAL B 614 -22.87 20.76 6.54
CA VAL B 614 -24.21 20.71 5.96
C VAL B 614 -25.03 21.86 6.54
N ASN B 615 -25.75 22.57 5.67
CA ASN B 615 -26.61 23.64 6.13
C ASN B 615 -27.64 23.09 7.10
N CYS B 616 -27.81 23.78 8.22
CA CYS B 616 -28.52 23.19 9.34
C CYS B 616 -30.03 23.17 9.13
N THR B 617 -30.52 23.85 8.10
CA THR B 617 -31.93 23.72 7.75
C THR B 617 -32.21 22.40 7.05
N GLU B 618 -31.25 21.93 6.24
CA GLU B 618 -31.44 20.69 5.49
C GLU B 618 -31.60 19.50 6.43
N VAL B 619 -30.79 19.44 7.48
CA VAL B 619 -30.95 18.35 8.44
C VAL B 619 -32.28 18.49 9.18
N SER B 620 -32.74 19.73 9.41
CA SER B 620 -33.99 19.93 10.12
C SER B 620 -35.17 19.33 9.36
N VAL B 621 -35.26 19.63 8.06
CA VAL B 621 -36.37 19.09 7.27
C VAL B 621 -36.23 17.59 7.08
N ALA B 622 -35.00 17.10 6.95
CA ALA B 622 -34.78 15.66 6.79
C ALA B 622 -35.20 14.91 8.06
N ILE B 623 -34.88 15.47 9.22
CA ILE B 623 -35.29 14.86 10.48
C ILE B 623 -36.82 14.84 10.58
N HIS B 624 -37.45 15.94 10.22
CA HIS B 624 -38.90 16.03 10.32
C HIS B 624 -39.59 15.09 9.35
N ALA B 625 -38.96 14.81 8.21
CA ALA B 625 -39.49 13.86 7.23
C ALA B 625 -39.00 12.44 7.49
N ASP B 626 -38.11 12.24 8.46
CA ASP B 626 -37.65 10.91 8.86
C ASP B 626 -37.03 10.14 7.69
N GLN B 627 -36.07 10.76 7.02
CA GLN B 627 -35.36 10.12 5.92
C GLN B 627 -33.85 10.09 6.13
N LEU B 628 -33.39 10.44 7.33
CA LEU B 628 -31.98 10.38 7.65
C LEU B 628 -31.57 8.95 7.99
N THR B 629 -30.40 8.54 7.49
CA THR B 629 -29.90 7.21 7.79
C THR B 629 -29.67 6.99 9.28
N PRO B 630 -29.05 7.92 10.03
CA PRO B 630 -28.97 7.73 11.48
C PRO B 630 -30.34 7.59 12.12
N THR B 631 -30.52 6.49 12.85
CA THR B 631 -31.78 6.25 13.54
C THR B 631 -31.82 6.91 14.92
N TRP B 632 -30.68 7.12 15.56
CA TRP B 632 -30.63 7.82 16.84
C TRP B 632 -31.04 9.26 16.61
N ARG B 633 -31.92 9.78 17.46
CA ARG B 633 -32.50 11.10 17.27
C ARG B 633 -32.22 11.94 18.51
N VAL B 634 -31.41 12.97 18.35
CA VAL B 634 -31.15 13.94 19.41
C VAL B 634 -32.23 15.00 19.35
N TYR B 635 -32.84 15.26 20.50
CA TYR B 635 -34.01 16.11 20.56
C TYR B 635 -33.66 17.56 20.26
N SER B 636 -34.54 18.22 19.50
CA SER B 636 -34.32 19.57 18.98
C SER B 636 -35.28 20.51 19.72
N THR B 637 -34.73 21.41 20.51
CA THR B 637 -35.54 22.37 21.26
C THR B 637 -35.62 23.74 20.60
N GLY B 638 -34.99 23.93 19.44
CA GLY B 638 -34.88 25.22 18.82
C GLY B 638 -33.78 26.08 19.41
N SER B 639 -33.56 26.01 20.71
CA SER B 639 -32.41 26.64 21.35
C SER B 639 -31.12 25.86 21.12
N ASN B 640 -31.19 24.57 20.82
CA ASN B 640 -30.03 23.78 20.46
C ASN B 640 -30.03 23.67 18.94
N VAL B 641 -29.58 24.75 18.30
CA VAL B 641 -29.39 24.83 16.85
C VAL B 641 -28.24 25.79 16.66
N PHE B 642 -27.33 25.46 15.74
CA PHE B 642 -26.13 26.27 15.58
C PHE B 642 -25.62 26.09 14.15
N GLN B 643 -25.84 27.08 13.31
CA GLN B 643 -25.24 27.07 11.98
C GLN B 643 -23.80 27.51 12.11
N THR B 644 -22.88 26.57 11.95
CA THR B 644 -21.45 26.82 12.07
C THR B 644 -20.78 26.59 10.71
N ARG B 645 -19.66 27.29 10.49
CA ARG B 645 -18.91 27.09 9.26
C ARG B 645 -18.46 25.65 9.09
N ALA B 646 -18.41 24.88 10.18
CA ALA B 646 -18.07 23.47 10.12
C ALA B 646 -19.30 22.58 10.00
N GLY B 647 -20.50 23.13 10.07
CA GLY B 647 -21.73 22.37 9.96
C GLY B 647 -22.77 22.87 10.93
N CYS B 648 -23.67 21.96 11.32
CA CYS B 648 -24.74 22.29 12.24
C CYS B 648 -24.58 21.49 13.52
N LEU B 649 -24.61 22.19 14.65
CA LEU B 649 -24.44 21.59 15.96
C LEU B 649 -25.77 21.48 16.67
N ILE B 650 -26.11 20.27 17.11
CA ILE B 650 -27.37 20.00 17.80
C ILE B 650 -27.05 19.48 19.19
N GLY B 651 -27.76 20.00 20.18
CA GLY B 651 -27.57 19.57 21.55
C GLY B 651 -26.76 20.51 22.41
N ALA B 652 -26.34 21.65 21.87
CA ALA B 652 -25.61 22.65 22.63
C ALA B 652 -26.20 24.02 22.34
N GLU B 653 -26.04 24.94 23.28
CA GLU B 653 -26.62 26.28 23.16
C GLU B 653 -25.52 27.33 23.10
N TYR B 654 -25.77 28.36 22.30
CA TYR B 654 -24.79 29.42 22.13
C TYR B 654 -24.70 30.29 23.37
N VAL B 655 -23.47 30.53 23.83
CA VAL B 655 -23.19 31.56 24.81
C VAL B 655 -22.24 32.55 24.17
N ASN B 656 -22.63 33.82 24.17
CA ASN B 656 -21.83 34.84 23.49
C ASN B 656 -20.58 35.24 24.26
N ASN B 657 -20.35 34.65 25.43
CA ASN B 657 -19.13 34.91 26.18
C ASN B 657 -17.94 34.28 25.47
N SER B 658 -16.76 34.45 26.06
CA SER B 658 -15.52 33.94 25.49
C SER B 658 -14.74 33.21 26.56
N TYR B 659 -14.36 31.97 26.28
CA TYR B 659 -13.60 31.15 27.20
C TYR B 659 -12.45 30.49 26.45
N GLU B 660 -11.51 29.95 27.21
CA GLU B 660 -10.42 29.18 26.62
C GLU B 660 -10.96 27.91 25.99
N CYS B 661 -10.36 27.51 24.87
CA CYS B 661 -10.84 26.33 24.16
C CYS B 661 -10.63 25.07 24.96
N ASP B 662 -11.67 24.26 25.06
CA ASP B 662 -11.62 22.96 25.73
C ASP B 662 -11.76 21.80 24.77
N ILE B 663 -12.84 21.75 24.01
CA ILE B 663 -13.06 20.72 23.00
C ILE B 663 -13.11 21.40 21.63
N PRO B 664 -12.13 21.19 20.77
CA PRO B 664 -12.12 21.85 19.46
C PRO B 664 -13.24 21.29 18.58
N ILE B 665 -14.08 22.19 18.09
CA ILE B 665 -15.11 21.82 17.14
C ILE B 665 -14.74 22.25 15.73
N GLY B 666 -14.19 23.45 15.59
CA GLY B 666 -13.77 23.97 14.31
C GLY B 666 -14.26 25.38 14.05
N ALA B 667 -13.58 26.08 13.13
CA ALA B 667 -13.96 27.44 12.73
C ALA B 667 -14.02 28.38 13.92
N GLY B 668 -13.07 28.23 14.83
CA GLY B 668 -13.02 29.09 15.99
C GLY B 668 -14.17 28.89 16.94
N ILE B 669 -14.70 27.67 17.04
CA ILE B 669 -15.78 27.34 17.96
C ILE B 669 -15.35 26.21 18.87
N CYS B 670 -15.56 26.39 20.18
CA CYS B 670 -15.16 25.42 21.19
C CYS B 670 -16.26 25.25 22.22
N ALA B 671 -16.44 24.00 22.67
CA ALA B 671 -17.47 23.64 23.63
C ALA B 671 -16.84 23.06 24.89
N SER B 672 -17.57 23.19 25.99
CA SER B 672 -17.14 22.63 27.26
C SER B 672 -18.36 22.35 28.11
N TYR B 673 -18.16 21.58 29.16
CA TYR B 673 -19.20 21.28 30.13
C TYR B 673 -19.17 22.34 31.23
N GLN B 674 -20.23 23.11 31.32
CA GLN B 674 -20.28 24.23 32.25
C GLN B 674 -21.64 24.28 32.93
N THR B 675 -21.63 24.64 34.20
CA THR B 675 -22.85 24.80 34.98
C THR B 675 -23.64 26.00 34.49
N GLN B 676 -24.94 25.97 34.74
CA GLN B 676 -25.82 27.07 34.32
C GLN B 676 -25.56 28.32 35.14
N SER B 688 -28.83 21.89 35.90
CA SER B 688 -28.02 23.08 36.10
C SER B 688 -26.70 22.95 35.36
N GLN B 689 -26.53 21.83 34.66
CA GLN B 689 -25.33 21.57 33.87
C GLN B 689 -25.73 21.17 32.47
N SER B 690 -24.93 21.61 31.49
CA SER B 690 -25.23 21.34 30.09
C SER B 690 -23.97 21.54 29.28
N ILE B 691 -24.12 21.43 27.96
CA ILE B 691 -23.03 21.58 27.02
C ILE B 691 -23.21 22.90 26.28
N ILE B 692 -22.21 23.77 26.36
CA ILE B 692 -22.29 25.11 25.79
C ILE B 692 -21.27 25.24 24.67
N ALA B 693 -21.61 26.04 23.67
CA ALA B 693 -20.72 26.32 22.55
C ALA B 693 -20.41 27.80 22.49
N TYR B 694 -19.15 28.13 22.25
CA TYR B 694 -18.71 29.52 22.25
C TYR B 694 -17.49 29.66 21.36
N THR B 695 -17.23 30.89 20.94
CA THR B 695 -16.01 31.18 20.21
C THR B 695 -14.83 31.22 21.17
N MET B 696 -13.74 30.54 20.80
CA MET B 696 -12.61 30.43 21.70
C MET B 696 -12.03 31.79 22.03
N SER B 697 -11.66 31.98 23.29
CA SER B 697 -11.02 33.22 23.71
C SER B 697 -9.53 33.12 23.42
N LEU B 698 -9.05 34.03 22.55
CA LEU B 698 -7.65 34.02 22.18
C LEU B 698 -6.74 34.31 23.36
N GLY B 699 -7.27 34.88 24.43
CA GLY B 699 -6.49 35.20 25.60
C GLY B 699 -7.05 36.44 26.27
N ALA B 700 -6.40 36.82 27.36
CA ALA B 700 -6.80 38.03 28.08
C ALA B 700 -6.47 39.25 27.23
N GLU B 701 -7.41 40.18 27.17
CA GLU B 701 -7.23 41.42 26.44
C GLU B 701 -6.34 42.35 27.26
N ASN B 702 -5.16 42.66 26.73
CA ASN B 702 -4.22 43.54 27.40
C ASN B 702 -3.67 44.56 26.41
N SER B 703 -3.40 45.75 26.91
CA SER B 703 -2.87 46.84 26.08
C SER B 703 -1.57 47.35 26.71
N VAL B 704 -0.60 47.65 25.87
CA VAL B 704 0.69 48.13 26.35
C VAL B 704 0.61 49.63 26.64
N ALA B 705 1.62 50.13 27.36
CA ALA B 705 1.70 51.53 27.77
C ALA B 705 2.80 52.27 27.03
N TYR B 706 2.96 51.98 25.74
CA TYR B 706 4.04 52.57 24.96
C TYR B 706 3.93 54.09 24.93
N SER B 707 5.08 54.75 25.05
CA SER B 707 5.13 56.20 25.04
C SER B 707 6.46 56.64 24.45
N ASN B 708 6.66 57.97 24.42
CA ASN B 708 7.92 58.51 23.93
C ASN B 708 9.04 58.34 24.94
N ASN B 709 8.75 58.49 26.24
CA ASN B 709 9.81 58.48 27.23
C ASN B 709 9.41 57.71 28.49
N SER B 710 8.60 56.68 28.36
CA SER B 710 8.15 55.90 29.50
C SER B 710 8.60 54.44 29.34
N ILE B 711 9.25 53.91 30.37
CA ILE B 711 9.74 52.53 30.36
C ILE B 711 9.46 51.88 31.71
N ALA B 712 9.37 50.56 31.71
CA ALA B 712 9.20 49.78 32.94
C ALA B 712 10.36 48.81 33.08
N ILE B 713 11.03 48.87 34.22
CA ILE B 713 12.16 48.01 34.53
C ILE B 713 11.75 47.12 35.70
N PRO B 714 11.93 45.80 35.61
CA PRO B 714 11.52 44.94 36.72
C PRO B 714 12.37 45.21 37.95
N THR B 715 11.73 45.69 39.01
CA THR B 715 12.39 45.87 40.28
C THR B 715 12.54 44.56 41.04
N ASN B 716 11.94 43.49 40.55
CA ASN B 716 12.03 42.19 41.19
C ASN B 716 12.00 41.12 40.11
N PHE B 717 12.09 39.87 40.55
CA PHE B 717 12.20 38.73 39.65
C PHE B 717 11.73 37.47 40.34
N THR B 718 11.42 36.46 39.53
CA THR B 718 10.97 35.17 40.04
C THR B 718 11.74 34.06 39.36
N ILE B 719 11.75 32.90 40.01
CA ILE B 719 12.37 31.69 39.48
C ILE B 719 11.28 30.68 39.20
N SER B 720 11.17 30.25 37.94
CA SER B 720 10.14 29.32 37.51
C SER B 720 10.80 28.06 36.98
N VAL B 721 10.32 26.91 37.42
CA VAL B 721 10.80 25.61 36.96
C VAL B 721 9.68 24.99 36.14
N THR B 722 9.79 25.07 34.82
CA THR B 722 8.82 24.47 33.93
C THR B 722 9.18 23.01 33.68
N THR B 723 8.34 22.32 32.92
CA THR B 723 8.59 20.96 32.51
C THR B 723 8.28 20.83 31.04
N GLU B 724 8.92 19.84 30.39
CA GLU B 724 8.75 19.65 28.96
C GLU B 724 9.13 18.22 28.61
N ILE B 725 8.32 17.60 27.75
CA ILE B 725 8.37 16.16 27.49
C ILE B 725 8.67 15.96 26.01
N LEU B 726 9.58 15.01 25.71
CA LEU B 726 9.76 14.55 24.34
C LEU B 726 10.01 13.05 24.36
N PRO B 727 9.35 12.29 23.50
CA PRO B 727 9.64 10.86 23.40
C PRO B 727 11.00 10.64 22.76
N VAL B 728 11.60 9.50 23.09
CA VAL B 728 12.94 9.19 22.59
C VAL B 728 12.90 7.98 21.67
N SER B 729 12.11 6.98 22.03
CA SER B 729 12.14 5.74 21.28
C SER B 729 10.79 5.03 21.41
N MET B 730 10.56 4.08 20.51
CA MET B 730 9.36 3.27 20.52
C MET B 730 9.73 1.82 20.74
N THR B 731 8.72 1.01 21.01
CA THR B 731 8.95 -0.41 21.22
C THR B 731 9.42 -1.06 19.93
N LYS B 732 10.45 -1.90 20.03
CA LYS B 732 11.05 -2.54 18.87
C LYS B 732 10.29 -3.83 18.56
N THR B 733 9.78 -3.92 17.34
CA THR B 733 9.01 -5.08 16.90
C THR B 733 9.82 -5.87 15.88
N SER B 734 9.67 -7.20 15.91
CA SER B 734 10.41 -8.10 15.04
C SER B 734 9.51 -9.18 14.48
N VAL B 735 8.37 -8.78 13.91
CA VAL B 735 7.44 -9.74 13.33
C VAL B 735 8.15 -10.59 12.29
N ASP B 736 7.74 -11.87 12.21
CA ASP B 736 8.24 -12.78 11.19
C ASP B 736 7.10 -13.18 10.27
N CYS B 737 7.24 -12.85 8.99
CA CYS B 737 6.16 -13.03 8.04
C CYS B 737 5.81 -14.51 7.90
N THR B 738 6.82 -15.38 8.00
CA THR B 738 6.59 -16.80 7.78
C THR B 738 5.48 -17.31 8.69
N MET B 739 5.64 -17.11 10.00
CA MET B 739 4.56 -17.50 10.90
C MET B 739 3.33 -16.63 10.70
N TYR B 740 3.54 -15.31 10.59
CA TYR B 740 2.39 -14.40 10.65
C TYR B 740 1.39 -14.69 9.55
N ILE B 741 1.87 -15.12 8.38
CA ILE B 741 1.00 -15.36 7.24
C ILE B 741 0.69 -16.85 7.12
N CYS B 742 1.67 -17.70 7.42
CA CYS B 742 1.52 -19.15 7.26
C CYS B 742 1.87 -19.83 8.58
N GLY B 743 0.85 -20.11 9.38
CA GLY B 743 1.06 -20.90 10.57
C GLY B 743 1.49 -22.31 10.23
N ASP B 744 2.77 -22.62 10.49
CA ASP B 744 3.41 -23.93 10.37
C ASP B 744 2.84 -24.78 9.23
N SER B 745 2.67 -24.18 8.06
CA SER B 745 2.09 -24.85 6.91
C SER B 745 3.11 -24.85 5.78
N THR B 746 3.59 -26.04 5.42
CA THR B 746 4.58 -26.15 4.35
C THR B 746 4.00 -25.68 3.02
N GLU B 747 2.74 -26.02 2.74
CA GLU B 747 2.12 -25.58 1.49
C GLU B 747 1.98 -24.08 1.44
N CYS B 748 1.58 -23.44 2.54
CA CYS B 748 1.49 -21.99 2.55
C CYS B 748 2.86 -21.36 2.40
N SER B 749 3.88 -21.96 3.01
CA SER B 749 5.24 -21.46 2.84
C SER B 749 5.68 -21.54 1.39
N ASN B 750 5.35 -22.65 0.72
CA ASN B 750 5.68 -22.79 -0.70
C ASN B 750 4.96 -21.74 -1.52
N LEU B 751 3.68 -21.52 -1.24
CA LEU B 751 2.93 -20.52 -1.98
C LEU B 751 3.50 -19.12 -1.76
N LEU B 752 3.88 -18.81 -0.52
CA LEU B 752 4.49 -17.52 -0.23
C LEU B 752 5.82 -17.36 -0.94
N LEU B 753 6.61 -18.42 -1.02
CA LEU B 753 7.92 -18.36 -1.68
C LEU B 753 7.81 -17.87 -3.12
N GLN B 754 6.73 -18.21 -3.81
CA GLN B 754 6.55 -17.77 -5.19
C GLN B 754 6.31 -16.27 -5.30
N TYR B 755 6.05 -15.59 -4.18
CA TYR B 755 5.88 -14.15 -4.18
C TYR B 755 7.20 -13.40 -4.14
N GLY B 756 8.31 -14.08 -4.39
CA GLY B 756 9.59 -13.41 -4.44
C GLY B 756 10.07 -12.98 -3.06
N SER B 757 11.08 -12.12 -3.08
CA SER B 757 11.71 -11.67 -1.84
C SER B 757 10.90 -10.55 -1.21
N PHE B 758 9.60 -10.77 -1.02
CA PHE B 758 8.74 -9.77 -0.40
C PHE B 758 8.80 -9.80 1.11
N CYS B 759 9.56 -10.73 1.71
CA CYS B 759 9.68 -10.84 3.14
C CYS B 759 10.99 -10.27 3.69
N THR B 760 12.11 -10.51 3.01
CA THR B 760 13.39 -10.00 3.48
C THR B 760 13.36 -8.48 3.59
N GLN B 761 12.63 -7.82 2.70
CA GLN B 761 12.50 -6.37 2.79
C GLN B 761 11.83 -5.97 4.10
N LEU B 762 10.75 -6.66 4.48
CA LEU B 762 10.07 -6.33 5.73
C LEU B 762 10.96 -6.59 6.93
N LYS B 763 11.67 -7.72 6.93
CA LYS B 763 12.56 -8.01 8.06
C LYS B 763 13.66 -6.98 8.16
N ARG B 764 14.23 -6.58 7.02
CA ARG B 764 15.27 -5.56 7.02
C ARG B 764 14.75 -4.23 7.53
N ALA B 765 13.54 -3.85 7.11
CA ALA B 765 12.96 -2.59 7.57
C ALA B 765 12.76 -2.60 9.08
N LEU B 766 12.24 -3.70 9.61
CA LEU B 766 12.03 -3.76 11.06
C LEU B 766 13.36 -3.72 11.81
N THR B 767 14.37 -4.45 11.31
CA THR B 767 15.67 -4.42 11.96
C THR B 767 16.27 -3.01 11.93
N GLY B 768 16.15 -2.33 10.80
CA GLY B 768 16.64 -0.97 10.72
C GLY B 768 15.92 -0.05 11.67
N ILE B 769 14.61 -0.23 11.83
CA ILE B 769 13.86 0.60 12.78
C ILE B 769 14.36 0.36 14.20
N ALA B 770 14.59 -0.90 14.56
CA ALA B 770 15.09 -1.19 15.90
C ALA B 770 16.47 -0.56 16.13
N VAL B 771 17.35 -0.68 15.14
CA VAL B 771 18.69 -0.12 15.28
C VAL B 771 18.62 1.40 15.37
N GLU B 772 17.70 2.02 14.62
CA GLU B 772 17.52 3.46 14.70
C GLU B 772 17.04 3.88 16.08
N GLN B 773 16.14 3.11 16.68
CA GLN B 773 15.70 3.41 18.04
C GLN B 773 16.87 3.34 19.02
N ASP B 774 17.69 2.30 18.89
CA ASP B 774 18.84 2.15 19.77
C ASP B 774 19.79 3.33 19.62
N LYS B 775 20.07 3.72 18.37
CA LYS B 775 20.97 4.84 18.12
C LYS B 775 20.39 6.14 18.65
N ASN B 776 19.07 6.32 18.54
CA ASN B 776 18.44 7.52 19.08
C ASN B 776 18.64 7.61 20.58
N THR B 777 18.39 6.51 21.29
CA THR B 777 18.60 6.53 22.73
C THR B 777 20.05 6.82 23.07
N GLN B 778 20.98 6.17 22.36
CA GLN B 778 22.40 6.40 22.61
C GLN B 778 22.77 7.87 22.41
N GLU B 779 22.35 8.45 21.28
CA GLU B 779 22.68 9.84 21.00
C GLU B 779 22.06 10.77 22.03
N VAL B 780 20.81 10.53 22.41
CA VAL B 780 20.11 11.47 23.28
C VAL B 780 20.66 11.41 24.69
N PHE B 781 21.12 10.24 25.14
CA PHE B 781 21.55 10.12 26.53
C PHE B 781 23.06 10.02 26.70
N ALA B 782 23.71 9.07 26.05
CA ALA B 782 25.14 8.87 26.26
C ALA B 782 25.94 9.99 25.63
N GLN B 783 25.90 11.17 26.26
CA GLN B 783 26.61 12.32 25.76
C GLN B 783 27.91 12.60 26.49
N VAL B 784 28.10 12.03 27.68
CA VAL B 784 29.31 12.21 28.48
C VAL B 784 30.05 10.89 28.54
N LYS B 785 31.35 10.92 28.25
CA LYS B 785 32.14 9.70 28.26
C LYS B 785 32.43 9.23 29.68
N GLN B 786 32.43 10.15 30.64
CA GLN B 786 32.79 9.82 32.01
C GLN B 786 31.57 9.87 32.92
N ILE B 787 31.38 8.82 33.70
CA ILE B 787 30.29 8.79 34.68
C ILE B 787 30.80 9.46 35.96
N TYR B 788 30.40 10.71 36.17
CA TYR B 788 30.73 11.42 37.40
C TYR B 788 29.76 11.02 38.50
N LYS B 789 30.21 11.22 39.74
CA LYS B 789 29.40 10.88 40.90
C LYS B 789 29.28 12.10 41.80
N THR B 790 28.09 12.28 42.36
CA THR B 790 27.83 13.42 43.22
C THR B 790 28.67 13.32 44.49
N PRO B 791 29.03 14.45 45.09
CA PRO B 791 29.79 14.41 46.34
C PRO B 791 28.97 13.78 47.44
N PRO B 792 29.61 13.15 48.42
CA PRO B 792 28.85 12.48 49.48
C PRO B 792 27.92 13.42 50.24
N ILE B 793 28.33 14.65 50.47
CA ILE B 793 27.48 15.64 51.12
C ILE B 793 26.72 16.39 50.04
N LYS B 794 25.58 16.96 50.42
CA LYS B 794 24.73 17.71 49.49
C LYS B 794 24.34 19.03 50.16
N TYR B 795 25.23 20.02 50.07
CA TYR B 795 24.93 21.39 50.45
C TYR B 795 25.40 22.29 49.32
N PHE B 796 24.50 22.59 48.40
CA PHE B 796 24.84 23.42 47.24
C PHE B 796 24.32 24.84 47.44
N GLY B 797 24.90 25.51 48.44
CA GLY B 797 24.51 26.87 48.76
C GLY B 797 23.06 27.02 49.17
N GLY B 798 22.51 26.04 49.88
CA GLY B 798 21.13 26.06 50.29
C GLY B 798 20.16 25.52 49.28
N PHE B 799 20.63 25.22 48.07
CA PHE B 799 19.76 24.68 47.03
C PHE B 799 19.46 23.22 47.33
N ASN B 800 18.19 22.86 47.27
CA ASN B 800 17.74 21.51 47.58
C ASN B 800 17.60 20.74 46.27
N PHE B 801 18.32 19.63 46.15
CA PHE B 801 18.31 18.83 44.93
C PHE B 801 17.87 17.39 45.18
N SER B 802 17.42 17.07 46.38
CA SER B 802 17.08 15.69 46.71
C SER B 802 15.94 15.18 45.84
N GLN B 803 15.06 16.07 45.37
CA GLN B 803 13.95 15.64 44.54
C GLN B 803 14.44 15.09 43.20
N ILE B 804 15.55 15.61 42.68
CA ILE B 804 16.07 15.16 41.40
C ILE B 804 17.32 14.31 41.54
N LEU B 805 17.87 14.19 42.75
CA LEU B 805 19.03 13.35 42.97
C LEU B 805 18.59 11.89 43.14
N PRO B 806 19.46 10.94 42.84
CA PRO B 806 19.12 9.52 43.08
C PRO B 806 18.88 9.25 44.55
N ASP B 807 17.96 8.32 44.81
CA ASP B 807 17.64 7.91 46.18
C ASP B 807 18.32 6.59 46.48
N PRO B 808 19.32 6.56 47.36
CA PRO B 808 19.97 5.27 47.68
C PRO B 808 19.02 4.25 48.29
N SER B 809 18.02 4.70 49.04
CA SER B 809 17.09 3.77 49.68
C SER B 809 16.34 2.93 48.65
N LYS B 810 15.88 3.56 47.58
CA LYS B 810 15.23 2.83 46.52
C LYS B 810 16.22 1.88 45.85
N PRO B 811 15.83 0.65 45.51
CA PRO B 811 16.76 -0.27 44.86
C PRO B 811 16.99 0.00 43.38
N SER B 812 16.21 0.88 42.75
CA SER B 812 16.41 1.22 41.36
C SER B 812 17.34 2.40 41.15
N LYS B 813 17.75 3.07 42.23
CA LYS B 813 18.66 4.22 42.17
C LYS B 813 18.11 5.31 41.26
N ARG B 814 16.96 5.83 41.65
CA ARG B 814 16.23 6.78 40.82
C ARG B 814 15.74 7.94 41.66
N SER B 815 15.42 9.05 40.99
CA SER B 815 14.88 10.21 41.67
C SER B 815 13.37 10.09 41.85
N PRO B 816 12.82 10.71 42.90
CA PRO B 816 11.36 10.64 43.11
C PRO B 816 10.56 11.11 41.90
N ILE B 817 11.04 12.15 41.23
CA ILE B 817 10.39 12.59 40.00
C ILE B 817 10.37 11.47 38.98
N GLU B 818 11.48 10.76 38.81
CA GLU B 818 11.54 9.66 37.86
C GLU B 818 10.56 8.55 38.23
N ASP B 819 10.44 8.25 39.53
CA ASP B 819 9.48 7.21 39.94
C ASP B 819 8.06 7.65 39.67
N LEU B 820 7.77 8.95 39.80
CA LEU B 820 6.43 9.41 39.42
C LEU B 820 6.14 9.12 37.96
N LEU B 821 7.11 9.40 37.08
CA LEU B 821 6.90 9.11 35.66
C LEU B 821 6.72 7.61 35.43
N PHE B 822 7.53 6.79 36.09
CA PHE B 822 7.44 5.36 35.86
C PHE B 822 6.13 4.78 36.39
N ASN B 823 5.57 5.40 37.43
CA ASN B 823 4.26 4.97 37.91
C ASN B 823 3.12 5.47 37.04
N LYS B 824 3.24 6.68 36.48
CA LYS B 824 2.17 7.28 35.70
C LYS B 824 2.14 6.81 34.26
N VAL B 825 3.08 5.97 33.84
CA VAL B 825 3.11 5.43 32.49
C VAL B 825 3.01 3.92 32.59
N THR B 826 2.06 3.34 31.86
CA THR B 826 1.86 1.89 31.82
C THR B 826 2.21 1.38 30.44
N LEU B 827 2.96 0.28 30.40
CA LEU B 827 3.39 -0.33 29.15
C LEU B 827 2.73 -1.70 29.02
N ALA B 828 2.06 -1.92 27.87
CA ALA B 828 1.32 -3.16 27.67
C ALA B 828 2.24 -4.38 27.65
N ASP B 829 3.37 -4.27 26.96
CA ASP B 829 4.34 -5.35 26.88
C ASP B 829 5.70 -4.83 27.31
N ALA B 830 6.17 -5.28 28.48
CA ALA B 830 7.52 -4.94 28.90
C ALA B 830 8.56 -5.48 27.93
N GLY B 831 8.30 -6.64 27.34
CA GLY B 831 9.23 -7.26 26.41
C GLY B 831 10.29 -8.10 27.05
N PHE B 832 11.00 -7.54 28.03
CA PHE B 832 12.02 -8.27 28.79
C PHE B 832 11.38 -9.15 29.86
N ILE B 833 10.44 -9.98 29.45
CA ILE B 833 9.65 -10.77 30.39
C ILE B 833 9.86 -12.27 30.22
N LYS B 834 10.24 -12.73 29.03
CA LYS B 834 10.29 -14.16 28.71
C LYS B 834 8.98 -14.84 29.11
N GLN B 835 7.88 -14.22 28.69
CA GLN B 835 6.56 -14.56 29.20
C GLN B 835 6.13 -15.95 28.76
N TYR B 836 6.95 -16.60 27.94
CA TYR B 836 6.70 -18.00 27.62
C TYR B 836 6.72 -18.85 28.87
N GLY B 837 5.77 -19.79 28.97
CA GLY B 837 5.64 -20.67 30.10
C GLY B 837 4.45 -20.37 30.99
N ASP B 838 3.91 -19.16 30.92
CA ASP B 838 2.73 -18.79 31.70
C ASP B 838 1.50 -18.56 30.85
N CYS B 839 1.63 -18.53 29.52
CA CYS B 839 0.46 -18.45 28.65
C CYS B 839 -0.44 -19.66 28.87
N LEU B 840 0.16 -20.85 29.00
CA LEU B 840 -0.61 -22.03 29.38
C LEU B 840 -1.16 -21.92 30.80
N GLY B 841 -0.45 -21.22 31.67
CA GLY B 841 -0.89 -20.99 33.04
C GLY B 841 -1.75 -19.78 33.24
N ASP B 842 -2.24 -19.16 32.16
CA ASP B 842 -3.05 -17.96 32.27
C ASP B 842 -4.36 -18.22 33.01
N ILE B 843 -4.81 -19.46 33.07
CA ILE B 843 -6.05 -19.85 33.76
C ILE B 843 -7.24 -19.16 33.08
N ALA B 844 -7.29 -17.84 33.19
CA ALA B 844 -8.33 -17.06 32.52
C ALA B 844 -7.95 -16.88 31.05
N ALA B 845 -8.65 -15.98 30.36
CA ALA B 845 -8.35 -15.71 28.97
C ALA B 845 -6.98 -15.06 28.84
N ARG B 846 -6.19 -15.56 27.90
CA ARG B 846 -4.85 -15.02 27.69
C ARG B 846 -4.92 -13.59 27.15
N ASP B 847 -3.93 -12.80 27.52
CA ASP B 847 -3.93 -11.38 27.22
C ASP B 847 -3.35 -11.11 25.84
N LEU B 848 -3.19 -9.82 25.53
CA LEU B 848 -2.72 -9.42 24.21
C LEU B 848 -1.32 -9.96 23.94
N ILE B 849 -0.47 -10.01 24.96
CA ILE B 849 0.92 -10.43 24.74
C ILE B 849 0.97 -11.90 24.36
N CYS B 850 0.28 -12.75 25.12
CA CYS B 850 0.24 -14.17 24.78
C CYS B 850 -0.43 -14.39 23.44
N ALA B 851 -1.48 -13.61 23.15
CA ALA B 851 -2.15 -13.74 21.86
C ALA B 851 -1.22 -13.38 20.71
N GLN B 852 -0.42 -12.33 20.87
CA GLN B 852 0.56 -11.97 19.85
C GLN B 852 1.62 -13.05 19.70
N LYS B 853 2.05 -13.64 20.81
CA LYS B 853 2.98 -14.76 20.73
C LYS B 853 2.36 -15.92 19.96
N PHE B 854 1.05 -16.11 20.07
CA PHE B 854 0.38 -17.13 19.27
C PHE B 854 0.50 -16.89 17.77
N ASN B 855 0.75 -15.65 17.34
CA ASN B 855 0.87 -15.33 15.93
C ASN B 855 2.26 -14.83 15.57
N GLY B 856 3.25 -15.06 16.42
CA GLY B 856 4.61 -14.71 16.07
C GLY B 856 4.91 -13.23 16.11
N LEU B 857 4.07 -12.44 16.77
CA LEU B 857 4.29 -11.02 16.92
C LEU B 857 5.12 -10.81 18.19
N THR B 858 6.40 -10.52 18.01
CA THR B 858 7.35 -10.42 19.10
C THR B 858 7.85 -8.99 19.25
N VAL B 859 8.32 -8.67 20.45
CA VAL B 859 8.88 -7.35 20.75
C VAL B 859 10.25 -7.58 21.37
N LEU B 860 11.26 -7.01 20.76
CA LEU B 860 12.61 -7.12 21.31
C LEU B 860 12.80 -6.09 22.43
N PRO B 861 13.66 -6.39 23.41
CA PRO B 861 13.89 -5.43 24.48
C PRO B 861 14.96 -4.44 24.10
N PRO B 862 14.91 -3.23 24.63
CA PRO B 862 15.94 -2.23 24.32
C PRO B 862 17.29 -2.65 24.85
N LEU B 863 18.34 -2.23 24.13
CA LEU B 863 19.69 -2.54 24.59
C LEU B 863 20.01 -1.84 25.90
N LEU B 864 19.72 -0.54 25.98
CA LEU B 864 19.95 0.20 27.21
C LEU B 864 18.76 0.00 28.15
N THR B 865 18.97 -0.78 29.21
CA THR B 865 17.91 -1.02 30.17
C THR B 865 17.57 0.26 30.92
N ASP B 866 16.33 0.31 31.41
CA ASP B 866 15.88 1.46 32.17
C ASP B 866 16.79 1.77 33.35
N GLU B 867 17.44 0.75 33.92
CA GLU B 867 18.21 0.96 35.14
C GLU B 867 19.41 1.87 34.90
N MET B 868 20.25 1.56 33.90
CA MET B 868 21.45 2.35 33.70
C MET B 868 21.22 3.60 32.87
N ILE B 869 20.05 3.73 32.25
CA ILE B 869 19.67 5.03 31.70
C ILE B 869 19.53 6.04 32.82
N ALA B 870 18.97 5.60 33.95
CA ALA B 870 18.93 6.44 35.14
C ALA B 870 20.33 6.77 35.62
N GLN B 871 21.25 5.82 35.54
CA GLN B 871 22.63 6.09 35.91
C GLN B 871 23.25 7.15 34.99
N TYR B 872 22.99 7.06 33.69
CA TYR B 872 23.48 8.06 32.74
C TYR B 872 22.93 9.44 33.07
N THR B 873 21.62 9.52 33.31
CA THR B 873 21.02 10.82 33.59
C THR B 873 21.50 11.37 34.93
N SER B 874 21.78 10.48 35.88
CA SER B 874 22.32 10.93 37.15
C SER B 874 23.72 11.49 36.99
N ALA B 875 24.57 10.82 36.21
CA ALA B 875 25.90 11.36 35.95
C ALA B 875 25.83 12.69 35.23
N LEU B 876 24.95 12.79 34.23
CA LEU B 876 24.82 14.04 33.50
C LEU B 876 24.34 15.17 34.40
N LEU B 877 23.39 14.89 35.28
CA LEU B 877 22.93 15.88 36.22
C LEU B 877 24.04 16.28 37.19
N ALA B 878 24.82 15.30 37.66
CA ALA B 878 25.92 15.60 38.56
C ALA B 878 26.98 16.47 37.90
N GLY B 879 27.19 16.29 36.59
CA GLY B 879 28.17 17.11 35.90
C GLY B 879 27.80 18.58 35.88
N THR B 880 26.50 18.88 35.70
CA THR B 880 26.06 20.26 35.53
C THR B 880 25.70 20.95 36.83
N ILE B 881 25.86 20.30 37.98
CA ILE B 881 25.64 20.94 39.26
C ILE B 881 26.89 20.97 40.13
N THR B 882 27.96 20.27 39.74
CA THR B 882 29.22 20.34 40.46
C THR B 882 30.37 20.84 39.61
N SER B 883 30.18 20.99 38.31
CA SER B 883 31.29 21.38 37.43
C SER B 883 30.88 22.43 36.40
N GLY B 884 29.70 23.02 36.52
CA GLY B 884 29.29 24.01 35.54
C GLY B 884 29.10 23.38 34.17
N TRP B 885 29.35 24.17 33.14
CA TRP B 885 29.23 23.73 31.77
C TRP B 885 30.54 23.23 31.19
N THR B 886 31.62 23.23 31.97
CA THR B 886 32.92 22.84 31.44
C THR B 886 32.94 21.38 31.02
N PHE B 887 32.30 20.51 31.81
CA PHE B 887 32.35 19.08 31.52
C PHE B 887 31.70 18.74 30.19
N GLY B 888 30.81 19.61 29.69
CA GLY B 888 30.23 19.37 28.38
C GLY B 888 31.18 19.65 27.23
N ALA B 889 32.23 20.44 27.47
CA ALA B 889 33.20 20.78 26.44
C ALA B 889 34.53 20.05 26.62
N GLY B 890 35.15 20.19 27.78
CA GLY B 890 36.41 19.54 28.04
C GLY B 890 36.42 18.80 29.36
N PRO B 891 37.57 18.76 30.02
CA PRO B 891 37.64 18.11 31.34
C PRO B 891 36.73 18.81 32.34
N ALA B 892 36.17 18.02 33.25
CA ALA B 892 35.25 18.55 34.25
C ALA B 892 36.04 19.33 35.29
N LEU B 893 35.69 20.61 35.49
CA LEU B 893 36.35 21.46 36.46
C LEU B 893 35.34 21.88 37.52
N GLN B 894 35.67 21.61 38.78
CA GLN B 894 34.73 21.89 39.85
C GLN B 894 34.55 23.39 40.04
N ILE B 895 33.30 23.80 40.29
CA ILE B 895 32.93 25.18 40.50
C ILE B 895 31.84 25.20 41.55
N PRO B 896 31.96 26.00 42.61
CA PRO B 896 30.89 26.06 43.60
C PRO B 896 29.57 26.48 42.96
N PHE B 897 28.48 25.90 43.47
CA PHE B 897 27.17 26.17 42.88
C PHE B 897 26.81 27.65 42.94
N PRO B 898 27.10 28.40 43.99
CA PRO B 898 26.95 29.86 43.89
C PRO B 898 27.76 30.47 42.74
N MET B 899 28.95 29.96 42.47
CA MET B 899 29.73 30.56 41.39
C MET B 899 29.06 30.31 40.05
N GLN B 900 28.57 29.09 39.86
CA GLN B 900 27.90 28.75 38.62
C GLN B 900 26.59 29.52 38.47
N MET B 901 25.82 29.64 39.55
CA MET B 901 24.57 30.40 39.47
C MET B 901 24.83 31.86 39.12
N ALA B 902 25.86 32.46 39.73
CA ALA B 902 26.23 33.82 39.38
C ALA B 902 26.63 33.93 37.92
N TYR B 903 27.40 32.96 37.43
CA TYR B 903 27.80 32.97 36.03
C TYR B 903 26.59 32.91 35.10
N ARG B 904 25.64 32.03 35.39
CA ARG B 904 24.46 31.94 34.53
C ARG B 904 23.65 33.22 34.59
N PHE B 905 23.62 33.87 35.75
CA PHE B 905 22.99 35.19 35.83
C PHE B 905 23.71 36.19 34.93
N ASN B 906 25.03 36.20 34.98
CA ASN B 906 25.81 37.09 34.13
C ASN B 906 25.58 36.81 32.65
N GLY B 907 25.25 35.56 32.31
CA GLY B 907 24.99 35.22 30.93
C GLY B 907 23.66 35.70 30.38
N ILE B 908 22.78 36.22 31.24
CA ILE B 908 21.51 36.75 30.81
C ILE B 908 21.41 38.26 30.97
N GLY B 909 22.51 38.90 31.37
CA GLY B 909 22.57 40.34 31.41
C GLY B 909 22.34 41.00 32.77
N VAL B 910 22.37 40.23 33.85
CA VAL B 910 22.25 40.78 35.19
C VAL B 910 23.56 40.52 35.93
N THR B 911 24.04 41.54 36.64
CA THR B 911 25.33 41.44 37.30
C THR B 911 25.26 40.49 38.49
N GLN B 912 26.45 40.07 38.95
CA GLN B 912 26.54 39.03 39.96
C GLN B 912 26.09 39.51 41.33
N ASN B 913 26.20 40.81 41.59
CA ASN B 913 25.85 41.33 42.90
C ASN B 913 24.40 41.07 43.24
N VAL B 914 23.52 41.05 42.25
CA VAL B 914 22.11 40.77 42.49
C VAL B 914 21.96 39.40 43.14
N LEU B 915 22.61 38.39 42.56
CA LEU B 915 22.55 37.04 43.10
C LEU B 915 23.22 36.98 44.46
N TYR B 916 24.41 37.56 44.58
CA TYR B 916 25.11 37.47 45.86
C TYR B 916 24.44 38.27 46.95
N GLU B 917 23.43 39.08 46.60
CA GLU B 917 22.59 39.73 47.59
C GLU B 917 21.30 38.96 47.89
N ASN B 918 20.70 38.33 46.88
CA ASN B 918 19.41 37.65 47.04
C ASN B 918 19.58 36.13 46.92
N GLN B 919 20.71 35.61 47.39
CA GLN B 919 20.94 34.18 47.37
C GLN B 919 19.90 33.41 48.16
N LYS B 920 19.55 33.87 49.37
CA LYS B 920 18.54 33.17 50.14
C LYS B 920 17.22 33.13 49.39
N LEU B 921 16.87 34.23 48.75
CA LEU B 921 15.59 34.30 48.05
C LEU B 921 15.58 33.37 46.84
N ILE B 922 16.67 33.35 46.07
CA ILE B 922 16.67 32.45 44.92
C ILE B 922 16.63 31.00 45.37
N ALA B 923 17.34 30.67 46.45
CA ALA B 923 17.28 29.30 46.96
C ALA B 923 15.86 28.93 47.39
N ASN B 924 15.19 29.84 48.10
CA ASN B 924 13.83 29.55 48.54
C ASN B 924 12.89 29.38 47.35
N GLN B 925 12.98 30.26 46.35
CA GLN B 925 12.12 30.12 45.18
C GLN B 925 12.41 28.84 44.43
N PHE B 926 13.69 28.47 44.29
CA PHE B 926 14.05 27.25 43.61
C PHE B 926 13.47 26.04 44.31
N ASN B 927 13.59 26.00 45.65
CA ASN B 927 13.05 24.88 46.41
C ASN B 927 11.54 24.82 46.28
N SER B 928 10.87 25.97 46.31
CA SER B 928 9.42 25.98 46.18
C SER B 928 8.99 25.45 44.82
N ALA B 929 9.67 25.88 43.76
CA ALA B 929 9.30 25.41 42.43
C ALA B 929 9.56 23.91 42.28
N ILE B 930 10.67 23.43 42.83
CA ILE B 930 10.99 22.01 42.74
C ILE B 930 9.97 21.19 43.53
N GLY B 931 9.48 21.74 44.64
CA GLY B 931 8.41 21.06 45.35
C GLY B 931 7.12 21.03 44.56
N LYS B 932 6.76 22.15 43.93
CA LYS B 932 5.47 22.26 43.27
C LYS B 932 5.39 21.51 41.96
N ILE B 933 6.51 21.32 41.25
CA ILE B 933 6.44 20.53 40.03
C ILE B 933 6.01 19.11 40.36
N GLN B 934 6.40 18.61 41.53
CA GLN B 934 6.03 17.25 41.94
C GLN B 934 4.51 17.08 41.99
N ASP B 935 3.83 17.96 42.72
CA ASP B 935 2.38 17.78 42.83
C ASP B 935 1.67 18.22 41.56
N SER B 936 2.30 19.09 40.76
CA SER B 936 1.74 19.39 39.45
C SER B 936 1.67 18.14 38.58
N LEU B 937 2.73 17.35 38.58
CA LEU B 937 2.71 16.06 37.89
C LEU B 937 1.81 15.05 38.58
N PHE B 938 1.69 15.13 39.91
CA PHE B 938 0.89 14.16 40.64
C PHE B 938 -0.59 14.32 40.39
N SER B 939 -1.10 15.55 40.45
CA SER B 939 -2.53 15.79 40.37
C SER B 939 -3.05 15.88 38.93
N THR B 940 -2.18 16.19 37.98
CA THR B 940 -2.61 16.25 36.59
C THR B 940 -3.04 14.86 36.11
N PRO B 941 -4.06 14.79 35.24
CA PRO B 941 -4.49 13.48 34.73
C PRO B 941 -3.37 12.79 33.96
N SER B 942 -2.83 13.50 32.96
CA SER B 942 -1.69 12.97 32.21
C SER B 942 -0.96 14.16 31.57
N ALA B 943 0.07 14.66 32.24
CA ALA B 943 0.98 15.61 31.62
C ALA B 943 2.01 14.93 30.74
N LEU B 944 2.18 13.62 30.90
CA LEU B 944 3.04 12.81 30.04
C LEU B 944 2.28 12.25 28.85
N GLY B 945 1.29 12.97 28.36
CA GLY B 945 0.42 12.49 27.31
C GLY B 945 1.16 12.10 26.04
N LYS B 946 2.34 12.69 25.82
CA LYS B 946 3.09 12.37 24.61
C LYS B 946 3.61 10.94 24.65
N LEU B 947 4.25 10.54 25.76
CA LEU B 947 4.78 9.20 25.88
C LEU B 947 3.67 8.16 25.89
N GLN B 948 2.62 8.40 26.68
CA GLN B 948 1.51 7.48 26.74
C GLN B 948 0.82 7.37 25.39
N ASP B 949 0.73 8.50 24.67
CA ASP B 949 0.15 8.49 23.33
C ASP B 949 0.99 7.66 22.37
N VAL B 950 2.31 7.78 22.45
CA VAL B 950 3.17 6.97 21.59
C VAL B 950 2.98 5.49 21.88
N VAL B 951 2.95 5.13 23.16
CA VAL B 951 2.75 3.74 23.54
C VAL B 951 1.40 3.25 23.06
N ASN B 952 0.37 4.10 23.19
CA ASN B 952 -0.97 3.73 22.75
C ASN B 952 -1.01 3.50 21.24
N HIS B 953 -0.34 4.36 20.47
CA HIS B 953 -0.31 4.16 19.03
C HIS B 953 0.37 2.86 18.67
N ASN B 954 1.51 2.56 19.31
CA ASN B 954 2.20 1.32 19.00
C ASN B 954 1.33 0.10 19.33
N ALA B 955 0.74 0.10 20.52
CA ALA B 955 -0.11 -1.02 20.93
C ALA B 955 -1.32 -1.16 20.03
N GLN B 956 -1.95 -0.04 19.65
CA GLN B 956 -3.12 -0.09 18.80
C GLN B 956 -2.78 -0.58 17.41
N ALA B 957 -1.63 -0.16 16.85
CA ALA B 957 -1.22 -0.67 15.55
C ALA B 957 -0.99 -2.17 15.61
N LEU B 958 -0.31 -2.65 16.65
CA LEU B 958 -0.10 -4.08 16.78
C LEU B 958 -1.43 -4.83 16.90
N ASN B 959 -2.34 -4.30 17.70
CA ASN B 959 -3.63 -4.96 17.90
C ASN B 959 -4.42 -5.02 16.60
N THR B 960 -4.39 -3.94 15.82
CA THR B 960 -5.09 -3.95 14.55
C THR B 960 -4.47 -4.95 13.59
N LEU B 961 -3.15 -5.04 13.56
CA LEU B 961 -2.52 -6.03 12.68
C LEU B 961 -2.94 -7.44 13.07
N VAL B 962 -2.90 -7.76 14.36
CA VAL B 962 -3.24 -9.12 14.79
C VAL B 962 -4.72 -9.40 14.54
N LYS B 963 -5.58 -8.41 14.76
CA LYS B 963 -7.00 -8.61 14.48
C LYS B 963 -7.27 -8.80 13.00
N GLN B 964 -6.44 -8.19 12.14
CA GLN B 964 -6.60 -8.40 10.70
C GLN B 964 -6.38 -9.86 10.30
N LEU B 965 -5.73 -10.64 11.16
CA LEU B 965 -5.50 -12.05 10.86
C LEU B 965 -6.80 -12.84 10.79
N SER B 966 -7.88 -12.33 11.38
CA SER B 966 -9.14 -13.06 11.45
C SER B 966 -10.10 -12.69 10.33
N SER B 967 -9.67 -11.86 9.39
CA SER B 967 -10.50 -11.43 8.28
C SER B 967 -10.44 -12.46 7.16
N LYS B 968 -11.61 -12.91 6.70
CA LYS B 968 -11.66 -13.93 5.66
C LYS B 968 -11.05 -13.47 4.35
N PHE B 969 -11.00 -12.16 4.10
CA PHE B 969 -10.43 -11.60 2.88
C PHE B 969 -11.08 -12.18 1.63
N GLY B 970 -12.38 -12.40 1.67
CA GLY B 970 -13.09 -12.90 0.50
C GLY B 970 -12.81 -14.35 0.18
N ALA B 971 -12.44 -15.14 1.16
CA ALA B 971 -12.17 -16.56 0.96
C ALA B 971 -13.15 -17.39 1.78
N ILE B 972 -12.95 -18.72 1.74
CA ILE B 972 -13.87 -19.62 2.44
C ILE B 972 -13.77 -19.43 3.95
N SER B 973 -12.55 -19.36 4.48
CA SER B 973 -12.38 -19.23 5.92
C SER B 973 -11.10 -18.45 6.19
N SER B 974 -11.02 -17.92 7.41
CA SER B 974 -9.89 -17.11 7.84
C SER B 974 -8.83 -17.91 8.58
N VAL B 975 -9.06 -19.21 8.79
CA VAL B 975 -8.12 -20.05 9.53
C VAL B 975 -7.45 -21.00 8.55
N LEU B 976 -6.12 -20.84 8.43
CA LEU B 976 -5.35 -21.53 7.40
C LEU B 976 -5.34 -23.03 7.63
N ASN B 977 -5.11 -23.46 8.88
CA ASN B 977 -4.99 -24.89 9.13
C ASN B 977 -6.29 -25.62 8.84
N ASP B 978 -7.43 -24.94 9.05
CA ASP B 978 -8.70 -25.55 8.69
C ASP B 978 -8.91 -25.55 7.18
N ILE B 979 -8.64 -24.43 6.51
CA ILE B 979 -8.91 -24.40 5.07
C ILE B 979 -8.05 -25.41 4.32
N LEU B 980 -6.78 -25.60 4.71
CA LEU B 980 -6.02 -26.68 4.10
C LEU B 980 -6.59 -28.03 4.48
N SER B 981 -7.15 -28.15 5.69
CA SER B 981 -7.78 -29.40 6.12
C SER B 981 -9.21 -29.52 5.66
N ARG B 982 -9.76 -28.51 4.98
CA ARG B 982 -11.12 -28.57 4.45
C ARG B 982 -11.15 -28.76 2.95
N LEU B 983 -10.13 -28.32 2.23
CA LEU B 983 -10.04 -28.49 0.79
C LEU B 983 -8.72 -29.18 0.43
N ASP B 984 -8.72 -29.86 -0.71
CA ASP B 984 -7.50 -30.38 -1.28
C ASP B 984 -6.69 -29.25 -1.91
N PRO B 985 -5.38 -29.47 -2.13
CA PRO B 985 -4.51 -28.41 -2.67
C PRO B 985 -5.00 -27.80 -3.97
N PRO B 986 -5.29 -28.62 -5.02
CA PRO B 986 -5.40 -28.03 -6.37
C PRO B 986 -6.55 -27.06 -6.55
N GLU B 987 -7.48 -27.03 -5.59
CA GLU B 987 -8.52 -26.01 -5.56
C GLU B 987 -8.45 -25.13 -4.33
N ALA B 988 -7.73 -25.56 -3.29
CA ALA B 988 -7.56 -24.72 -2.11
C ALA B 988 -6.56 -23.60 -2.35
N GLU B 989 -5.63 -23.79 -3.28
CA GLU B 989 -4.55 -22.82 -3.45
C GLU B 989 -5.10 -21.44 -3.85
N VAL B 990 -6.31 -21.39 -4.42
CA VAL B 990 -6.92 -20.10 -4.72
C VAL B 990 -7.20 -19.34 -3.43
N GLN B 991 -7.86 -19.99 -2.47
CA GLN B 991 -8.13 -19.36 -1.19
C GLN B 991 -6.83 -19.08 -0.45
N ILE B 992 -5.85 -19.98 -0.58
CA ILE B 992 -4.55 -19.74 0.05
C ILE B 992 -3.92 -18.48 -0.50
N ASP B 993 -3.99 -18.28 -1.81
CA ASP B 993 -3.45 -17.07 -2.43
C ASP B 993 -4.20 -15.84 -1.94
N ARG B 994 -5.52 -15.94 -1.83
CA ARG B 994 -6.30 -14.80 -1.34
C ARG B 994 -5.88 -14.42 0.06
N LEU B 995 -5.74 -15.42 0.94
CA LEU B 995 -5.27 -15.16 2.30
C LEU B 995 -3.87 -14.56 2.28
N ILE B 996 -3.00 -15.08 1.42
CA ILE B 996 -1.65 -14.59 1.32
C ILE B 996 -1.65 -13.11 0.99
N THR B 997 -2.40 -12.72 -0.04
CA THR B 997 -2.41 -11.33 -0.45
C THR B 997 -3.05 -10.43 0.59
N GLY B 998 -4.11 -10.88 1.26
CA GLY B 998 -4.70 -10.06 2.28
C GLY B 998 -3.76 -9.80 3.43
N ARG B 999 -3.16 -10.87 3.96
CA ARG B 999 -2.22 -10.72 5.06
C ARG B 999 -1.01 -9.90 4.66
N LEU B 1000 -0.52 -10.10 3.43
CA LEU B 1000 0.65 -9.36 2.99
C LEU B 1000 0.35 -7.88 2.86
N GLN B 1001 -0.83 -7.52 2.35
CA GLN B 1001 -1.18 -6.11 2.27
C GLN B 1001 -1.33 -5.50 3.65
N SER B 1002 -1.94 -6.23 4.59
CA SER B 1002 -2.05 -5.72 5.94
C SER B 1002 -0.68 -5.49 6.56
N LEU B 1003 0.24 -6.44 6.36
CA LEU B 1003 1.59 -6.29 6.87
C LEU B 1003 2.31 -5.12 6.23
N GLN B 1004 2.10 -4.90 4.94
CA GLN B 1004 2.74 -3.77 4.26
C GLN B 1004 2.25 -2.45 4.81
N THR B 1005 0.94 -2.34 5.03
CA THR B 1005 0.41 -1.13 5.66
C THR B 1005 1.01 -0.92 7.04
N TYR B 1006 1.10 -2.00 7.83
CA TYR B 1006 1.68 -1.87 9.15
C TYR B 1006 3.13 -1.39 9.09
N VAL B 1007 3.93 -1.97 8.19
CA VAL B 1007 5.34 -1.60 8.16
C VAL B 1007 5.52 -0.17 7.66
N THR B 1008 4.68 0.27 6.72
CA THR B 1008 4.76 1.65 6.28
C THR B 1008 4.41 2.62 7.41
N GLN B 1009 3.35 2.32 8.16
CA GLN B 1009 3.00 3.17 9.29
C GLN B 1009 4.11 3.18 10.33
N GLN B 1010 4.74 2.02 10.55
CA GLN B 1010 5.84 1.95 11.50
C GLN B 1010 7.01 2.80 11.03
N LEU B 1011 7.30 2.80 9.73
CA LEU B 1011 8.37 3.63 9.22
C LEU B 1011 8.06 5.11 9.41
N ILE B 1012 6.80 5.50 9.19
CA ILE B 1012 6.40 6.89 9.41
C ILE B 1012 6.61 7.28 10.87
N ARG B 1013 6.15 6.42 11.79
CA ARG B 1013 6.31 6.70 13.21
C ARG B 1013 7.79 6.77 13.58
N ALA B 1014 8.60 5.88 13.01
CA ALA B 1014 10.02 5.89 13.31
C ALA B 1014 10.70 7.16 12.83
N ALA B 1015 10.32 7.64 11.64
CA ALA B 1015 10.89 8.91 11.17
C ALA B 1015 10.49 10.06 12.08
N GLU B 1016 9.22 10.10 12.48
CA GLU B 1016 8.78 11.17 13.36
C GLU B 1016 9.51 11.12 14.71
N ILE B 1017 9.62 9.92 15.29
CA ILE B 1017 10.29 9.80 16.58
C ILE B 1017 11.78 10.08 16.43
N ARG B 1018 12.36 9.80 15.27
CA ARG B 1018 13.76 10.15 15.05
C ARG B 1018 13.94 11.66 15.04
N ALA B 1019 13.04 12.36 14.36
CA ALA B 1019 13.11 13.83 14.39
C ALA B 1019 12.95 14.36 15.81
N SER B 1020 12.00 13.79 16.56
CA SER B 1020 11.80 14.22 17.94
C SER B 1020 13.03 13.94 18.79
N ALA B 1021 13.67 12.80 18.57
CA ALA B 1021 14.85 12.45 19.36
C ALA B 1021 16.03 13.34 19.00
N ASN B 1022 16.16 13.71 17.73
CA ASN B 1022 17.21 14.65 17.35
C ASN B 1022 16.98 16.00 18.00
N LEU B 1023 15.73 16.47 18.01
CA LEU B 1023 15.42 17.71 18.70
C LEU B 1023 15.73 17.60 20.18
N ALA B 1024 15.39 16.46 20.79
CA ALA B 1024 15.68 16.26 22.21
C ALA B 1024 17.17 16.27 22.47
N ALA B 1025 17.96 15.63 21.61
CA ALA B 1025 19.41 15.62 21.79
C ALA B 1025 19.99 17.02 21.66
N THR B 1026 19.52 17.79 20.69
CA THR B 1026 19.98 19.17 20.56
C THR B 1026 19.63 19.99 21.80
N LYS B 1027 18.38 19.85 22.27
CA LYS B 1027 17.96 20.58 23.46
C LYS B 1027 18.77 20.16 24.67
N MET B 1028 19.08 18.87 24.77
CA MET B 1028 19.89 18.37 25.88
C MET B 1028 21.28 18.99 25.86
N SER B 1029 21.96 18.88 24.72
CA SER B 1029 23.31 19.41 24.60
C SER B 1029 23.35 20.93 24.74
N GLU B 1030 22.25 21.62 24.46
CA GLU B 1030 22.21 23.06 24.60
C GLU B 1030 21.92 23.48 26.04
N CYS B 1031 20.75 23.12 26.55
CA CYS B 1031 20.29 23.66 27.83
C CYS B 1031 21.01 23.00 29.01
N VAL B 1032 21.46 21.76 28.86
CA VAL B 1032 22.08 21.10 29.99
C VAL B 1032 23.59 21.32 29.99
N LEU B 1033 24.24 21.08 28.85
CA LEU B 1033 25.69 21.29 28.74
C LEU B 1033 26.02 22.74 28.38
N GLY B 1034 25.49 23.67 29.16
CA GLY B 1034 25.69 25.07 28.94
C GLY B 1034 24.37 25.80 28.96
N GLN B 1035 24.43 27.09 28.65
CA GLN B 1035 23.27 27.96 28.67
C GLN B 1035 23.00 28.45 27.25
N SER B 1036 21.75 28.33 26.80
CA SER B 1036 21.37 28.68 25.45
C SER B 1036 20.68 30.03 25.42
N LYS B 1037 21.14 30.91 24.51
CA LYS B 1037 20.49 32.20 24.34
C LYS B 1037 19.28 32.16 23.42
N ARG B 1038 18.93 31.00 22.88
CA ARG B 1038 17.72 30.90 22.06
C ARG B 1038 16.48 31.02 22.94
N VAL B 1039 15.68 32.06 22.70
CA VAL B 1039 14.54 32.33 23.58
C VAL B 1039 13.40 31.37 23.27
N ASP B 1040 12.69 30.99 24.32
CA ASP B 1040 11.59 30.03 24.24
C ASP B 1040 12.04 28.68 23.71
N PHE B 1041 13.33 28.38 23.81
CA PHE B 1041 13.86 27.08 23.45
C PHE B 1041 14.00 26.17 24.66
N CYS B 1042 14.72 26.62 25.69
CA CYS B 1042 14.86 25.87 26.93
C CYS B 1042 13.82 26.37 27.94
N GLY B 1043 12.56 26.28 27.53
CA GLY B 1043 11.47 26.72 28.38
C GLY B 1043 11.19 28.21 28.25
N LYS B 1044 10.01 28.60 28.71
CA LYS B 1044 9.60 30.00 28.64
C LYS B 1044 10.41 30.85 29.61
N GLY B 1045 10.90 31.98 29.13
CA GLY B 1045 11.68 32.87 29.96
C GLY B 1045 13.17 32.69 29.78
N TYR B 1046 13.93 33.50 30.53
CA TYR B 1046 15.38 33.49 30.38
C TYR B 1046 15.97 32.22 30.96
N HIS B 1047 16.55 31.40 30.09
CA HIS B 1047 17.03 30.08 30.47
C HIS B 1047 18.23 30.18 31.40
N LEU B 1048 18.26 29.32 32.42
CA LEU B 1048 19.41 29.22 33.30
C LEU B 1048 20.08 27.85 33.19
N MET B 1049 19.36 26.76 33.42
CA MET B 1049 19.90 25.42 33.25
C MET B 1049 18.78 24.51 32.79
N SER B 1050 19.03 23.20 32.88
CA SER B 1050 18.00 22.20 32.68
C SER B 1050 18.48 20.86 33.25
N PHE B 1051 17.63 20.20 34.00
CA PHE B 1051 18.06 18.92 34.54
C PHE B 1051 17.28 17.79 33.90
N PRO B 1052 17.95 16.84 33.27
CA PRO B 1052 17.24 15.75 32.60
C PRO B 1052 16.69 14.72 33.59
N GLN B 1053 15.64 14.04 33.16
CA GLN B 1053 15.06 12.95 33.93
C GLN B 1053 14.71 11.81 32.97
N SER B 1054 14.88 10.59 33.44
CA SER B 1054 14.59 9.42 32.64
C SER B 1054 13.10 9.12 32.66
N ALA B 1055 12.56 8.78 31.50
CA ALA B 1055 11.15 8.47 31.33
C ALA B 1055 11.03 7.22 30.47
N PRO B 1056 9.93 6.48 30.59
CA PRO B 1056 9.75 5.29 29.75
C PRO B 1056 9.68 5.69 28.28
N HIS B 1057 10.67 5.24 27.52
CA HIS B 1057 10.74 5.52 26.08
C HIS B 1057 10.75 7.02 25.82
N GLY B 1058 11.40 7.79 26.70
CA GLY B 1058 11.39 9.23 26.55
C GLY B 1058 12.30 9.88 27.57
N VAL B 1059 12.35 11.21 27.48
CA VAL B 1059 13.19 12.02 28.36
C VAL B 1059 12.35 13.15 28.94
N VAL B 1060 12.76 13.65 30.09
CA VAL B 1060 12.06 14.71 30.79
C VAL B 1060 13.07 15.78 31.18
N PHE B 1061 12.80 17.02 30.81
CA PHE B 1061 13.66 18.14 31.15
C PHE B 1061 13.00 19.01 32.20
N LEU B 1062 13.84 19.65 33.02
CA LEU B 1062 13.40 20.59 34.04
C LEU B 1062 14.08 21.92 33.74
N HIS B 1063 13.48 22.72 32.85
CA HIS B 1063 14.03 24.02 32.52
C HIS B 1063 13.90 24.95 33.72
N VAL B 1064 15.01 25.46 34.19
CA VAL B 1064 15.03 26.49 35.23
C VAL B 1064 15.20 27.82 34.54
N THR B 1065 14.19 28.68 34.64
CA THR B 1065 14.18 29.92 33.88
C THR B 1065 14.05 31.11 34.82
N TYR B 1066 14.80 32.16 34.50
CA TYR B 1066 14.71 33.44 35.20
C TYR B 1066 13.62 34.24 34.51
N VAL B 1067 12.65 34.73 35.29
CA VAL B 1067 11.54 35.52 34.79
C VAL B 1067 11.42 36.76 35.64
N PRO B 1068 11.28 37.95 35.06
CA PRO B 1068 11.19 39.17 35.86
C PRO B 1068 9.91 39.24 36.68
N ALA B 1069 9.72 40.35 37.39
CA ALA B 1069 8.58 40.53 38.26
C ALA B 1069 8.23 42.01 38.28
N GLN B 1070 7.53 42.45 39.33
CA GLN B 1070 6.94 43.78 39.45
C GLN B 1070 7.78 44.86 38.79
N GLU B 1071 7.15 45.63 37.91
CA GLU B 1071 7.82 46.67 37.14
C GLU B 1071 7.11 47.99 37.37
N LYS B 1072 7.84 49.08 37.21
CA LYS B 1072 7.31 50.41 37.43
C LYS B 1072 7.75 51.35 36.31
N ASN B 1073 6.83 52.23 35.89
CA ASN B 1073 7.20 53.31 34.99
C ASN B 1073 8.13 54.27 35.73
N PHE B 1074 9.29 54.58 35.14
CA PHE B 1074 10.10 55.67 35.70
C PHE B 1074 10.29 56.81 34.71
N THR B 1075 11.10 56.64 33.67
CA THR B 1075 11.35 57.61 32.61
C THR B 1075 12.44 57.00 31.73
N THR B 1076 12.71 57.56 30.55
CA THR B 1076 13.89 57.15 29.81
C THR B 1076 14.38 58.32 29.00
N ALA B 1077 15.65 58.25 28.61
CA ALA B 1077 16.26 59.21 27.72
C ALA B 1077 17.27 58.45 26.86
N PRO B 1078 17.19 58.60 25.53
CA PRO B 1078 18.13 57.88 24.67
C PRO B 1078 19.57 58.23 24.94
N ALA B 1079 19.85 59.47 25.32
CA ALA B 1079 21.21 59.88 25.67
C ALA B 1079 21.12 61.08 26.60
N ILE B 1080 22.19 61.31 27.35
CA ILE B 1080 22.27 62.42 28.28
C ILE B 1080 23.41 63.34 27.83
N CYS B 1081 23.13 64.63 27.76
CA CYS B 1081 24.10 65.62 27.30
C CYS B 1081 24.55 66.45 28.51
N HIS B 1082 25.80 66.28 28.90
CA HIS B 1082 26.34 67.10 29.98
C HIS B 1082 26.78 68.46 29.47
N ASP B 1083 27.73 68.48 28.53
CA ASP B 1083 28.27 69.73 28.00
C ASP B 1083 28.57 69.54 26.52
N GLY B 1084 27.56 69.76 25.68
CA GLY B 1084 27.75 69.74 24.24
C GLY B 1084 28.08 68.38 23.67
N LYS B 1085 28.10 67.36 24.53
CA LYS B 1085 28.48 66.01 24.14
C LYS B 1085 27.47 65.01 24.70
N ALA B 1086 27.11 64.03 23.89
CA ALA B 1086 26.10 63.05 24.28
C ALA B 1086 26.76 61.87 24.99
N HIS B 1087 26.19 61.48 26.11
CA HIS B 1087 26.66 60.35 26.90
C HIS B 1087 25.68 59.20 26.73
N PHE B 1088 26.21 58.02 26.41
CA PHE B 1088 25.36 56.85 26.27
C PHE B 1088 25.76 55.82 27.32
N PRO B 1089 24.79 55.04 27.82
CA PRO B 1089 25.14 54.04 28.84
C PRO B 1089 26.00 52.96 28.23
N ARG B 1090 27.05 52.58 28.96
CA ARG B 1090 27.88 51.47 28.51
C ARG B 1090 27.07 50.18 28.46
N GLU B 1091 26.22 49.97 29.47
CA GLU B 1091 25.18 48.94 29.41
C GLU B 1091 24.01 49.40 30.27
N GLY B 1092 22.83 49.44 29.67
CA GLY B 1092 21.64 49.74 30.45
C GLY B 1092 20.83 50.94 29.99
N VAL B 1093 19.89 51.35 30.84
CA VAL B 1093 18.98 52.44 30.51
C VAL B 1093 19.39 53.66 31.32
N PHE B 1094 19.30 54.83 30.69
CA PHE B 1094 19.26 56.07 31.46
C PHE B 1094 17.86 56.25 31.99
N VAL B 1095 17.69 56.02 33.29
CA VAL B 1095 16.39 55.94 33.93
C VAL B 1095 16.28 57.07 34.95
N SER B 1096 15.15 57.77 34.94
CA SER B 1096 14.92 58.87 35.85
C SER B 1096 13.85 58.48 36.86
N ASN B 1097 14.18 58.64 38.15
CA ASN B 1097 13.19 58.52 39.21
C ASN B 1097 11.96 59.37 38.91
N GLY B 1098 12.16 60.51 38.25
CA GLY B 1098 11.16 61.54 38.09
C GLY B 1098 11.79 62.88 38.36
N THR B 1099 12.90 62.88 39.11
CA THR B 1099 13.61 64.09 39.46
C THR B 1099 15.10 64.00 39.17
N HIS B 1100 15.69 62.84 39.40
CA HIS B 1100 17.13 62.63 39.23
C HIS B 1100 17.37 61.51 38.23
N TRP B 1101 18.26 61.76 37.28
CA TRP B 1101 18.58 60.74 36.29
C TRP B 1101 19.57 59.73 36.86
N PHE B 1102 19.42 58.47 36.46
CA PHE B 1102 20.23 57.37 36.95
C PHE B 1102 20.49 56.39 35.82
N VAL B 1103 21.28 55.37 36.13
CA VAL B 1103 21.55 54.28 35.20
C VAL B 1103 21.37 52.96 35.94
N THR B 1104 21.00 51.92 35.21
CA THR B 1104 20.80 50.60 35.78
C THR B 1104 20.91 49.58 34.65
N GLN B 1105 20.68 48.32 34.98
CA GLN B 1105 20.72 47.25 33.99
C GLN B 1105 19.39 47.20 33.24
N ARG B 1106 19.26 46.22 32.35
CA ARG B 1106 18.05 46.04 31.57
C ARG B 1106 17.02 45.23 32.33
N ASN B 1107 17.44 44.08 32.83
CA ASN B 1107 16.55 43.08 33.39
C ASN B 1107 16.38 43.19 34.90
N PHE B 1108 16.99 44.19 35.53
CA PHE B 1108 16.84 44.39 36.97
C PHE B 1108 17.06 45.86 37.29
N TYR B 1109 16.33 46.34 38.29
CA TYR B 1109 16.40 47.75 38.69
C TYR B 1109 17.48 47.91 39.76
N GLU B 1110 18.65 48.39 39.35
CA GLU B 1110 19.75 48.68 40.26
C GLU B 1110 20.22 50.09 39.97
N PRO B 1111 19.50 51.09 40.47
CA PRO B 1111 19.88 52.47 40.18
C PRO B 1111 21.26 52.81 40.72
N GLN B 1112 22.01 53.59 39.93
CA GLN B 1112 23.37 53.97 40.28
C GLN B 1112 23.60 55.41 39.88
N ILE B 1113 24.57 56.04 40.53
CA ILE B 1113 24.93 57.42 40.21
C ILE B 1113 25.62 57.44 38.85
N ILE B 1114 25.20 58.38 38.00
CA ILE B 1114 25.76 58.48 36.66
C ILE B 1114 27.18 59.01 36.73
N THR B 1115 28.15 58.15 36.51
CA THR B 1115 29.56 58.51 36.48
C THR B 1115 30.12 58.29 35.08
N THR B 1116 31.34 58.81 34.87
CA THR B 1116 31.98 58.66 33.57
C THR B 1116 32.39 57.22 33.28
N ASP B 1117 32.43 56.36 34.30
CA ASP B 1117 32.73 54.96 34.07
C ASP B 1117 31.55 54.20 33.49
N ASN B 1118 30.34 54.61 33.83
CA ASN B 1118 29.14 53.94 33.34
C ASN B 1118 28.75 54.38 31.94
N THR B 1119 29.38 55.45 31.42
CA THR B 1119 29.01 56.00 30.13
C THR B 1119 30.25 56.25 29.28
N PHE B 1120 30.05 56.21 27.96
CA PHE B 1120 31.06 56.58 26.99
C PHE B 1120 30.51 57.72 26.14
N VAL B 1121 31.33 58.74 25.90
CA VAL B 1121 30.87 59.96 25.26
C VAL B 1121 31.33 59.97 23.81
N SER B 1122 30.39 60.24 22.91
CA SER B 1122 30.69 60.49 21.51
C SER B 1122 29.48 61.17 20.89
N GLY B 1123 29.60 62.43 20.53
CA GLY B 1123 28.49 63.14 19.93
C GLY B 1123 28.72 64.64 19.93
N ASN B 1124 27.63 65.36 19.61
CA ASN B 1124 27.67 66.80 19.50
C ASN B 1124 26.46 67.48 20.13
N CYS B 1125 25.56 66.71 20.76
CA CYS B 1125 24.44 67.26 21.52
C CYS B 1125 23.50 68.09 20.65
N ASP B 1126 23.38 67.74 19.37
CA ASP B 1126 22.49 68.47 18.48
C ASP B 1126 21.67 67.57 17.57
N VAL B 1127 22.00 66.29 17.46
CA VAL B 1127 21.33 65.40 16.52
C VAL B 1127 20.54 64.30 17.20
N VAL B 1128 20.76 64.07 18.49
CA VAL B 1128 20.07 62.99 19.19
C VAL B 1128 18.65 63.44 19.48
N ILE B 1129 17.69 62.86 18.76
CA ILE B 1129 16.28 63.20 18.95
C ILE B 1129 15.84 62.74 20.33
N GLY B 1130 15.14 63.61 21.05
CA GLY B 1130 14.70 63.29 22.39
C GLY B 1130 15.76 63.32 23.45
N ILE B 1131 16.88 64.02 23.19
CA ILE B 1131 17.94 64.08 24.19
C ILE B 1131 17.45 64.86 25.40
N VAL B 1132 18.10 64.64 26.54
CA VAL B 1132 17.67 65.19 27.82
C VAL B 1132 18.86 65.87 28.48
N ASN B 1133 18.56 66.85 29.33
CA ASN B 1133 19.57 67.66 29.99
C ASN B 1133 19.80 67.16 31.41
N ASN B 1134 21.08 67.03 31.78
CA ASN B 1134 21.49 66.75 33.15
C ASN B 1134 23.01 66.85 33.20
N THR B 1135 23.57 66.50 34.35
CA THR B 1135 25.00 66.53 34.57
C THR B 1135 25.54 65.12 34.80
N VAL B 1136 26.77 64.88 34.37
CA VAL B 1136 27.42 63.60 34.57
C VAL B 1136 28.57 63.80 35.55
N TYR B 1137 28.94 62.73 36.23
CA TYR B 1137 29.97 62.77 37.26
C TYR B 1137 31.20 62.02 36.80
N ASP B 1138 32.34 62.39 37.39
CA ASP B 1138 33.59 61.71 37.12
C ASP B 1138 34.43 61.69 38.40
N PRO B 1139 35.08 60.56 38.70
CA PRO B 1139 35.86 60.46 39.94
C PRO B 1139 37.25 61.08 39.85
N LEU B 1140 37.65 61.56 38.68
CA LEU B 1140 39.01 62.06 38.49
C LEU B 1140 39.15 63.53 38.87
N GLN B 1141 38.13 64.34 38.64
CA GLN B 1141 38.23 65.76 38.94
C GLN B 1141 38.35 66.01 40.44
N LEU B 1142 37.65 65.20 41.25
CA LEU B 1142 37.72 65.38 42.70
C LEU B 1142 39.13 65.15 43.22
N GLU B 1143 39.80 64.10 42.71
CA GLU B 1143 41.14 63.77 43.15
C GLU B 1143 42.18 64.27 42.14
N THR C 26 34.45 -60.48 0.27
CA THR C 26 33.76 -59.78 1.35
C THR C 26 34.06 -58.30 1.30
N THR C 27 33.66 -57.58 2.36
CA THR C 27 33.82 -56.14 2.40
C THR C 27 33.77 -55.68 3.85
N THR C 28 34.25 -54.46 4.08
CA THR C 28 34.20 -53.81 5.37
C THR C 28 33.17 -52.68 5.35
N GLN C 29 32.84 -52.16 6.52
CA GLN C 29 31.87 -51.09 6.67
C GLN C 29 32.41 -50.00 7.59
N SER C 30 33.65 -49.61 7.37
CA SER C 30 34.24 -48.52 8.15
C SER C 30 33.54 -47.21 7.84
N TYR C 31 33.54 -46.31 8.82
CA TYR C 31 32.84 -45.04 8.73
C TYR C 31 33.84 -43.89 8.76
N THR C 32 33.67 -42.95 7.83
CA THR C 32 34.59 -41.82 7.69
C THR C 32 33.78 -40.56 7.48
N ASN C 33 34.48 -39.48 7.12
CA ASN C 33 33.87 -38.18 6.90
C ASN C 33 34.04 -37.78 5.43
N SER C 34 33.08 -36.98 4.94
CA SER C 34 33.11 -36.52 3.57
C SER C 34 33.76 -35.15 3.40
N PHE C 35 33.71 -34.32 4.43
CA PHE C 35 34.22 -32.94 4.38
C PHE C 35 33.49 -32.20 3.26
N THR C 36 34.13 -31.18 2.69
CA THR C 36 33.53 -30.40 1.61
C THR C 36 33.68 -31.19 0.32
N ARG C 37 32.65 -31.93 -0.06
CA ARG C 37 32.75 -32.82 -1.21
C ARG C 37 31.35 -33.21 -1.65
N GLY C 38 31.19 -33.38 -2.97
CA GLY C 38 29.94 -33.87 -3.51
C GLY C 38 28.96 -32.81 -3.95
N VAL C 39 29.42 -31.85 -4.73
CA VAL C 39 28.60 -30.76 -5.23
C VAL C 39 28.64 -30.77 -6.75
N TYR C 40 27.47 -30.73 -7.38
CA TYR C 40 27.35 -30.76 -8.82
C TYR C 40 26.72 -29.47 -9.32
N TYR C 41 26.71 -29.29 -10.63
CA TYR C 41 25.99 -28.17 -11.21
C TYR C 41 24.51 -28.48 -11.24
N PRO C 42 23.67 -27.72 -10.52
CA PRO C 42 22.23 -28.02 -10.52
C PRO C 42 21.58 -27.90 -11.89
N ASP C 43 22.05 -26.96 -12.72
CA ASP C 43 21.45 -26.73 -14.03
C ASP C 43 22.57 -26.36 -15.01
N LYS C 44 22.18 -25.79 -16.14
CA LYS C 44 23.09 -25.49 -17.24
C LYS C 44 23.06 -24.02 -17.61
N VAL C 45 23.10 -23.14 -16.62
CA VAL C 45 23.11 -21.69 -16.84
C VAL C 45 24.48 -21.16 -16.44
N PHE C 46 25.21 -20.61 -17.41
CA PHE C 46 26.53 -20.06 -17.12
C PHE C 46 26.41 -18.86 -16.20
N ARG C 47 27.32 -18.78 -15.22
CA ARG C 47 27.31 -17.72 -14.23
C ARG C 47 28.75 -17.40 -13.85
N SER C 48 29.01 -16.13 -13.56
CA SER C 48 30.35 -15.71 -13.19
C SER C 48 30.28 -14.58 -12.16
N SER C 49 31.22 -14.60 -11.23
CA SER C 49 31.32 -13.58 -10.18
C SER C 49 30.00 -13.42 -9.44
N VAL C 50 29.33 -14.54 -9.19
CA VAL C 50 28.01 -14.55 -8.57
C VAL C 50 28.00 -15.60 -7.47
N LEU C 51 27.09 -15.43 -6.52
CA LEU C 51 27.01 -16.32 -5.37
C LEU C 51 25.66 -17.01 -5.34
N HIS C 52 25.25 -17.55 -6.48
CA HIS C 52 23.89 -18.06 -6.65
C HIS C 52 23.55 -19.11 -5.61
N LEU C 53 22.32 -19.02 -5.11
CA LEU C 53 21.81 -19.91 -4.06
C LEU C 53 20.80 -20.88 -4.67
N THR C 54 20.96 -22.16 -4.39
CA THR C 54 20.12 -23.20 -4.94
C THR C 54 19.60 -24.10 -3.83
N GLN C 55 18.48 -24.76 -4.11
CA GLN C 55 17.86 -25.75 -3.22
C GLN C 55 17.58 -27.01 -4.01
N ASP C 56 18.33 -28.06 -3.72
CA ASP C 56 18.12 -29.36 -4.35
C ASP C 56 18.88 -30.41 -3.55
N LEU C 57 18.66 -31.67 -3.91
CA LEU C 57 19.26 -32.81 -3.20
C LEU C 57 20.77 -32.78 -3.39
N PHE C 58 21.50 -32.40 -2.35
CA PHE C 58 22.95 -32.51 -2.36
C PHE C 58 23.41 -33.40 -1.21
N LEU C 59 24.68 -33.76 -1.26
CA LEU C 59 25.32 -34.46 -0.16
C LEU C 59 25.65 -33.47 0.95
N PRO C 60 25.22 -33.72 2.19
CA PRO C 60 25.52 -32.78 3.28
C PRO C 60 27.03 -32.63 3.49
N PHE C 61 27.44 -31.42 3.87
CA PHE C 61 28.83 -31.17 4.20
C PHE C 61 29.20 -31.84 5.52
N PHE C 62 30.40 -32.41 5.57
CA PHE C 62 30.87 -33.15 6.75
C PHE C 62 29.89 -34.23 7.14
N SER C 63 29.17 -34.76 6.16
CA SER C 63 28.21 -35.83 6.40
C SER C 63 28.95 -37.13 6.66
N ASN C 64 28.19 -38.18 6.91
CA ASN C 64 28.76 -39.46 7.28
C ASN C 64 28.66 -40.43 6.09
N VAL C 65 29.81 -40.90 5.63
CA VAL C 65 29.90 -41.75 4.45
C VAL C 65 30.53 -43.06 4.89
N THR C 66 29.87 -44.18 4.57
CA THR C 66 30.39 -45.49 4.91
C THR C 66 31.40 -45.93 3.86
N TRP C 67 32.54 -46.46 4.33
CA TRP C 67 33.62 -46.88 3.46
C TRP C 67 33.66 -48.41 3.40
N PHE C 68 33.71 -48.95 2.19
CA PHE C 68 33.71 -50.38 1.96
C PHE C 68 35.08 -50.85 1.47
N HIS C 69 35.20 -52.17 1.33
CA HIS C 69 36.38 -52.80 0.78
C HIS C 69 35.93 -53.89 -0.19
N ALA C 70 36.88 -54.69 -0.66
CA ALA C 70 36.55 -55.75 -1.60
C ALA C 70 37.60 -56.85 -1.52
N ILE C 71 37.15 -58.10 -1.66
CA ILE C 71 38.04 -59.25 -1.68
C ILE C 71 37.28 -60.48 -2.18
N ASP C 81 29.75 -59.69 0.54
CA ASP C 81 30.08 -59.72 -0.89
C ASP C 81 29.07 -58.90 -1.70
N ASN C 82 29.45 -57.65 -1.98
CA ASN C 82 28.65 -56.71 -2.76
C ASN C 82 27.23 -56.61 -2.22
N PRO C 83 27.04 -56.08 -1.01
CA PRO C 83 25.68 -55.97 -0.47
C PRO C 83 24.86 -54.94 -1.24
N VAL C 84 23.55 -55.14 -1.22
CA VAL C 84 22.62 -54.22 -1.85
C VAL C 84 22.38 -53.04 -0.92
N LEU C 85 22.52 -51.82 -1.45
CA LEU C 85 22.32 -50.66 -0.61
C LEU C 85 21.02 -49.95 -1.00
N PRO C 86 20.31 -49.39 -0.02
CA PRO C 86 19.07 -48.68 -0.33
C PRO C 86 19.33 -47.42 -1.13
N PHE C 87 18.37 -47.08 -1.99
CA PHE C 87 18.41 -45.86 -2.78
C PHE C 87 17.28 -44.97 -2.32
N ASN C 88 17.59 -43.73 -1.94
CA ASN C 88 16.59 -42.82 -1.42
C ASN C 88 17.08 -41.40 -1.62
N ASP C 89 16.30 -40.59 -2.35
CA ASP C 89 16.66 -39.21 -2.68
C ASP C 89 18.02 -39.12 -3.35
N GLY C 90 18.42 -40.16 -4.07
CA GLY C 90 19.72 -40.19 -4.70
C GLY C 90 20.83 -40.56 -3.75
N VAL C 91 21.90 -41.12 -4.31
CA VAL C 91 23.05 -41.55 -3.54
C VAL C 91 24.31 -40.98 -4.20
N TYR C 92 25.35 -40.80 -3.38
CA TYR C 92 26.65 -40.34 -3.85
C TYR C 92 27.58 -41.53 -3.95
N PHE C 93 28.34 -41.58 -5.05
CA PHE C 93 29.27 -42.67 -5.30
C PHE C 93 30.66 -42.10 -5.54
N ALA C 94 31.65 -42.71 -4.89
CA ALA C 94 33.04 -42.32 -5.08
C ALA C 94 33.91 -43.55 -4.99
N SER C 95 34.94 -43.59 -5.84
CA SER C 95 35.85 -44.73 -5.86
C SER C 95 37.16 -44.32 -6.51
N THR C 96 38.27 -44.70 -5.88
CA THR C 96 39.59 -44.59 -6.49
C THR C 96 40.13 -45.99 -6.67
N GLU C 97 40.93 -46.19 -7.71
CA GLU C 97 41.36 -47.52 -8.09
C GLU C 97 42.70 -47.45 -8.82
N LYS C 98 43.27 -48.62 -9.08
CA LYS C 98 44.50 -48.67 -9.86
C LYS C 98 44.22 -48.60 -11.35
N SER C 99 43.56 -49.62 -11.90
CA SER C 99 43.15 -49.60 -13.30
C SER C 99 41.64 -49.77 -13.46
N ASN C 100 41.07 -50.88 -12.96
CA ASN C 100 39.64 -51.13 -13.09
C ASN C 100 39.18 -52.30 -12.23
N ILE C 101 38.09 -52.10 -11.50
CA ILE C 101 37.44 -53.19 -10.80
C ILE C 101 35.93 -53.03 -10.79
N ILE C 102 35.46 -51.92 -11.36
CA ILE C 102 34.05 -51.55 -11.35
C ILE C 102 33.57 -51.49 -12.80
N ARG C 103 32.46 -52.18 -13.08
CA ARG C 103 31.89 -52.20 -14.42
C ARG C 103 30.55 -51.49 -14.47
N GLY C 104 29.65 -51.80 -13.54
CA GLY C 104 28.33 -51.19 -13.54
C GLY C 104 27.63 -51.19 -12.20
N TRP C 105 26.38 -50.74 -12.19
CA TRP C 105 25.56 -50.69 -11.00
C TRP C 105 24.19 -51.27 -11.32
N ILE C 106 23.48 -51.70 -10.30
CA ILE C 106 22.15 -52.27 -10.44
C ILE C 106 21.16 -51.41 -9.68
N PHE C 107 20.12 -50.95 -10.36
CA PHE C 107 19.03 -50.19 -9.76
C PHE C 107 17.71 -50.95 -9.94
N GLY C 108 16.65 -50.35 -9.43
CA GLY C 108 15.32 -50.91 -9.52
C GLY C 108 14.83 -51.40 -8.18
N THR C 109 13.68 -52.07 -8.20
CA THR C 109 13.04 -52.58 -7.01
C THR C 109 12.95 -54.10 -7.10
N THR C 110 13.31 -54.77 -6.00
CA THR C 110 13.19 -56.22 -5.83
C THR C 110 14.11 -57.01 -6.77
N LEU C 111 14.78 -56.32 -7.69
CA LEU C 111 15.80 -56.87 -8.57
C LEU C 111 15.44 -58.23 -9.18
N ASP C 112 14.15 -58.44 -9.46
CA ASP C 112 13.73 -59.70 -10.06
C ASP C 112 12.94 -59.45 -11.34
N SER C 113 12.41 -60.52 -11.93
CA SER C 113 11.61 -60.40 -13.16
C SER C 113 10.15 -60.07 -12.83
N LYS C 114 9.96 -59.03 -12.03
CA LYS C 114 8.63 -58.53 -11.70
C LYS C 114 8.59 -57.03 -11.91
N THR C 115 9.70 -56.37 -11.61
CA THR C 115 9.82 -54.91 -11.69
C THR C 115 10.92 -54.54 -12.67
N GLN C 116 10.64 -53.51 -13.48
CA GLN C 116 11.65 -53.00 -14.40
C GLN C 116 12.92 -52.64 -13.63
N SER C 117 14.05 -53.10 -14.16
CA SER C 117 15.33 -52.89 -13.49
C SER C 117 16.26 -52.12 -14.42
N LEU C 118 17.28 -51.51 -13.82
CA LEU C 118 18.25 -50.70 -14.53
C LEU C 118 19.64 -51.29 -14.37
N LEU C 119 20.40 -51.32 -15.46
CA LEU C 119 21.78 -51.77 -15.44
C LEU C 119 22.63 -50.72 -16.14
N ILE C 120 23.71 -50.30 -15.48
CA ILE C 120 24.59 -49.26 -16.00
C ILE C 120 25.97 -49.84 -16.25
N VAL C 121 26.01 -51.10 -16.68
CA VAL C 121 27.29 -51.76 -16.94
C VAL C 121 28.06 -50.98 -18.00
N ASN C 122 29.33 -50.75 -17.73
CA ASN C 122 30.22 -50.11 -18.68
C ASN C 122 31.26 -51.11 -19.17
N ASN C 123 31.78 -50.86 -20.37
CA ASN C 123 32.76 -51.78 -20.94
C ASN C 123 33.88 -50.96 -21.58
N ALA C 124 34.70 -51.60 -22.41
CA ALA C 124 35.97 -51.01 -22.82
C ALA C 124 35.79 -49.69 -23.56
N THR C 125 34.82 -49.64 -24.47
CA THR C 125 34.69 -48.46 -25.33
C THR C 125 33.32 -47.82 -25.31
N ASN C 126 32.35 -48.35 -24.55
CA ASN C 126 31.02 -47.77 -24.55
C ASN C 126 30.28 -48.05 -23.25
N VAL C 127 28.96 -47.82 -23.26
CA VAL C 127 28.10 -48.06 -22.11
C VAL C 127 26.93 -48.92 -22.56
N PHE C 128 26.28 -49.57 -21.60
CA PHE C 128 25.18 -50.48 -21.88
C PHE C 128 24.01 -50.21 -20.96
N ILE C 129 23.64 -48.95 -20.80
CA ILE C 129 22.50 -48.59 -19.99
C ILE C 129 21.22 -49.06 -20.67
N LYS C 130 20.35 -49.73 -19.92
CA LYS C 130 19.09 -50.20 -20.47
C LYS C 130 18.07 -50.39 -19.36
N VAL C 131 16.81 -50.23 -19.72
CA VAL C 131 15.68 -50.45 -18.82
C VAL C 131 15.05 -51.77 -19.19
N CYS C 132 15.16 -52.75 -18.31
CA CYS C 132 14.63 -54.08 -18.60
C CYS C 132 14.13 -54.70 -17.31
N GLU C 133 13.83 -56.00 -17.38
CA GLU C 133 13.28 -56.71 -16.24
C GLU C 133 14.13 -57.94 -15.94
N PHE C 134 15.45 -57.74 -15.85
CA PHE C 134 16.37 -58.82 -15.55
C PHE C 134 15.90 -59.59 -14.33
N GLN C 135 15.85 -60.92 -14.47
CA GLN C 135 15.43 -61.79 -13.36
C GLN C 135 16.48 -61.79 -12.26
N PHE C 136 17.71 -62.19 -12.60
CA PHE C 136 18.84 -62.23 -11.67
C PHE C 136 20.06 -62.73 -12.44
N CYS C 137 21.22 -62.51 -11.86
CA CYS C 137 22.45 -63.14 -12.32
C CYS C 137 23.19 -63.85 -11.21
N ASN C 138 23.18 -63.30 -9.99
CA ASN C 138 23.86 -63.86 -8.83
C ASN C 138 25.35 -64.05 -9.07
N ASP C 139 25.96 -63.16 -9.84
CA ASP C 139 27.38 -63.25 -10.14
C ASP C 139 28.02 -61.86 -10.20
N GLY C 158 27.78 -61.95 -19.13
CA GLY C 158 26.67 -62.67 -18.55
C GLY C 158 26.20 -62.09 -17.23
N VAL C 159 25.34 -61.08 -17.29
CA VAL C 159 24.81 -60.41 -16.10
C VAL C 159 23.29 -60.46 -16.05
N TYR C 160 22.64 -61.04 -17.06
CA TYR C 160 21.19 -61.12 -17.09
C TYR C 160 20.76 -62.24 -18.01
N SER C 161 19.49 -62.65 -17.87
CA SER C 161 18.98 -63.76 -18.67
C SER C 161 17.55 -63.51 -19.15
N SER C 162 17.16 -62.25 -19.31
CA SER C 162 15.80 -61.94 -19.74
C SER C 162 15.77 -60.56 -20.36
N ALA C 163 15.10 -60.44 -21.52
CA ALA C 163 14.90 -59.15 -22.18
C ALA C 163 13.55 -59.07 -22.87
N ASN C 164 12.57 -59.84 -22.39
CA ASN C 164 11.26 -59.93 -23.05
C ASN C 164 10.53 -58.60 -23.07
N ASN C 165 10.18 -58.07 -21.89
CA ASN C 165 9.44 -56.82 -21.78
C ASN C 165 10.42 -55.68 -21.49
N CYS C 166 11.33 -55.47 -22.44
CA CYS C 166 12.47 -54.59 -22.17
C CYS C 166 12.75 -53.71 -23.39
N THR C 167 13.00 -52.43 -23.14
CA THR C 167 13.30 -51.45 -24.20
C THR C 167 14.38 -50.50 -23.70
N PHE C 168 14.51 -49.37 -24.39
CA PHE C 168 15.42 -48.29 -24.01
C PHE C 168 16.85 -48.84 -23.96
N GLU C 169 17.38 -49.16 -25.14
CA GLU C 169 18.78 -49.53 -25.25
C GLU C 169 19.61 -48.31 -25.62
N TYR C 170 20.49 -47.90 -24.71
CA TYR C 170 21.24 -46.66 -24.86
C TYR C 170 22.73 -46.96 -24.74
N VAL C 171 23.50 -46.45 -25.69
CA VAL C 171 24.95 -46.65 -25.75
C VAL C 171 25.59 -45.32 -26.10
N SER C 172 26.67 -44.98 -25.39
CA SER C 172 27.35 -43.71 -25.58
C SER C 172 28.76 -43.83 -25.05
N GLN C 173 29.43 -42.68 -24.89
CA GLN C 173 30.80 -42.66 -24.42
C GLN C 173 30.92 -43.25 -23.03
N PRO C 174 31.96 -44.06 -22.78
CA PRO C 174 32.16 -44.61 -21.44
C PRO C 174 32.41 -43.52 -20.41
N PHE C 175 31.89 -43.76 -19.19
CA PHE C 175 32.07 -42.81 -18.11
C PHE C 175 33.51 -42.81 -17.59
N LEU C 176 34.21 -43.93 -17.69
CA LEU C 176 35.47 -44.13 -17.01
C LEU C 176 36.61 -43.64 -17.91
N MET C 177 37.17 -42.49 -17.57
CA MET C 177 38.36 -41.97 -18.23
C MET C 177 39.54 -42.12 -17.28
N ASP C 178 40.53 -42.90 -17.70
CA ASP C 178 41.71 -43.17 -16.88
C ASP C 178 42.95 -42.73 -17.66
N LEU C 179 43.75 -41.86 -17.04
CA LEU C 179 44.99 -41.39 -17.63
C LEU C 179 46.11 -41.53 -16.61
N GLU C 180 47.28 -41.92 -17.09
CA GLU C 180 48.45 -42.13 -16.25
C GLU C 180 49.66 -41.46 -16.87
N GLY C 181 50.48 -40.83 -16.04
CA GLY C 181 51.72 -40.25 -16.49
C GLY C 181 52.83 -41.27 -16.52
N LYS C 182 52.60 -42.38 -17.23
CA LYS C 182 53.51 -43.51 -17.30
C LYS C 182 53.72 -44.17 -15.94
N GLN C 183 52.87 -43.87 -14.97
CA GLN C 183 52.99 -44.43 -13.63
C GLN C 183 51.60 -44.58 -13.03
N GLY C 184 51.48 -45.57 -12.14
CA GLY C 184 50.22 -45.89 -11.52
C GLY C 184 49.89 -45.13 -10.25
N ASN C 185 50.74 -44.19 -9.85
CA ASN C 185 50.48 -43.41 -8.65
C ASN C 185 49.28 -42.47 -8.80
N PHE C 186 48.83 -42.22 -10.03
CA PHE C 186 47.71 -41.34 -10.28
C PHE C 186 46.41 -42.14 -10.24
N LYS C 187 46.15 -42.70 -9.05
CA LYS C 187 44.93 -43.47 -8.82
C LYS C 187 43.76 -42.49 -8.78
N ASN C 188 43.12 -42.32 -9.94
CA ASN C 188 42.10 -41.29 -10.08
C ASN C 188 40.83 -41.68 -9.35
N LEU C 189 40.34 -40.76 -8.52
CA LEU C 189 39.04 -40.91 -7.87
C LEU C 189 37.96 -40.44 -8.83
N ARG C 190 36.90 -41.23 -8.93
CA ARG C 190 35.80 -40.96 -9.84
C ARG C 190 34.52 -40.82 -9.04
N GLU C 191 34.06 -39.59 -8.87
CA GLU C 191 32.88 -39.30 -8.07
C GLU C 191 31.65 -39.28 -8.96
N PHE C 192 30.69 -40.14 -8.65
CA PHE C 192 29.46 -40.25 -9.40
C PHE C 192 28.27 -39.98 -8.49
N VAL C 193 27.32 -39.20 -8.98
CA VAL C 193 26.10 -38.90 -8.24
C VAL C 193 24.90 -39.27 -9.12
N PHE C 194 23.99 -40.06 -8.58
CA PHE C 194 22.79 -40.47 -9.29
C PHE C 194 21.56 -39.99 -8.53
N LYS C 195 20.64 -39.36 -9.25
CA LYS C 195 19.39 -38.93 -8.65
C LYS C 195 18.26 -39.18 -9.63
N ASN C 196 17.07 -39.39 -9.09
CA ASN C 196 15.90 -39.77 -9.87
C ASN C 196 14.68 -38.95 -9.45
N ILE C 197 14.85 -37.65 -9.30
CA ILE C 197 13.73 -36.79 -8.95
C ILE C 197 12.72 -36.76 -10.10
N ASP C 198 11.49 -37.17 -9.79
CA ASP C 198 10.36 -37.25 -10.72
C ASP C 198 10.75 -37.71 -12.12
N GLY C 199 11.50 -38.80 -12.22
CA GLY C 199 11.94 -39.28 -13.53
C GLY C 199 13.19 -38.56 -13.97
N TYR C 200 13.46 -38.60 -15.27
CA TYR C 200 14.62 -37.94 -15.87
C TYR C 200 15.90 -38.23 -15.09
N PHE C 201 16.31 -39.49 -15.12
CA PHE C 201 17.48 -39.92 -14.37
C PHE C 201 18.71 -39.10 -14.77
N LYS C 202 19.47 -38.66 -13.77
CA LYS C 202 20.61 -37.80 -13.98
C LYS C 202 21.87 -38.46 -13.42
N ILE C 203 23.00 -38.21 -14.08
CA ILE C 203 24.30 -38.72 -13.63
C ILE C 203 25.33 -37.61 -13.73
N TYR C 204 26.07 -37.39 -12.65
CA TYR C 204 27.15 -36.41 -12.60
C TYR C 204 28.46 -37.13 -12.36
N SER C 205 29.55 -36.55 -12.88
CA SER C 205 30.85 -37.19 -12.74
C SER C 205 31.96 -36.15 -12.87
N LYS C 206 33.13 -36.51 -12.37
CA LYS C 206 34.33 -35.69 -12.46
C LYS C 206 35.55 -36.51 -12.03
N HIS C 207 36.64 -36.42 -12.78
CA HIS C 207 37.84 -37.21 -12.51
C HIS C 207 38.97 -36.28 -12.07
N THR C 208 39.55 -36.56 -10.91
CA THR C 208 40.67 -35.78 -10.38
C THR C 208 41.66 -36.74 -9.76
N PRO C 209 42.75 -37.05 -10.48
CA PRO C 209 43.67 -38.08 -9.94
C PRO C 209 44.58 -37.60 -8.82
N ILE C 210 44.97 -36.31 -8.82
CA ILE C 210 46.17 -35.94 -8.09
C ILE C 210 45.92 -35.32 -6.71
N ILE C 211 45.81 -36.19 -5.71
CA ILE C 211 46.02 -35.95 -4.28
C ILE C 211 46.60 -37.23 -3.70
N GLY C 212 47.05 -37.17 -2.45
CA GLY C 212 47.81 -38.23 -1.83
C GLY C 212 46.97 -39.34 -1.27
N ARG C 213 45.92 -38.97 -0.54
CA ARG C 213 45.10 -39.96 0.15
C ARG C 213 43.63 -39.73 -0.20
N ASP C 214 42.78 -40.49 0.47
CA ASP C 214 41.38 -40.65 0.08
C ASP C 214 40.52 -39.49 0.59
N PHE C 215 39.27 -39.44 0.08
CA PHE C 215 38.26 -38.42 0.35
C PHE C 215 38.93 -37.08 0.62
N PRO C 216 39.58 -36.50 -0.39
CA PRO C 216 40.29 -35.24 -0.20
C PRO C 216 39.35 -34.14 0.26
N GLN C 217 39.84 -33.26 1.13
CA GLN C 217 39.04 -32.13 1.58
C GLN C 217 39.00 -31.00 0.57
N GLY C 218 39.85 -31.03 -0.45
CA GLY C 218 39.79 -30.02 -1.49
C GLY C 218 38.51 -30.09 -2.28
N PHE C 219 37.99 -28.92 -2.65
CA PHE C 219 36.72 -28.86 -3.36
C PHE C 219 36.86 -29.35 -4.79
N SER C 220 35.75 -29.84 -5.33
CA SER C 220 35.72 -30.33 -6.72
C SER C 220 34.28 -30.31 -7.20
N ALA C 221 34.04 -29.66 -8.33
CA ALA C 221 32.71 -29.65 -8.91
C ALA C 221 32.42 -30.96 -9.63
N LEU C 222 31.14 -31.20 -9.90
CA LEU C 222 30.70 -32.40 -10.60
C LEU C 222 29.91 -32.00 -11.83
N GLU C 223 30.29 -32.54 -12.97
CA GLU C 223 29.57 -32.17 -14.18
C GLU C 223 28.61 -33.27 -14.61
N PRO C 224 27.43 -32.91 -15.10
CA PRO C 224 26.49 -33.92 -15.59
C PRO C 224 27.02 -34.64 -16.82
N LEU C 225 26.59 -35.89 -16.97
CA LEU C 225 27.00 -36.73 -18.09
C LEU C 225 25.85 -37.10 -19.00
N VAL C 226 24.74 -37.59 -18.44
CA VAL C 226 23.60 -38.03 -19.25
C VAL C 226 22.32 -37.65 -18.53
N ASP C 227 21.35 -37.15 -19.30
CA ASP C 227 20.00 -36.82 -18.80
C ASP C 227 19.05 -37.80 -19.50
N LEU C 228 18.87 -38.96 -18.87
CA LEU C 228 18.05 -40.01 -19.46
C LEU C 228 16.72 -40.09 -18.73
N PRO C 229 15.61 -39.88 -19.42
CA PRO C 229 14.29 -39.91 -18.77
C PRO C 229 13.81 -41.32 -18.49
N ILE C 230 14.30 -41.91 -17.41
CA ILE C 230 14.05 -43.33 -17.16
C ILE C 230 12.60 -43.55 -16.74
N GLY C 231 12.16 -42.82 -15.72
CA GLY C 231 10.77 -42.88 -15.29
C GLY C 231 10.29 -44.20 -14.74
N ILE C 232 11.06 -44.82 -13.84
CA ILE C 232 10.67 -46.05 -13.18
C ILE C 232 10.79 -45.87 -11.66
N ASN C 233 10.35 -46.89 -10.92
CA ASN C 233 10.48 -46.89 -9.47
C ASN C 233 11.77 -47.60 -9.07
N ILE C 234 12.64 -46.89 -8.35
CA ILE C 234 13.92 -47.42 -7.91
C ILE C 234 13.95 -47.34 -6.39
N THR C 235 14.20 -48.47 -5.76
CA THR C 235 14.34 -48.53 -4.30
C THR C 235 15.66 -49.15 -3.86
N ARG C 236 16.11 -50.20 -4.54
CA ARG C 236 17.36 -50.86 -4.22
C ARG C 236 18.47 -50.38 -5.14
N PHE C 237 19.71 -50.58 -4.69
CA PHE C 237 20.89 -50.19 -5.46
C PHE C 237 21.98 -51.21 -5.18
N GLN C 238 22.66 -51.64 -6.24
CA GLN C 238 23.77 -52.58 -6.11
C GLN C 238 24.79 -52.27 -7.19
N THR C 239 25.92 -52.98 -7.12
CA THR C 239 27.06 -52.71 -7.98
C THR C 239 27.56 -54.00 -8.60
N LEU C 240 28.39 -53.85 -9.63
CA LEU C 240 29.10 -54.97 -10.22
C LEU C 240 30.60 -54.81 -10.02
N LEU C 241 31.34 -55.84 -10.39
CA LEU C 241 32.78 -55.87 -10.17
C LEU C 241 33.51 -56.31 -11.43
N ALA C 242 34.80 -56.63 -11.31
CA ALA C 242 35.58 -57.05 -12.47
C ALA C 242 36.25 -58.40 -12.23
N LEU C 243 37.12 -58.80 -13.14
CA LEU C 243 37.84 -60.07 -13.04
C LEU C 243 39.34 -59.81 -12.92
N ASN C 244 39.99 -60.59 -12.07
CA ASN C 244 41.43 -60.47 -11.84
C ASN C 244 42.00 -61.87 -11.67
N ARG C 245 43.30 -62.00 -11.93
CA ARG C 245 43.97 -63.28 -11.79
C ARG C 245 45.44 -63.09 -11.43
N ALA C 262 39.20 -49.34 -0.16
CA ALA C 262 39.95 -48.41 -1.00
C ALA C 262 39.09 -47.86 -2.11
N ASP C 263 37.78 -48.02 -1.96
CA ASP C 263 36.80 -47.63 -2.97
C ASP C 263 35.42 -47.69 -2.32
N TYR C 264 34.38 -47.60 -3.15
CA TYR C 264 33.00 -47.82 -2.75
C TYR C 264 32.50 -46.78 -1.76
N TYR C 265 33.08 -45.59 -1.76
CA TYR C 265 32.61 -44.53 -0.88
C TYR C 265 31.20 -44.11 -1.30
N VAL C 266 30.23 -44.32 -0.42
CA VAL C 266 28.82 -44.11 -0.72
C VAL C 266 28.25 -43.06 0.22
N GLY C 267 27.52 -42.10 -0.33
CA GLY C 267 26.86 -41.09 0.48
C GLY C 267 25.43 -40.90 0.01
N TYR C 268 24.61 -40.38 0.91
CA TYR C 268 23.18 -40.20 0.67
C TYR C 268 22.86 -38.71 0.64
N LEU C 269 22.14 -38.27 -0.39
CA LEU C 269 21.80 -36.87 -0.52
C LEU C 269 20.53 -36.55 0.26
N GLN C 270 20.33 -35.26 0.51
CA GLN C 270 19.17 -34.75 1.23
C GLN C 270 18.80 -33.39 0.65
N PRO C 271 17.55 -32.98 0.79
CA PRO C 271 17.16 -31.64 0.31
C PRO C 271 17.72 -30.54 1.20
N ARG C 272 18.70 -29.81 0.70
CA ARG C 272 19.33 -28.73 1.46
C ARG C 272 19.44 -27.49 0.61
N THR C 273 19.48 -26.35 1.29
CA THR C 273 19.76 -25.07 0.65
C THR C 273 21.25 -24.81 0.68
N PHE C 274 21.82 -24.45 -0.47
CA PHE C 274 23.25 -24.21 -0.58
C PHE C 274 23.50 -22.92 -1.33
N LEU C 275 24.64 -22.29 -1.02
CA LEU C 275 25.11 -21.10 -1.72
C LEU C 275 26.42 -21.47 -2.37
N LEU C 276 26.52 -21.23 -3.69
CA LEU C 276 27.65 -21.69 -4.49
C LEU C 276 28.40 -20.49 -5.04
N LYS C 277 29.72 -20.51 -4.92
CA LYS C 277 30.56 -19.46 -5.46
C LYS C 277 30.98 -19.82 -6.87
N TYR C 278 30.61 -18.99 -7.84
CA TYR C 278 30.92 -19.22 -9.24
C TYR C 278 32.14 -18.39 -9.62
N ASN C 279 33.14 -19.05 -10.20
CA ASN C 279 34.33 -18.35 -10.63
C ASN C 279 34.02 -17.46 -11.83
N GLU C 280 34.91 -16.49 -12.07
CA GLU C 280 34.75 -15.62 -13.21
C GLU C 280 34.78 -16.40 -14.52
N ASN C 281 35.44 -17.55 -14.52
CA ASN C 281 35.45 -18.42 -15.69
C ASN C 281 34.24 -19.35 -15.74
N GLY C 282 33.38 -19.32 -14.73
CA GLY C 282 32.15 -20.10 -14.73
C GLY C 282 32.19 -21.36 -13.90
N THR C 283 33.37 -21.77 -13.43
CA THR C 283 33.46 -22.97 -12.60
C THR C 283 32.96 -22.68 -11.19
N ILE C 284 32.79 -23.75 -10.42
CA ILE C 284 32.38 -23.65 -9.03
C ILE C 284 33.63 -23.69 -8.17
N THR C 285 33.95 -22.56 -7.56
CA THR C 285 35.14 -22.46 -6.72
C THR C 285 34.90 -22.99 -5.31
N ASP C 286 33.80 -22.57 -4.67
CA ASP C 286 33.51 -23.01 -3.32
C ASP C 286 32.01 -23.03 -3.12
N ALA C 287 31.56 -23.86 -2.17
CA ALA C 287 30.17 -23.91 -1.78
C ALA C 287 30.07 -24.01 -0.27
N VAL C 288 28.95 -23.55 0.29
CA VAL C 288 28.72 -23.56 1.72
C VAL C 288 27.30 -24.01 1.99
N ASP C 289 27.15 -24.88 2.99
CA ASP C 289 25.83 -25.31 3.40
C ASP C 289 25.08 -24.16 4.08
N CYS C 290 23.79 -24.37 4.30
CA CYS C 290 22.95 -23.37 4.96
C CYS C 290 22.18 -23.93 6.14
N ALA C 291 22.42 -25.18 6.53
CA ALA C 291 21.76 -25.76 7.68
C ALA C 291 22.72 -26.60 8.52
N LEU C 292 24.01 -26.36 8.37
CA LEU C 292 25.03 -27.13 9.07
C LEU C 292 25.59 -26.42 10.29
N ASP C 293 26.01 -25.17 10.15
CA ASP C 293 26.57 -24.39 11.23
C ASP C 293 25.89 -23.03 11.29
N PRO C 294 25.83 -22.42 12.48
CA PRO C 294 25.27 -21.06 12.55
C PRO C 294 26.00 -20.08 11.65
N LEU C 295 27.33 -20.21 11.57
CA LEU C 295 28.09 -19.37 10.66
C LEU C 295 27.64 -19.61 9.22
N SER C 296 27.40 -20.86 8.87
CA SER C 296 26.90 -21.18 7.53
C SER C 296 25.55 -20.54 7.29
N GLU C 297 24.66 -20.58 8.29
CA GLU C 297 23.33 -20.01 8.14
C GLU C 297 23.40 -18.50 7.93
N THR C 298 24.25 -17.81 8.70
CA THR C 298 24.43 -16.38 8.47
C THR C 298 25.00 -16.13 7.08
N LYS C 299 26.03 -16.89 6.70
CA LYS C 299 26.64 -16.72 5.39
C LYS C 299 25.64 -16.96 4.29
N CYS C 300 24.61 -17.75 4.56
CA CYS C 300 23.56 -18.01 3.58
C CYS C 300 22.54 -16.87 3.55
N THR C 301 22.08 -16.43 4.72
CA THR C 301 21.01 -15.45 4.78
C THR C 301 21.47 -14.03 4.49
N LEU C 302 22.78 -13.78 4.50
CA LEU C 302 23.31 -12.47 4.13
C LEU C 302 24.24 -12.66 2.95
N LYS C 303 23.73 -13.33 1.91
CA LYS C 303 24.51 -14.10 0.94
C LYS C 303 25.85 -13.47 0.62
N SER C 304 26.92 -14.22 0.91
CA SER C 304 28.29 -13.75 0.84
C SER C 304 29.21 -14.91 1.19
N PHE C 305 30.51 -14.68 1.20
CA PHE C 305 31.44 -15.62 1.79
C PHE C 305 32.24 -15.01 2.94
N THR C 306 32.15 -13.70 3.14
CA THR C 306 32.76 -13.02 4.27
C THR C 306 31.66 -12.34 5.06
N VAL C 307 31.62 -12.61 6.36
CA VAL C 307 30.64 -12.02 7.27
C VAL C 307 31.39 -11.10 8.23
N GLU C 308 30.98 -9.84 8.27
CA GLU C 308 31.62 -8.88 9.15
C GLU C 308 31.19 -9.09 10.59
N LYS C 309 32.02 -8.59 11.50
CA LYS C 309 31.74 -8.71 12.93
C LYS C 309 30.41 -8.04 13.26
N GLY C 310 29.54 -8.80 13.92
CA GLY C 310 28.24 -8.28 14.28
C GLY C 310 27.28 -9.41 14.60
N ILE C 311 26.05 -9.02 14.95
CA ILE C 311 24.98 -9.96 15.27
C ILE C 311 23.97 -9.92 14.14
N TYR C 312 23.56 -11.09 13.68
CA TYR C 312 22.67 -11.20 12.53
C TYR C 312 21.52 -12.15 12.88
N GLN C 313 20.29 -11.68 12.67
CA GLN C 313 19.12 -12.54 12.79
C GLN C 313 18.96 -13.31 11.49
N THR C 314 18.96 -14.64 11.58
CA THR C 314 19.01 -15.48 10.39
C THR C 314 17.72 -16.26 10.15
N SER C 315 17.10 -16.79 11.19
CA SER C 315 15.96 -17.67 11.01
C SER C 315 15.15 -17.65 12.31
N ASN C 316 14.28 -18.63 12.47
CA ASN C 316 13.49 -18.79 13.68
C ASN C 316 13.46 -20.25 14.08
N PHE C 317 13.22 -20.50 15.36
CA PHE C 317 13.26 -21.83 15.93
C PHE C 317 11.90 -22.18 16.51
N ARG C 318 11.48 -23.42 16.35
CA ARG C 318 10.21 -23.90 16.88
C ARG C 318 10.32 -25.38 17.16
N VAL C 319 9.79 -25.80 18.31
CA VAL C 319 9.89 -27.20 18.72
C VAL C 319 8.90 -28.02 17.91
N GLN C 320 9.41 -29.02 17.20
CA GLN C 320 8.54 -29.89 16.42
C GLN C 320 7.78 -30.84 17.34
N PRO C 321 6.55 -31.20 16.98
CA PRO C 321 5.77 -32.10 17.83
C PRO C 321 6.33 -33.51 17.84
N THR C 322 6.13 -34.20 18.97
CA THR C 322 6.55 -35.59 19.10
C THR C 322 5.52 -36.54 18.51
N GLU C 323 4.31 -36.55 19.07
CA GLU C 323 3.23 -37.38 18.57
C GLU C 323 2.07 -36.52 18.11
N SER C 324 1.07 -37.18 17.52
CA SER C 324 -0.09 -36.49 16.98
C SER C 324 -1.36 -37.19 17.45
N ILE C 325 -2.29 -36.43 18.00
CA ILE C 325 -3.56 -36.96 18.46
C ILE C 325 -4.65 -36.61 17.45
N VAL C 326 -5.45 -37.61 17.08
CA VAL C 326 -6.44 -37.46 16.02
C VAL C 326 -7.82 -37.76 16.60
N ARG C 327 -8.01 -37.44 17.87
CA ARG C 327 -9.28 -37.73 18.54
C ARG C 327 -10.46 -37.13 17.81
N PHE C 328 -11.50 -37.93 17.62
CA PHE C 328 -12.79 -37.53 17.07
C PHE C 328 -13.88 -38.01 18.01
N PRO C 329 -15.07 -37.43 17.90
CA PRO C 329 -16.22 -38.03 18.60
C PRO C 329 -16.45 -39.44 18.12
N ASN C 330 -16.82 -40.32 19.06
CA ASN C 330 -16.85 -41.75 18.80
C ASN C 330 -18.26 -42.18 18.38
N VAL C 331 -18.41 -42.49 17.10
CA VAL C 331 -19.63 -43.13 16.59
C VAL C 331 -19.21 -44.23 15.63
N THR C 332 -20.08 -45.23 15.44
CA THR C 332 -19.74 -46.33 14.55
C THR C 332 -20.91 -46.67 13.63
N ASN C 333 -22.12 -46.24 13.99
CA ASN C 333 -23.29 -46.55 13.17
C ASN C 333 -23.19 -45.86 11.82
N LEU C 334 -23.51 -46.61 10.76
CA LEU C 334 -23.42 -46.08 9.40
C LEU C 334 -24.54 -45.10 9.13
N CYS C 335 -24.24 -44.07 8.34
CA CYS C 335 -25.24 -43.12 7.94
C CYS C 335 -26.19 -43.72 6.90
N PRO C 336 -27.42 -43.24 6.83
CA PRO C 336 -28.40 -43.86 5.93
C PRO C 336 -28.31 -43.39 4.48
N PHE C 337 -27.17 -42.82 4.06
CA PHE C 337 -27.01 -42.42 2.66
C PHE C 337 -27.56 -43.47 1.70
N HIS C 338 -27.38 -44.75 2.01
CA HIS C 338 -27.94 -45.79 1.16
C HIS C 338 -29.43 -45.57 0.95
N GLU C 339 -30.18 -45.39 2.04
CA GLU C 339 -31.62 -45.22 1.97
C GLU C 339 -32.04 -43.95 1.25
N VAL C 340 -31.16 -42.98 1.07
CA VAL C 340 -31.49 -41.77 0.32
C VAL C 340 -31.07 -41.84 -1.14
N PHE C 341 -30.14 -42.72 -1.50
CA PHE C 341 -29.95 -43.03 -2.92
C PHE C 341 -30.58 -44.34 -3.35
N ASN C 342 -31.08 -45.16 -2.42
CA ASN C 342 -31.82 -46.36 -2.77
C ASN C 342 -33.31 -46.09 -2.92
N ALA C 343 -33.74 -44.85 -2.77
CA ALA C 343 -35.15 -44.52 -2.83
C ALA C 343 -35.68 -44.67 -4.25
N THR C 344 -37.01 -44.71 -4.37
CA THR C 344 -37.67 -44.89 -5.65
C THR C 344 -38.52 -43.71 -6.09
N ARG C 345 -38.86 -42.80 -5.18
CA ARG C 345 -39.82 -41.72 -5.46
C ARG C 345 -39.27 -40.39 -4.98
N PHE C 346 -38.06 -40.06 -5.42
CA PHE C 346 -37.51 -38.72 -5.24
C PHE C 346 -38.55 -37.69 -5.67
N ALA C 347 -38.98 -36.85 -4.73
CA ALA C 347 -40.09 -35.95 -4.99
C ALA C 347 -39.71 -34.89 -6.02
N SER C 348 -40.73 -34.28 -6.61
CA SER C 348 -40.51 -33.30 -7.67
C SER C 348 -39.83 -32.06 -7.13
N VAL C 349 -39.31 -31.25 -8.04
CA VAL C 349 -38.55 -30.06 -7.65
C VAL C 349 -39.46 -29.03 -6.97
N TYR C 350 -40.76 -29.03 -7.31
CA TYR C 350 -41.65 -28.05 -6.72
C TYR C 350 -41.88 -28.32 -5.24
N ALA C 351 -41.79 -29.58 -4.83
CA ALA C 351 -41.85 -29.97 -3.42
C ALA C 351 -40.66 -30.90 -3.19
N TRP C 352 -39.52 -30.33 -2.85
CA TRP C 352 -38.30 -31.14 -2.71
C TRP C 352 -38.29 -31.81 -1.35
N ASN C 353 -37.84 -33.06 -1.30
CA ASN C 353 -37.82 -33.80 -0.05
C ASN C 353 -36.47 -33.61 0.65
N ARG C 354 -36.53 -33.11 1.88
CA ARG C 354 -35.34 -32.81 2.67
C ARG C 354 -35.27 -33.75 3.86
N THR C 355 -34.11 -34.38 4.03
CA THR C 355 -33.87 -35.32 5.13
C THR C 355 -32.62 -34.90 5.91
N ARG C 356 -32.59 -35.26 7.18
CA ARG C 356 -31.49 -34.89 8.07
C ARG C 356 -30.65 -36.11 8.40
N ILE C 357 -29.32 -35.93 8.40
CA ILE C 357 -28.37 -36.98 8.71
C ILE C 357 -27.55 -36.52 9.90
N SER C 358 -27.46 -37.36 10.93
CA SER C 358 -26.73 -37.00 12.13
C SER C 358 -26.31 -38.26 12.88
N ASN C 359 -25.38 -38.06 13.82
CA ASN C 359 -24.90 -39.10 14.75
C ASN C 359 -24.63 -40.43 14.04
N CYS C 360 -23.68 -40.38 13.11
CA CYS C 360 -23.31 -41.56 12.33
C CYS C 360 -21.96 -41.27 11.67
N VAL C 361 -21.42 -42.28 10.99
CA VAL C 361 -20.14 -42.19 10.31
C VAL C 361 -20.39 -42.02 8.82
N ALA C 362 -19.88 -40.93 8.25
CA ALA C 362 -20.10 -40.61 6.85
C ALA C 362 -18.89 -41.08 6.04
N ASP C 363 -19.08 -42.14 5.27
CA ASP C 363 -18.09 -42.65 4.33
C ASP C 363 -18.74 -42.60 2.96
N TYR C 364 -18.20 -41.78 2.08
CA TYR C 364 -18.86 -41.43 0.83
C TYR C 364 -18.51 -42.36 -0.32
N SER C 365 -17.74 -43.42 -0.06
CA SER C 365 -17.55 -44.44 -1.09
C SER C 365 -18.88 -45.07 -1.49
N VAL C 366 -19.85 -45.10 -0.57
CA VAL C 366 -21.16 -45.67 -0.90
C VAL C 366 -21.87 -44.83 -1.95
N LEU C 367 -21.88 -43.51 -1.78
CA LEU C 367 -22.50 -42.68 -2.81
C LEU C 367 -21.66 -42.69 -4.08
N TYR C 368 -20.36 -42.90 -3.95
CA TYR C 368 -19.50 -42.96 -5.13
C TYR C 368 -19.82 -44.18 -5.97
N ASN C 369 -20.05 -45.32 -5.33
CA ASN C 369 -20.32 -46.55 -6.08
C ASN C 369 -21.79 -46.81 -6.30
N PHE C 370 -22.69 -45.99 -5.76
CA PHE C 370 -24.12 -46.15 -5.94
C PHE C 370 -24.68 -45.30 -7.07
N ALA C 371 -23.83 -44.60 -7.82
CA ALA C 371 -24.35 -43.74 -8.86
C ALA C 371 -23.34 -43.55 -9.99
N PRO C 372 -23.76 -43.74 -11.24
CA PRO C 372 -22.88 -43.40 -12.37
C PRO C 372 -22.78 -41.89 -12.51
N PHE C 373 -21.86 -41.31 -11.74
CA PHE C 373 -21.85 -39.87 -11.53
C PHE C 373 -21.69 -39.11 -12.84
N PHE C 374 -22.45 -38.04 -12.99
CA PHE C 374 -22.32 -37.13 -14.11
C PHE C 374 -21.79 -35.76 -13.71
N ALA C 375 -22.18 -35.25 -12.55
CA ALA C 375 -21.71 -33.95 -12.08
C ALA C 375 -21.52 -34.02 -10.58
N PHE C 376 -20.30 -33.73 -10.12
CA PHE C 376 -20.02 -33.74 -8.69
C PHE C 376 -19.51 -32.37 -8.27
N LYS C 377 -20.09 -31.30 -8.80
CA LYS C 377 -19.57 -29.96 -8.58
C LYS C 377 -19.87 -29.54 -7.15
N CYS C 378 -18.93 -29.79 -6.26
CA CYS C 378 -19.01 -29.34 -4.88
C CYS C 378 -18.40 -27.94 -4.76
N TYR C 379 -18.89 -27.18 -3.80
CA TYR C 379 -18.44 -25.81 -3.60
C TYR C 379 -17.76 -25.61 -2.27
N GLY C 380 -18.41 -25.96 -1.16
CA GLY C 380 -17.80 -25.75 0.14
C GLY C 380 -16.63 -26.65 0.45
N VAL C 381 -16.67 -27.90 0.00
CA VAL C 381 -15.63 -28.87 0.33
C VAL C 381 -15.35 -29.72 -0.90
N SER C 382 -14.08 -29.96 -1.17
CA SER C 382 -13.71 -30.79 -2.31
C SER C 382 -14.10 -32.24 -2.05
N PRO C 383 -14.69 -32.93 -3.03
CA PRO C 383 -15.10 -34.33 -2.81
C PRO C 383 -13.97 -35.27 -2.48
N THR C 384 -12.73 -34.96 -2.89
CA THR C 384 -11.64 -35.92 -2.77
C THR C 384 -11.41 -36.32 -1.32
N LYS C 385 -10.88 -35.40 -0.52
CA LYS C 385 -10.64 -35.67 0.90
C LYS C 385 -11.85 -35.16 1.70
N LEU C 386 -12.95 -35.91 1.54
CA LEU C 386 -14.23 -35.55 2.10
C LEU C 386 -14.59 -36.35 3.34
N ASN C 387 -13.85 -37.42 3.65
CA ASN C 387 -14.16 -38.26 4.79
C ASN C 387 -13.46 -37.82 6.07
N ASP C 388 -12.61 -36.81 6.01
CA ASP C 388 -11.80 -36.41 7.17
C ASP C 388 -12.27 -35.08 7.75
N LEU C 389 -13.57 -34.86 7.78
CA LEU C 389 -14.14 -33.63 8.33
C LEU C 389 -15.28 -33.96 9.28
N CYS C 390 -15.64 -32.96 10.08
CA CYS C 390 -16.71 -33.08 11.06
C CYS C 390 -17.73 -31.99 10.79
N PHE C 391 -18.99 -32.39 10.59
CA PHE C 391 -20.06 -31.47 10.25
C PHE C 391 -21.14 -31.49 11.32
N THR C 392 -21.63 -30.29 11.66
CA THR C 392 -22.62 -30.17 12.74
C THR C 392 -23.91 -30.88 12.38
N ASN C 393 -24.42 -30.66 11.18
CA ASN C 393 -25.66 -31.28 10.74
C ASN C 393 -25.66 -31.35 9.21
N VAL C 394 -26.21 -32.45 8.69
CA VAL C 394 -26.21 -32.72 7.26
C VAL C 394 -27.66 -32.82 6.79
N TYR C 395 -27.98 -32.07 5.74
CA TYR C 395 -29.31 -32.10 5.13
C TYR C 395 -29.20 -32.66 3.71
N ALA C 396 -30.04 -33.62 3.40
CA ALA C 396 -30.08 -34.25 2.08
C ALA C 396 -31.40 -33.91 1.40
N ASP C 397 -31.32 -33.18 0.29
CA ASP C 397 -32.48 -32.79 -0.49
C ASP C 397 -32.44 -33.50 -1.84
N SER C 398 -33.55 -34.09 -2.24
CA SER C 398 -33.61 -34.95 -3.41
C SER C 398 -34.76 -34.57 -4.33
N PHE C 399 -34.50 -34.56 -5.64
CA PHE C 399 -35.51 -34.28 -6.64
C PHE C 399 -34.97 -34.64 -8.02
N VAL C 400 -35.86 -34.95 -8.94
CA VAL C 400 -35.49 -35.31 -10.30
C VAL C 400 -35.66 -34.10 -11.20
N ILE C 401 -34.62 -33.79 -11.97
CA ILE C 401 -34.59 -32.60 -12.82
C ILE C 401 -33.86 -32.93 -14.12
N LYS C 402 -34.09 -32.10 -15.13
CA LYS C 402 -33.64 -32.38 -16.50
C LYS C 402 -32.15 -32.05 -16.67
N GLY C 403 -31.62 -32.43 -17.83
CA GLY C 403 -30.18 -32.34 -18.05
C GLY C 403 -29.65 -30.92 -18.03
N ASN C 404 -30.31 -30.01 -18.73
CA ASN C 404 -29.89 -28.61 -18.70
C ASN C 404 -30.06 -28.01 -17.32
N GLU C 405 -31.03 -28.50 -16.56
CA GLU C 405 -31.28 -27.97 -15.24
C GLU C 405 -30.16 -28.34 -14.26
N VAL C 406 -29.42 -29.40 -14.55
CA VAL C 406 -28.20 -29.67 -13.78
C VAL C 406 -27.22 -28.52 -13.91
N SER C 407 -27.05 -28.00 -15.13
CA SER C 407 -26.29 -26.78 -15.31
C SER C 407 -26.98 -25.61 -14.62
N GLN C 408 -28.31 -25.57 -14.64
CA GLN C 408 -29.03 -24.50 -13.97
C GLN C 408 -28.83 -24.55 -12.46
N ILE C 409 -28.89 -25.74 -11.87
CA ILE C 409 -28.89 -25.82 -10.41
C ILE C 409 -27.48 -25.55 -9.90
N ALA C 410 -27.31 -24.43 -9.20
CA ALA C 410 -26.04 -23.98 -8.66
C ALA C 410 -26.32 -22.75 -7.81
N PRO C 411 -25.41 -22.41 -6.88
CA PRO C 411 -25.68 -21.25 -6.02
C PRO C 411 -25.90 -19.96 -6.80
N GLY C 412 -27.13 -19.45 -6.74
CA GLY C 412 -27.45 -18.19 -7.37
C GLY C 412 -27.39 -18.18 -8.89
N GLN C 413 -28.30 -18.91 -9.53
CA GLN C 413 -28.39 -18.90 -10.98
C GLN C 413 -29.77 -18.39 -11.41
N THR C 414 -29.98 -18.38 -12.73
CA THR C 414 -31.21 -17.89 -13.32
C THR C 414 -31.96 -19.04 -13.97
N GLY C 415 -33.27 -18.87 -14.12
CA GLY C 415 -34.12 -19.88 -14.70
C GLY C 415 -35.29 -20.17 -13.77
N ASN C 416 -36.42 -20.56 -14.37
CA ASN C 416 -37.64 -20.76 -13.59
C ASN C 416 -37.46 -21.79 -12.48
N ILE C 417 -36.68 -22.83 -12.70
CA ILE C 417 -36.41 -23.80 -11.64
C ILE C 417 -35.59 -23.16 -10.52
N ALA C 418 -34.63 -22.32 -10.90
CA ALA C 418 -33.75 -21.72 -9.90
C ALA C 418 -34.41 -20.63 -9.08
N ASP C 419 -35.52 -20.05 -9.57
CA ASP C 419 -36.14 -18.92 -8.89
C ASP C 419 -37.55 -19.19 -8.39
N TYR C 420 -38.20 -20.24 -8.88
CA TYR C 420 -39.54 -20.60 -8.42
C TYR C 420 -39.62 -22.00 -7.83
N ASN C 421 -38.64 -22.87 -8.08
CA ASN C 421 -38.69 -24.26 -7.66
C ASN C 421 -37.67 -24.61 -6.59
N TYR C 422 -36.45 -24.11 -6.70
CA TYR C 422 -35.41 -24.41 -5.74
C TYR C 422 -34.30 -23.38 -5.87
N LYS C 423 -33.85 -22.83 -4.75
CA LYS C 423 -32.80 -21.82 -4.75
C LYS C 423 -31.80 -22.14 -3.66
N LEU C 424 -30.52 -22.16 -4.01
CA LEU C 424 -29.48 -22.37 -3.02
C LEU C 424 -28.93 -21.01 -2.55
N PRO C 425 -28.45 -20.95 -1.31
CA PRO C 425 -27.84 -19.70 -0.83
C PRO C 425 -26.56 -19.38 -1.58
N ASP C 426 -26.25 -18.08 -1.64
CA ASP C 426 -25.04 -17.63 -2.34
C ASP C 426 -23.80 -18.23 -1.71
N ASP C 427 -23.72 -18.24 -0.38
CA ASP C 427 -22.59 -18.85 0.32
C ASP C 427 -22.89 -20.30 0.67
N PHE C 428 -23.28 -21.08 -0.33
CA PHE C 428 -23.60 -22.48 -0.09
C PHE C 428 -22.34 -23.28 0.18
N THR C 429 -22.42 -24.17 1.17
CA THR C 429 -21.32 -25.05 1.56
C THR C 429 -21.83 -26.48 1.50
N GLY C 430 -21.62 -27.14 0.37
CA GLY C 430 -22.08 -28.51 0.24
C GLY C 430 -21.79 -29.05 -1.14
N CYS C 431 -22.40 -30.21 -1.41
CA CYS C 431 -22.22 -30.93 -2.67
C CYS C 431 -23.56 -31.16 -3.33
N VAL C 432 -23.57 -31.16 -4.66
CA VAL C 432 -24.74 -31.52 -5.45
C VAL C 432 -24.38 -32.75 -6.28
N ILE C 433 -25.26 -33.75 -6.24
CA ILE C 433 -25.01 -35.05 -6.85
C ILE C 433 -26.03 -35.25 -7.96
N ALA C 434 -25.55 -35.58 -9.15
CA ALA C 434 -26.41 -35.73 -10.31
C ALA C 434 -25.99 -36.94 -11.11
N TRP C 435 -26.93 -37.85 -11.35
CA TRP C 435 -26.74 -38.99 -12.23
C TRP C 435 -28.04 -39.28 -12.95
N ASN C 436 -27.93 -39.62 -14.23
CA ASN C 436 -29.12 -39.84 -15.05
C ASN C 436 -29.87 -41.08 -14.58
N SER C 437 -31.20 -40.98 -14.53
CA SER C 437 -32.06 -42.10 -14.14
C SER C 437 -33.15 -42.25 -15.21
N ASN C 438 -32.82 -42.97 -16.28
CA ASN C 438 -33.76 -43.26 -17.35
C ASN C 438 -34.43 -44.61 -17.21
N LYS C 439 -34.16 -45.34 -16.13
CA LYS C 439 -34.78 -46.64 -15.91
C LYS C 439 -35.86 -46.62 -14.84
N LEU C 440 -35.87 -45.61 -13.97
CA LEU C 440 -36.89 -45.50 -12.93
C LEU C 440 -37.88 -44.37 -13.18
N ASP C 441 -37.54 -43.41 -14.04
CA ASP C 441 -38.40 -42.27 -14.33
C ASP C 441 -38.90 -42.33 -15.76
N SER C 442 -38.92 -43.51 -16.35
CA SER C 442 -39.36 -43.66 -17.73
C SER C 442 -40.07 -45.00 -17.88
N LYS C 443 -41.10 -44.99 -18.72
CA LYS C 443 -41.85 -46.21 -19.00
C LYS C 443 -42.57 -46.02 -20.34
N HIS C 444 -43.03 -47.13 -20.89
CA HIS C 444 -43.81 -47.07 -22.12
C HIS C 444 -45.09 -46.29 -21.88
N SER C 445 -45.53 -45.59 -22.94
CA SER C 445 -46.63 -44.63 -22.92
C SER C 445 -46.32 -43.39 -22.10
N GLY C 446 -45.08 -43.23 -21.64
CA GLY C 446 -44.68 -42.06 -20.88
C GLY C 446 -45.05 -42.16 -19.41
N ASN C 447 -44.55 -41.18 -18.66
CA ASN C 447 -44.86 -41.08 -17.24
C ASN C 447 -44.89 -39.60 -16.88
N TYR C 448 -46.07 -39.10 -16.52
CA TYR C 448 -46.29 -37.69 -16.24
C TYR C 448 -46.48 -37.44 -14.75
N ASP C 449 -45.79 -38.23 -13.92
CA ASP C 449 -46.02 -38.17 -12.47
C ASP C 449 -45.40 -36.94 -11.85
N TYR C 450 -44.23 -36.53 -12.32
CA TYR C 450 -43.48 -35.47 -11.66
C TYR C 450 -44.01 -34.10 -12.05
N TRP C 451 -43.45 -33.06 -11.44
CA TRP C 451 -43.98 -31.71 -11.57
C TRP C 451 -42.86 -30.69 -11.42
N TYR C 452 -43.12 -29.48 -11.90
CA TYR C 452 -42.25 -28.33 -11.68
C TYR C 452 -43.12 -27.08 -11.73
N ARG C 453 -42.69 -26.04 -11.02
CA ARG C 453 -43.43 -24.79 -10.97
C ARG C 453 -42.79 -23.74 -11.87
N LEU C 454 -43.61 -23.05 -12.65
CA LEU C 454 -43.15 -21.96 -13.50
C LEU C 454 -43.81 -20.63 -13.18
N PHE C 455 -44.95 -20.64 -12.50
CA PHE C 455 -45.70 -19.42 -12.21
C PHE C 455 -45.68 -19.18 -10.71
N ARG C 456 -44.90 -18.19 -10.28
CA ARG C 456 -44.80 -17.82 -8.88
C ARG C 456 -44.86 -16.31 -8.77
N LYS C 457 -45.44 -15.84 -7.67
CA LYS C 457 -45.62 -14.39 -7.50
C LYS C 457 -44.30 -13.66 -7.40
N SER C 458 -43.28 -14.28 -6.79
CA SER C 458 -42.01 -13.62 -6.60
C SER C 458 -40.89 -14.65 -6.76
N LYS C 459 -39.69 -14.26 -6.40
CA LYS C 459 -38.57 -15.19 -6.38
C LYS C 459 -38.65 -16.07 -5.14
N LEU C 460 -37.95 -17.20 -5.19
CA LEU C 460 -37.99 -18.18 -4.11
C LEU C 460 -36.80 -17.96 -3.19
N LYS C 461 -37.09 -17.77 -1.90
CA LYS C 461 -36.04 -17.68 -0.91
C LYS C 461 -35.35 -19.04 -0.78
N PRO C 462 -34.06 -19.05 -0.41
CA PRO C 462 -33.34 -20.33 -0.38
C PRO C 462 -33.95 -21.34 0.57
N PHE C 463 -34.01 -22.60 0.14
CA PHE C 463 -34.61 -23.69 0.92
C PHE C 463 -36.01 -23.35 1.37
N GLU C 464 -36.93 -23.17 0.43
CA GLU C 464 -38.32 -22.87 0.77
C GLU C 464 -39.24 -23.87 0.10
N ARG C 465 -40.13 -24.47 0.89
CA ARG C 465 -41.16 -25.37 0.37
C ARG C 465 -42.43 -24.58 0.04
N ASP C 466 -42.40 -23.93 -1.11
CA ASP C 466 -43.55 -23.16 -1.60
C ASP C 466 -44.53 -24.08 -2.33
N ILE C 467 -44.95 -25.17 -1.68
CA ILE C 467 -45.90 -26.09 -2.31
C ILE C 467 -47.31 -25.53 -2.19
N SER C 468 -47.94 -25.25 -3.33
CA SER C 468 -49.27 -24.66 -3.36
C SER C 468 -49.82 -24.77 -4.77
N THR C 469 -51.15 -24.73 -4.88
CA THR C 469 -51.85 -24.77 -6.16
C THR C 469 -52.76 -23.55 -6.24
N GLU C 470 -52.19 -22.44 -6.69
CA GLU C 470 -52.92 -21.18 -6.82
C GLU C 470 -52.71 -20.62 -8.22
N ILE C 471 -53.79 -20.24 -8.87
CA ILE C 471 -53.70 -19.77 -10.26
C ILE C 471 -52.98 -18.44 -10.29
N TYR C 472 -51.99 -18.32 -11.17
CA TYR C 472 -51.26 -17.08 -11.33
C TYR C 472 -52.14 -16.02 -11.98
N GLN C 473 -52.15 -14.83 -11.38
CA GLN C 473 -52.97 -13.74 -11.90
C GLN C 473 -52.26 -13.03 -13.03
N ALA C 474 -53.01 -12.78 -14.11
CA ALA C 474 -52.49 -12.03 -15.26
C ALA C 474 -53.40 -10.83 -15.51
N GLY C 475 -52.78 -9.67 -15.68
CA GLY C 475 -53.54 -8.44 -15.85
C GLY C 475 -54.11 -7.93 -14.55
N ASN C 476 -55.44 -7.94 -14.43
CA ASN C 476 -56.09 -7.50 -13.20
C ASN C 476 -57.27 -8.39 -12.81
N LYS C 477 -57.56 -9.41 -13.59
CA LYS C 477 -58.74 -10.24 -13.35
C LYS C 477 -58.52 -11.13 -12.15
N PRO C 478 -59.44 -11.16 -11.19
CA PRO C 478 -59.27 -11.98 -9.99
C PRO C 478 -59.54 -13.46 -10.19
N CYS C 479 -59.87 -13.87 -11.42
CA CYS C 479 -60.15 -15.24 -11.85
C CYS C 479 -60.33 -16.25 -10.73
N LYS C 480 -59.34 -17.13 -10.55
CA LYS C 480 -59.30 -18.10 -9.46
C LYS C 480 -60.45 -19.11 -9.54
N GLY C 481 -61.21 -19.06 -10.63
CA GLY C 481 -62.33 -19.97 -10.78
C GLY C 481 -62.26 -20.88 -11.98
N VAL C 482 -61.67 -20.42 -13.08
CA VAL C 482 -61.68 -21.17 -14.33
C VAL C 482 -60.28 -21.12 -14.95
N LYS C 483 -59.92 -22.21 -15.62
CA LYS C 483 -58.66 -22.30 -16.36
C LYS C 483 -58.76 -21.58 -17.70
N GLY C 484 -57.73 -21.72 -18.53
CA GLY C 484 -57.76 -21.16 -19.85
C GLY C 484 -57.02 -19.84 -19.96
N PRO C 485 -57.76 -18.78 -20.30
CA PRO C 485 -57.12 -17.49 -20.59
C PRO C 485 -56.68 -16.77 -19.32
N ASN C 486 -55.41 -16.36 -19.29
CA ASN C 486 -54.81 -15.54 -18.24
C ASN C 486 -55.09 -16.09 -16.84
N CYS C 487 -55.40 -17.37 -16.75
CA CYS C 487 -55.51 -18.10 -15.48
C CYS C 487 -54.74 -19.40 -15.69
N TYR C 488 -53.48 -19.41 -15.28
CA TYR C 488 -52.60 -20.54 -15.54
C TYR C 488 -52.17 -21.19 -14.23
N PHE C 489 -51.92 -22.49 -14.29
CA PHE C 489 -51.59 -23.24 -13.10
C PHE C 489 -50.16 -22.95 -12.68
N PRO C 490 -49.85 -22.89 -11.39
CA PRO C 490 -48.48 -22.57 -10.98
C PRO C 490 -47.46 -23.62 -11.38
N LEU C 491 -47.88 -24.86 -11.60
CA LEU C 491 -46.95 -25.93 -11.95
C LEU C 491 -47.45 -26.69 -13.18
N GLN C 492 -46.52 -27.29 -13.91
CA GLN C 492 -46.80 -28.02 -15.13
C GLN C 492 -46.20 -29.41 -15.06
N SER C 493 -46.84 -30.36 -15.74
CA SER C 493 -46.41 -31.75 -15.71
C SER C 493 -44.97 -31.90 -16.17
N TYR C 494 -44.24 -32.76 -15.48
CA TYR C 494 -42.84 -33.07 -15.78
C TYR C 494 -42.71 -34.40 -16.51
N GLY C 495 -43.57 -34.61 -17.50
CA GLY C 495 -43.64 -35.86 -18.23
C GLY C 495 -42.32 -36.37 -18.78
N PHE C 496 -42.04 -37.64 -18.55
CA PHE C 496 -40.81 -38.28 -19.00
C PHE C 496 -41.12 -39.56 -19.76
N ARG C 497 -40.36 -39.78 -20.82
CA ARG C 497 -40.46 -40.94 -21.68
C ARG C 497 -39.06 -41.52 -21.86
N PRO C 498 -38.95 -42.82 -22.13
CA PRO C 498 -37.61 -43.42 -22.31
C PRO C 498 -36.86 -42.91 -23.53
N THR C 499 -37.53 -42.19 -24.43
CA THR C 499 -36.93 -41.74 -25.69
C THR C 499 -36.96 -40.21 -25.76
N TYR C 500 -35.95 -39.58 -25.17
CA TYR C 500 -35.73 -38.14 -25.26
C TYR C 500 -34.27 -37.87 -25.60
N GLY C 501 -33.95 -36.61 -25.81
CA GLY C 501 -32.57 -36.20 -25.95
C GLY C 501 -31.85 -36.17 -24.63
N VAL C 502 -30.52 -36.06 -24.70
CA VAL C 502 -29.70 -36.05 -23.49
C VAL C 502 -30.09 -34.89 -22.58
N GLY C 503 -30.32 -33.71 -23.17
CA GLY C 503 -30.77 -32.57 -22.40
C GLY C 503 -32.17 -32.73 -21.85
N HIS C 504 -32.94 -33.69 -22.36
CA HIS C 504 -34.30 -33.94 -21.91
C HIS C 504 -34.45 -35.27 -21.17
N GLN C 505 -33.35 -35.87 -20.74
CA GLN C 505 -33.39 -37.13 -20.03
C GLN C 505 -33.74 -36.93 -18.56
N PRO C 506 -34.31 -37.95 -17.91
CA PRO C 506 -34.62 -37.90 -16.47
C PRO C 506 -33.41 -38.07 -15.55
N TYR C 507 -32.72 -36.96 -15.31
CA TYR C 507 -31.61 -36.99 -14.37
C TYR C 507 -32.14 -36.96 -12.93
N ARG C 508 -31.50 -37.71 -12.05
CA ARG C 508 -31.85 -37.73 -10.63
C ARG C 508 -30.81 -36.92 -9.86
N VAL C 509 -31.26 -35.93 -9.10
CA VAL C 509 -30.38 -34.98 -8.43
C VAL C 509 -30.65 -35.02 -6.93
N VAL C 510 -29.59 -35.19 -6.15
CA VAL C 510 -29.64 -35.02 -4.71
C VAL C 510 -28.53 -34.05 -4.32
N VAL C 511 -28.81 -33.17 -3.37
CA VAL C 511 -27.85 -32.17 -2.93
C VAL C 511 -27.57 -32.35 -1.45
N LEU C 512 -26.29 -32.42 -1.12
CA LEU C 512 -25.82 -32.59 0.25
C LEU C 512 -25.36 -31.23 0.77
N SER C 513 -25.95 -30.79 1.87
CA SER C 513 -25.63 -29.49 2.47
C SER C 513 -24.95 -29.73 3.81
N PHE C 514 -23.82 -29.07 4.01
CA PHE C 514 -23.04 -29.20 5.23
C PHE C 514 -22.95 -27.86 5.93
N GLU C 515 -22.68 -27.92 7.24
CA GLU C 515 -22.59 -26.72 8.07
C GLU C 515 -21.22 -26.75 8.75
N LEU C 516 -20.25 -26.07 8.14
CA LEU C 516 -18.88 -26.05 8.64
C LEU C 516 -18.72 -24.83 9.55
N LEU C 517 -19.13 -25.01 10.80
CA LEU C 517 -19.06 -23.95 11.81
C LEU C 517 -18.61 -24.55 13.12
N HIS C 518 -18.16 -23.68 14.03
CA HIS C 518 -17.65 -24.10 15.34
C HIS C 518 -18.83 -24.49 16.22
N ALA C 519 -19.24 -25.75 16.10
CA ALA C 519 -20.37 -26.28 16.83
C ALA C 519 -20.19 -27.79 16.96
N PRO C 520 -20.80 -28.42 17.98
CA PRO C 520 -20.66 -29.86 18.14
C PRO C 520 -21.10 -30.66 16.93
N ALA C 521 -20.17 -31.36 16.30
CA ALA C 521 -20.46 -32.10 15.09
C ALA C 521 -21.19 -33.40 15.41
N THR C 522 -21.63 -34.09 14.36
CA THR C 522 -22.39 -35.32 14.52
C THR C 522 -21.90 -36.41 13.58
N VAL C 523 -21.19 -36.04 12.52
CA VAL C 523 -20.80 -36.97 11.46
C VAL C 523 -19.31 -36.87 11.23
N CYS C 524 -18.64 -38.01 11.14
CA CYS C 524 -17.20 -38.08 10.90
C CYS C 524 -16.93 -39.23 9.93
N GLY C 525 -15.66 -39.62 9.83
CA GLY C 525 -15.25 -40.72 9.00
C GLY C 525 -14.33 -41.68 9.73
N PRO C 526 -13.15 -41.93 9.17
CA PRO C 526 -12.16 -42.75 9.89
C PRO C 526 -11.73 -42.08 11.17
N LYS C 527 -11.43 -42.89 12.19
CA LYS C 527 -11.16 -42.35 13.51
C LYS C 527 -10.12 -43.20 14.23
N LYS C 528 -9.28 -42.52 15.01
CA LYS C 528 -8.42 -43.12 16.00
C LYS C 528 -8.49 -42.26 17.27
N SER C 529 -8.45 -42.92 18.42
CA SER C 529 -8.67 -42.23 19.69
C SER C 529 -7.46 -42.29 20.59
N THR C 530 -6.29 -41.91 20.07
CA THR C 530 -5.07 -41.86 20.86
C THR C 530 -5.31 -41.07 22.15
N ASN C 531 -4.69 -41.54 23.23
CA ASN C 531 -4.85 -40.91 24.53
C ASN C 531 -4.27 -39.49 24.51
N LEU C 532 -4.95 -38.58 25.20
CA LEU C 532 -4.50 -37.20 25.25
C LEU C 532 -3.27 -37.08 26.12
N VAL C 533 -2.23 -36.45 25.58
CA VAL C 533 -0.98 -36.23 26.30
C VAL C 533 -0.85 -34.74 26.54
N LYS C 534 -0.56 -34.37 27.79
CA LYS C 534 -0.49 -32.97 28.19
C LYS C 534 0.96 -32.57 28.46
N ASN C 535 1.20 -31.26 28.44
CA ASN C 535 2.53 -30.69 28.62
C ASN C 535 3.51 -31.24 27.59
N LYS C 536 3.05 -31.34 26.34
CA LYS C 536 3.90 -31.82 25.26
C LYS C 536 3.35 -31.30 23.94
N CYS C 537 4.22 -30.73 23.11
CA CYS C 537 3.79 -30.21 21.83
C CYS C 537 3.33 -31.35 20.93
N VAL C 538 2.06 -31.28 20.50
CA VAL C 538 1.42 -32.39 19.81
C VAL C 538 0.50 -31.84 18.73
N ASN C 539 0.54 -32.46 17.55
CA ASN C 539 -0.43 -32.15 16.52
C ASN C 539 -1.79 -32.74 16.90
N PHE C 540 -2.80 -31.89 17.02
CA PHE C 540 -4.13 -32.34 17.43
C PHE C 540 -5.12 -32.13 16.31
N ASN C 541 -6.12 -33.02 16.25
CA ASN C 541 -7.19 -33.00 15.28
C ASN C 541 -8.53 -33.09 15.98
N PHE C 542 -8.71 -32.24 17.00
CA PHE C 542 -9.88 -32.29 17.87
C PHE C 542 -11.14 -31.98 17.08
N ASN C 543 -11.92 -33.03 16.80
CA ASN C 543 -13.26 -32.90 16.22
C ASN C 543 -13.23 -32.07 14.94
N GLY C 544 -12.41 -32.52 14.00
CA GLY C 544 -12.31 -31.87 12.71
C GLY C 544 -11.42 -30.64 12.69
N LEU C 545 -11.21 -30.04 13.86
CA LEU C 545 -10.34 -28.87 13.98
C LEU C 545 -8.93 -29.38 14.18
N THR C 546 -8.04 -29.06 13.24
CA THR C 546 -6.65 -29.48 13.33
C THR C 546 -5.78 -28.33 13.81
N GLY C 547 -4.67 -28.68 14.45
CA GLY C 547 -3.76 -27.67 14.95
C GLY C 547 -2.59 -28.30 15.67
N THR C 548 -1.71 -27.43 16.14
CA THR C 548 -0.50 -27.84 16.84
C THR C 548 -0.31 -26.97 18.07
N GLY C 549 0.08 -27.59 19.17
CA GLY C 549 0.32 -26.84 20.38
C GLY C 549 0.46 -27.77 21.58
N VAL C 550 0.37 -27.18 22.77
CA VAL C 550 0.48 -27.90 24.03
C VAL C 550 -0.86 -27.81 24.74
N LEU C 551 -1.39 -28.95 25.16
CA LEU C 551 -2.64 -29.01 25.89
C LEU C 551 -2.36 -29.23 27.36
N THR C 552 -3.19 -28.62 28.21
CA THR C 552 -3.02 -28.72 29.65
C THR C 552 -4.36 -28.49 30.33
N LYS C 553 -4.44 -28.91 31.58
CA LYS C 553 -5.65 -28.70 32.36
C LYS C 553 -5.85 -27.21 32.61
N SER C 554 -7.09 -26.75 32.43
CA SER C 554 -7.43 -25.34 32.58
C SER C 554 -8.55 -25.18 33.59
N ASN C 555 -8.71 -23.95 34.07
CA ASN C 555 -9.70 -23.61 35.09
C ASN C 555 -10.72 -22.61 34.55
N LYS C 556 -11.03 -22.71 33.27
CA LYS C 556 -12.02 -21.84 32.66
C LYS C 556 -13.42 -22.29 33.08
N LYS C 557 -14.44 -21.59 32.56
CA LYS C 557 -15.81 -21.84 32.99
C LYS C 557 -16.70 -22.23 31.82
N PHE C 558 -16.23 -23.13 30.96
CA PHE C 558 -17.02 -23.56 29.80
C PHE C 558 -18.38 -24.09 30.25
N LEU C 559 -19.44 -23.33 29.94
CA LEU C 559 -20.80 -23.76 30.26
C LEU C 559 -21.26 -24.79 29.22
N PRO C 560 -22.12 -25.74 29.62
CA PRO C 560 -22.30 -26.98 28.83
C PRO C 560 -22.40 -26.83 27.32
N PHE C 561 -23.14 -25.86 26.77
CA PHE C 561 -23.27 -25.92 25.32
C PHE C 561 -22.05 -25.36 24.60
N GLN C 562 -21.16 -24.70 25.32
CA GLN C 562 -19.94 -24.17 24.73
C GLN C 562 -19.05 -25.30 24.23
N GLN C 563 -18.56 -25.17 23.00
CA GLN C 563 -17.76 -26.22 22.36
C GLN C 563 -16.33 -25.78 22.08
N PHE C 564 -16.12 -24.70 21.35
CA PHE C 564 -14.80 -24.37 20.84
C PHE C 564 -14.05 -23.40 21.75
N GLY C 565 -14.64 -22.25 22.03
CA GLY C 565 -13.95 -21.21 22.75
C GLY C 565 -13.04 -20.41 21.84
N ARG C 566 -12.42 -19.38 22.42
CA ARG C 566 -11.57 -18.49 21.65
C ARG C 566 -10.75 -17.64 22.62
N ASP C 567 -9.95 -16.73 22.07
CA ASP C 567 -9.16 -15.79 22.86
C ASP C 567 -9.50 -14.38 22.43
N ILE C 568 -8.69 -13.41 22.86
CA ILE C 568 -8.97 -12.01 22.54
C ILE C 568 -9.07 -11.82 21.03
N VAL C 569 -7.99 -12.08 20.32
CA VAL C 569 -7.96 -11.89 18.86
C VAL C 569 -8.34 -13.23 18.23
N ASP C 570 -9.64 -13.52 18.25
CA ASP C 570 -10.30 -14.50 17.40
C ASP C 570 -9.48 -15.75 17.08
N THR C 571 -8.87 -16.37 18.09
CA THR C 571 -8.07 -17.57 17.88
C THR C 571 -8.52 -18.64 18.87
N THR C 572 -8.65 -19.87 18.39
CA THR C 572 -9.05 -20.98 19.24
C THR C 572 -8.00 -21.20 20.32
N ASP C 573 -8.38 -21.02 21.58
CA ASP C 573 -7.44 -21.09 22.69
C ASP C 573 -7.69 -22.27 23.61
N ALA C 574 -8.91 -22.41 24.13
CA ALA C 574 -9.22 -23.46 25.09
C ALA C 574 -10.40 -24.27 24.57
N VAL C 575 -10.13 -25.52 24.17
CA VAL C 575 -11.16 -26.44 23.73
C VAL C 575 -11.42 -27.44 24.87
N ARG C 576 -12.66 -27.45 25.36
CA ARG C 576 -13.01 -28.38 26.43
C ARG C 576 -12.92 -29.81 25.93
N ASP C 577 -12.54 -30.71 26.82
CA ASP C 577 -12.37 -32.11 26.43
C ASP C 577 -13.73 -32.74 26.19
N PRO C 578 -14.02 -33.21 24.97
CA PRO C 578 -15.32 -33.84 24.71
C PRO C 578 -15.55 -35.11 25.50
N GLN C 579 -14.51 -35.81 25.94
CA GLN C 579 -14.68 -37.08 26.62
C GLN C 579 -14.47 -37.02 28.13
N THR C 580 -13.78 -35.99 28.63
CA THR C 580 -13.62 -35.83 30.08
C THR C 580 -14.20 -34.52 30.59
N LEU C 581 -14.78 -33.69 29.73
CA LEU C 581 -15.46 -32.46 30.12
C LEU C 581 -14.51 -31.47 30.81
N GLU C 582 -13.22 -31.69 30.69
CA GLU C 582 -12.23 -30.75 31.21
C GLU C 582 -11.83 -29.78 30.12
N ILE C 583 -11.19 -28.69 30.54
CA ILE C 583 -10.86 -27.57 29.66
C ILE C 583 -9.38 -27.60 29.37
N LEU C 584 -9.02 -27.53 28.09
CA LEU C 584 -7.65 -27.67 27.64
C LEU C 584 -7.22 -26.43 26.87
N ASP C 585 -6.34 -25.63 27.47
CA ASP C 585 -5.74 -24.52 26.74
C ASP C 585 -4.79 -25.02 25.67
N ILE C 586 -4.50 -24.14 24.72
CA ILE C 586 -3.60 -24.44 23.61
C ILE C 586 -2.51 -23.38 23.59
N THR C 587 -1.28 -23.82 23.46
CA THR C 587 -0.14 -22.94 23.68
C THR C 587 0.77 -22.91 22.45
N PRO C 588 1.44 -21.77 22.16
CA PRO C 588 2.40 -21.75 21.06
C PRO C 588 3.47 -22.81 21.28
N CYS C 589 3.94 -23.44 20.19
CA CYS C 589 4.78 -24.62 20.33
C CYS C 589 6.07 -24.26 21.09
N SER C 590 6.98 -23.54 20.44
CA SER C 590 8.02 -22.83 21.16
C SER C 590 8.48 -21.56 20.44
N PHE C 591 7.70 -21.06 19.49
CA PHE C 591 8.22 -20.14 18.49
C PHE C 591 8.86 -18.90 19.08
N GLY C 592 10.07 -18.60 18.63
CA GLY C 592 10.79 -17.42 19.00
C GLY C 592 11.66 -16.96 17.84
N GLY C 593 12.89 -16.59 18.12
CA GLY C 593 13.80 -16.20 17.06
C GLY C 593 15.22 -16.50 17.43
N VAL C 594 16.02 -16.89 16.45
CA VAL C 594 17.43 -17.25 16.66
C VAL C 594 18.28 -16.18 16.00
N SER C 595 19.19 -15.61 16.76
CA SER C 595 20.12 -14.59 16.26
C SER C 595 21.53 -15.05 16.56
N VAL C 596 22.40 -14.98 15.55
CA VAL C 596 23.76 -15.49 15.65
C VAL C 596 24.69 -14.31 15.92
N ILE C 597 25.57 -14.47 16.89
CA ILE C 597 26.59 -13.46 17.21
C ILE C 597 27.93 -14.02 16.77
N THR C 598 28.58 -13.33 15.84
CA THR C 598 29.88 -13.78 15.36
C THR C 598 30.81 -12.60 15.13
N PRO C 599 32.10 -12.77 15.38
CA PRO C 599 33.08 -11.78 14.95
C PRO C 599 33.37 -11.93 13.47
N GLY C 600 34.32 -11.14 12.98
CA GLY C 600 34.71 -11.22 11.59
C GLY C 600 35.21 -12.59 11.21
N THR C 601 34.75 -13.12 10.08
CA THR C 601 35.19 -14.44 9.65
C THR C 601 36.68 -14.48 9.39
N ASN C 602 37.26 -13.37 8.92
CA ASN C 602 38.70 -13.31 8.72
C ASN C 602 39.45 -13.33 10.05
N THR C 603 38.76 -13.13 11.17
CA THR C 603 39.38 -13.24 12.48
C THR C 603 39.21 -14.64 13.06
N SER C 604 37.99 -15.17 13.06
CA SER C 604 37.74 -16.48 13.63
C SER C 604 36.46 -17.05 13.04
N ASN C 605 36.27 -18.35 13.24
CA ASN C 605 35.04 -19.03 12.85
C ASN C 605 34.19 -19.42 14.05
N GLN C 606 34.57 -19.03 15.25
CA GLN C 606 33.75 -19.28 16.42
C GLN C 606 32.47 -18.45 16.35
N VAL C 607 31.36 -19.05 16.81
CA VAL C 607 30.06 -18.40 16.74
C VAL C 607 29.33 -18.59 18.05
N ALA C 608 28.35 -17.71 18.28
CA ALA C 608 27.47 -17.78 19.45
C ALA C 608 26.03 -17.64 18.98
N VAL C 609 25.12 -18.34 19.63
CA VAL C 609 23.72 -18.39 19.23
C VAL C 609 22.84 -17.88 20.36
N LEU C 610 21.91 -16.99 20.02
CA LEU C 610 20.96 -16.42 20.96
C LEU C 610 19.56 -16.85 20.56
N TYR C 611 18.85 -17.47 21.50
CA TYR C 611 17.44 -17.79 21.31
C TYR C 611 16.61 -16.67 21.91
N GLN C 612 15.88 -15.96 21.06
CA GLN C 612 15.22 -14.73 21.49
C GLN C 612 14.00 -15.03 22.35
N GLY C 613 13.94 -14.39 23.51
CA GLY C 613 12.75 -14.38 24.35
C GLY C 613 12.25 -15.75 24.77
N VAL C 614 13.15 -16.64 25.15
CA VAL C 614 12.78 -17.99 25.56
C VAL C 614 13.70 -18.43 26.68
N ASN C 615 13.13 -18.87 27.80
CA ASN C 615 13.90 -19.51 28.84
C ASN C 615 14.57 -20.76 28.28
N CYS C 616 15.88 -20.88 28.48
CA CYS C 616 16.61 -22.04 28.00
C CYS C 616 16.80 -23.11 29.06
N THR C 617 15.85 -23.22 29.97
CA THR C 617 15.57 -24.52 30.55
C THR C 617 14.57 -25.28 29.68
N GLU C 618 14.02 -24.60 28.67
CA GLU C 618 13.03 -25.23 27.80
C GLU C 618 13.67 -25.78 26.54
N VAL C 619 14.50 -24.97 25.87
CA VAL C 619 15.20 -25.49 24.70
C VAL C 619 16.28 -26.47 25.14
N SER C 620 16.84 -26.30 26.34
CA SER C 620 17.84 -27.23 26.83
C SER C 620 17.28 -28.64 26.90
N VAL C 621 16.07 -28.80 27.42
CA VAL C 621 15.44 -30.12 27.37
C VAL C 621 14.98 -30.43 25.94
N ALA C 622 14.59 -29.40 25.18
CA ALA C 622 14.15 -29.64 23.81
C ALA C 622 15.31 -30.10 22.93
N ILE C 623 16.46 -29.41 23.02
CA ILE C 623 17.64 -29.87 22.30
C ILE C 623 18.08 -31.24 22.83
N HIS C 624 17.81 -31.50 24.11
CA HIS C 624 18.09 -32.81 24.66
C HIS C 624 17.17 -33.87 24.05
N ALA C 625 15.90 -33.54 23.88
CA ALA C 625 14.92 -34.49 23.36
C ALA C 625 14.93 -34.59 21.84
N ASP C 626 15.73 -33.77 21.16
CA ASP C 626 15.82 -33.77 19.70
C ASP C 626 14.45 -33.52 19.07
N GLN C 627 13.87 -32.36 19.37
CA GLN C 627 12.62 -31.93 18.75
C GLN C 627 12.69 -30.49 18.28
N LEU C 628 13.90 -29.96 18.08
CA LEU C 628 14.09 -28.58 17.70
C LEU C 628 14.27 -28.48 16.18
N THR C 629 13.50 -27.59 15.55
CA THR C 629 13.62 -27.42 14.10
C THR C 629 15.03 -27.01 13.67
N PRO C 630 15.74 -26.09 14.36
CA PRO C 630 17.15 -25.88 14.03
C PRO C 630 17.95 -27.17 13.98
N THR C 631 18.52 -27.47 12.81
CA THR C 631 19.32 -28.68 12.68
C THR C 631 20.72 -28.53 13.24
N TRP C 632 21.31 -27.34 13.19
CA TRP C 632 22.60 -27.12 13.81
C TRP C 632 22.45 -27.22 15.32
N ARG C 633 23.33 -27.98 15.95
CA ARG C 633 23.30 -28.20 17.40
C ARG C 633 24.61 -27.68 17.97
N VAL C 634 24.59 -26.46 18.48
CA VAL C 634 25.77 -25.85 19.06
C VAL C 634 26.11 -26.53 20.37
N TYR C 635 27.39 -26.78 20.60
CA TYR C 635 27.84 -27.48 21.78
C TYR C 635 27.51 -26.70 23.04
N SER C 636 27.11 -27.43 24.07
CA SER C 636 26.75 -26.86 25.37
C SER C 636 27.56 -27.60 26.43
N THR C 637 28.70 -27.04 26.82
CA THR C 637 29.59 -27.66 27.78
C THR C 637 29.24 -27.32 29.22
N GLY C 638 28.14 -26.59 29.44
CA GLY C 638 27.75 -26.19 30.77
C GLY C 638 28.34 -24.87 31.22
N SER C 639 29.54 -24.54 30.72
CA SER C 639 30.15 -23.25 31.00
C SER C 639 29.66 -22.14 30.07
N ASN C 640 28.97 -22.49 28.99
CA ASN C 640 28.46 -21.50 28.05
C ASN C 640 26.93 -21.57 28.08
N VAL C 641 26.35 -20.92 29.09
CA VAL C 641 24.92 -20.74 29.26
C VAL C 641 24.73 -19.47 30.06
N PHE C 642 23.84 -18.58 29.62
CA PHE C 642 23.67 -17.31 30.31
C PHE C 642 22.25 -16.81 30.05
N GLN C 643 21.37 -17.00 31.03
CA GLN C 643 19.98 -16.56 30.90
C GLN C 643 19.91 -15.05 30.95
N THR C 644 19.51 -14.44 29.85
CA THR C 644 19.41 -12.98 29.76
C THR C 644 17.95 -12.54 29.67
N ARG C 645 17.76 -11.23 29.60
CA ARG C 645 16.43 -10.67 29.48
C ARG C 645 15.88 -10.71 28.06
N ALA C 646 16.72 -10.99 27.07
CA ALA C 646 16.30 -11.14 25.69
C ALA C 646 16.25 -12.59 25.25
N GLY C 647 16.25 -13.53 26.19
CA GLY C 647 16.35 -14.94 25.89
C GLY C 647 17.48 -15.55 26.69
N CYS C 648 18.42 -16.21 26.02
CA CYS C 648 19.68 -16.54 26.66
C CYS C 648 20.71 -16.86 25.59
N LEU C 649 21.98 -16.70 25.95
CA LEU C 649 23.09 -16.91 25.04
C LEU C 649 23.61 -18.33 25.19
N ILE C 650 23.93 -18.96 24.07
CA ILE C 650 24.51 -20.30 24.05
C ILE C 650 25.81 -20.24 23.27
N GLY C 651 26.88 -20.77 23.87
CA GLY C 651 28.18 -20.77 23.23
C GLY C 651 29.09 -19.65 23.64
N ALA C 652 28.70 -18.84 24.62
CA ALA C 652 29.53 -17.74 25.12
C ALA C 652 29.52 -17.77 26.64
N GLU C 653 30.67 -17.48 27.24
CA GLU C 653 30.78 -17.48 28.69
C GLU C 653 30.68 -16.05 29.23
N TYR C 654 29.94 -15.91 30.32
CA TYR C 654 29.67 -14.59 30.91
C TYR C 654 30.77 -14.23 31.89
N VAL C 655 31.58 -13.25 31.54
CA VAL C 655 32.55 -12.68 32.45
C VAL C 655 31.86 -11.58 33.26
N ASN C 656 32.40 -11.29 34.44
CA ASN C 656 31.83 -10.24 35.27
C ASN C 656 32.48 -8.89 35.08
N ASN C 657 33.54 -8.81 34.27
CA ASN C 657 34.17 -7.53 34.01
C ASN C 657 33.28 -6.68 33.10
N SER C 658 33.65 -5.41 32.98
CA SER C 658 32.89 -4.46 32.18
C SER C 658 33.81 -3.84 31.14
N TYR C 659 33.37 -3.84 29.88
CA TYR C 659 34.12 -3.27 28.78
C TYR C 659 33.18 -2.45 27.91
N GLU C 660 33.78 -1.67 27.02
CA GLU C 660 33.00 -0.95 26.02
C GLU C 660 32.34 -1.97 25.09
N CYS C 661 31.09 -1.72 24.72
CA CYS C 661 30.35 -2.65 23.88
C CYS C 661 31.05 -2.87 22.55
N ASP C 662 31.05 -4.11 22.10
CA ASP C 662 31.47 -4.47 20.75
C ASP C 662 30.31 -4.93 19.89
N ILE C 663 29.57 -5.93 20.35
CA ILE C 663 28.39 -6.43 19.65
C ILE C 663 27.18 -6.27 20.55
N PRO C 664 26.29 -5.31 20.26
CA PRO C 664 25.09 -5.16 21.09
C PRO C 664 24.18 -6.37 20.97
N ILE C 665 23.75 -6.90 22.10
CA ILE C 665 22.86 -8.05 22.16
C ILE C 665 21.48 -7.66 22.65
N GLY C 666 21.42 -6.88 23.70
CA GLY C 666 20.16 -6.46 24.29
C GLY C 666 20.27 -6.53 25.80
N ALA C 667 19.44 -5.74 26.48
CA ALA C 667 19.37 -5.73 27.95
C ALA C 667 20.72 -5.36 28.57
N GLY C 668 21.53 -4.61 27.83
CA GLY C 668 22.78 -4.14 28.37
C GLY C 668 23.88 -5.18 28.46
N ILE C 669 23.87 -6.17 27.58
CA ILE C 669 24.94 -7.17 27.49
C ILE C 669 25.49 -7.17 26.08
N CYS C 670 26.81 -7.17 25.96
CA CYS C 670 27.48 -7.22 24.68
C CYS C 670 28.49 -8.36 24.67
N ALA C 671 28.68 -8.96 23.49
CA ALA C 671 29.63 -10.04 23.30
C ALA C 671 30.80 -9.55 22.46
N SER C 672 31.98 -10.08 22.76
CA SER C 672 33.19 -9.67 22.05
C SER C 672 34.15 -10.85 22.00
N TYR C 673 35.10 -10.75 21.07
CA TYR C 673 36.16 -11.74 20.91
C TYR C 673 37.34 -11.26 21.72
N GLN C 674 37.50 -11.81 22.93
CA GLN C 674 38.53 -11.35 23.84
C GLN C 674 39.40 -12.53 24.25
N THR C 675 40.70 -12.28 24.29
CA THR C 675 41.71 -13.32 24.44
C THR C 675 41.65 -13.96 25.83
N GLN C 676 41.91 -15.26 25.85
CA GLN C 676 41.92 -15.99 27.12
C GLN C 676 42.98 -15.46 28.08
N SER C 688 43.07 -19.84 22.87
CA SER C 688 43.53 -18.62 23.52
C SER C 688 42.54 -17.48 23.28
N GLN C 689 41.55 -17.74 22.43
CA GLN C 689 40.54 -16.75 22.09
C GLN C 689 39.16 -17.40 22.16
N SER C 690 38.17 -16.62 22.55
CA SER C 690 36.81 -17.11 22.66
C SER C 690 35.85 -15.91 22.62
N ILE C 691 34.58 -16.19 22.82
CA ILE C 691 33.53 -15.17 22.80
C ILE C 691 32.98 -15.05 24.22
N ILE C 692 32.99 -13.84 24.75
CA ILE C 692 32.57 -13.59 26.13
C ILE C 692 31.47 -12.54 26.14
N ALA C 693 30.47 -12.78 26.96
CA ALA C 693 29.39 -11.83 27.20
C ALA C 693 29.70 -11.05 28.47
N TYR C 694 29.51 -9.74 28.41
CA TYR C 694 29.87 -8.88 29.52
C TYR C 694 28.81 -7.81 29.70
N THR C 695 28.69 -7.33 30.93
CA THR C 695 27.74 -6.27 31.23
C THR C 695 28.25 -4.95 30.66
N MET C 696 27.32 -4.10 30.24
CA MET C 696 27.68 -2.82 29.63
C MET C 696 28.51 -1.99 30.59
N SER C 697 29.58 -1.39 30.06
CA SER C 697 30.35 -0.41 30.80
C SER C 697 30.09 0.97 30.22
N LEU C 698 29.40 1.82 30.98
CA LEU C 698 29.04 3.13 30.45
C LEU C 698 30.23 4.05 30.28
N GLY C 699 31.40 3.69 30.78
CA GLY C 699 32.59 4.49 30.61
C GLY C 699 33.46 4.42 31.85
N ALA C 700 34.43 5.33 31.90
CA ALA C 700 35.33 5.38 33.04
C ALA C 700 34.60 5.93 34.26
N GLU C 701 34.75 5.23 35.39
CA GLU C 701 34.19 5.69 36.64
C GLU C 701 35.04 6.83 37.18
N ASN C 702 34.46 8.02 37.27
CA ASN C 702 35.18 9.21 37.71
C ASN C 702 34.37 9.93 38.77
N SER C 703 35.09 10.58 39.69
CA SER C 703 34.50 11.38 40.74
C SER C 703 35.10 12.77 40.73
N VAL C 704 34.27 13.77 40.99
CA VAL C 704 34.71 15.16 41.00
C VAL C 704 34.98 15.56 42.45
N ALA C 705 35.79 16.59 42.63
CA ALA C 705 36.25 17.03 43.95
C ALA C 705 35.54 18.31 44.41
N TYR C 706 34.25 18.42 44.12
CA TYR C 706 33.50 19.64 44.42
C TYR C 706 33.56 19.97 45.91
N SER C 707 33.77 21.26 46.21
CA SER C 707 33.80 21.74 47.58
C SER C 707 33.23 23.16 47.60
N ASN C 708 33.18 23.73 48.81
CA ASN C 708 32.59 25.06 48.96
C ASN C 708 33.41 26.12 48.23
N ASN C 709 34.73 25.99 48.23
CA ASN C 709 35.60 26.98 47.62
C ASN C 709 36.71 26.35 46.79
N SER C 710 36.49 25.15 46.26
CA SER C 710 37.45 24.48 45.39
C SER C 710 37.16 24.84 43.94
N ILE C 711 38.18 25.23 43.21
CA ILE C 711 38.03 25.65 41.83
C ILE C 711 39.14 25.05 40.98
N ALA C 712 38.77 24.55 39.81
CA ALA C 712 39.71 24.00 38.84
C ALA C 712 39.73 24.91 37.61
N ILE C 713 40.90 25.44 37.29
CA ILE C 713 41.04 26.36 36.15
C ILE C 713 42.16 25.85 35.24
N PRO C 714 41.92 25.73 33.93
CA PRO C 714 42.96 25.24 33.03
C PRO C 714 44.04 26.29 32.82
N THR C 715 45.27 25.95 33.20
CA THR C 715 46.41 26.82 32.95
C THR C 715 46.97 26.66 31.54
N ASN C 716 46.42 25.73 30.77
CA ASN C 716 46.89 25.49 29.41
C ASN C 716 45.70 25.01 28.59
N PHE C 717 45.93 24.86 27.29
CA PHE C 717 44.85 24.54 26.37
C PHE C 717 45.37 23.72 25.21
N THR C 718 44.45 23.08 24.50
CA THR C 718 44.76 22.34 23.29
C THR C 718 43.64 22.55 22.28
N ILE C 719 43.92 22.20 21.03
CA ILE C 719 42.93 22.27 19.97
C ILE C 719 42.87 20.91 19.29
N SER C 720 41.66 20.48 18.95
CA SER C 720 41.46 19.24 18.23
C SER C 720 40.62 19.54 17.00
N VAL C 721 40.81 18.77 15.95
CA VAL C 721 40.06 18.92 14.71
C VAL C 721 39.25 17.64 14.51
N THR C 722 37.98 17.68 14.92
CA THR C 722 37.11 16.53 14.72
C THR C 722 36.55 16.55 13.30
N THR C 723 35.55 15.69 13.06
CA THR C 723 34.93 15.58 11.75
C THR C 723 33.48 15.18 11.91
N GLU C 724 32.67 15.57 10.93
CA GLU C 724 31.25 15.22 10.89
C GLU C 724 30.90 14.72 9.51
N ILE C 725 30.20 13.58 9.44
CA ILE C 725 29.81 12.96 8.19
C ILE C 725 28.31 13.18 8.01
N LEU C 726 27.93 13.95 7.00
CA LEU C 726 26.53 14.31 6.78
C LEU C 726 26.14 14.00 5.35
N PRO C 727 25.16 13.13 5.12
CA PRO C 727 24.69 12.89 3.75
C PRO C 727 24.00 14.12 3.19
N VAL C 728 23.99 14.21 1.86
CA VAL C 728 23.41 15.35 1.18
C VAL C 728 22.36 14.88 0.17
N SER C 729 22.73 13.93 -0.67
CA SER C 729 21.79 13.51 -1.70
C SER C 729 22.00 12.04 -2.00
N MET C 730 20.97 11.41 -2.54
CA MET C 730 21.07 10.02 -3.00
C MET C 730 20.53 9.81 -4.41
N THR C 731 20.95 8.68 -5.00
CA THR C 731 20.95 8.51 -6.46
C THR C 731 19.56 8.71 -7.06
N LYS C 732 19.42 9.66 -7.96
CA LYS C 732 18.13 10.02 -8.51
C LYS C 732 17.66 8.99 -9.53
N THR C 733 16.42 8.55 -9.41
CA THR C 733 15.92 7.44 -10.20
C THR C 733 14.65 7.86 -10.93
N SER C 734 14.43 7.29 -12.12
CA SER C 734 13.31 7.62 -12.99
C SER C 734 12.68 6.35 -13.54
N VAL C 735 12.33 5.42 -12.65
CA VAL C 735 11.69 4.16 -13.02
C VAL C 735 10.55 4.40 -14.00
N ASP C 736 10.41 3.53 -14.99
CA ASP C 736 9.41 3.66 -16.04
C ASP C 736 8.44 2.49 -15.99
N CYS C 737 7.15 2.81 -15.87
CA CYS C 737 6.13 1.79 -15.65
C CYS C 737 6.11 0.79 -16.78
N THR C 738 5.96 1.30 -18.01
CA THR C 738 5.71 0.43 -19.16
C THR C 738 6.86 -0.53 -19.36
N MET C 739 8.09 -0.01 -19.43
CA MET C 739 9.23 -0.87 -19.64
C MET C 739 9.40 -1.84 -18.48
N TYR C 740 9.17 -1.38 -17.25
CA TYR C 740 9.46 -2.24 -16.12
C TYR C 740 8.49 -3.41 -16.04
N ILE C 741 7.19 -3.16 -16.18
CA ILE C 741 6.20 -4.19 -15.87
C ILE C 741 5.70 -4.89 -17.13
N CYS C 742 5.82 -4.26 -18.30
CA CYS C 742 5.40 -4.88 -19.57
C CYS C 742 6.49 -4.63 -20.60
N GLY C 743 7.44 -5.55 -20.69
CA GLY C 743 8.46 -5.44 -21.72
C GLY C 743 7.84 -5.48 -23.10
N ASP C 744 7.80 -4.32 -23.77
CA ASP C 744 7.35 -4.11 -25.15
C ASP C 744 6.22 -5.04 -25.57
N SER C 745 5.20 -5.19 -24.72
CA SER C 745 4.07 -6.06 -25.00
C SER C 745 2.82 -5.20 -25.10
N THR C 746 2.23 -5.15 -26.30
CA THR C 746 1.11 -4.27 -26.54
C THR C 746 -0.08 -4.64 -25.68
N GLU C 747 -0.40 -5.93 -25.60
CA GLU C 747 -1.54 -6.36 -24.78
C GLU C 747 -1.28 -6.10 -23.30
N CYS C 748 -0.04 -6.31 -22.85
CA CYS C 748 0.28 -6.01 -21.46
C CYS C 748 0.09 -4.54 -21.16
N SER C 749 0.54 -3.66 -22.06
CA SER C 749 0.32 -2.23 -21.86
C SER C 749 -1.16 -1.88 -21.89
N ASN C 750 -1.92 -2.50 -22.79
CA ASN C 750 -3.35 -2.22 -22.86
C ASN C 750 -4.04 -2.61 -21.56
N LEU C 751 -3.71 -3.78 -21.02
CA LEU C 751 -4.32 -4.20 -19.77
C LEU C 751 -3.80 -3.40 -18.58
N LEU C 752 -2.59 -2.85 -18.68
CA LEU C 752 -2.12 -1.88 -17.71
C LEU C 752 -2.99 -0.64 -17.71
N LEU C 753 -3.36 -0.17 -18.90
CA LEU C 753 -4.18 1.04 -19.02
C LEU C 753 -5.51 0.91 -18.32
N GLN C 754 -6.00 -0.32 -18.10
CA GLN C 754 -7.24 -0.54 -17.38
C GLN C 754 -7.14 -0.19 -15.91
N TYR C 755 -5.93 0.01 -15.38
CA TYR C 755 -5.74 0.35 -13.98
C TYR C 755 -5.77 1.85 -13.74
N GLY C 756 -6.08 2.64 -14.76
CA GLY C 756 -6.13 4.07 -14.59
C GLY C 756 -4.73 4.65 -14.46
N SER C 757 -4.70 5.93 -14.07
CA SER C 757 -3.43 6.63 -13.94
C SER C 757 -2.75 6.24 -12.63
N PHE C 758 -2.52 4.94 -12.44
CA PHE C 758 -1.98 4.49 -11.18
C PHE C 758 -0.51 4.86 -11.03
N CYS C 759 0.30 4.61 -12.06
CA CYS C 759 1.74 4.77 -11.92
C CYS C 759 2.22 6.15 -12.31
N THR C 760 1.37 6.96 -12.94
CA THR C 760 1.71 8.36 -13.16
C THR C 760 2.05 9.03 -11.85
N GLN C 761 1.38 8.61 -10.77
CA GLN C 761 1.76 9.09 -9.44
C GLN C 761 3.19 8.74 -9.13
N LEU C 762 3.62 7.51 -9.45
CA LEU C 762 5.00 7.12 -9.18
C LEU C 762 5.98 7.95 -10.01
N LYS C 763 5.65 8.19 -11.29
CA LYS C 763 6.54 9.00 -12.11
C LYS C 763 6.67 10.40 -11.54
N ARG C 764 5.54 11.00 -11.13
CA ARG C 764 5.58 12.31 -10.50
C ARG C 764 6.39 12.29 -9.22
N ALA C 765 6.24 11.24 -8.41
CA ALA C 765 6.94 11.17 -7.15
C ALA C 765 8.45 11.09 -7.35
N LEU C 766 8.89 10.25 -8.29
CA LEU C 766 10.33 10.17 -8.57
C LEU C 766 10.86 11.48 -9.14
N THR C 767 10.11 12.14 -10.02
CA THR C 767 10.55 13.44 -10.52
C THR C 767 10.69 14.44 -9.38
N GLY C 768 9.70 14.47 -8.48
CA GLY C 768 9.78 15.34 -7.33
C GLY C 768 10.95 15.03 -6.44
N ILE C 769 11.28 13.74 -6.30
CA ILE C 769 12.43 13.34 -5.50
C ILE C 769 13.71 13.87 -6.12
N ALA C 770 13.85 13.74 -7.43
CA ALA C 770 15.05 14.24 -8.10
C ALA C 770 15.18 15.75 -7.94
N VAL C 771 14.07 16.47 -8.10
CA VAL C 771 14.09 17.91 -7.95
C VAL C 771 14.45 18.29 -6.51
N GLU C 772 13.89 17.58 -5.54
CA GLU C 772 14.20 17.84 -4.14
C GLU C 772 15.66 17.61 -3.85
N GLN C 773 16.26 16.58 -4.45
CA GLN C 773 17.66 16.30 -4.21
C GLN C 773 18.56 17.38 -4.80
N ASP C 774 18.20 17.86 -6.00
CA ASP C 774 18.93 18.99 -6.55
C ASP C 774 18.82 20.22 -5.66
N LYS C 775 17.61 20.50 -5.17
CA LYS C 775 17.45 21.64 -4.26
C LYS C 775 18.25 21.44 -2.98
N ASN C 776 18.33 20.20 -2.49
CA ASN C 776 19.07 19.91 -1.28
C ASN C 776 20.54 20.23 -1.46
N THR C 777 21.15 19.72 -2.53
CA THR C 777 22.58 19.97 -2.73
C THR C 777 22.84 21.45 -2.98
N GLN C 778 21.94 22.11 -3.72
CA GLN C 778 22.08 23.54 -3.94
C GLN C 778 22.05 24.30 -2.62
N GLU C 779 21.12 23.95 -1.73
CA GLU C 779 21.02 24.63 -0.45
C GLU C 779 22.26 24.37 0.41
N VAL C 780 22.74 23.13 0.43
CA VAL C 780 23.82 22.79 1.34
C VAL C 780 25.14 23.41 0.89
N PHE C 781 25.35 23.56 -0.42
CA PHE C 781 26.63 24.08 -0.90
C PHE C 781 26.55 25.51 -1.42
N ALA C 782 25.68 25.78 -2.39
CA ALA C 782 25.63 27.09 -3.05
C ALA C 782 25.01 28.13 -2.11
N GLN C 783 25.75 28.43 -1.05
CA GLN C 783 25.32 29.40 -0.05
C GLN C 783 25.83 30.81 -0.34
N VAL C 784 26.92 30.95 -1.08
CA VAL C 784 27.47 32.25 -1.45
C VAL C 784 27.27 32.46 -2.94
N LYS C 785 27.17 33.72 -3.34
CA LYS C 785 26.92 34.07 -4.72
C LYS C 785 28.20 34.41 -5.49
N GLN C 786 29.33 34.59 -4.80
CA GLN C 786 30.58 34.95 -5.42
C GLN C 786 31.64 33.91 -5.11
N ILE C 787 32.32 33.44 -6.16
CA ILE C 787 33.42 32.49 -6.01
C ILE C 787 34.70 33.26 -5.72
N TYR C 788 35.10 33.29 -4.46
CA TYR C 788 36.36 33.92 -4.11
C TYR C 788 37.52 32.97 -4.41
N LYS C 789 38.72 33.54 -4.52
CA LYS C 789 39.91 32.76 -4.81
C LYS C 789 40.97 33.04 -3.76
N THR C 790 41.75 32.01 -3.44
CA THR C 790 42.82 32.15 -2.48
C THR C 790 43.91 33.07 -3.02
N PRO C 791 44.60 33.80 -2.13
CA PRO C 791 45.75 34.57 -2.58
C PRO C 791 46.83 33.66 -3.09
N PRO C 792 47.66 34.15 -4.03
CA PRO C 792 48.68 33.27 -4.63
C PRO C 792 49.64 32.69 -3.61
N ILE C 793 50.02 33.45 -2.60
CA ILE C 793 50.90 32.96 -1.54
C ILE C 793 50.05 32.24 -0.51
N LYS C 794 50.68 31.33 0.23
CA LYS C 794 50.01 30.60 1.30
C LYS C 794 50.87 30.69 2.55
N TYR C 795 50.76 31.80 3.28
CA TYR C 795 51.41 31.97 4.57
C TYR C 795 50.41 32.74 5.46
N PHE C 796 49.61 31.99 6.21
CA PHE C 796 48.60 32.58 7.07
C PHE C 796 49.08 32.53 8.52
N GLY C 797 50.01 33.43 8.83
CA GLY C 797 50.56 33.52 10.17
C GLY C 797 51.22 32.26 10.66
N GLY C 798 51.68 31.41 9.75
CA GLY C 798 52.26 30.13 10.09
C GLY C 798 51.30 28.96 10.00
N PHE C 799 50.00 29.23 9.90
CA PHE C 799 49.04 28.15 9.74
C PHE C 799 49.20 27.49 8.39
N ASN C 800 49.19 26.16 8.38
CA ASN C 800 49.36 25.38 7.17
C ASN C 800 47.98 24.88 6.72
N PHE C 801 47.59 25.24 5.50
CA PHE C 801 46.29 24.87 4.98
C PHE C 801 46.35 24.06 3.69
N SER C 802 47.53 23.72 3.20
CA SER C 802 47.64 23.08 1.89
C SER C 802 46.87 21.78 1.80
N GLN C 803 46.62 21.11 2.92
CA GLN C 803 45.86 19.86 2.89
C GLN C 803 44.42 20.09 2.43
N ILE C 804 43.88 21.28 2.64
CA ILE C 804 42.44 21.48 2.49
C ILE C 804 42.05 22.38 1.33
N LEU C 805 42.94 23.27 0.86
CA LEU C 805 42.65 23.95 -0.38
C LEU C 805 42.95 23.05 -1.57
N PRO C 806 42.35 23.33 -2.73
CA PRO C 806 42.59 22.49 -3.90
C PRO C 806 44.06 22.51 -4.33
N ASP C 807 44.49 21.39 -4.90
CA ASP C 807 45.85 21.25 -5.40
C ASP C 807 45.87 21.49 -6.89
N PRO C 808 46.60 22.50 -7.38
CA PRO C 808 46.60 22.78 -8.83
C PRO C 808 47.10 21.63 -9.67
N SER C 809 48.06 20.84 -9.17
CA SER C 809 48.63 19.78 -9.99
C SER C 809 47.59 18.73 -10.35
N LYS C 810 46.71 18.40 -9.43
CA LYS C 810 45.67 17.41 -9.71
C LYS C 810 44.70 17.96 -10.75
N PRO C 811 44.46 17.24 -11.85
CA PRO C 811 43.48 17.72 -12.83
C PRO C 811 42.11 18.00 -12.24
N SER C 812 41.67 17.18 -11.28
CA SER C 812 40.38 17.38 -10.64
C SER C 812 40.35 18.62 -9.75
N LYS C 813 41.50 19.20 -9.45
CA LYS C 813 41.60 20.42 -8.64
C LYS C 813 40.90 20.24 -7.29
N ARG C 814 41.29 19.18 -6.59
CA ARG C 814 40.69 18.81 -5.33
C ARG C 814 41.77 18.68 -4.28
N SER C 815 41.40 18.96 -3.03
CA SER C 815 42.34 18.86 -1.93
C SER C 815 42.68 17.38 -1.66
N PRO C 816 43.83 17.12 -1.05
CA PRO C 816 44.16 15.73 -0.70
C PRO C 816 43.11 15.09 0.20
N ILE C 817 42.52 15.85 1.12
CA ILE C 817 41.44 15.31 1.92
C ILE C 817 40.29 14.87 1.04
N GLU C 818 39.86 15.73 0.11
CA GLU C 818 38.76 15.36 -0.78
C GLU C 818 39.12 14.13 -1.61
N ASP C 819 40.38 14.00 -2.01
CA ASP C 819 40.81 12.81 -2.74
C ASP C 819 40.65 11.56 -1.88
N LEU C 820 40.99 11.67 -0.59
CA LEU C 820 40.82 10.51 0.29
C LEU C 820 39.37 10.07 0.34
N LEU C 821 38.44 11.03 0.50
CA LEU C 821 37.02 10.68 0.53
C LEU C 821 36.58 10.07 -0.80
N PHE C 822 37.02 10.63 -1.92
CA PHE C 822 36.61 10.11 -3.21
C PHE C 822 37.16 8.71 -3.45
N ASN C 823 38.32 8.39 -2.90
CA ASN C 823 38.87 7.05 -3.05
C ASN C 823 38.29 6.06 -2.07
N LYS C 824 37.81 6.50 -0.91
CA LYS C 824 37.26 5.60 0.09
C LYS C 824 35.78 5.28 -0.17
N VAL C 825 35.18 5.85 -1.21
CA VAL C 825 33.78 5.64 -1.52
C VAL C 825 33.69 5.01 -2.89
N THR C 826 33.00 3.87 -2.98
CA THR C 826 32.78 3.16 -4.23
C THR C 826 31.30 3.20 -4.56
N LEU C 827 30.97 3.67 -5.76
CA LEU C 827 29.58 3.79 -6.19
C LEU C 827 29.29 2.76 -7.27
N ALA C 828 28.30 1.90 -7.01
CA ALA C 828 28.00 0.80 -7.92
C ALA C 828 27.51 1.30 -9.27
N ASP C 829 26.62 2.30 -9.26
CA ASP C 829 26.06 2.86 -10.48
C ASP C 829 26.41 4.33 -10.56
N ALA C 830 27.42 4.66 -11.38
CA ALA C 830 27.77 6.06 -11.56
C ALA C 830 26.71 6.81 -12.36
N GLY C 831 26.16 6.17 -13.39
CA GLY C 831 25.11 6.77 -14.20
C GLY C 831 25.57 7.69 -15.31
N PHE C 832 26.47 8.62 -15.00
CA PHE C 832 27.00 9.54 -16.00
C PHE C 832 28.13 8.89 -16.79
N ILE C 833 27.90 7.68 -17.29
CA ILE C 833 28.89 6.94 -18.04
C ILE C 833 28.33 6.55 -19.40
N LYS C 834 27.01 6.57 -19.53
CA LYS C 834 26.32 6.13 -20.74
C LYS C 834 26.73 4.71 -21.11
N GLN C 835 26.41 3.79 -20.20
CA GLN C 835 26.86 2.40 -20.31
C GLN C 835 26.37 1.70 -21.57
N TYR C 836 25.26 2.15 -22.16
CA TYR C 836 24.79 1.52 -23.39
C TYR C 836 25.87 1.56 -24.46
N GLY C 837 26.18 0.39 -25.01
CA GLY C 837 27.26 0.21 -25.94
C GLY C 837 28.33 -0.76 -25.47
N ASP C 838 28.51 -0.91 -24.15
CA ASP C 838 29.48 -1.86 -23.62
C ASP C 838 28.83 -3.07 -22.96
N CYS C 839 27.51 -3.10 -22.84
CA CYS C 839 26.84 -4.31 -22.35
C CYS C 839 27.05 -5.48 -23.31
N LEU C 840 27.03 -5.21 -24.62
CA LEU C 840 27.34 -6.25 -25.59
C LEU C 840 28.80 -6.69 -25.47
N GLY C 841 29.70 -5.76 -25.16
CA GLY C 841 31.10 -6.05 -24.98
C GLY C 841 31.49 -6.49 -23.59
N ASP C 842 30.52 -6.84 -22.75
CA ASP C 842 30.81 -7.27 -21.39
C ASP C 842 31.62 -8.56 -21.35
N ILE C 843 31.59 -9.34 -22.43
CA ILE C 843 32.32 -10.61 -22.54
C ILE C 843 31.82 -11.58 -21.47
N ALA C 844 32.02 -11.23 -20.20
CA ALA C 844 31.51 -12.02 -19.10
C ALA C 844 30.03 -11.72 -18.91
N ALA C 845 29.44 -12.23 -17.83
CA ALA C 845 28.04 -11.94 -17.53
C ALA C 845 27.86 -10.45 -17.30
N ARG C 846 26.80 -9.89 -17.89
CA ARG C 846 26.50 -8.48 -17.72
C ARG C 846 26.25 -8.15 -16.26
N ASP C 847 26.72 -6.98 -15.82
CA ASP C 847 26.70 -6.63 -14.41
C ASP C 847 25.35 -6.04 -14.02
N LEU C 848 25.28 -5.52 -12.80
CA LEU C 848 24.01 -5.02 -12.27
C LEU C 848 23.48 -3.84 -13.07
N ILE C 849 24.39 -2.99 -13.57
CA ILE C 849 23.95 -1.79 -14.29
C ILE C 849 23.33 -2.18 -15.62
N CYS C 850 23.97 -3.09 -16.35
CA CYS C 850 23.39 -3.57 -17.60
C CYS C 850 22.07 -4.29 -17.32
N ALA C 851 22.01 -5.05 -16.22
CA ALA C 851 20.77 -5.72 -15.87
C ALA C 851 19.64 -4.72 -15.64
N GLN C 852 19.93 -3.64 -14.92
CA GLN C 852 18.93 -2.60 -14.68
C GLN C 852 18.52 -1.93 -15.98
N LYS C 853 19.47 -1.69 -16.88
CA LYS C 853 19.13 -1.18 -18.20
C LYS C 853 18.26 -2.16 -18.97
N PHE C 854 18.33 -3.45 -18.63
CA PHE C 854 17.61 -4.46 -19.38
C PHE C 854 16.12 -4.43 -19.14
N ASN C 855 15.67 -3.83 -18.04
CA ASN C 855 14.28 -3.92 -17.64
C ASN C 855 13.76 -2.55 -17.21
N GLY C 856 14.20 -1.50 -17.89
CA GLY C 856 13.65 -0.19 -17.60
C GLY C 856 14.00 0.37 -16.24
N LEU C 857 15.21 0.15 -15.76
CA LEU C 857 15.70 0.77 -14.53
C LEU C 857 16.87 1.65 -14.92
N THR C 858 16.68 2.96 -14.84
CA THR C 858 17.75 3.91 -15.12
C THR C 858 17.92 4.89 -13.96
N VAL C 859 19.12 5.46 -13.88
CA VAL C 859 19.49 6.40 -12.83
C VAL C 859 19.93 7.70 -13.50
N LEU C 860 19.35 8.81 -13.08
CA LEU C 860 19.71 10.09 -13.65
C LEU C 860 20.96 10.65 -12.97
N PRO C 861 21.73 11.46 -13.68
CA PRO C 861 22.94 12.05 -13.08
C PRO C 861 22.61 13.35 -12.36
N PRO C 862 23.33 13.66 -11.29
CA PRO C 862 23.09 14.93 -10.58
C PRO C 862 23.44 16.11 -11.45
N LEU C 863 22.72 17.22 -11.20
CA LEU C 863 22.99 18.45 -11.94
C LEU C 863 24.42 18.94 -11.66
N LEU C 864 24.78 19.06 -10.40
CA LEU C 864 26.09 19.56 -10.00
C LEU C 864 27.06 18.38 -9.93
N THR C 865 27.96 18.31 -10.90
CA THR C 865 28.90 17.20 -10.94
C THR C 865 29.89 17.31 -9.80
N ASP C 866 30.63 16.24 -9.55
CA ASP C 866 31.61 16.24 -8.48
C ASP C 866 32.75 17.24 -8.71
N GLU C 867 32.71 18.02 -9.79
CA GLU C 867 33.77 18.97 -10.06
C GLU C 867 33.48 20.34 -9.44
N MET C 868 32.40 21.00 -9.87
CA MET C 868 32.18 22.35 -9.38
C MET C 868 31.60 22.38 -7.97
N ILE C 869 31.18 21.24 -7.44
CA ILE C 869 30.94 21.17 -6.00
C ILE C 869 32.24 21.43 -5.24
N ALA C 870 33.33 20.84 -5.72
CA ALA C 870 34.63 21.17 -5.15
C ALA C 870 34.96 22.64 -5.35
N GLN C 871 34.52 23.24 -6.46
CA GLN C 871 34.72 24.66 -6.67
C GLN C 871 33.98 25.49 -5.63
N TYR C 872 32.73 25.11 -5.33
CA TYR C 872 31.98 25.81 -4.29
C TYR C 872 32.64 25.64 -2.93
N THR C 873 33.11 24.44 -2.63
CA THR C 873 33.81 24.22 -1.37
C THR C 873 35.06 25.09 -1.29
N SER C 874 35.78 25.22 -2.41
CA SER C 874 36.99 26.03 -2.41
C SER C 874 36.67 27.51 -2.20
N ALA C 875 35.64 28.01 -2.86
CA ALA C 875 35.24 29.40 -2.66
C ALA C 875 34.83 29.65 -1.22
N LEU C 876 34.03 28.74 -0.66
CA LEU C 876 33.59 28.85 0.73
C LEU C 876 34.79 28.83 1.68
N LEU C 877 35.77 27.98 1.38
CA LEU C 877 37.00 27.93 2.16
C LEU C 877 37.78 29.23 2.07
N ALA C 878 37.93 29.78 0.86
CA ALA C 878 38.66 31.03 0.71
C ALA C 878 37.97 32.17 1.42
N GLY C 879 36.64 32.14 1.50
CA GLY C 879 35.94 33.21 2.19
C GLY C 879 36.28 33.29 3.67
N THR C 880 36.25 32.14 4.36
CA THR C 880 36.43 32.15 5.81
C THR C 880 37.89 32.30 6.22
N ILE C 881 38.82 31.74 5.45
CA ILE C 881 40.22 31.80 5.84
C ILE C 881 40.93 33.05 5.34
N THR C 882 40.23 33.95 4.66
CA THR C 882 40.80 35.24 4.28
C THR C 882 39.95 36.43 4.68
N SER C 883 38.66 36.23 4.95
CA SER C 883 37.77 37.34 5.26
C SER C 883 36.97 37.12 6.55
N GLY C 884 37.40 36.20 7.41
CA GLY C 884 36.66 35.96 8.63
C GLY C 884 35.25 35.46 8.35
N TRP C 885 34.29 36.06 9.03
CA TRP C 885 32.89 35.72 8.85
C TRP C 885 32.10 36.85 8.19
N THR C 886 32.75 37.94 7.81
CA THR C 886 32.03 39.07 7.23
C THR C 886 31.36 38.68 5.92
N PHE C 887 32.03 37.88 5.10
CA PHE C 887 31.47 37.54 3.80
C PHE C 887 30.17 36.76 3.91
N GLY C 888 29.92 36.11 5.06
CA GLY C 888 28.69 35.38 5.23
C GLY C 888 27.47 36.22 5.44
N ALA C 889 27.64 37.52 5.72
CA ALA C 889 26.53 38.44 5.91
C ALA C 889 26.45 39.47 4.79
N GLY C 890 27.57 40.07 4.43
CA GLY C 890 27.60 41.06 3.37
C GLY C 890 28.84 40.94 2.52
N PRO C 891 29.45 42.08 2.18
CA PRO C 891 30.67 42.05 1.36
C PRO C 891 31.82 41.39 2.11
N ALA C 892 32.70 40.74 1.35
CA ALA C 892 33.87 40.09 1.93
C ALA C 892 34.91 41.14 2.25
N LEU C 893 35.31 41.22 3.52
CA LEU C 893 36.30 42.18 3.98
C LEU C 893 37.54 41.43 4.46
N GLN C 894 38.70 41.76 3.91
CA GLN C 894 39.91 41.05 4.27
C GLN C 894 40.32 41.40 5.69
N ILE C 895 40.85 40.40 6.40
CA ILE C 895 41.37 40.55 7.75
C ILE C 895 42.50 39.55 7.92
N PRO C 896 43.62 39.92 8.52
CA PRO C 896 44.70 38.95 8.72
C PRO C 896 44.23 37.76 9.54
N PHE C 897 44.69 36.57 9.14
CA PHE C 897 44.28 35.36 9.85
C PHE C 897 44.64 35.37 11.33
N PRO C 898 45.81 35.85 11.77
CA PRO C 898 46.04 35.95 13.22
C PRO C 898 45.00 36.81 13.93
N MET C 899 44.60 37.92 13.33
CA MET C 899 43.56 38.75 13.94
C MET C 899 42.22 38.02 13.97
N GLN C 900 41.90 37.28 12.92
CA GLN C 900 40.67 36.50 12.92
C GLN C 900 40.71 35.43 14.01
N MET C 901 41.86 34.78 14.19
CA MET C 901 41.99 33.78 15.23
C MET C 901 41.81 34.39 16.62
N ALA C 902 42.41 35.56 16.83
CA ALA C 902 42.21 36.26 18.10
C ALA C 902 40.76 36.61 18.32
N TYR C 903 40.04 36.95 17.25
CA TYR C 903 38.66 37.37 17.39
C TYR C 903 37.77 36.18 17.74
N ARG C 904 38.04 35.04 17.11
CA ARG C 904 37.33 33.82 17.48
C ARG C 904 37.64 33.43 18.92
N PHE C 905 38.89 33.62 19.34
CA PHE C 905 39.24 33.38 20.75
C PHE C 905 38.42 34.28 21.66
N ASN C 906 38.32 35.56 21.31
CA ASN C 906 37.49 36.47 22.08
C ASN C 906 36.03 36.05 22.06
N GLY C 907 35.60 35.35 21.01
CA GLY C 907 34.22 34.91 20.94
C GLY C 907 33.86 33.86 21.97
N ILE C 908 34.84 33.12 22.47
CA ILE C 908 34.59 32.05 23.45
C ILE C 908 35.03 32.46 24.85
N GLY C 909 35.25 33.75 25.08
CA GLY C 909 35.47 34.24 26.43
C GLY C 909 36.91 34.26 26.90
N VAL C 910 37.88 34.17 26.00
CA VAL C 910 39.28 34.31 26.37
C VAL C 910 39.87 35.45 25.55
N THR C 911 40.74 36.24 26.17
CA THR C 911 41.26 37.43 25.53
C THR C 911 42.20 37.08 24.38
N GLN C 912 42.56 38.12 23.61
CA GLN C 912 43.39 37.91 22.42
C GLN C 912 44.85 37.74 22.78
N ASN C 913 45.28 38.23 23.94
CA ASN C 913 46.69 38.22 24.28
C ASN C 913 47.23 36.80 24.38
N VAL C 914 46.42 35.85 24.85
CA VAL C 914 46.91 34.48 24.98
C VAL C 914 47.27 33.92 23.61
N LEU C 915 46.42 34.16 22.60
CA LEU C 915 46.77 33.74 21.25
C LEU C 915 47.99 34.49 20.73
N TYR C 916 48.05 35.79 21.01
CA TYR C 916 49.17 36.56 20.48
C TYR C 916 50.48 36.22 21.17
N GLU C 917 50.44 35.53 22.31
CA GLU C 917 51.65 35.01 22.92
C GLU C 917 51.94 33.56 22.55
N ASN C 918 50.91 32.77 22.23
CA ASN C 918 51.10 31.36 21.93
C ASN C 918 50.77 31.05 20.49
N GLN C 919 51.01 32.02 19.60
CA GLN C 919 50.76 31.80 18.18
C GLN C 919 51.56 30.62 17.63
N LYS C 920 52.83 30.51 17.99
CA LYS C 920 53.62 29.37 17.50
C LYS C 920 53.00 28.06 17.95
N LEU C 921 52.63 27.96 19.23
CA LEU C 921 52.06 26.73 19.75
C LEU C 921 50.73 26.41 19.08
N ILE C 922 49.88 27.42 18.89
CA ILE C 922 48.56 27.14 18.32
C ILE C 922 48.70 26.73 16.86
N ALA C 923 49.62 27.35 16.12
CA ALA C 923 49.85 26.94 14.74
C ALA C 923 50.40 25.52 14.67
N ASN C 924 51.34 25.18 15.55
CA ASN C 924 51.92 23.84 15.54
C ASN C 924 50.86 22.79 15.87
N GLN C 925 50.00 23.07 16.87
CA GLN C 925 48.95 22.13 17.22
C GLN C 925 47.95 22.00 16.07
N PHE C 926 47.63 23.10 15.40
CA PHE C 926 46.75 23.04 14.25
C PHE C 926 47.34 22.13 13.17
N ASN C 927 48.62 22.32 12.86
CA ASN C 927 49.25 21.52 11.83
C ASN C 927 49.28 20.05 12.21
N SER C 928 49.58 19.76 13.48
CA SER C 928 49.61 18.37 13.92
C SER C 928 48.24 17.72 13.81
N ALA C 929 47.20 18.43 14.25
CA ALA C 929 45.85 17.87 14.17
C ALA C 929 45.45 17.63 12.72
N ILE C 930 45.76 18.58 11.83
CA ILE C 930 45.43 18.39 10.43
C ILE C 930 46.17 17.19 9.86
N GLY C 931 47.46 17.07 10.18
CA GLY C 931 48.24 15.97 9.64
C GLY C 931 47.83 14.62 10.20
N LYS C 932 47.21 14.61 11.38
CA LYS C 932 46.76 13.34 11.94
C LYS C 932 45.36 12.96 11.52
N ILE C 933 44.52 13.94 11.13
CA ILE C 933 43.17 13.58 10.72
C ILE C 933 43.18 12.79 9.41
N GLN C 934 44.10 13.11 8.50
CA GLN C 934 44.20 12.34 7.26
C GLN C 934 44.62 10.90 7.56
N ASP C 935 45.53 10.72 8.52
CA ASP C 935 45.90 9.37 8.92
C ASP C 935 44.74 8.63 9.56
N SER C 936 43.94 9.34 10.38
CA SER C 936 42.78 8.72 10.98
C SER C 936 41.80 8.23 9.92
N LEU C 937 41.56 9.05 8.89
CA LEU C 937 40.66 8.64 7.82
C LEU C 937 41.25 7.56 6.94
N PHE C 938 42.57 7.56 6.76
CA PHE C 938 43.21 6.57 5.89
C PHE C 938 43.24 5.19 6.53
N SER C 939 43.61 5.13 7.81
CA SER C 939 43.81 3.85 8.48
C SER C 939 42.52 3.23 8.99
N THR C 940 41.47 4.02 9.20
CA THR C 940 40.23 3.49 9.73
C THR C 940 39.58 2.53 8.72
N PRO C 941 38.90 1.49 9.20
CA PRO C 941 38.20 0.60 8.27
C PRO C 941 37.12 1.34 7.50
N SER C 942 36.18 1.94 8.23
CA SER C 942 35.13 2.75 7.61
C SER C 942 34.69 3.80 8.61
N ALA C 943 35.26 4.99 8.51
CA ALA C 943 34.73 6.16 9.21
C ALA C 943 33.67 6.87 8.39
N LEU C 944 33.46 6.46 7.15
CA LEU C 944 32.44 7.00 6.28
C LEU C 944 31.18 6.14 6.24
N GLY C 945 30.82 5.54 7.38
CA GLY C 945 29.74 4.59 7.40
C GLY C 945 28.42 5.16 6.94
N LYS C 946 28.20 6.46 7.15
CA LYS C 946 26.92 7.05 6.79
C LYS C 946 26.75 7.12 5.27
N LEU C 947 27.75 7.65 4.58
CA LEU C 947 27.65 7.78 3.12
C LEU C 947 27.64 6.41 2.46
N GLN C 948 28.54 5.53 2.89
CA GLN C 948 28.57 4.18 2.36
C GLN C 948 27.27 3.45 2.63
N ASP C 949 26.69 3.66 3.82
CA ASP C 949 25.41 3.03 4.15
C ASP C 949 24.30 3.53 3.25
N VAL C 950 24.25 4.84 2.99
CA VAL C 950 23.21 5.37 2.11
C VAL C 950 23.34 4.78 0.72
N VAL C 951 24.57 4.74 0.19
CA VAL C 951 24.78 4.21 -1.14
C VAL C 951 24.41 2.73 -1.20
N ASN C 952 24.81 1.97 -0.17
CA ASN C 952 24.52 0.55 -0.14
C ASN C 952 23.02 0.31 -0.01
N HIS C 953 22.33 1.14 0.76
CA HIS C 953 20.88 1.02 0.87
C HIS C 953 20.20 1.24 -0.47
N ASN C 954 20.65 2.27 -1.19
CA ASN C 954 20.06 2.51 -2.52
C ASN C 954 20.35 1.34 -3.46
N ALA C 955 21.58 0.83 -3.45
CA ALA C 955 21.92 -0.28 -4.32
C ALA C 955 21.12 -1.53 -3.97
N GLN C 956 20.97 -1.81 -2.68
CA GLN C 956 20.20 -2.97 -2.24
C GLN C 956 18.73 -2.83 -2.60
N ALA C 957 18.17 -1.61 -2.46
CA ALA C 957 16.78 -1.40 -2.87
C ALA C 957 16.61 -1.63 -4.36
N LEU C 958 17.55 -1.14 -5.17
CA LEU C 958 17.46 -1.37 -6.61
C LEU C 958 17.57 -2.84 -6.95
N ASN C 959 18.48 -3.56 -6.27
CA ASN C 959 18.62 -4.99 -6.53
C ASN C 959 17.36 -5.75 -6.17
N THR C 960 16.76 -5.42 -5.02
CA THR C 960 15.50 -6.05 -4.65
C THR C 960 14.39 -5.72 -5.65
N LEU C 961 14.36 -4.48 -6.13
CA LEU C 961 13.39 -4.11 -7.16
C LEU C 961 13.55 -4.97 -8.40
N VAL C 962 14.77 -5.05 -8.93
CA VAL C 962 14.96 -5.74 -10.19
C VAL C 962 14.83 -7.25 -10.03
N LYS C 963 15.06 -7.76 -8.82
CA LYS C 963 14.97 -9.21 -8.62
C LYS C 963 13.54 -9.72 -8.70
N GLN C 964 12.55 -8.87 -8.39
CA GLN C 964 11.16 -9.31 -8.39
C GLN C 964 10.67 -9.73 -9.77
N LEU C 965 11.36 -9.32 -10.84
CA LEU C 965 10.96 -9.71 -12.18
C LEU C 965 11.06 -11.21 -12.41
N SER C 966 11.82 -11.93 -11.58
CA SER C 966 11.97 -13.37 -11.70
C SER C 966 10.95 -14.12 -10.87
N SER C 967 10.05 -13.42 -10.18
CA SER C 967 9.06 -14.05 -9.32
C SER C 967 7.79 -14.33 -10.12
N LYS C 968 7.31 -15.57 -10.03
CA LYS C 968 6.14 -15.97 -10.80
C LYS C 968 4.88 -15.30 -10.29
N PHE C 969 4.87 -14.88 -9.02
CA PHE C 969 3.74 -14.17 -8.42
C PHE C 969 2.45 -14.97 -8.49
N GLY C 970 2.54 -16.29 -8.37
CA GLY C 970 1.35 -17.10 -8.43
C GLY C 970 0.78 -17.31 -9.82
N ALA C 971 1.64 -17.32 -10.84
CA ALA C 971 1.22 -17.57 -12.21
C ALA C 971 2.03 -18.71 -12.79
N ILE C 972 1.72 -19.06 -14.04
CA ILE C 972 2.39 -20.19 -14.69
C ILE C 972 3.86 -19.86 -14.95
N SER C 973 4.13 -18.67 -15.48
CA SER C 973 5.50 -18.32 -15.84
C SER C 973 5.79 -16.91 -15.35
N SER C 974 7.08 -16.64 -15.15
CA SER C 974 7.54 -15.32 -14.73
C SER C 974 8.09 -14.50 -15.87
N VAL C 975 7.89 -14.92 -17.10
CA VAL C 975 8.40 -14.22 -18.28
C VAL C 975 7.21 -13.80 -19.14
N LEU C 976 7.06 -12.48 -19.32
CA LEU C 976 5.95 -11.97 -20.10
C LEU C 976 6.01 -12.47 -21.54
N ASN C 977 7.21 -12.48 -22.13
CA ASN C 977 7.35 -12.86 -23.52
C ASN C 977 6.93 -14.32 -23.72
N ASP C 978 7.26 -15.20 -22.78
CA ASP C 978 6.97 -16.61 -23.01
C ASP C 978 5.54 -16.95 -22.62
N ILE C 979 4.96 -16.30 -21.62
CA ILE C 979 3.54 -16.55 -21.34
C ILE C 979 2.69 -16.02 -22.48
N LEU C 980 3.10 -14.90 -23.07
CA LEU C 980 2.40 -14.38 -24.24
C LEU C 980 2.50 -15.35 -25.41
N SER C 981 3.67 -15.98 -25.58
CA SER C 981 3.92 -16.89 -26.69
C SER C 981 3.45 -18.30 -26.41
N ARG C 982 2.87 -18.57 -25.25
CA ARG C 982 2.41 -19.91 -24.90
C ARG C 982 0.89 -20.04 -24.84
N LEU C 983 0.19 -19.07 -24.29
CA LEU C 983 -1.25 -19.11 -24.16
C LEU C 983 -1.88 -18.02 -25.00
N ASP C 984 -3.11 -18.27 -25.47
CA ASP C 984 -3.84 -17.29 -26.24
C ASP C 984 -4.36 -16.18 -25.33
N PRO C 985 -4.65 -15.01 -25.88
CA PRO C 985 -5.06 -13.85 -25.06
C PRO C 985 -6.21 -14.16 -24.10
N PRO C 986 -7.34 -14.71 -24.56
CA PRO C 986 -8.51 -14.80 -23.67
C PRO C 986 -8.35 -15.79 -22.52
N GLU C 987 -7.23 -16.50 -22.44
CA GLU C 987 -6.90 -17.31 -21.27
C GLU C 987 -5.67 -16.82 -20.53
N ALA C 988 -4.72 -16.23 -21.25
CA ALA C 988 -3.51 -15.69 -20.62
C ALA C 988 -3.74 -14.32 -20.01
N GLU C 989 -4.91 -13.71 -20.23
CA GLU C 989 -5.20 -12.43 -19.61
C GLU C 989 -5.16 -12.53 -18.09
N VAL C 990 -5.61 -13.65 -17.54
CA VAL C 990 -5.57 -13.83 -16.09
C VAL C 990 -4.12 -13.87 -15.61
N GLN C 991 -3.27 -14.60 -16.32
CA GLN C 991 -1.88 -14.71 -15.94
C GLN C 991 -1.19 -13.34 -15.98
N ILE C 992 -1.43 -12.58 -17.05
CA ILE C 992 -0.74 -11.30 -17.16
C ILE C 992 -1.30 -10.33 -16.13
N ASP C 993 -2.59 -10.44 -15.80
CA ASP C 993 -3.14 -9.60 -14.75
C ASP C 993 -2.50 -9.92 -13.40
N ARG C 994 -2.28 -11.20 -13.13
CA ARG C 994 -1.59 -11.58 -11.90
C ARG C 994 -0.19 -11.00 -11.87
N LEU C 995 0.53 -11.09 -12.99
CA LEU C 995 1.87 -10.51 -13.08
C LEU C 995 1.81 -9.00 -12.86
N ILE C 996 0.83 -8.34 -13.46
CA ILE C 996 0.69 -6.90 -13.33
C ILE C 996 0.47 -6.52 -11.86
N THR C 997 -0.42 -7.25 -11.18
CA THR C 997 -0.67 -6.96 -9.78
C THR C 997 0.60 -7.11 -8.96
N GLY C 998 1.32 -8.22 -9.13
CA GLY C 998 2.53 -8.43 -8.35
C GLY C 998 3.57 -7.36 -8.61
N ARG C 999 3.82 -7.05 -9.87
CA ARG C 999 4.85 -6.08 -10.21
C ARG C 999 4.46 -4.68 -9.76
N LEU C 1000 3.18 -4.33 -9.88
CA LEU C 1000 2.73 -3.03 -9.41
C LEU C 1000 2.88 -2.90 -7.91
N GLN C 1001 2.57 -3.98 -7.17
CA GLN C 1001 2.75 -3.93 -5.72
C GLN C 1001 4.22 -3.75 -5.37
N SER C 1002 5.11 -4.47 -6.06
CA SER C 1002 6.54 -4.32 -5.79
C SER C 1002 7.00 -2.90 -6.09
N LEU C 1003 6.54 -2.33 -7.21
CA LEU C 1003 6.93 -0.97 -7.57
C LEU C 1003 6.42 0.03 -6.54
N GLN C 1004 5.19 -0.17 -6.05
CA GLN C 1004 4.65 0.71 -5.03
C GLN C 1004 5.49 0.65 -3.76
N THR C 1005 5.90 -0.55 -3.36
CA THR C 1005 6.78 -0.68 -2.21
C THR C 1005 8.08 0.08 -2.43
N TYR C 1006 8.67 -0.07 -3.61
CA TYR C 1006 9.91 0.64 -3.91
C TYR C 1006 9.74 2.14 -3.82
N VAL C 1007 8.65 2.66 -4.41
CA VAL C 1007 8.43 4.10 -4.41
C VAL C 1007 8.23 4.62 -3.00
N THR C 1008 7.46 3.89 -2.18
CA THR C 1008 7.25 4.32 -0.81
C THR C 1008 8.55 4.35 -0.02
N GLN C 1009 9.37 3.30 -0.15
CA GLN C 1009 10.64 3.27 0.56
C GLN C 1009 11.54 4.40 0.10
N GLN C 1010 11.55 4.67 -1.21
CA GLN C 1010 12.34 5.77 -1.74
C GLN C 1010 11.87 7.10 -1.17
N LEU C 1011 10.56 7.29 -1.04
CA LEU C 1011 10.05 8.52 -0.46
C LEU C 1011 10.48 8.68 0.98
N ILE C 1012 10.43 7.60 1.76
CA ILE C 1012 10.84 7.68 3.16
C ILE C 1012 12.32 8.05 3.25
N ARG C 1013 13.16 7.37 2.47
CA ARG C 1013 14.58 7.66 2.51
C ARG C 1013 14.88 9.06 2.02
N ALA C 1014 14.13 9.54 1.02
CA ALA C 1014 14.32 10.90 0.55
C ALA C 1014 13.94 11.92 1.61
N ALA C 1015 12.87 11.67 2.36
CA ALA C 1015 12.52 12.58 3.45
C ALA C 1015 13.62 12.61 4.51
N GLU C 1016 14.15 11.43 4.86
CA GLU C 1016 15.23 11.38 5.84
C GLU C 1016 16.45 12.15 5.35
N ILE C 1017 16.82 11.95 4.08
CA ILE C 1017 17.97 12.65 3.52
C ILE C 1017 17.71 14.15 3.45
N ARG C 1018 16.46 14.55 3.19
CA ARG C 1018 16.13 15.96 3.19
C ARG C 1018 16.31 16.57 4.56
N ALA C 1019 15.87 15.87 5.61
CA ALA C 1019 16.09 16.38 6.96
C ALA C 1019 17.57 16.49 7.26
N SER C 1020 18.35 15.47 6.89
CA SER C 1020 19.79 15.53 7.14
C SER C 1020 20.45 16.66 6.37
N ALA C 1021 20.01 16.91 5.14
CA ALA C 1021 20.61 17.97 4.35
C ALA C 1021 20.23 19.35 4.88
N ASN C 1022 19.01 19.50 5.40
CA ASN C 1022 18.65 20.76 6.03
C ASN C 1022 19.52 20.99 7.27
N LEU C 1023 19.72 19.93 8.06
CA LEU C 1023 20.63 20.04 9.20
C LEU C 1023 22.03 20.43 8.74
N ALA C 1024 22.49 19.84 7.64
CA ALA C 1024 23.82 20.14 7.13
C ALA C 1024 23.93 21.59 6.69
N ALA C 1025 22.88 22.10 6.03
CA ALA C 1025 22.89 23.50 5.60
C ALA C 1025 22.92 24.43 6.80
N THR C 1026 22.15 24.12 7.83
CA THR C 1026 22.18 24.95 9.04
C THR C 1026 23.55 24.90 9.69
N LYS C 1027 24.14 23.71 9.79
CA LYS C 1027 25.48 23.59 10.35
C LYS C 1027 26.50 24.37 9.53
N MET C 1028 26.38 24.31 8.20
CA MET C 1028 27.27 25.11 7.35
C MET C 1028 27.12 26.59 7.64
N SER C 1029 25.89 27.10 7.58
CA SER C 1029 25.67 28.53 7.72
C SER C 1029 26.03 29.04 9.11
N GLU C 1030 26.07 28.16 10.10
CA GLU C 1030 26.43 28.60 11.44
C GLU C 1030 27.93 28.42 11.72
N CYS C 1031 28.44 27.19 11.59
CA CYS C 1031 29.82 26.94 11.97
C CYS C 1031 30.81 27.47 10.94
N VAL C 1032 30.49 27.38 9.65
CA VAL C 1032 31.42 27.84 8.63
C VAL C 1032 31.38 29.36 8.51
N LEU C 1033 30.18 29.91 8.30
CA LEU C 1033 30.01 31.34 8.13
C LEU C 1033 29.94 32.04 9.48
N GLY C 1034 30.92 31.82 10.34
CA GLY C 1034 30.91 32.45 11.64
C GLY C 1034 31.13 31.48 12.77
N GLN C 1035 31.12 31.99 14.00
CA GLN C 1035 31.34 31.18 15.18
C GLN C 1035 30.01 30.95 15.88
N SER C 1036 29.74 29.69 16.22
CA SER C 1036 28.47 29.27 16.80
C SER C 1036 28.63 29.08 18.31
N LYS C 1037 27.76 29.73 19.07
CA LYS C 1037 27.79 29.59 20.52
C LYS C 1037 27.12 28.32 21.01
N ARG C 1038 26.47 27.57 20.13
CA ARG C 1038 25.77 26.35 20.54
C ARG C 1038 26.79 25.27 20.88
N VAL C 1039 26.81 24.85 22.14
CA VAL C 1039 27.81 23.90 22.60
C VAL C 1039 27.53 22.52 21.99
N ASP C 1040 28.61 21.83 21.64
CA ASP C 1040 28.56 20.48 21.08
C ASP C 1040 27.77 20.42 19.78
N PHE C 1041 27.58 21.55 19.11
CA PHE C 1041 26.93 21.56 17.81
C PHE C 1041 27.95 21.47 16.68
N CYS C 1042 28.95 22.34 16.69
CA CYS C 1042 30.03 22.29 15.71
C CYS C 1042 31.23 21.58 16.33
N GLY C 1043 31.01 20.30 16.64
CA GLY C 1043 32.05 19.47 17.22
C GLY C 1043 32.16 19.64 18.72
N LYS C 1044 32.79 18.65 19.35
CA LYS C 1044 32.98 18.66 20.78
C LYS C 1044 33.98 19.74 21.19
N GLY C 1045 33.67 20.44 22.27
CA GLY C 1045 34.53 21.50 22.77
C GLY C 1045 34.11 22.85 22.24
N TYR C 1046 34.84 23.87 22.69
CA TYR C 1046 34.55 25.24 22.29
C TYR C 1046 34.82 25.42 20.82
N HIS C 1047 33.77 25.68 20.04
CA HIS C 1047 33.91 25.80 18.60
C HIS C 1047 34.65 27.09 18.23
N LEU C 1048 35.51 26.98 17.21
CA LEU C 1048 36.17 28.16 16.67
C LEU C 1048 35.80 28.41 15.21
N MET C 1049 36.13 27.49 14.30
CA MET C 1049 35.81 27.62 12.89
C MET C 1049 35.50 26.23 12.36
N SER C 1050 35.32 26.13 11.04
CA SER C 1050 35.05 24.85 10.41
C SER C 1050 35.25 24.98 8.91
N PHE C 1051 35.83 23.96 8.29
CA PHE C 1051 36.12 24.00 6.87
C PHE C 1051 35.42 22.84 6.17
N PRO C 1052 34.52 23.10 5.24
CA PRO C 1052 33.82 22.01 4.57
C PRO C 1052 34.66 21.40 3.47
N GLN C 1053 34.39 20.12 3.20
CA GLN C 1053 35.01 19.42 2.08
C GLN C 1053 33.95 18.57 1.40
N SER C 1054 33.93 18.59 0.07
CA SER C 1054 32.94 17.84 -0.67
C SER C 1054 33.18 16.35 -0.51
N ALA C 1055 32.12 15.57 -0.59
CA ALA C 1055 32.18 14.12 -0.53
C ALA C 1055 31.17 13.56 -1.52
N PRO C 1056 31.37 12.32 -1.97
CA PRO C 1056 30.37 11.69 -2.84
C PRO C 1056 29.01 11.61 -2.16
N HIS C 1057 28.02 12.32 -2.70
CA HIS C 1057 26.65 12.29 -2.18
C HIS C 1057 26.62 12.69 -0.71
N GLY C 1058 27.45 13.65 -0.35
CA GLY C 1058 27.49 14.10 1.03
C GLY C 1058 28.54 15.17 1.23
N VAL C 1059 28.65 15.61 2.48
CA VAL C 1059 29.62 16.62 2.86
C VAL C 1059 30.29 16.18 4.15
N VAL C 1060 31.52 16.66 4.36
CA VAL C 1060 32.27 16.40 5.57
C VAL C 1060 32.75 17.74 6.13
N PHE C 1061 32.74 17.86 7.45
CA PHE C 1061 33.15 19.09 8.11
C PHE C 1061 34.47 18.89 8.84
N LEU C 1062 35.17 20.00 9.05
CA LEU C 1062 36.41 20.02 9.81
C LEU C 1062 36.24 21.03 10.93
N HIS C 1063 35.61 20.62 12.04
CA HIS C 1063 35.41 21.51 13.16
C HIS C 1063 36.72 21.71 13.89
N VAL C 1064 37.18 22.96 13.95
CA VAL C 1064 38.35 23.31 14.74
C VAL C 1064 37.86 23.82 16.08
N THR C 1065 38.13 23.07 17.14
CA THR C 1065 37.56 23.34 18.45
C THR C 1065 38.65 23.63 19.47
N TYR C 1066 38.34 24.51 20.41
CA TYR C 1066 39.22 24.85 21.52
C TYR C 1066 38.87 23.96 22.70
N VAL C 1067 39.87 23.27 23.25
CA VAL C 1067 39.68 22.33 24.33
C VAL C 1067 40.66 22.69 25.45
N PRO C 1068 40.20 22.89 26.68
CA PRO C 1068 41.13 23.21 27.76
C PRO C 1068 42.09 22.07 28.07
N ALA C 1069 42.98 22.29 29.03
CA ALA C 1069 44.05 21.33 29.32
C ALA C 1069 44.31 21.38 30.82
N GLN C 1070 45.49 20.87 31.22
CA GLN C 1070 45.87 20.68 32.62
C GLN C 1070 45.39 21.83 33.51
N GLU C 1071 44.84 21.47 34.66
CA GLU C 1071 44.19 22.41 35.55
C GLU C 1071 44.65 22.17 36.98
N LYS C 1072 44.47 23.18 37.84
CA LYS C 1072 44.94 23.13 39.21
C LYS C 1072 43.86 23.62 40.16
N ASN C 1073 43.81 23.03 41.35
CA ASN C 1073 43.02 23.58 42.44
C ASN C 1073 43.71 24.85 42.94
N PHE C 1074 42.97 25.96 43.03
CA PHE C 1074 43.63 27.07 43.72
C PHE C 1074 42.92 27.53 44.99
N THR C 1075 41.81 28.24 44.85
CA THR C 1075 40.88 28.65 45.91
C THR C 1075 39.92 29.59 45.21
N THR C 1076 38.73 29.85 45.75
CA THR C 1076 37.89 30.84 45.11
C THR C 1076 36.99 31.49 46.14
N ALA C 1077 36.63 32.75 45.88
CA ALA C 1077 35.80 33.49 46.82
C ALA C 1077 34.74 34.26 46.07
N PRO C 1078 33.50 34.29 46.57
CA PRO C 1078 32.39 34.96 45.83
C PRO C 1078 32.69 36.40 45.48
N ALA C 1079 33.34 37.10 46.40
CA ALA C 1079 33.70 38.49 46.18
C ALA C 1079 34.73 38.87 47.23
N ILE C 1080 35.38 40.01 46.99
CA ILE C 1080 36.42 40.50 47.89
C ILE C 1080 35.88 41.74 48.61
N CYS C 1081 36.08 41.77 49.92
CA CYS C 1081 35.66 42.88 50.78
C CYS C 1081 36.88 43.65 51.21
N HIS C 1082 37.10 44.81 50.60
CA HIS C 1082 38.23 45.65 51.00
C HIS C 1082 37.87 46.50 52.21
N ASP C 1083 36.86 47.34 52.07
CA ASP C 1083 36.44 48.25 53.15
C ASP C 1083 34.91 48.29 53.16
N GLY C 1084 34.31 47.35 53.89
CA GLY C 1084 32.87 47.30 54.03
C GLY C 1084 32.09 47.18 52.73
N LYS C 1085 32.80 46.97 51.62
CA LYS C 1085 32.19 46.91 50.30
C LYS C 1085 32.68 45.69 49.55
N ALA C 1086 31.73 44.89 49.06
CA ALA C 1086 32.06 43.76 48.22
C ALA C 1086 32.52 44.23 46.85
N HIS C 1087 33.42 43.47 46.24
CA HIS C 1087 33.88 43.75 44.89
C HIS C 1087 33.78 42.49 44.05
N PHE C 1088 33.20 42.61 42.86
CA PHE C 1088 33.04 41.47 41.99
C PHE C 1088 33.79 41.73 40.69
N PRO C 1089 34.44 40.71 40.13
CA PRO C 1089 35.17 40.90 38.88
C PRO C 1089 34.24 41.38 37.78
N ARG C 1090 34.75 42.24 36.91
CA ARG C 1090 34.00 42.62 35.72
C ARG C 1090 33.76 41.40 34.84
N GLU C 1091 34.74 40.49 34.79
CA GLU C 1091 34.57 39.18 34.18
C GLU C 1091 35.62 38.26 34.78
N GLY C 1092 35.29 36.98 34.92
CA GLY C 1092 36.17 36.03 35.56
C GLY C 1092 35.78 35.80 37.01
N VAL C 1093 36.67 35.12 37.73
CA VAL C 1093 36.49 34.80 39.14
C VAL C 1093 37.74 35.19 39.91
N PHE C 1094 37.57 35.39 41.22
CA PHE C 1094 38.71 35.68 42.08
C PHE C 1094 39.43 34.38 42.42
N VAL C 1095 40.74 34.36 42.25
CA VAL C 1095 41.54 33.15 42.45
C VAL C 1095 42.62 33.44 43.47
N SER C 1096 42.79 32.52 44.42
CA SER C 1096 43.88 32.61 45.39
C SER C 1096 44.92 31.54 45.07
N ASN C 1097 46.15 31.98 44.83
CA ASN C 1097 47.30 31.08 44.80
C ASN C 1097 47.27 30.13 45.99
N GLY C 1098 46.82 30.62 47.14
CA GLY C 1098 46.93 29.95 48.41
C GLY C 1098 47.33 30.98 49.46
N THR C 1099 47.93 32.08 49.00
CA THR C 1099 48.38 33.16 49.88
C THR C 1099 48.03 34.56 49.40
N HIS C 1100 47.80 34.78 48.10
CA HIS C 1100 47.49 36.09 47.55
C HIS C 1100 46.34 35.96 46.55
N TRP C 1101 45.36 36.85 46.66
CA TRP C 1101 44.20 36.78 45.80
C TRP C 1101 44.48 37.42 44.45
N PHE C 1102 43.86 36.89 43.40
CA PHE C 1102 44.10 37.33 42.04
C PHE C 1102 42.81 37.20 41.24
N VAL C 1103 42.76 37.92 40.12
CA VAL C 1103 41.62 37.88 39.22
C VAL C 1103 42.08 37.23 37.91
N THR C 1104 41.21 36.41 37.33
CA THR C 1104 41.59 35.59 36.19
C THR C 1104 40.38 35.42 35.29
N GLN C 1105 40.62 35.08 34.03
CA GLN C 1105 39.54 34.87 33.07
C GLN C 1105 38.80 33.58 33.36
N ARG C 1106 37.91 33.20 32.45
CA ARG C 1106 37.10 32.00 32.65
C ARG C 1106 37.88 30.72 32.32
N ASN C 1107 38.26 30.56 31.06
CA ASN C 1107 38.77 29.28 30.56
C ASN C 1107 40.28 29.27 30.39
N PHE C 1108 40.98 30.29 30.88
CA PHE C 1108 42.43 30.28 30.82
C PHE C 1108 42.99 30.94 32.08
N TYR C 1109 44.08 30.40 32.59
CA TYR C 1109 44.68 30.91 33.81
C TYR C 1109 45.70 31.98 33.44
N GLU C 1110 45.31 33.23 33.59
CA GLU C 1110 46.20 34.37 33.43
C GLU C 1110 46.11 35.22 34.71
N PRO C 1111 46.92 34.88 35.71
CA PRO C 1111 46.85 35.62 36.98
C PRO C 1111 47.16 37.09 36.79
N GLN C 1112 46.48 37.92 37.55
CA GLN C 1112 46.57 39.36 37.41
C GLN C 1112 46.30 40.02 38.76
N ILE C 1113 47.06 41.07 39.05
CA ILE C 1113 46.85 41.85 40.26
C ILE C 1113 45.45 42.45 40.22
N ILE C 1114 44.71 42.29 41.32
CA ILE C 1114 43.34 42.80 41.37
C ILE C 1114 43.37 44.31 41.53
N THR C 1115 42.60 44.99 40.69
CA THR C 1115 42.53 46.44 40.68
C THR C 1115 41.08 46.90 40.60
N THR C 1116 40.89 48.22 40.64
CA THR C 1116 39.56 48.78 40.48
C THR C 1116 39.04 48.66 39.06
N ASP C 1117 39.93 48.41 38.09
CA ASP C 1117 39.48 48.24 36.71
C ASP C 1117 38.84 46.86 36.52
N ASN C 1118 39.47 45.83 37.07
CA ASN C 1118 38.95 44.48 36.90
C ASN C 1118 37.66 44.25 37.68
N THR C 1119 37.42 45.03 38.72
CA THR C 1119 36.29 44.79 39.62
C THR C 1119 35.36 45.99 39.63
N PHE C 1120 34.11 45.73 39.99
CA PHE C 1120 33.10 46.76 40.21
C PHE C 1120 32.54 46.58 41.61
N VAL C 1121 32.20 47.69 42.26
CA VAL C 1121 31.80 47.68 43.65
C VAL C 1121 30.31 47.98 43.77
N SER C 1122 29.59 47.09 44.46
CA SER C 1122 28.22 47.36 44.89
C SER C 1122 27.91 46.35 45.98
N GLY C 1123 27.76 46.82 47.21
CA GLY C 1123 27.47 45.92 48.30
C GLY C 1123 27.74 46.57 49.65
N ASN C 1124 27.67 45.72 50.68
CA ASN C 1124 27.75 46.16 52.07
C ASN C 1124 28.64 45.24 52.92
N CYS C 1125 29.16 44.17 52.34
CA CYS C 1125 30.05 43.22 53.00
C CYS C 1125 29.36 42.45 54.12
N ASP C 1126 28.04 42.30 54.07
CA ASP C 1126 27.32 41.52 55.06
C ASP C 1126 26.32 40.53 54.47
N VAL C 1127 25.99 40.64 53.19
CA VAL C 1127 25.03 39.75 52.55
C VAL C 1127 25.70 38.67 51.73
N VAL C 1128 26.99 38.79 51.45
CA VAL C 1128 27.69 37.81 50.63
C VAL C 1128 28.07 36.62 51.50
N ILE C 1129 27.63 35.43 51.11
CA ILE C 1129 27.95 34.20 51.83
C ILE C 1129 29.27 33.65 51.30
N GLY C 1130 30.22 33.44 52.21
CA GLY C 1130 31.53 32.97 51.84
C GLY C 1130 32.52 34.03 51.43
N ILE C 1131 32.23 35.31 51.70
CA ILE C 1131 33.14 36.37 51.29
C ILE C 1131 34.41 36.30 52.11
N VAL C 1132 35.54 36.63 51.49
CA VAL C 1132 36.86 36.48 52.08
C VAL C 1132 37.51 37.86 52.18
N ASN C 1133 38.35 38.04 53.19
CA ASN C 1133 39.02 39.32 53.40
C ASN C 1133 40.33 39.39 52.62
N ASN C 1134 40.59 40.56 52.04
CA ASN C 1134 41.85 40.90 51.41
C ASN C 1134 41.79 42.37 51.04
N THR C 1135 42.81 42.84 50.32
CA THR C 1135 42.88 44.22 49.88
C THR C 1135 42.74 44.29 48.36
N VAL C 1136 42.12 45.37 47.87
CA VAL C 1136 42.05 45.63 46.44
C VAL C 1136 42.85 46.89 46.15
N TYR C 1137 43.28 47.03 44.90
CA TYR C 1137 44.12 48.13 44.50
C TYR C 1137 43.38 49.02 43.51
N ASP C 1138 43.90 50.23 43.34
CA ASP C 1138 43.36 51.18 42.38
C ASP C 1138 44.48 52.04 41.82
N PRO C 1139 44.52 52.23 40.51
CA PRO C 1139 45.58 53.06 39.91
C PRO C 1139 45.44 54.53 40.19
N LEU C 1140 44.56 54.93 41.12
CA LEU C 1140 44.18 56.33 41.27
C LEU C 1140 44.88 57.03 42.42
N GLN C 1141 44.91 56.44 43.62
CA GLN C 1141 45.44 57.17 44.77
C GLN C 1141 46.95 57.34 44.70
N LEU C 1142 47.62 56.53 43.86
CA LEU C 1142 49.07 56.62 43.74
C LEU C 1142 49.50 57.98 43.21
N GLU C 1143 48.80 58.50 42.20
CA GLU C 1143 49.11 59.80 41.64
C GLU C 1143 48.02 60.81 41.96
C1 NAG D . 3.80 -48.57 -26.49
C2 NAG D . 4.47 -49.93 -26.57
C3 NAG D . 5.74 -49.83 -27.41
C4 NAG D . 5.47 -49.16 -28.75
C5 NAG D . 4.70 -47.86 -28.57
C6 NAG D . 4.25 -47.25 -29.87
C7 NAG D . 4.91 -51.76 -24.99
C8 NAG D . 5.23 -52.11 -23.57
N2 NAG D . 4.78 -50.45 -25.25
O3 NAG D . 6.27 -51.13 -27.63
O4 NAG D . 6.71 -48.85 -29.38
O5 NAG D . 3.52 -48.10 -27.79
O6 NAG D . 3.81 -48.25 -30.79
O7 NAG D . 4.80 -52.61 -25.87
C1 BMA D . 6.89 -49.69 -30.54
C2 BMA D . 7.90 -48.97 -31.48
C3 BMA D . 8.32 -49.89 -32.63
C4 BMA D . 8.67 -51.31 -32.15
C5 BMA D . 7.53 -51.87 -31.27
C6 BMA D . 7.83 -53.24 -30.72
O2 BMA D . 9.09 -48.64 -30.77
O3 BMA D . 9.42 -49.35 -33.34
O4 BMA D . 8.85 -52.17 -33.26
O5 BMA D . 7.35 -50.97 -30.16
O6 BMA D . 8.81 -53.12 -29.69
C1 NAG E . -21.66 30.60 -27.81
C2 NAG E . -21.47 31.67 -26.73
C3 NAG E . -22.62 31.63 -25.73
C4 NAG E . -23.95 31.72 -26.45
C5 NAG E . -24.04 30.64 -27.51
C6 NAG E . -25.31 30.73 -28.35
C7 NAG E . -19.37 32.53 -25.77
C8 NAG E . -19.83 33.89 -26.20
N2 NAG E . -20.19 31.51 -26.05
O3 NAG E . -22.48 32.69 -24.80
O4 NAG E . -25.03 31.58 -25.53
O5 NAG E . -22.94 30.77 -28.42
O6 NAG E . -25.72 32.08 -28.51
O7 NAG E . -18.30 32.36 -25.19
C1 BMA E . -25.65 32.87 -25.33
C2 BMA E . -25.92 33.02 -23.82
C3 BMA E . -26.41 34.45 -23.52
C4 BMA E . -25.50 35.49 -24.15
C5 BMA E . -25.37 35.24 -25.65
C6 BMA E . -24.43 36.22 -26.32
O2 BMA E . -24.72 32.85 -23.08
O3 BMA E . -26.53 34.68 -22.12
O4 BMA E . -26.03 36.79 -23.95
O5 BMA E . -24.82 33.93 -25.82
O6 BMA E . -23.11 35.91 -25.92
C1 NAG F . 60.16 50.14 18.31
C2 NAG F . 61.12 49.36 17.42
C3 NAG F . 62.15 48.63 18.27
C4 NAG F . 62.84 49.59 19.23
C5 NAG F . 61.81 50.38 20.02
C6 NAG F . 62.42 51.45 20.89
C7 NAG F . 59.97 48.71 15.34
C8 NAG F . 59.23 47.62 14.63
N2 NAG F . 60.39 48.42 16.58
O3 NAG F . 63.10 48.00 17.42
O4 NAG F . 63.66 48.87 20.13
O5 NAG F . 60.90 51.05 19.13
O6 NAG F . 61.45 52.09 21.71
O7 NAG F . 60.16 49.81 14.84
C1 BMA F . 65.04 49.03 19.73
C2 BMA F . 65.92 49.10 21.00
C3 BMA F . 67.40 49.05 20.62
C4 BMA F . 67.69 47.90 19.65
C5 BMA F . 66.77 48.02 18.43
C6 BMA F . 66.97 46.91 17.41
O2 BMA F . 65.67 47.98 21.84
O3 BMA F . 68.22 48.92 21.77
O4 BMA F . 69.04 47.96 19.22
O5 BMA F . 65.42 47.95 18.90
O6 BMA F . 66.01 47.08 16.37
C1 NAG G . 3.42 55.62 6.20
C2 NAG G . 3.12 57.09 5.91
C3 NAG G . 1.80 57.21 5.13
C4 NAG G . 1.82 56.32 3.90
C5 NAG G . 2.16 54.90 4.29
C6 NAG G . 2.31 53.97 3.11
C7 NAG G . 4.14 58.39 7.71
C8 NAG G . 3.90 59.16 8.98
N2 NAG G . 3.06 57.87 7.14
O3 NAG G . 1.60 58.57 4.76
O4 NAG G . 0.53 56.33 3.28
O5 NAG G . 3.42 54.88 4.99
O6 NAG G . 1.16 53.15 2.94
O7 NAG G . 5.27 58.25 7.24
C1 BMA G . 0.62 57.07 2.04
C2 BMA G . 0.47 56.05 0.89
C3 BMA G . 0.35 56.78 -0.45
C4 BMA G . -0.69 57.92 -0.38
C5 BMA G . -0.38 58.84 0.81
C6 BMA G . -1.40 59.93 0.98
O2 BMA G . -0.72 55.29 1.04
O3 BMA G . 0.02 55.89 -1.50
O4 BMA G . -0.66 58.66 -1.59
O5 BMA G . -0.38 58.05 2.00
O6 BMA G . -1.45 60.26 2.37
C1 NAG H . 25.47 55.87 3.66
C2 NAG H . 25.74 57.35 3.44
C3 NAG H . 24.42 58.12 3.32
C4 NAG H . 23.52 57.49 2.27
C5 NAG H . 23.35 56.00 2.56
C6 NAG H . 22.56 55.27 1.49
C7 NAG H . 27.89 57.84 4.51
C8 NAG H . 28.57 58.46 5.69
N2 NAG H . 26.55 57.91 4.50
O3 NAG H . 24.69 59.47 2.97
O4 NAG H . 22.25 58.11 2.26
O5 NAG H . 24.64 55.37 2.62
O6 NAG H . 23.06 53.96 1.26
O7 NAG H . 28.51 57.30 3.60
C1 BMA H . 22.10 58.80 1.02
C2 BMA H . 20.64 58.63 0.55
C3 BMA H . 20.38 59.48 -0.70
C4 BMA H . 20.86 60.92 -0.50
C5 BMA H . 22.33 60.92 -0.06
C6 BMA H . 22.87 62.30 0.20
O2 BMA H . 19.73 59.08 1.54
O3 BMA H . 19.00 59.47 -1.05
O4 BMA H . 20.73 61.63 -1.71
O5 BMA H . 22.42 60.18 1.17
O6 BMA H . 24.17 62.17 0.77
C1 NAG I . 45.48 60.44 9.68
C2 NAG I . 45.10 60.93 8.31
C3 NAG I . 44.96 62.44 8.36
C4 NAG I . 44.16 62.91 9.57
C5 NAG I . 44.28 62.03 10.84
C6 NAG I . 43.08 62.15 11.75
C7 NAG I . 45.80 59.76 6.28
C8 NAG I . 46.94 59.45 5.34
N2 NAG I . 46.09 60.54 7.32
O3 NAG I . 44.33 62.88 7.16
O4 NAG I . 44.69 64.17 9.96
O5 NAG I . 44.43 60.63 10.53
O6 NAG I . 43.41 62.81 12.96
O7 NAG I . 44.66 59.33 6.09
C1 BMA I . 43.74 65.24 9.89
C2 BMA I . 43.60 65.78 11.34
C3 BMA I . 42.99 67.18 11.36
C4 BMA I . 43.61 68.08 10.30
C5 BMA I . 43.47 67.42 8.94
C6 BMA I . 44.02 68.25 7.81
O2 BMA I . 44.87 65.88 11.95
O3 BMA I . 43.10 67.77 12.64
O4 BMA I . 42.97 69.34 10.30
O5 BMA I . 44.20 66.20 8.98
O6 BMA I . 44.18 67.42 6.68
C1 NAG J . -15.97 -16.48 39.68
C2 NAG J . -16.32 -15.36 40.68
C3 NAG J . -15.53 -15.56 41.98
C4 NAG J . -15.73 -16.97 42.52
C5 NAG J . -15.45 -18.01 41.44
C6 NAG J . -15.76 -19.42 41.87
C7 NAG J . -16.98 -13.21 39.71
C8 NAG J . -18.39 -13.66 39.90
N2 NAG J . -16.02 -14.06 40.10
O3 NAG J . -15.97 -14.61 42.94
O4 NAG J . -14.83 -17.18 43.60
O5 NAG J . -16.25 -17.74 40.29
O6 NAG J . -17.07 -19.52 42.42
O7 NAG J . -16.70 -12.12 39.23
C1 BMA J . -15.57 -17.41 44.82
C2 BMA J . -14.67 -18.27 45.75
C3 BMA J . -15.29 -18.39 47.14
C4 BMA J . -15.77 -17.02 47.68
C5 BMA J . -16.68 -16.34 46.65
C6 BMA J . -17.16 -14.98 47.10
O2 BMA J . -13.40 -17.66 45.91
O3 BMA J . -14.39 -18.97 48.07
O4 BMA J . -16.48 -17.20 48.89
O5 BMA J . -15.93 -16.18 45.44
O6 BMA J . -18.12 -14.51 46.15
C1 NAG K . 19.93 71.98 27.76
C2 NAG K . 18.89 72.54 26.80
C3 NAG K . 19.57 73.39 25.72
C4 NAG K . 20.47 74.44 26.36
C5 NAG K . 21.42 73.80 27.37
C6 NAG K . 22.23 74.82 28.14
C7 NAG K . 17.09 70.86 26.80
C8 NAG K . 16.41 69.78 26.02
N2 NAG K . 18.13 71.47 26.19
O3 NAG K . 18.57 74.01 24.93
O4 NAG K . 21.24 75.09 25.36
O5 NAG K . 20.67 73.05 28.33
O6 NAG K . 23.08 74.18 29.09
O7 NAG K . 16.74 71.19 27.92
C1 BMA K . 20.68 76.40 25.16
C2 BMA K . 21.82 77.34 24.73
C3 BMA K . 21.23 78.71 24.36
C4 BMA K . 20.04 78.57 23.39
C5 BMA K . 19.00 77.59 23.96
C6 BMA K . 17.85 77.34 23.01
O2 BMA K . 22.46 76.84 23.58
O3 BMA K . 22.22 79.55 23.80
O4 BMA K . 19.43 79.83 23.20
O5 BMA K . 19.66 76.34 24.18
O6 BMA K . 17.08 76.25 23.53
C1 NAG L . 15.34 18.83 50.72
C2 NAG L . 15.39 18.85 52.24
C3 NAG L . 14.81 17.54 52.81
C4 NAG L . 13.43 17.27 52.24
C5 NAG L . 13.47 17.32 50.72
C6 NAG L . 12.11 17.17 50.08
C7 NAG L . 17.34 20.25 52.75
C8 NAG L . 18.73 20.27 53.27
N2 NAG L . 16.74 19.05 52.72
O3 NAG L . 14.74 17.65 54.23
O4 NAG L . 12.98 15.99 52.66
O5 NAG L . 14.00 18.58 50.28
O6 NAG L . 11.83 15.83 49.74
O7 NAG L . 16.76 21.26 52.39
C1 BMA L . 11.86 16.14 53.57
C2 BMA L . 10.61 15.55 52.90
C3 BMA L . 9.43 15.62 53.86
C4 BMA L . 9.79 15.03 55.23
C5 BMA L . 11.07 15.66 55.78
C6 BMA L . 11.54 15.04 57.08
O2 BMA L . 10.80 14.18 52.59
O3 BMA L . 8.28 14.97 53.34
O4 BMA L . 8.72 15.25 56.15
O5 BMA L . 12.12 15.49 54.81
O6 BMA L . 12.61 15.82 57.59
C1 NAG M . 10.60 39.93 45.35
C2 NAG M . 10.55 40.64 46.70
C3 NAG M . 10.77 39.64 47.84
C4 NAG M . 9.78 38.48 47.72
C5 NAG M . 9.86 37.87 46.32
C6 NAG M . 8.81 36.80 46.08
C7 NAG M . 11.37 42.91 46.25
C8 NAG M . 12.50 43.88 46.42
N2 NAG M . 11.55 41.69 46.78
O3 NAG M . 10.58 40.30 49.08
O4 NAG M . 10.10 37.48 48.68
O5 NAG M . 9.64 38.88 45.33
O6 NAG M . 8.80 36.37 44.74
O7 NAG M . 10.34 43.21 45.66
C1 BMA M . 9.02 37.40 49.64
C2 BMA M . 8.69 35.92 49.85
C3 BMA M . 7.59 35.79 50.91
C4 BMA M . 7.95 36.58 52.17
C5 BMA M . 8.33 38.03 51.82
C6 BMA M . 8.79 38.83 53.02
O2 BMA M . 9.81 35.22 50.35
O3 BMA M . 7.34 34.44 51.23
O4 BMA M . 6.85 36.58 53.06
O5 BMA M . 9.39 38.00 50.87
O6 BMA M . 9.16 40.12 52.57
C1 NAG N . 14.90 60.61 42.91
C2 NAG N . 13.68 60.31 43.72
C3 NAG N . 13.98 60.61 45.18
C4 NAG N . 15.34 60.06 45.63
C5 NAG N . 16.42 60.04 44.54
C6 NAG N . 17.51 59.04 44.82
C7 NAG N . 11.48 60.54 42.67
C8 NAG N . 10.40 61.51 42.24
N2 NAG N . 12.55 61.09 43.25
O3 NAG N . 12.95 60.05 45.99
O4 NAG N . 15.84 60.96 46.62
O5 NAG N . 15.89 59.72 43.25
O6 NAG N . 18.68 59.68 45.31
O7 NAG N . 11.37 59.33 42.50
C1 BMA N . 15.88 60.40 47.94
C2 BMA N . 17.37 60.18 48.26
C3 BMA N . 17.61 60.06 49.77
C4 BMA N . 16.87 61.14 50.53
C5 BMA N . 15.39 61.02 50.21
C6 BMA N . 14.54 62.01 50.97
O2 BMA N . 18.15 61.29 47.82
O3 BMA N . 19.00 60.11 50.08
O4 BMA N . 17.07 60.98 51.92
O5 BMA N . 15.23 61.30 48.82
O6 BMA N . 13.21 61.93 50.48
C1 NAG O . -37.93 -38.29 1.92
C2 NAG O . -39.23 -38.48 2.70
C3 NAG O . -38.95 -39.22 4.00
C4 NAG O . -38.17 -40.51 3.73
C5 NAG O . -36.97 -40.27 2.82
C6 NAG O . -36.32 -41.56 2.36
C7 NAG O . -40.89 -36.74 2.26
C8 NAG O . -41.43 -35.39 2.68
N2 NAG O . -39.86 -37.20 2.97
O3 NAG O . -40.18 -39.51 4.65
O4 NAG O . -37.68 -41.02 4.97
O5 NAG O . -37.38 -39.57 1.63
O6 NAG O . -35.72 -42.25 3.44
O7 NAG O . -41.38 -37.36 1.33
C1 BMA O . -38.46 -42.16 5.40
C2 BMA O . -37.86 -42.64 6.75
C3 BMA O . -38.77 -43.67 7.40
C4 BMA O . -40.24 -43.23 7.40
C5 BMA O . -40.66 -42.87 5.98
C6 BMA O . -42.10 -42.40 5.87
O2 BMA O . -37.77 -41.56 7.66
O3 BMA O . -38.35 -43.97 8.73
O4 BMA O . -41.06 -44.26 7.90
O5 BMA O . -39.83 -41.81 5.53
O6 BMA O . -42.35 -42.04 4.53
C1 NAG P . 39.97 -18.38 -17.44
C2 NAG P . 41.17 -18.42 -16.51
C3 NAG P . 42.34 -17.65 -17.11
C4 NAG P . 42.63 -18.11 -18.53
C5 NAG P . 41.36 -18.10 -19.36
C6 NAG P . 41.55 -18.68 -20.74
C7 NAG P . 40.64 -18.65 -14.11
C8 NAG P . 40.81 -20.12 -14.31
N2 NAG P . 40.83 -17.88 -15.20
O3 NAG P . 43.50 -17.82 -16.30
O4 NAG P . 43.57 -17.23 -19.14
O5 NAG P . 40.35 -18.89 -18.72
O6 NAG P . 42.44 -19.78 -20.72
O7 NAG P . 40.34 -18.17 -13.03
C1 BMA P . 44.81 -17.93 -19.39
C2 BMA P . 45.53 -17.20 -20.54
C3 BMA P . 46.93 -17.78 -20.74
C4 BMA P . 47.69 -17.88 -19.41
C5 BMA P . 46.85 -18.67 -18.40
C6 BMA P . 47.52 -18.80 -17.05
O2 BMA P . 45.68 -15.82 -20.24
O3 BMA P . 47.69 -17.01 -21.68
O4 BMA P . 48.93 -18.52 -19.61
O5 BMA P . 45.60 -17.98 -18.21
O6 BMA P . 46.63 -19.48 -16.18
C1 NAG Q . 37.21 40.94 57.66
C2 NAG Q . 36.60 40.03 58.73
C3 NAG Q . 35.60 40.81 59.57
C4 NAG Q . 36.25 42.07 60.13
C5 NAG Q . 36.88 42.88 59.02
C6 NAG Q . 37.66 44.08 59.51
C7 NAG Q . 36.60 37.72 57.90
C8 NAG Q . 35.78 36.63 57.27
N2 NAG Q . 35.96 38.87 58.13
O3 NAG Q . 35.14 39.98 60.64
O4 NAG Q . 35.27 42.88 60.78
O5 NAG Q . 37.80 42.07 58.28
O6 NAG Q . 38.69 44.44 58.61
O7 NAG Q . 37.78 37.57 58.18
C1 BMA Q . 35.42 42.72 62.21
C2 BMA Q . 35.08 44.07 62.87
C3 BMA Q . 35.07 43.90 64.39
C4 BMA Q . 34.21 42.70 64.83
C5 BMA Q . 34.67 41.43 64.09
C6 BMA Q . 33.82 40.21 64.42
O2 BMA Q . 33.78 44.49 62.50
O3 BMA Q . 34.62 45.08 65.04
O4 BMA Q . 34.32 42.49 66.22
O5 BMA Q . 34.56 41.68 62.67
O6 BMA Q . 34.41 39.08 63.79
C1 NAG R . 52.26 22.55 4.66
C2 NAG R . 53.78 22.62 4.45
C3 NAG R . 54.19 21.74 3.27
C4 NAG R . 53.67 20.32 3.47
C5 NAG R . 52.17 20.34 3.71
C6 NAG R . 51.60 18.98 4.03
C7 NAG R . 54.51 24.83 5.24
C8 NAG R . 54.94 26.20 4.85
N2 NAG R . 54.20 24.00 4.24
O3 NAG R . 55.60 21.73 3.16
O4 NAG R . 53.97 19.53 2.33
O5 NAG R . 51.87 21.19 4.84
O6 NAG R . 51.02 18.38 2.87
O7 NAG R . 54.44 24.47 6.42
C1 BMA R . 54.95 18.53 2.72
C2 BMA R . 54.31 17.14 2.55
C3 BMA R . 55.36 16.07 2.88
C4 BMA R . 56.66 16.31 2.10
C5 BMA R . 57.15 17.75 2.32
C6 BMA R . 58.40 18.08 1.52
O2 BMA R . 53.90 16.92 1.21
O3 BMA R . 54.86 14.76 2.60
O4 BMA R . 57.66 15.40 2.54
O5 BMA R . 56.11 18.65 1.92
O6 BMA R . 58.61 19.48 1.60
C1 NAG S . 50.80 23.77 26.94
C2 NAG S . 52.27 23.93 27.32
C3 NAG S . 53.13 23.87 26.08
C4 NAG S . 52.85 22.60 25.29
C5 NAG S . 51.35 22.50 24.99
C6 NAG S . 50.97 21.20 24.32
C7 NAG S . 52.32 25.27 29.37
C8 NAG S . 52.60 26.63 29.96
N2 NAG S . 52.49 25.17 28.05
O3 NAG S . 54.51 23.91 26.45
O4 NAG S . 53.57 22.62 24.06
O5 NAG S . 50.61 22.56 26.21
O6 NAG S . 49.56 21.01 24.33
O7 NAG S . 51.93 24.33 30.06
C1 BMA S . 54.59 21.60 24.13
C2 BMA S . 54.60 20.84 22.79
C3 BMA S . 55.73 19.83 22.78
C4 BMA S . 57.07 20.47 23.21
C5 BMA S . 56.90 21.21 24.54
C6 BMA S . 58.15 21.93 24.97
O2 BMA S . 54.83 21.74 21.71
O3 BMA S . 55.87 19.22 21.50
O4 BMA S . 58.06 19.46 23.35
O5 BMA S . 55.86 22.17 24.39
O6 BMA S . 57.87 22.61 26.19
C1 NAG T . 51.02 33.59 45.76
C2 NAG T . 51.96 32.40 45.76
C3 NAG T . 53.39 32.91 45.73
C4 NAG T . 53.60 34.04 44.71
C5 NAG T . 52.38 34.96 44.51
C6 NAG T . 52.39 35.68 43.19
C7 NAG T . 51.53 30.24 46.83
C8 NAG T . 51.32 29.53 48.13
N2 NAG T . 51.73 31.56 46.92
O3 NAG T . 54.26 31.83 45.42
O4 NAG T . 54.61 34.88 45.23
O5 NAG T . 51.14 34.25 44.57
O6 NAG T . 52.49 37.09 43.37
O7 NAG T . 51.53 29.66 45.75
C1 BMA T . 55.80 34.94 44.41
C2 BMA T . 55.83 36.35 43.78
C3 BMA T . 57.21 36.67 43.21
C4 BMA T . 58.32 36.31 44.20
C5 BMA T . 58.19 34.83 44.56
C6 BMA T . 59.27 34.37 45.51
O2 BMA T . 55.54 37.34 44.76
O3 BMA T . 57.31 38.04 42.85
O4 BMA T . 59.59 36.55 43.62
O5 BMA T . 56.93 34.66 45.22
O6 BMA T . 59.13 32.96 45.68
C1 NAG U . -35.81 10.03 -52.40
C2 NAG U . -37.06 10.77 -52.87
C3 NAG U . -38.27 10.37 -52.01
C4 NAG U . -38.42 8.85 -51.96
C5 NAG U . -37.10 8.21 -51.53
C6 NAG U . -37.14 6.69 -51.55
C7 NAG U . -36.64 12.95 -53.91
C8 NAG U . -36.61 12.23 -55.22
N2 NAG U . -36.87 12.20 -52.82
O3 NAG U . -39.44 10.95 -52.54
O4 NAG U . -39.43 8.49 -51.04
O5 NAG U . -36.04 8.61 -52.41
O6 NAG U . -38.23 6.22 -52.32
O7 NAG U . -36.47 14.16 -53.83
C1 NAG V . -2.85 -44.58 -40.05
C2 NAG V . -3.91 -43.46 -39.97
C3 NAG V . -4.90 -43.57 -41.13
C4 NAG V . -4.17 -43.63 -42.46
C5 NAG V . -3.18 -44.78 -42.45
C6 NAG V . -2.36 -44.87 -43.72
C7 NAG V . -4.37 -42.67 -37.69
C8 NAG V . -5.22 -42.86 -36.46
N2 NAG V . -4.62 -43.50 -38.70
O3 NAG V . -5.80 -42.47 -41.10
O4 NAG V . -5.11 -43.82 -43.53
O5 NAG V . -2.25 -44.60 -41.38
O6 NAG V . -3.03 -44.27 -44.82
O7 NAG V . -3.50 -41.81 -37.75
C1 NAG W . 24.03 -28.37 -39.20
C2 NAG W . 25.49 -28.54 -38.76
C3 NAG W . 26.42 -28.14 -39.90
C4 NAG W . 26.07 -28.93 -41.16
C5 NAG W . 24.59 -28.79 -41.48
C6 NAG W . 24.16 -29.67 -42.63
C7 NAG W . 25.62 -28.22 -36.33
C8 NAG W . 25.96 -27.28 -35.22
N2 NAG W . 25.77 -27.75 -37.58
O3 NAG W . 27.77 -28.39 -39.52
O4 NAG W . 26.85 -28.46 -42.26
O5 NAG W . 23.79 -29.18 -40.35
O6 NAG W . 23.62 -30.91 -42.17
O7 NAG W . 25.22 -29.36 -36.11
C1 NAG X . 29.82 7.14 -26.02
C2 NAG X . 30.69 5.92 -26.13
C3 NAG X . 31.24 5.78 -27.54
C4 NAG X . 32.00 7.03 -27.97
C5 NAG X . 31.27 8.34 -27.65
C6 NAG X . 30.29 8.78 -28.71
C7 NAG X . 32.00 5.03 -24.25
C8 NAG X . 33.18 5.25 -23.34
N2 NAG X . 31.79 5.97 -25.17
O3 NAG X . 30.15 5.56 -28.44
O4 NAG X . 33.28 7.04 -27.34
O5 NAG X . 30.57 8.32 -26.39
O6 NAG X . 29.44 7.72 -29.15
O7 NAG X . 31.29 4.04 -24.15
C1 NAG Y . 34.13 28.42 -27.40
C2 NAG Y . 35.33 28.12 -26.49
C3 NAG Y . 36.15 26.97 -27.04
C4 NAG Y . 35.27 25.75 -27.27
C5 NAG Y . 34.07 26.12 -28.15
C6 NAG Y . 33.08 25.00 -28.32
C7 NAG Y . 36.07 30.12 -25.26
C8 NAG Y . 36.99 31.29 -25.25
N2 NAG Y . 36.16 29.30 -26.32
O3 NAG Y . 37.20 26.64 -26.14
O4 NAG Y . 36.00 24.72 -27.89
O5 NAG Y . 33.35 27.21 -27.57
O6 NAG Y . 31.75 25.48 -28.38
O7 NAG Y . 35.26 29.91 -24.36
C1 NAG Z . 53.91 38.40 4.94
C2 NAG Z . 54.39 38.67 3.52
C3 NAG Z . 55.15 37.48 2.99
C4 NAG Z . 56.29 37.11 3.93
C5 NAG Z . 55.74 36.90 5.34
C6 NAG Z . 56.83 36.66 6.36
C7 NAG Z . 52.81 40.25 2.48
C8 NAG Z . 51.66 40.40 1.55
N2 NAG Z . 53.27 39.01 2.65
O3 NAG Z . 55.67 37.78 1.69
O4 NAG Z . 56.93 35.91 3.50
O5 NAG Z . 55.03 38.07 5.77
O6 NAG Z . 57.00 37.79 7.21
O7 NAG Z . 53.32 41.20 3.07
C1 NAG AA . 42.81 47.87 -1.15
C2 NAG AA . 41.52 47.53 -1.91
C3 NAG AA . 41.64 46.17 -2.58
C4 NAG AA . 42.86 46.13 -3.48
C5 NAG AA . 44.11 46.47 -2.65
C6 NAG AA . 45.36 46.55 -3.48
C7 NAG AA . 39.39 48.45 -1.12
C8 NAG AA . 39.51 49.45 -2.23
N2 NAG AA . 40.37 47.56 -1.01
O3 NAG AA . 40.47 45.93 -3.36
O4 NAG AA . 43.02 44.84 -4.06
O5 NAG AA . 43.94 47.76 -2.04
O6 NAG AA . 45.19 45.91 -4.74
O7 NAG AA . 38.42 48.46 -0.36
C1 NAG BA . 2.89 13.71 -47.55
C2 NAG BA . 3.88 13.23 -48.58
C3 NAG BA . 5.03 14.23 -48.73
C4 NAG BA . 5.14 15.18 -47.54
C5 NAG BA . 3.81 15.86 -47.19
C6 NAG BA . 3.68 17.24 -47.77
C7 NAG BA . 4.27 10.87 -49.09
C8 NAG BA . 3.61 11.13 -50.40
N2 NAG BA . 4.38 11.91 -48.25
O3 NAG BA . 4.88 14.97 -49.94
O4 NAG BA . 5.64 14.51 -46.39
O5 NAG BA . 2.70 15.09 -47.68
O6 NAG BA . 2.37 17.47 -48.28
O7 NAG BA . 4.70 9.75 -48.78
C1 NAG CA . -28.20 -13.28 -44.63
C2 NAG CA . -28.70 -14.67 -44.23
C3 NAG CA . -28.47 -14.91 -42.74
C4 NAG CA . -27.00 -14.69 -42.40
C5 NAG CA . -26.57 -13.29 -42.84
C6 NAG CA . -25.10 -13.02 -42.63
C7 NAG CA . -30.60 -15.88 -45.24
C8 NAG CA . -29.59 -16.91 -45.64
N2 NAG CA . -30.12 -14.83 -44.55
O3 NAG CA . -28.84 -16.24 -42.41
O4 NAG CA . -26.81 -14.82 -40.99
O5 NAG CA . -26.82 -13.13 -44.25
O6 NAG CA . -24.40 -14.21 -42.29
O7 NAG CA . -31.79 -15.98 -45.49
C1 NAG DA . -15.89 -10.53 -40.80
C2 NAG DA . -14.51 -11.17 -40.87
C3 NAG DA . -14.43 -12.34 -39.89
C4 NAG DA . -14.82 -11.90 -38.50
C5 NAG DA . -16.18 -11.21 -38.52
C6 NAG DA . -16.58 -10.63 -37.18
C7 NAG DA . -13.40 -10.95 -43.05
C8 NAG DA . -12.77 -9.70 -42.50
N2 NAG DA . -14.22 -11.61 -42.22
O3 NAG DA . -13.10 -12.86 -39.89
O4 NAG DA . -14.89 -13.03 -37.63
O5 NAG DA . -16.17 -10.12 -39.46
O6 NAG DA . -17.24 -9.38 -37.34
O7 NAG DA . -13.16 -11.35 -44.18
C1 NAG EA . -45.22 -34.86 30.48
C2 NAG EA . -46.07 -36.11 30.66
C3 NAG EA . -45.23 -37.37 30.48
C4 NAG EA . -44.48 -37.33 29.15
C5 NAG EA . -43.70 -36.03 29.03
C6 NAG EA . -43.04 -35.85 27.67
C7 NAG EA . -46.11 -36.12 33.13
C8 NAG EA . -46.99 -36.13 34.34
N2 NAG EA . -46.74 -36.13 31.95
O3 NAG EA . -46.07 -38.51 30.52
O4 NAG EA . -43.60 -38.43 29.04
O5 NAG EA . -44.56 -34.90 29.21
O6 NAG EA . -42.37 -37.04 27.27
O7 NAG EA . -44.89 -36.10 33.22
C1 NAG FA . -44.15 2.93 22.40
C2 NAG FA . -43.43 4.27 22.26
C3 NAG FA . -44.18 5.36 23.02
C4 NAG FA . -45.64 5.39 22.61
C5 NAG FA . -46.26 4.00 22.72
C6 NAG FA . -47.68 3.93 22.20
C7 NAG FA . -41.00 4.22 21.91
C8 NAG FA . -39.66 4.11 22.58
N2 NAG FA . -42.05 4.17 22.73
O3 NAG FA . -43.58 6.62 22.77
O4 NAG FA . -46.37 6.29 23.44
O5 NAG FA . -45.49 3.06 21.95
O6 NAG FA . -47.72 3.52 20.84
O7 NAG FA . -41.12 4.33 20.69
C1 NAG GA . -50.23 -34.78 4.40
C2 NAG GA . -51.65 -34.25 4.25
C3 NAG GA . -52.41 -35.04 3.20
C4 NAG GA . -51.63 -35.08 1.89
C5 NAG GA . -50.20 -35.56 2.14
C6 NAG GA . -49.33 -35.51 0.91
C7 NAG GA . -53.12 -33.28 5.98
C8 NAG GA . -53.22 -32.08 5.09
N2 NAG GA . -52.35 -34.28 5.52
O3 NAG GA . -53.68 -34.46 2.99
O4 NAG GA . -52.26 -35.95 0.97
O5 NAG GA . -49.57 -34.74 3.14
O6 NAG GA . -48.02 -35.97 1.18
O7 NAG GA . -53.70 -33.35 7.06
C1 NAG HA . -43.13 -18.51 4.25
C2 NAG HA . -44.34 -18.43 3.33
C3 NAG HA . -44.41 -17.07 2.67
C4 NAG HA . -44.37 -15.96 3.71
C5 NAG HA . -43.18 -16.15 4.65
C6 NAG HA . -43.18 -15.17 5.81
C7 NAG HA . -45.18 -20.49 2.29
C8 NAG HA . -46.24 -20.48 3.35
N2 NAG HA . -44.30 -19.49 2.34
O3 NAG HA . -45.61 -16.96 1.91
O4 NAG HA . -44.27 -14.69 3.07
O5 NAG HA . -43.21 -17.46 5.23
O6 NAG HA . -44.39 -14.41 5.84
O7 NAG HA . -45.13 -21.37 1.44
C1 NAG IA . -43.73 11.69 -25.80
C2 NAG IA . -43.83 13.10 -26.36
C3 NAG IA . -45.17 13.73 -25.98
C4 NAG IA . -46.31 12.83 -26.43
C5 NAG IA . -46.11 11.40 -25.90
C6 NAG IA . -47.14 10.43 -26.41
C7 NAG IA . -41.53 13.95 -26.46
C8 NAG IA . -40.51 14.85 -25.83
N2 NAG IA . -42.73 13.93 -25.88
O3 NAG IA . -45.28 15.01 -26.58
O4 NAG IA . -47.55 13.34 -25.96
O5 NAG IA . -44.82 10.91 -26.29
O6 NAG IA . -47.45 10.66 -27.78
O7 NAG IA . -41.27 13.26 -27.44
C1 NAG JA . -26.77 27.70 3.41
C2 NAG JA . -27.39 28.30 2.16
C3 NAG JA . -28.86 28.64 2.43
C4 NAG JA . -28.99 29.60 3.60
C5 NAG JA . -28.16 29.18 4.83
C6 NAG JA . -28.87 28.19 5.74
C7 NAG JA . -25.49 29.42 1.10
C8 NAG JA . -24.87 30.74 0.73
N2 NAG JA . -26.66 29.48 1.73
O3 NAG JA . -29.57 27.44 2.70
O4 NAG JA . -28.58 30.90 3.21
O5 NAG JA . -26.88 28.63 4.51
O6 NAG JA . -29.47 27.13 5.02
O7 NAG JA . -24.95 28.35 0.83
C1 NAG KA . -25.22 37.64 23.00
C2 NAG KA . -24.51 38.72 22.18
C3 NAG KA . -25.37 39.13 20.99
C4 NAG KA . -25.75 37.90 20.17
C5 NAG KA . -26.41 36.85 21.07
C6 NAG KA . -26.70 35.56 20.34
C7 NAG KA . -22.97 40.36 23.16
C8 NAG KA . -22.82 41.56 24.04
N2 NAG KA . -24.20 39.88 23.01
O3 NAG KA . -24.64 40.04 20.17
O4 NAG KA . -26.67 38.27 19.15
O5 NAG KA . -25.53 36.52 22.15
O6 NAG KA . -26.76 34.46 21.25
O7 NAG KA . -22.01 39.85 22.60
C1 NAG LA . 5.91 61.69 20.76
C2 NAG LA . 4.43 61.98 21.02
C3 NAG LA . 3.72 62.28 19.70
C4 NAG LA . 4.44 63.40 18.95
C5 NAG LA . 5.91 63.06 18.78
C6 NAG LA . 6.70 64.17 18.14
C7 NAG LA . 3.86 60.69 23.02
C8 NAG LA . 3.14 59.49 23.55
N2 NAG LA . 3.80 60.87 21.70
O3 NAG LA . 2.37 62.66 19.97
O4 NAG LA . 3.85 63.57 17.66
O5 NAG LA . 6.51 62.80 20.06
O6 NAG LA . 7.57 64.79 19.09
O7 NAG LA . 4.46 61.47 23.75
C1 NAG MA . 2.59 53.08 33.09
C2 NAG MA . 1.97 51.95 33.92
C3 NAG MA . 0.74 51.39 33.22
C4 NAG MA . -0.25 52.52 32.92
C5 NAG MA . 0.44 53.62 32.12
C6 NAG MA . -0.44 54.82 31.89
C7 NAG MA . 3.49 50.64 35.34
C8 NAG MA . 3.05 51.52 36.46
N2 NAG MA . 2.94 50.89 34.14
O3 NAG MA . 0.12 50.42 34.05
O4 NAG MA . -1.35 52.02 32.16
O5 NAG MA . 1.59 54.09 32.85
O6 NAG MA . -1.81 54.48 31.96
O7 NAG MA . 4.30 49.74 35.50
C1 NAG NA . -48.44 -15.39 -43.95
C2 NAG NA . -49.36 -14.18 -43.76
C3 NAG NA . -50.82 -14.60 -43.87
C4 NAG NA . -51.05 -15.33 -45.20
C5 NAG NA . -50.08 -16.49 -45.32
C6 NAG NA . -50.18 -17.20 -46.66
C7 NAG NA . -48.52 -12.35 -42.35
C8 NAG NA . -48.10 -11.67 -43.62
N2 NAG NA . -49.11 -13.54 -42.48
O3 NAG NA . -51.65 -13.44 -43.81
O4 NAG NA . -52.39 -15.82 -45.24
O5 NAG NA . -48.73 -16.01 -45.22
O6 NAG NA . -51.51 -17.65 -46.91
O7 NAG NA . -48.32 -11.83 -41.26
C1 NAG OA . -57.71 -6.04 -34.11
C2 NAG OA . -58.02 -6.65 -32.74
C3 NAG OA . -59.30 -6.01 -32.16
C4 NAG OA . -59.19 -4.49 -32.16
C5 NAG OA . -58.84 -4.00 -33.57
C6 NAG OA . -58.60 -2.50 -33.62
C7 NAG OA . -57.14 -8.93 -32.64
C8 NAG OA . -57.47 -10.39 -32.76
N2 NAG OA . -58.17 -8.08 -32.81
O3 NAG OA . -59.49 -6.48 -30.84
O4 NAG OA . -60.42 -3.91 -31.76
O5 NAG OA . -57.62 -4.62 -34.00
O6 NAG OA . -57.64 -2.09 -32.66
O7 NAG OA . -56.01 -8.53 -32.40
C1 NAG PA . 30.86 -52.59 -25.49
C2 NAG PA . 31.18 -53.70 -26.48
C3 NAG PA . 30.76 -53.30 -27.89
C4 NAG PA . 29.31 -52.86 -27.91
C5 NAG PA . 29.06 -51.79 -26.85
C6 NAG PA . 27.61 -51.40 -26.73
C7 NAG PA . 33.60 -53.24 -26.70
C8 NAG PA . 34.98 -53.82 -26.60
N2 NAG PA . 32.58 -54.07 -26.44
O3 NAG PA . 30.96 -54.39 -28.77
O4 NAG PA . 28.96 -52.34 -29.19
O5 NAG PA . 29.47 -52.26 -25.56
O6 NAG PA . 27.06 -51.01 -27.99
O7 NAG PA . 33.41 -52.06 -27.00
C1 NAG QA . 29.33 -41.29 11.10
C2 NAG QA . 28.57 -40.22 11.92
C3 NAG QA . 29.20 -40.04 13.30
C4 NAG QA . 29.34 -41.38 14.02
C5 NAG QA . 30.15 -42.32 13.15
C6 NAG QA . 30.28 -43.71 13.76
C7 NAG QA . 27.59 -38.03 11.41
C8 NAG QA . 27.71 -36.78 10.60
N2 NAG QA . 28.54 -38.95 11.22
O3 NAG QA . 28.40 -39.15 14.08
O4 NAG QA . 29.98 -41.19 15.27
O5 NAG QA . 29.51 -42.49 11.89
O6 NAG QA . 29.03 -44.37 13.78
O7 NAG QA . 26.66 -38.21 12.20
C1 NAG RA . 5.98 -59.80 -20.49
C2 NAG RA . 6.24 -61.15 -19.82
C3 NAG RA . 5.05 -62.08 -20.04
C4 NAG RA . 3.77 -61.42 -19.57
C5 NAG RA . 3.60 -60.06 -20.24
C6 NAG RA . 2.40 -59.29 -19.71
C7 NAG RA . 8.40 -62.29 -19.52
C8 NAG RA . 8.11 -62.22 -18.04
N2 NAG RA . 7.47 -61.76 -20.32
O3 NAG RA . 5.26 -63.30 -19.34
O4 NAG RA . 2.64 -62.24 -19.89
O5 NAG RA . 4.76 -59.25 -19.99
O6 NAG RA . 2.27 -59.46 -18.30
O7 NAG RA . 9.42 -62.79 -19.96
C1 NAG SA . 8.28 -48.00 -5.18
C2 NAG SA . 7.02 -47.23 -4.80
C3 NAG SA . 6.90 -47.13 -3.28
C4 NAG SA . 7.00 -48.51 -2.65
C5 NAG SA . 8.27 -49.21 -3.11
C6 NAG SA . 8.38 -50.63 -2.60
C7 NAG SA . 6.25 -45.57 -6.44
C8 NAG SA . 6.37 -44.16 -6.92
N2 NAG SA . 7.01 -45.91 -5.40
O3 NAG SA . 5.65 -46.53 -2.94
O4 NAG SA . 7.02 -48.39 -1.23
O5 NAG SA . 8.28 -49.28 -4.55
O6 NAG SA . 8.12 -51.57 -3.64
O7 NAG SA . 5.49 -46.37 -6.97
C1 NAG TA . 12.04 -18.31 33.27
C2 NAG TA . 10.84 -18.72 34.09
C3 NAG TA . 11.07 -20.06 34.76
C4 NAG TA . 12.33 -20.05 35.62
C5 NAG TA . 13.54 -19.44 34.91
C6 NAG TA . 14.31 -20.40 34.02
C7 NAG TA . 9.50 -16.84 34.94
C8 NAG TA . 9.30 -15.87 36.06
N2 NAG TA . 10.51 -17.71 35.08
O3 NAG TA . 11.18 -21.07 33.76
O4 NAG TA . 12.09 -19.33 36.82
O5 NAG TA . 13.22 -18.28 34.11
O6 NAG TA . 13.46 -21.18 33.20
O7 NAG TA . 8.77 -16.86 33.95
C1 NAG UA . 32.32 -12.58 38.94
C2 NAG UA . 31.65 -11.63 39.94
C3 NAG UA . 30.63 -12.39 40.79
C4 NAG UA . 29.64 -13.13 39.89
C5 NAG UA . 30.38 -14.02 38.90
C6 NAG UA . 29.47 -14.70 37.92
C7 NAG UA . 32.65 -9.67 41.01
C8 NAG UA . 33.75 -9.17 41.90
N2 NAG UA . 32.64 -10.99 40.78
O3 NAG UA . 29.94 -11.47 41.62
O4 NAG UA . 28.78 -13.94 40.69
O5 NAG UA . 31.31 -13.24 38.15
O6 NAG UA . 30.19 -15.15 36.77
O7 NAG UA . 31.83 -8.92 40.51
C1 NAG VA . 30.38 23.95 53.21
C2 NAG VA . 30.97 22.74 53.95
C3 NAG VA . 29.89 22.01 54.72
C4 NAG VA . 29.12 22.96 55.62
C5 NAG VA . 28.61 24.14 54.80
C6 NAG VA . 27.93 25.20 55.65
C7 NAG VA . 32.88 22.04 52.55
C8 NAG VA . 33.40 21.01 51.60
N2 NAG VA . 31.64 21.83 53.02
O3 NAG VA . 30.49 20.98 55.51
O4 NAG VA . 28.02 22.30 56.22
O5 NAG VA . 29.70 24.79 54.13
O6 NAG VA . 28.85 26.18 56.09
O7 NAG VA . 33.54 23.02 52.86
C1 NAG WA . 41.81 18.96 43.95
C2 NAG WA . 42.56 18.09 42.92
C3 NAG WA . 41.98 16.68 42.92
C4 NAG WA . 42.00 16.09 44.32
C5 NAG WA . 41.28 17.02 45.29
C6 NAG WA . 41.37 16.56 46.72
C7 NAG WA . 43.58 19.04 40.90
C8 NAG WA . 44.89 18.81 41.57
N2 NAG WA . 42.49 18.67 41.60
O3 NAG WA . 42.74 15.86 42.03
O4 NAG WA . 41.37 14.82 44.33
O5 NAG WA . 41.87 18.33 45.24
O6 NAG WA . 41.81 15.20 46.81
O7 NAG WA . 43.49 19.51 39.78
C1 NAG XA . -31.58 -50.16 -4.33
C2 NAG XA . -32.88 -50.48 -5.04
C3 NAG XA . -32.77 -51.82 -5.78
C4 NAG XA . -31.56 -51.82 -6.70
C5 NAG XA . -30.31 -51.44 -5.92
C6 NAG XA . -29.08 -51.29 -6.80
C7 NAG XA . -35.13 -49.86 -4.30
C8 NAG XA . -36.17 -50.00 -3.23
N2 NAG XA . -33.99 -50.52 -4.11
O3 NAG XA . -33.95 -52.04 -6.54
O4 NAG XA . -31.38 -53.11 -7.27
O5 NAG XA . -30.50 -50.17 -5.28
O6 NAG XA . -28.97 -49.98 -7.32
O7 NAG XA . -35.33 -49.17 -5.30
C1 NAG YA . -17.57 -42.79 23.55
C2 NAG YA . -18.54 -43.95 23.72
C3 NAG YA . -19.41 -43.72 24.96
C4 NAG YA . -18.53 -43.48 26.18
C5 NAG YA . -17.52 -42.37 25.90
C6 NAG YA . -16.52 -42.21 27.03
C7 NAG YA . -19.00 -44.94 21.53
C8 NAG YA . -19.96 -45.04 20.39
N2 NAG YA . -19.35 -44.14 22.54
O3 NAG YA . -20.23 -44.86 25.18
O4 NAG YA . -19.34 -43.11 27.29
O5 NAG YA . -16.77 -42.65 24.72
O6 NAG YA . -16.49 -43.35 27.86
O7 NAG YA . -17.94 -45.57 21.54
#